data_6NE8
#
_entry.id   6NE8
#
_cell.length_a   1.000
_cell.length_b   1.000
_cell.length_c   1.000
_cell.angle_alpha   90.00
_cell.angle_beta   90.00
_cell.angle_gamma   90.00
#
_symmetry.space_group_name_H-M   'P 1'
#
_entity_poly.entity_id   1
_entity_poly.type   'polypeptide(L)'
_entity_poly.pdbx_seq_one_letter_code
;SHMDNYIRPIKDLTTAEWEEAVFKDISPLMVLVHNRYKRPKENEKFREELEKAIQVIWNCGLPSPRCVAVDAVVETDLVS
ALKVSVFPEIIFTKAGKILYREKGIRTADELSKIMAFFYYGAAKPPCLNGVVNSQEQIPLVDVSVN
;
_entity_poly.pdbx_strand_id   A
#
# COMPACT_ATOMS: atom_id res chain seq x y z
N HIS A 2 1.88 11.28 20.16
CA HIS A 2 2.00 12.59 20.78
C HIS A 2 2.81 13.55 19.90
N MET A 3 3.89 13.03 19.32
CA MET A 3 4.74 13.83 18.45
C MET A 3 3.99 14.25 17.19
N ASP A 4 3.16 13.35 16.68
CA ASP A 4 2.39 13.62 15.47
C ASP A 4 0.97 13.05 15.59
N ASN A 5 0.04 13.64 14.86
CA ASN A 5 -1.35 13.19 14.89
C ASN A 5 -1.91 13.06 13.47
N TYR A 6 -1.58 14.03 12.62
CA TYR A 6 -2.05 14.04 11.25
C TYR A 6 -1.01 13.39 10.32
N ILE A 7 -1.50 12.81 9.22
CA ILE A 7 -0.62 12.16 8.26
C ILE A 7 -1.03 12.50 6.83
N ARG A 8 -0.04 12.80 5.99
CA ARG A 8 -0.29 13.14 4.59
C ARG A 8 -1.19 12.09 3.93
N PRO A 9 -2.18 12.56 3.16
CA PRO A 9 -3.12 11.68 2.47
C PRO A 9 -2.46 10.93 1.31
N ILE A 10 -3.22 10.04 0.69
CA ILE A 10 -2.71 9.26 -0.43
C ILE A 10 -2.06 10.16 -1.48
N LYS A 11 -0.78 9.90 -1.75
CA LYS A 11 -0.04 10.68 -2.73
C LYS A 11 0.32 9.84 -3.94
N ASP A 12 0.50 10.49 -5.08
CA ASP A 12 0.86 9.79 -6.31
C ASP A 12 2.36 9.54 -6.39
N LEU A 13 2.74 8.27 -6.26
CA LEU A 13 4.15 7.89 -6.31
C LEU A 13 4.57 7.56 -7.74
N THR A 14 5.86 7.71 -8.01
CA THR A 14 6.40 7.44 -9.34
C THR A 14 7.69 6.63 -9.25
N THR A 15 7.97 5.87 -10.30
CA THR A 15 9.18 5.05 -10.35
C THR A 15 10.42 5.87 -9.99
N ALA A 16 10.44 7.11 -10.44
CA ALA A 16 11.57 8.00 -10.17
C ALA A 16 11.79 8.16 -8.67
N GLU A 17 10.70 8.21 -7.91
CA GLU A 17 10.76 8.36 -6.47
C GLU A 17 10.33 7.08 -5.76
N TRP A 18 10.42 5.96 -6.47
CA TRP A 18 10.03 4.67 -5.91
C TRP A 18 11.14 4.11 -5.04
N GLU A 19 12.34 4.03 -5.58
CA GLU A 19 13.48 3.50 -4.84
C GLU A 19 13.59 4.15 -3.47
N GLU A 20 13.58 5.49 -3.45
CA GLU A 20 13.68 6.23 -2.20
C GLU A 20 12.43 6.04 -1.36
N ALA A 21 11.29 5.90 -2.02
CA ALA A 21 10.02 5.70 -1.32
C ALA A 21 10.09 4.53 -0.36
N VAL A 22 11.03 3.61 -0.62
CA VAL A 22 11.21 2.44 0.23
C VAL A 22 12.61 2.40 0.82
N PHE A 23 13.61 2.23 -0.04
CA PHE A 23 15.00 2.17 0.39
C PHE A 23 15.32 3.33 1.32
N LYS A 24 15.11 4.55 0.83
CA LYS A 24 15.38 5.75 1.63
C LYS A 24 14.34 5.92 2.73
N ASP A 25 13.12 5.48 2.45
CA ASP A 25 12.04 5.59 3.43
C ASP A 25 11.74 4.23 4.06
N ILE A 26 12.44 3.92 5.14
CA ILE A 26 12.25 2.65 5.83
C ILE A 26 10.89 2.60 6.52
N SER A 27 10.35 3.76 6.84
CA SER A 27 9.06 3.85 7.50
C SER A 27 8.02 2.98 6.80
N PRO A 28 6.93 2.66 7.50
CA PRO A 28 5.85 1.84 6.96
C PRO A 28 5.06 2.55 5.87
N LEU A 29 4.97 1.93 4.70
CA LEU A 29 4.24 2.51 3.58
C LEU A 29 3.51 1.43 2.78
N MET A 30 2.35 1.79 2.22
CA MET A 30 1.56 0.85 1.44
C MET A 30 1.51 1.28 -0.02
N VAL A 31 1.84 0.36 -0.91
CA VAL A 31 1.82 0.64 -2.34
C VAL A 31 0.51 0.18 -2.98
N LEU A 32 -0.30 1.14 -3.43
CA LEU A 32 -1.58 0.83 -4.06
C LEU A 32 -1.46 0.89 -5.58
N VAL A 33 -1.24 -0.27 -6.20
CA VAL A 33 -1.12 -0.35 -7.65
C VAL A 33 -2.49 -0.38 -8.32
N HIS A 34 -2.91 0.78 -8.83
CA HIS A 34 -4.21 0.89 -9.49
C HIS A 34 -4.03 0.94 -11.01
N ASN A 35 -5.10 0.61 -11.73
CA ASN A 35 -5.06 0.63 -13.20
C ASN A 35 -6.25 1.40 -13.75
N ARG A 36 -5.97 2.32 -14.68
CA ARG A 36 -7.02 3.11 -15.30
C ARG A 36 -7.79 2.30 -16.32
N TYR A 37 -7.14 1.30 -16.92
CA TYR A 37 -7.77 0.45 -17.91
C TYR A 37 -8.43 -0.75 -17.25
N LYS A 38 -7.70 -1.39 -16.34
CA LYS A 38 -8.22 -2.56 -15.63
C LYS A 38 -9.09 -2.14 -14.45
N ARG A 39 -10.35 -2.55 -14.48
CA ARG A 39 -11.29 -2.22 -13.41
C ARG A 39 -11.26 -0.72 -13.11
N PRO A 40 -11.88 0.07 -13.98
CA PRO A 40 -11.95 1.53 -13.83
C PRO A 40 -12.83 1.95 -12.67
N LYS A 41 -13.83 1.14 -12.36
CA LYS A 41 -14.75 1.43 -11.26
C LYS A 41 -14.15 1.04 -9.93
N GLU A 42 -13.77 -0.23 -9.80
CA GLU A 42 -13.17 -0.73 -8.57
C GLU A 42 -12.03 0.17 -8.11
N ASN A 43 -11.32 0.76 -9.07
CA ASN A 43 -10.21 1.65 -8.76
C ASN A 43 -10.62 2.71 -7.76
N GLU A 44 -11.85 3.20 -7.88
CA GLU A 44 -12.37 4.22 -6.98
C GLU A 44 -12.82 3.61 -5.66
N LYS A 45 -13.38 2.41 -5.73
CA LYS A 45 -13.85 1.70 -4.54
C LYS A 45 -12.70 1.43 -3.59
N PHE A 46 -11.52 1.15 -4.14
CA PHE A 46 -10.34 0.87 -3.33
C PHE A 46 -9.86 2.13 -2.63
N ARG A 47 -9.49 3.13 -3.41
CA ARG A 47 -9.01 4.39 -2.86
C ARG A 47 -9.97 4.94 -1.80
N GLU A 48 -11.26 4.73 -2.04
CA GLU A 48 -12.29 5.21 -1.12
C GLU A 48 -12.10 4.59 0.27
N GLU A 49 -11.96 3.27 0.31
CA GLU A 49 -11.77 2.57 1.57
C GLU A 49 -10.38 2.83 2.14
N LEU A 50 -9.36 2.72 1.28
CA LEU A 50 -7.99 2.94 1.71
C LEU A 50 -7.85 4.28 2.42
N GLU A 51 -8.35 5.34 1.78
CA GLU A 51 -8.28 6.67 2.36
C GLU A 51 -8.86 6.69 3.77
N LYS A 52 -10.10 6.23 3.90
CA LYS A 52 -10.77 6.19 5.19
C LYS A 52 -9.98 5.34 6.19
N ALA A 53 -9.46 4.22 5.73
CA ALA A 53 -8.68 3.33 6.57
C ALA A 53 -7.58 4.09 7.30
N ILE A 54 -6.95 5.02 6.60
CA ILE A 54 -5.88 5.82 7.18
C ILE A 54 -6.39 6.72 8.30
N GLN A 55 -7.57 7.31 8.08
CA GLN A 55 -8.18 8.18 9.08
C GLN A 55 -8.58 7.40 10.32
N VAL A 56 -9.10 6.20 10.12
CA VAL A 56 -9.52 5.34 11.23
C VAL A 56 -8.39 5.15 12.23
N ILE A 57 -7.19 4.90 11.72
CA ILE A 57 -6.03 4.70 12.57
C ILE A 57 -5.73 5.94 13.40
N TRP A 58 -5.86 7.11 12.78
CA TRP A 58 -5.61 8.37 13.47
C TRP A 58 -6.37 8.44 14.78
N ASN A 59 -7.61 7.95 14.77
CA ASN A 59 -8.44 7.96 15.97
C ASN A 59 -7.93 6.97 16.99
N CYS A 60 -7.35 5.87 16.51
CA CYS A 60 -6.82 4.83 17.38
C CYS A 60 -5.79 5.41 18.35
N GLY A 61 -5.09 6.45 17.90
CA GLY A 61 -4.08 7.08 18.73
C GLY A 61 -2.66 6.73 18.31
N LEU A 62 -2.49 6.50 17.01
CA LEU A 62 -1.18 6.15 16.48
C LEU A 62 -0.98 6.75 15.09
N PRO A 63 0.26 7.14 14.77
CA PRO A 63 0.61 7.74 13.48
C PRO A 63 0.54 6.72 12.34
N SER A 64 -0.56 6.75 11.61
CA SER A 64 -0.77 5.84 10.48
C SER A 64 0.46 5.84 9.56
N PRO A 65 0.59 4.77 8.77
CA PRO A 65 1.71 4.62 7.83
C PRO A 65 1.61 5.59 6.66
N ARG A 66 2.46 5.40 5.66
CA ARG A 66 2.46 6.26 4.48
C ARG A 66 1.66 5.63 3.35
N CYS A 67 0.72 6.39 2.80
CA CYS A 67 -0.12 5.91 1.71
C CYS A 67 0.39 6.42 0.37
N VAL A 68 0.55 5.52 -0.60
CA VAL A 68 1.02 5.87 -1.92
C VAL A 68 0.38 5.01 -3.00
N ALA A 69 0.02 5.63 -4.11
CA ALA A 69 -0.60 4.91 -5.23
C ALA A 69 0.21 5.06 -6.51
N VAL A 70 0.39 3.95 -7.22
CA VAL A 70 1.14 3.96 -8.47
C VAL A 70 0.28 3.49 -9.63
N ASP A 71 0.38 4.21 -10.75
CA ASP A 71 -0.40 3.86 -11.94
C ASP A 71 0.22 2.66 -12.65
N ALA A 72 -0.58 1.62 -12.84
CA ALA A 72 -0.12 0.40 -13.52
C ALA A 72 -0.01 0.63 -15.02
N VAL A 73 -0.87 1.48 -15.56
CA VAL A 73 -0.86 1.78 -16.99
C VAL A 73 0.34 2.65 -17.36
N VAL A 74 0.72 3.54 -16.46
CA VAL A 74 1.85 4.43 -16.69
C VAL A 74 3.15 3.80 -16.20
N GLU A 75 3.20 3.48 -14.92
CA GLU A 75 4.39 2.87 -14.33
C GLU A 75 4.42 1.36 -14.59
N THR A 76 4.69 0.99 -15.83
CA THR A 76 4.74 -0.42 -16.22
C THR A 76 5.94 -1.11 -15.59
N ASP A 77 7.06 -0.41 -15.53
CA ASP A 77 8.29 -0.95 -14.94
C ASP A 77 8.05 -1.42 -13.51
N LEU A 78 7.54 -0.51 -12.68
CA LEU A 78 7.27 -0.82 -11.29
C LEU A 78 6.41 -2.08 -11.17
N VAL A 79 5.25 -2.05 -11.82
CA VAL A 79 4.34 -3.18 -11.79
C VAL A 79 5.06 -4.48 -12.10
N SER A 80 5.76 -4.52 -13.23
CA SER A 80 6.49 -5.71 -13.65
C SER A 80 7.39 -6.21 -12.52
N ALA A 81 7.95 -5.28 -11.76
CA ALA A 81 8.83 -5.63 -10.64
C ALA A 81 8.05 -6.33 -9.54
N LEU A 82 6.90 -5.79 -9.19
CA LEU A 82 6.06 -6.37 -8.14
C LEU A 82 5.43 -7.67 -8.61
N LYS A 83 5.31 -7.83 -9.92
CA LYS A 83 4.73 -9.03 -10.50
C LYS A 83 3.26 -9.15 -10.15
N VAL A 84 2.58 -8.00 -10.06
CA VAL A 84 1.16 -7.98 -9.72
C VAL A 84 0.31 -8.37 -10.93
N SER A 85 -0.80 -9.04 -10.67
CA SER A 85 -1.71 -9.47 -11.72
C SER A 85 -3.09 -8.85 -11.55
N VAL A 86 -3.50 -8.66 -10.30
CA VAL A 86 -4.80 -8.08 -9.99
C VAL A 86 -4.69 -6.58 -9.76
N PHE A 87 -5.68 -5.84 -10.20
CA PHE A 87 -5.69 -4.38 -10.04
C PHE A 87 -7.10 -3.88 -9.73
N PRO A 88 -7.20 -2.95 -8.77
CA PRO A 88 -6.04 -2.44 -8.04
C PRO A 88 -5.44 -3.48 -7.11
N GLU A 89 -4.44 -3.06 -6.34
CA GLU A 89 -3.78 -3.95 -5.39
C GLU A 89 -3.05 -3.17 -4.31
N ILE A 90 -3.25 -3.55 -3.06
CA ILE A 90 -2.62 -2.88 -1.94
C ILE A 90 -1.47 -3.73 -1.37
N ILE A 91 -0.27 -3.49 -1.87
CA ILE A 91 0.91 -4.22 -1.41
C ILE A 91 1.50 -3.59 -0.17
N PHE A 92 1.28 -4.23 0.99
CA PHE A 92 1.80 -3.72 2.25
C PHE A 92 3.29 -3.99 2.37
N THR A 93 4.09 -2.92 2.30
CA THR A 93 5.53 -3.05 2.40
C THR A 93 6.06 -2.35 3.66
N LYS A 94 7.20 -2.82 4.15
CA LYS A 94 7.80 -2.25 5.35
C LYS A 94 9.32 -2.42 5.32
N ALA A 95 10.03 -1.32 5.55
CA ALA A 95 11.49 -1.33 5.56
C ALA A 95 12.04 -1.75 4.20
N GLY A 96 11.33 -1.36 3.13
CA GLY A 96 11.77 -1.71 1.80
C GLY A 96 11.62 -3.19 1.50
N LYS A 97 10.61 -3.81 2.10
CA LYS A 97 10.36 -5.23 1.90
C LYS A 97 8.87 -5.54 1.94
N ILE A 98 8.41 -6.35 1.01
CA ILE A 98 7.00 -6.72 0.93
C ILE A 98 6.63 -7.72 2.03
N LEU A 99 5.43 -7.56 2.59
CA LEU A 99 4.96 -8.45 3.65
C LEU A 99 3.72 -9.23 3.20
N TYR A 100 2.69 -8.49 2.80
CA TYR A 100 1.45 -9.11 2.35
C TYR A 100 0.82 -8.31 1.21
N ARG A 101 0.12 -9.00 0.32
CA ARG A 101 -0.53 -8.35 -0.81
C ARG A 101 -2.05 -8.59 -0.78
N GLU A 102 -2.80 -7.53 -0.54
CA GLU A 102 -4.26 -7.62 -0.49
C GLU A 102 -4.87 -7.55 -1.89
N LYS A 103 -5.53 -8.63 -2.30
CA LYS A 103 -6.16 -8.69 -3.61
C LYS A 103 -7.68 -8.82 -3.49
N GLY A 104 -8.37 -7.68 -3.47
CA GLY A 104 -9.81 -7.69 -3.35
C GLY A 104 -10.34 -6.50 -2.56
N ILE A 105 -11.61 -6.17 -2.79
CA ILE A 105 -12.22 -5.04 -2.09
C ILE A 105 -12.22 -5.27 -0.58
N ARG A 106 -11.84 -4.22 0.16
CA ARG A 106 -11.78 -4.30 1.61
C ARG A 106 -12.25 -2.99 2.24
N THR A 107 -12.79 -3.08 3.45
CA THR A 107 -13.28 -1.90 4.16
C THR A 107 -12.15 -1.19 4.89
N ALA A 108 -12.32 0.11 5.11
CA ALA A 108 -11.30 0.91 5.80
C ALA A 108 -10.89 0.25 7.11
N ASP A 109 -11.87 -0.29 7.82
CA ASP A 109 -11.61 -0.96 9.10
C ASP A 109 -10.83 -2.25 8.90
N GLU A 110 -11.41 -3.15 8.11
CA GLU A 110 -10.77 -4.44 7.84
C GLU A 110 -9.34 -4.25 7.37
N LEU A 111 -9.11 -3.18 6.59
CA LEU A 111 -7.79 -2.88 6.08
C LEU A 111 -6.86 -2.37 7.18
N SER A 112 -7.33 -1.37 7.91
CA SER A 112 -6.56 -0.79 9.00
C SER A 112 -5.96 -1.88 9.88
N LYS A 113 -6.78 -2.87 10.23
CA LYS A 113 -6.33 -3.98 11.07
C LYS A 113 -5.20 -4.75 10.39
N ILE A 114 -5.35 -4.98 9.09
CA ILE A 114 -4.34 -5.70 8.32
C ILE A 114 -3.00 -5.01 8.38
N MET A 115 -2.92 -3.81 7.81
CA MET A 115 -1.67 -3.05 7.81
C MET A 115 -1.16 -2.84 9.23
N ALA A 116 -2.06 -2.50 10.14
CA ALA A 116 -1.70 -2.29 11.54
C ALA A 116 -1.14 -3.56 12.16
N PHE A 117 -1.58 -4.71 11.65
CA PHE A 117 -1.14 -6.00 12.17
C PHE A 117 0.32 -6.26 11.78
N PHE A 118 0.72 -5.74 10.63
CA PHE A 118 2.08 -5.92 10.14
C PHE A 118 2.96 -4.72 10.54
N TYR A 119 2.34 -3.72 11.15
CA TYR A 119 3.06 -2.53 11.58
C TYR A 119 3.00 -2.37 13.10
N TYR A 120 1.83 -2.01 13.60
CA TYR A 120 1.64 -1.82 15.03
C TYR A 120 1.16 -3.11 15.70
N GLY A 121 1.42 -4.23 15.03
CA GLY A 121 1.01 -5.52 15.57
C GLY A 121 -0.43 -5.52 16.05
N ALA A 122 -1.28 -4.77 15.36
CA ALA A 122 -2.69 -4.68 15.71
C ALA A 122 -3.37 -6.03 15.57
N ALA A 123 -4.68 -6.06 15.80
CA ALA A 123 -5.45 -7.30 15.69
C ALA A 123 -5.60 -7.72 14.24
N LYS A 124 -5.82 -9.02 14.02
CA LYS A 124 -5.98 -9.56 12.67
C LYS A 124 -7.44 -9.87 12.38
N PRO A 125 -7.98 -9.28 11.31
CA PRO A 125 -9.37 -9.49 10.90
C PRO A 125 -9.61 -10.89 10.37
N PRO A 126 -10.90 -11.25 10.20
CA PRO A 126 -11.30 -12.57 9.69
C PRO A 126 -10.94 -12.75 8.21
N CYS A 127 -11.23 -11.74 7.41
CA CYS A 127 -10.94 -11.80 5.98
C CYS A 127 -9.46 -12.05 5.74
N LEU A 128 -8.61 -11.48 6.59
CA LEU A 128 -7.16 -11.64 6.47
C LEU A 128 -6.71 -12.93 7.13
N ASN A 129 -7.37 -13.31 8.22
CA ASN A 129 -7.04 -14.53 8.95
C ASN A 129 -6.93 -15.71 7.99
N GLY A 130 -7.78 -15.71 6.97
CA GLY A 130 -7.78 -16.80 6.00
C GLY A 130 -7.27 -16.36 4.65
N VAL A 131 -6.13 -15.68 4.64
CA VAL A 131 -5.53 -15.20 3.39
C VAL A 131 -4.13 -15.76 3.21
N VAL A 132 -3.59 -15.63 2.00
CA VAL A 132 -2.25 -16.11 1.70
C VAL A 132 -1.25 -14.96 1.66
N ASN A 133 -0.36 -14.93 2.66
CA ASN A 133 0.66 -13.89 2.74
C ASN A 133 2.05 -14.48 2.61
N SER A 134 3.01 -13.64 2.22
CA SER A 134 4.39 -14.08 2.06
C SER A 134 5.35 -12.89 2.07
N GLN A 135 6.49 -13.07 2.74
CA GLN A 135 7.48 -12.01 2.83
C GLN A 135 8.48 -12.11 1.68
N GLU A 136 8.78 -10.97 1.06
CA GLU A 136 9.73 -10.91 -0.05
C GLU A 136 10.27 -9.51 -0.24
N GLN A 137 11.59 -9.40 -0.37
CA GLN A 137 12.24 -8.11 -0.57
C GLN A 137 11.59 -7.33 -1.70
N ILE A 138 11.74 -6.01 -1.68
CA ILE A 138 11.16 -5.16 -2.70
C ILE A 138 12.12 -4.99 -3.88
N PRO A 139 11.61 -5.22 -5.09
CA PRO A 139 12.40 -5.11 -6.32
C PRO A 139 12.76 -3.65 -6.64
N LEU A 140 14.05 -3.40 -6.83
CA LEU A 140 14.53 -2.06 -7.14
C LEU A 140 14.50 -1.80 -8.64
N VAL A 141 13.66 -0.86 -9.06
CA VAL A 141 13.54 -0.51 -10.47
C VAL A 141 14.68 0.38 -10.92
N ASP A 142 15.18 0.13 -12.13
CA ASP A 142 16.27 0.93 -12.68
C ASP A 142 15.78 2.28 -13.17
N VAL A 143 16.12 3.33 -12.43
CA VAL A 143 15.71 4.69 -12.78
C VAL A 143 16.88 5.47 -13.38
N SER A 144 16.59 6.21 -14.45
CA SER A 144 17.61 7.01 -15.12
C SER A 144 17.25 8.49 -15.09
N VAL A 145 18.20 9.31 -14.66
CA VAL A 145 18.00 10.75 -14.59
C VAL A 145 18.92 11.50 -15.54
N ASN A 146 18.56 11.52 -16.82
CA ASN A 146 19.37 12.20 -17.83
C ASN A 146 19.41 13.70 -17.57
N HIS A 2 5.67 21.90 16.96
CA HIS A 2 4.32 21.42 17.27
C HIS A 2 4.27 19.90 17.24
N MET A 3 3.14 19.34 17.64
CA MET A 3 2.96 17.89 17.65
C MET A 3 2.53 17.39 16.27
N ASP A 4 2.61 16.07 16.08
CA ASP A 4 2.22 15.47 14.81
C ASP A 4 0.95 14.64 14.97
N ASN A 5 -0.18 15.26 14.63
CA ASN A 5 -1.48 14.58 14.73
C ASN A 5 -2.18 14.55 13.38
N TYR A 6 -1.45 14.16 12.34
CA TYR A 6 -2.01 14.09 11.00
C TYR A 6 -1.04 13.42 10.04
N ILE A 7 -1.56 12.83 8.97
CA ILE A 7 -0.74 12.16 7.98
C ILE A 7 -1.24 12.44 6.56
N ARG A 8 -0.33 12.89 5.70
CA ARG A 8 -0.68 13.20 4.32
C ARG A 8 -1.43 12.04 3.68
N PRO A 9 -2.51 12.37 2.94
CA PRO A 9 -3.32 11.37 2.25
C PRO A 9 -2.59 10.73 1.08
N ILE A 10 -3.25 9.75 0.45
CA ILE A 10 -2.66 9.05 -0.68
C ILE A 10 -2.13 10.03 -1.73
N LYS A 11 -0.82 10.03 -1.92
CA LYS A 11 -0.19 10.92 -2.89
C LYS A 11 0.36 10.13 -4.07
N ASP A 12 0.47 10.80 -5.23
CA ASP A 12 0.99 10.16 -6.42
C ASP A 12 2.49 9.89 -6.30
N LEU A 13 2.87 8.63 -6.49
CA LEU A 13 4.28 8.24 -6.40
C LEU A 13 4.78 7.73 -7.74
N THR A 14 5.94 8.23 -8.16
CA THR A 14 6.54 7.82 -9.43
C THR A 14 7.59 6.73 -9.22
N THR A 15 8.16 6.24 -10.31
CA THR A 15 9.17 5.21 -10.25
C THR A 15 10.53 5.79 -9.83
N ALA A 16 10.81 7.00 -10.29
CA ALA A 16 12.07 7.66 -9.97
C ALA A 16 12.21 7.85 -8.46
N GLU A 17 11.09 8.00 -7.77
CA GLU A 17 11.10 8.19 -6.33
C GLU A 17 10.76 6.88 -5.60
N TRP A 18 10.21 5.94 -6.35
CA TRP A 18 9.83 4.65 -5.77
C TRP A 18 10.96 4.08 -4.94
N GLU A 19 12.17 4.09 -5.49
CA GLU A 19 13.34 3.57 -4.80
C GLU A 19 13.43 4.15 -3.38
N GLU A 20 13.38 5.47 -3.28
CA GLU A 20 13.45 6.14 -1.99
C GLU A 20 12.19 5.89 -1.17
N ALA A 21 11.05 5.79 -1.87
CA ALA A 21 9.78 5.56 -1.21
C ALA A 21 9.84 4.34 -0.29
N VAL A 22 10.79 3.44 -0.56
CA VAL A 22 10.96 2.25 0.24
C VAL A 22 12.35 2.21 0.89
N PHE A 23 13.38 2.14 0.05
CA PHE A 23 14.75 2.09 0.54
C PHE A 23 15.02 3.24 1.52
N LYS A 24 14.83 4.46 1.05
CA LYS A 24 15.04 5.64 1.88
C LYS A 24 13.99 5.73 2.97
N ASP A 25 12.78 5.27 2.66
CA ASP A 25 11.68 5.30 3.62
C ASP A 25 11.45 3.92 4.23
N ILE A 26 12.14 3.63 5.32
CA ILE A 26 12.02 2.35 5.99
C ILE A 26 10.64 2.20 6.63
N SER A 27 10.05 3.32 7.04
CA SER A 27 8.73 3.32 7.66
C SER A 27 7.74 2.52 6.81
N PRO A 28 6.62 2.13 7.44
CA PRO A 28 5.57 1.35 6.77
C PRO A 28 4.82 2.17 5.73
N LEU A 29 4.77 1.67 4.50
CA LEU A 29 4.09 2.36 3.41
C LEU A 29 3.24 1.38 2.61
N MET A 30 2.05 1.84 2.19
CA MET A 30 1.15 1.00 1.40
C MET A 30 1.27 1.33 -0.08
N VAL A 31 1.58 0.31 -0.88
CA VAL A 31 1.73 0.47 -2.32
C VAL A 31 0.48 -0.02 -3.06
N LEU A 32 -0.41 0.92 -3.38
CA LEU A 32 -1.64 0.58 -4.10
C LEU A 32 -1.45 0.69 -5.60
N VAL A 33 -1.31 -0.47 -6.26
CA VAL A 33 -1.13 -0.50 -7.70
C VAL A 33 -2.47 -0.49 -8.43
N HIS A 34 -2.81 0.66 -9.00
CA HIS A 34 -4.07 0.80 -9.74
C HIS A 34 -3.83 0.79 -11.24
N ASN A 35 -4.91 0.70 -12.01
CA ASN A 35 -4.81 0.68 -13.46
C ASN A 35 -6.01 1.38 -14.10
N ARG A 36 -5.72 2.30 -15.01
CA ARG A 36 -6.77 3.05 -15.70
C ARG A 36 -7.43 2.20 -16.77
N TYR A 37 -6.67 1.25 -17.31
CA TYR A 37 -7.19 0.37 -18.37
C TYR A 37 -7.62 -0.97 -17.77
N LYS A 38 -8.10 -0.93 -16.54
CA LYS A 38 -8.56 -2.14 -15.86
C LYS A 38 -9.36 -1.80 -14.61
N ARG A 39 -10.62 -2.23 -14.59
CA ARG A 39 -11.49 -1.96 -13.45
C ARG A 39 -11.50 -0.48 -13.10
N PRO A 40 -12.19 0.33 -13.91
CA PRO A 40 -12.28 1.78 -13.70
C PRO A 40 -13.11 2.13 -12.48
N LYS A 41 -14.11 1.30 -12.19
CA LYS A 41 -14.99 1.53 -11.05
C LYS A 41 -14.32 1.06 -9.75
N GLU A 42 -13.68 -0.11 -9.81
CA GLU A 42 -13.00 -0.66 -8.65
C GLU A 42 -11.86 0.23 -8.20
N ASN A 43 -11.20 0.87 -9.16
CA ASN A 43 -10.08 1.75 -8.87
C ASN A 43 -10.46 2.78 -7.81
N GLU A 44 -11.69 3.28 -7.89
CA GLU A 44 -12.17 4.27 -6.93
C GLU A 44 -12.61 3.60 -5.63
N LYS A 45 -13.20 2.42 -5.76
CA LYS A 45 -13.67 1.67 -4.60
C LYS A 45 -12.52 1.39 -3.63
N PHE A 46 -11.40 0.92 -4.17
CA PHE A 46 -10.23 0.61 -3.37
C PHE A 46 -9.69 1.87 -2.70
N ARG A 47 -9.25 2.83 -3.50
CA ARG A 47 -8.71 4.08 -2.99
C ARG A 47 -9.67 4.72 -1.99
N GLU A 48 -10.97 4.57 -2.24
CA GLU A 48 -11.98 5.13 -1.36
C GLU A 48 -11.83 4.59 0.06
N GLU A 49 -11.98 3.28 0.20
CA GLU A 49 -11.86 2.63 1.50
C GLU A 49 -10.48 2.85 2.10
N LEU A 50 -9.45 2.75 1.25
CA LEU A 50 -8.08 2.95 1.70
C LEU A 50 -7.92 4.27 2.44
N GLU A 51 -8.32 5.36 1.78
CA GLU A 51 -8.22 6.69 2.39
C GLU A 51 -8.87 6.71 3.77
N LYS A 52 -10.04 6.07 3.88
CA LYS A 52 -10.75 6.01 5.15
C LYS A 52 -9.96 5.22 6.19
N ALA A 53 -9.39 4.11 5.76
CA ALA A 53 -8.60 3.26 6.66
C ALA A 53 -7.54 4.08 7.39
N ILE A 54 -7.00 5.08 6.71
CA ILE A 54 -5.98 5.94 7.30
C ILE A 54 -6.56 6.80 8.42
N GLN A 55 -7.61 7.55 8.10
CA GLN A 55 -8.26 8.41 9.08
C GLN A 55 -8.61 7.63 10.34
N VAL A 56 -9.12 6.42 10.14
CA VAL A 56 -9.51 5.57 11.26
C VAL A 56 -8.35 5.40 12.25
N ILE A 57 -7.17 5.11 11.72
CA ILE A 57 -5.99 4.93 12.55
C ILE A 57 -5.68 6.18 13.36
N TRP A 58 -5.81 7.33 12.72
CA TRP A 58 -5.55 8.61 13.38
C TRP A 58 -6.29 8.70 14.71
N ASN A 59 -7.54 8.22 14.71
CA ASN A 59 -8.35 8.25 15.92
C ASN A 59 -7.82 7.26 16.96
N CYS A 60 -7.26 6.16 16.50
CA CYS A 60 -6.71 5.14 17.38
C CYS A 60 -5.67 5.74 18.31
N GLY A 61 -4.95 6.76 17.83
CA GLY A 61 -3.93 7.40 18.62
C GLY A 61 -2.53 7.01 18.20
N LEU A 62 -2.36 6.76 16.90
CA LEU A 62 -1.06 6.37 16.36
C LEU A 62 -0.86 6.95 14.96
N PRO A 63 0.40 7.27 14.63
CA PRO A 63 0.75 7.84 13.32
C PRO A 63 0.61 6.82 12.19
N SER A 64 -0.51 6.88 11.49
CA SER A 64 -0.77 5.95 10.38
C SER A 64 0.42 5.91 9.43
N PRO A 65 0.53 4.81 8.67
CA PRO A 65 1.61 4.61 7.70
C PRO A 65 1.49 5.55 6.50
N ARG A 66 2.42 5.42 5.56
CA ARG A 66 2.42 6.26 4.37
C ARG A 66 1.40 5.74 3.35
N CYS A 67 0.99 6.62 2.45
CA CYS A 67 0.01 6.26 1.43
C CYS A 67 0.44 6.78 0.06
N VAL A 68 0.64 5.86 -0.89
CA VAL A 68 1.05 6.23 -2.23
C VAL A 68 0.40 5.32 -3.27
N ALA A 69 -0.01 5.91 -4.39
CA ALA A 69 -0.66 5.15 -5.46
C ALA A 69 0.15 5.23 -6.75
N VAL A 70 0.56 4.08 -7.27
CA VAL A 70 1.33 4.03 -8.50
C VAL A 70 0.49 3.53 -9.67
N ASP A 71 0.50 4.26 -10.77
CA ASP A 71 -0.26 3.89 -11.95
C ASP A 71 0.41 2.74 -12.69
N ALA A 72 -0.38 1.70 -13.00
CA ALA A 72 0.13 0.53 -13.69
C ALA A 72 0.31 0.82 -15.19
N VAL A 73 -0.59 1.62 -15.74
CA VAL A 73 -0.54 1.98 -17.15
C VAL A 73 0.63 2.90 -17.45
N VAL A 74 0.97 3.75 -16.48
CA VAL A 74 2.07 4.68 -16.63
C VAL A 74 3.36 4.10 -16.10
N GLU A 75 3.37 3.73 -14.83
CA GLU A 75 4.56 3.15 -14.20
C GLU A 75 4.61 1.65 -14.43
N THR A 76 4.60 1.24 -15.70
CA THR A 76 4.64 -0.18 -16.05
C THR A 76 5.90 -0.84 -15.48
N ASP A 77 7.00 -0.11 -15.48
CA ASP A 77 8.27 -0.63 -14.98
C ASP A 77 8.10 -1.14 -13.55
N LEU A 78 7.46 -0.33 -12.71
CA LEU A 78 7.25 -0.70 -11.32
C LEU A 78 6.46 -2.00 -11.21
N VAL A 79 5.23 -2.00 -11.72
CA VAL A 79 4.39 -3.18 -11.69
C VAL A 79 5.13 -4.41 -12.24
N SER A 80 5.94 -4.18 -13.26
CA SER A 80 6.70 -5.25 -13.88
C SER A 80 7.59 -5.96 -12.86
N ALA A 81 8.10 -5.18 -11.90
CA ALA A 81 8.96 -5.73 -10.85
C ALA A 81 8.14 -6.33 -9.72
N LEU A 82 7.00 -5.70 -9.42
CA LEU A 82 6.13 -6.17 -8.36
C LEU A 82 5.43 -7.47 -8.76
N LYS A 83 5.32 -7.70 -10.06
CA LYS A 83 4.68 -8.92 -10.57
C LYS A 83 3.24 -9.01 -10.09
N VAL A 84 2.45 -7.99 -10.36
CA VAL A 84 1.05 -7.96 -9.96
C VAL A 84 0.16 -8.61 -11.02
N SER A 85 -1.04 -9.00 -10.61
CA SER A 85 -1.99 -9.62 -11.53
C SER A 85 -3.36 -8.95 -11.44
N VAL A 86 -3.76 -8.59 -10.23
CA VAL A 86 -5.04 -7.94 -10.00
C VAL A 86 -4.87 -6.44 -9.81
N PHE A 87 -5.88 -5.67 -10.22
CA PHE A 87 -5.84 -4.22 -10.09
C PHE A 87 -7.24 -3.66 -9.85
N PRO A 88 -7.35 -2.75 -8.87
CA PRO A 88 -6.21 -2.32 -8.06
C PRO A 88 -5.71 -3.41 -7.13
N GLU A 89 -4.69 -3.09 -6.34
CA GLU A 89 -4.12 -4.04 -5.39
C GLU A 89 -3.19 -3.35 -4.40
N ILE A 90 -3.37 -3.65 -3.12
CA ILE A 90 -2.55 -3.05 -2.08
C ILE A 90 -1.41 -3.98 -1.67
N ILE A 91 -0.18 -3.49 -1.76
CA ILE A 91 0.99 -4.28 -1.40
C ILE A 91 1.65 -3.73 -0.13
N PHE A 92 1.24 -4.26 1.01
CA PHE A 92 1.79 -3.83 2.29
C PHE A 92 3.29 -4.11 2.36
N THR A 93 4.09 -3.05 2.40
CA THR A 93 5.53 -3.19 2.47
C THR A 93 6.09 -2.57 3.75
N LYS A 94 7.26 -3.04 4.17
CA LYS A 94 7.90 -2.53 5.38
C LYS A 94 9.42 -2.70 5.31
N ALA A 95 10.13 -1.67 5.72
CA ALA A 95 11.60 -1.71 5.70
C ALA A 95 12.12 -2.11 4.34
N GLY A 96 11.42 -1.68 3.29
CA GLY A 96 11.84 -2.01 1.93
C GLY A 96 11.66 -3.47 1.61
N LYS A 97 10.66 -4.10 2.23
CA LYS A 97 10.39 -5.51 2.01
C LYS A 97 8.88 -5.78 1.96
N ILE A 98 8.46 -6.60 1.01
CA ILE A 98 7.05 -6.93 0.86
C ILE A 98 6.63 -7.99 1.87
N LEU A 99 5.58 -7.69 2.63
CA LEU A 99 5.08 -8.61 3.64
C LEU A 99 3.89 -9.40 3.10
N TYR A 100 2.95 -8.70 2.49
CA TYR A 100 1.75 -9.33 1.93
C TYR A 100 0.92 -8.33 1.14
N ARG A 101 0.27 -8.81 0.09
CA ARG A 101 -0.56 -7.96 -0.75
C ARG A 101 -2.03 -8.37 -0.66
N GLU A 102 -2.90 -7.41 -0.39
CA GLU A 102 -4.33 -7.67 -0.28
C GLU A 102 -4.99 -7.69 -1.66
N LYS A 103 -5.76 -8.73 -1.92
CA LYS A 103 -6.45 -8.88 -3.19
C LYS A 103 -7.96 -9.00 -2.99
N GLY A 104 -8.65 -7.86 -3.05
CA GLY A 104 -10.08 -7.86 -2.88
C GLY A 104 -10.58 -6.61 -2.19
N ILE A 105 -11.87 -6.32 -2.34
CA ILE A 105 -12.47 -5.14 -1.74
C ILE A 105 -12.58 -5.30 -0.22
N ARG A 106 -11.88 -4.44 0.51
CA ARG A 106 -11.90 -4.49 1.97
C ARG A 106 -12.40 -3.17 2.54
N THR A 107 -12.92 -3.22 3.77
CA THR A 107 -13.44 -2.04 4.43
C THR A 107 -12.31 -1.23 5.07
N ALA A 108 -12.58 0.05 5.32
CA ALA A 108 -11.59 0.93 5.94
C ALA A 108 -11.00 0.30 7.20
N ASP A 109 -11.88 -0.11 8.11
CA ASP A 109 -11.45 -0.73 9.36
C ASP A 109 -10.64 -2.00 9.09
N GLU A 110 -11.26 -2.95 8.40
CA GLU A 110 -10.59 -4.20 8.08
C GLU A 110 -9.20 -3.95 7.51
N LEU A 111 -9.07 -2.88 6.73
CA LEU A 111 -7.79 -2.54 6.12
C LEU A 111 -6.82 -2.00 7.16
N SER A 112 -7.33 -1.18 8.08
CA SER A 112 -6.51 -0.60 9.14
C SER A 112 -5.88 -1.69 10.00
N LYS A 113 -6.66 -2.72 10.29
CA LYS A 113 -6.19 -3.84 11.11
C LYS A 113 -5.07 -4.60 10.39
N ILE A 114 -5.28 -4.86 9.10
CA ILE A 114 -4.30 -5.59 8.30
C ILE A 114 -2.92 -4.93 8.40
N MET A 115 -2.82 -3.73 7.85
CA MET A 115 -1.56 -2.99 7.87
C MET A 115 -1.05 -2.83 9.30
N ALA A 116 -1.97 -2.63 10.24
CA ALA A 116 -1.62 -2.46 11.63
C ALA A 116 -0.88 -3.69 12.17
N PHE A 117 -1.56 -4.83 12.15
CA PHE A 117 -0.97 -6.08 12.63
C PHE A 117 0.36 -6.35 11.94
N PHE A 118 0.56 -5.75 10.78
CA PHE A 118 1.79 -5.92 10.02
C PHE A 118 2.89 -5.02 10.56
N TYR A 119 2.50 -3.85 11.06
CA TYR A 119 3.46 -2.90 11.61
C TYR A 119 3.25 -2.72 13.12
N TYR A 120 2.19 -2.02 13.48
CA TYR A 120 1.88 -1.78 14.89
C TYR A 120 1.64 -3.10 15.63
N GLY A 121 0.56 -3.79 15.26
CA GLY A 121 0.23 -5.05 15.90
C GLY A 121 -1.21 -5.10 16.37
N ALA A 122 -2.11 -4.51 15.60
CA ALA A 122 -3.52 -4.50 15.93
C ALA A 122 -4.15 -5.87 15.73
N ALA A 123 -5.33 -6.07 16.30
CA ALA A 123 -6.04 -7.34 16.17
C ALA A 123 -6.20 -7.73 14.71
N LYS A 124 -5.72 -8.91 14.35
CA LYS A 124 -5.81 -9.40 12.98
C LYS A 124 -7.25 -9.73 12.62
N PRO A 125 -7.72 -9.21 11.48
CA PRO A 125 -9.09 -9.45 11.00
C PRO A 125 -9.30 -10.88 10.54
N PRO A 126 -10.57 -11.25 10.31
CA PRO A 126 -10.94 -12.59 9.86
C PRO A 126 -10.49 -12.87 8.43
N CYS A 127 -10.62 -11.87 7.57
CA CYS A 127 -10.23 -12.00 6.18
C CYS A 127 -8.77 -12.44 6.06
N LEU A 128 -7.93 -11.95 6.96
CA LEU A 128 -6.51 -12.29 6.96
C LEU A 128 -6.30 -13.72 7.44
N ASN A 129 -7.08 -14.12 8.44
CA ASN A 129 -6.97 -15.46 9.00
C ASN A 129 -7.02 -16.52 7.90
N GLY A 130 -7.82 -16.24 6.87
CA GLY A 130 -7.95 -17.18 5.76
C GLY A 130 -7.31 -16.66 4.49
N VAL A 131 -6.16 -16.02 4.63
CA VAL A 131 -5.43 -15.47 3.49
C VAL A 131 -4.03 -16.07 3.38
N VAL A 132 -3.42 -15.91 2.21
CA VAL A 132 -2.07 -16.43 1.99
C VAL A 132 -1.05 -15.30 1.88
N ASN A 133 -0.20 -15.18 2.90
CA ASN A 133 0.82 -14.14 2.92
C ASN A 133 2.21 -14.73 2.73
N SER A 134 3.15 -13.90 2.30
CA SER A 134 4.51 -14.35 2.07
C SER A 134 5.48 -13.16 2.03
N GLN A 135 6.67 -13.35 2.58
CA GLN A 135 7.68 -12.30 2.62
C GLN A 135 8.54 -12.34 1.36
N GLU A 136 8.92 -11.16 0.87
CA GLU A 136 9.74 -11.05 -0.32
C GLU A 136 10.31 -9.65 -0.48
N GLN A 137 11.62 -9.55 -0.63
CA GLN A 137 12.29 -8.25 -0.79
C GLN A 137 11.63 -7.44 -1.90
N ILE A 138 11.70 -6.12 -1.77
CA ILE A 138 11.11 -5.24 -2.77
C ILE A 138 12.07 -5.01 -3.93
N PRO A 139 11.57 -5.20 -5.16
CA PRO A 139 12.36 -5.02 -6.38
C PRO A 139 12.70 -3.56 -6.64
N LEU A 140 13.98 -3.26 -6.83
CA LEU A 140 14.43 -1.90 -7.09
C LEU A 140 14.39 -1.60 -8.59
N VAL A 141 13.53 -0.66 -8.97
CA VAL A 141 13.40 -0.27 -10.37
C VAL A 141 14.49 0.72 -10.77
N ASP A 142 14.94 0.62 -12.01
CA ASP A 142 15.99 1.50 -12.52
C ASP A 142 15.42 2.87 -12.88
N VAL A 143 16.29 3.87 -12.94
CA VAL A 143 15.88 5.22 -13.27
C VAL A 143 16.52 5.68 -14.58
N SER A 144 15.69 5.83 -15.62
CA SER A 144 16.17 6.26 -16.92
C SER A 144 15.60 7.63 -17.28
N VAL A 145 16.49 8.61 -17.42
CA VAL A 145 16.09 9.97 -17.76
C VAL A 145 16.83 10.48 -18.99
N ASN A 146 16.08 10.77 -20.04
CA ASN A 146 16.67 11.26 -21.28
C ASN A 146 15.68 12.14 -22.05
N HIS A 2 3.34 8.83 21.29
CA HIS A 2 2.84 9.27 20.00
C HIS A 2 2.97 10.78 19.85
N MET A 3 3.53 11.22 18.73
CA MET A 3 3.70 12.65 18.47
C MET A 3 2.92 13.07 17.24
N ASP A 4 3.33 12.56 16.08
CA ASP A 4 2.68 12.90 14.82
C ASP A 4 1.19 12.55 14.88
N ASN A 5 0.34 13.56 14.90
CA ASN A 5 -1.10 13.37 14.95
C ASN A 5 -1.67 13.12 13.56
N TYR A 6 -1.55 14.11 12.70
CA TYR A 6 -2.05 14.00 11.33
C TYR A 6 -1.03 13.32 10.42
N ILE A 7 -1.51 12.77 9.31
CA ILE A 7 -0.64 12.09 8.37
C ILE A 7 -1.01 12.44 6.93
N ARG A 8 -0.01 12.75 6.12
CA ARG A 8 -0.23 13.10 4.72
C ARG A 8 -1.09 12.06 4.03
N PRO A 9 -2.09 12.52 3.27
CA PRO A 9 -3.00 11.63 2.54
C PRO A 9 -2.31 10.92 1.37
N ILE A 10 -3.05 10.06 0.69
CA ILE A 10 -2.51 9.32 -0.44
C ILE A 10 -1.81 10.24 -1.43
N LYS A 11 -0.52 10.03 -1.61
CA LYS A 11 0.26 10.86 -2.53
C LYS A 11 0.60 10.08 -3.80
N ASP A 12 0.57 10.77 -4.94
CA ASP A 12 0.88 10.14 -6.22
C ASP A 12 2.36 9.79 -6.31
N LEU A 13 2.66 8.50 -6.22
CA LEU A 13 4.04 8.03 -6.29
C LEU A 13 4.37 7.50 -7.68
N THR A 14 5.63 7.66 -8.09
CA THR A 14 6.07 7.19 -9.40
C THR A 14 7.39 6.44 -9.31
N THR A 15 7.69 5.66 -10.34
CA THR A 15 8.93 4.88 -10.36
C THR A 15 10.14 5.76 -10.07
N ALA A 16 10.12 6.99 -10.58
CA ALA A 16 11.21 7.93 -10.37
C ALA A 16 11.50 8.10 -8.87
N GLU A 17 10.44 8.14 -8.08
CA GLU A 17 10.59 8.30 -6.63
C GLU A 17 10.16 7.04 -5.90
N TRP A 18 10.19 5.91 -6.60
CA TRP A 18 9.81 4.63 -6.01
C TRP A 18 10.91 4.07 -5.13
N GLU A 19 12.12 4.01 -5.69
CA GLU A 19 13.27 3.50 -4.94
C GLU A 19 13.36 4.14 -3.56
N GLU A 20 13.34 5.47 -3.54
CA GLU A 20 13.42 6.21 -2.28
C GLU A 20 12.16 6.00 -1.44
N ALA A 21 11.02 5.86 -2.11
CA ALA A 21 9.75 5.65 -1.43
C ALA A 21 9.85 4.49 -0.45
N VAL A 22 10.78 3.59 -0.70
CA VAL A 22 10.97 2.43 0.17
C VAL A 22 12.37 2.42 0.77
N PHE A 23 13.37 2.30 -0.08
CA PHE A 23 14.76 2.28 0.37
C PHE A 23 15.06 3.46 1.29
N LYS A 24 14.85 4.67 0.78
CA LYS A 24 15.08 5.88 1.56
C LYS A 24 14.06 6.03 2.67
N ASP A 25 12.84 5.54 2.42
CA ASP A 25 11.77 5.61 3.40
C ASP A 25 11.55 4.26 4.06
N ILE A 26 12.28 4.00 5.14
CA ILE A 26 12.17 2.74 5.86
C ILE A 26 10.82 2.62 6.56
N SER A 27 10.25 3.77 6.93
CA SER A 27 8.96 3.80 7.60
C SER A 27 7.94 2.93 6.87
N PRO A 28 6.85 2.57 7.58
CA PRO A 28 5.79 1.74 7.01
C PRO A 28 4.99 2.47 5.94
N LEU A 29 5.07 1.99 4.71
CA LEU A 29 4.35 2.59 3.59
C LEU A 29 3.60 1.53 2.79
N MET A 30 2.41 1.89 2.30
CA MET A 30 1.60 0.97 1.52
C MET A 30 1.51 1.43 0.07
N VAL A 31 1.74 0.51 -0.86
CA VAL A 31 1.69 0.82 -2.27
C VAL A 31 0.35 0.40 -2.88
N LEU A 32 -0.33 1.35 -3.52
CA LEU A 32 -1.63 1.09 -4.13
C LEU A 32 -1.51 1.08 -5.65
N VAL A 33 -1.25 -0.09 -6.22
CA VAL A 33 -1.12 -0.23 -7.66
C VAL A 33 -2.48 -0.18 -8.34
N HIS A 34 -2.65 0.79 -9.23
CA HIS A 34 -3.91 0.95 -9.96
C HIS A 34 -3.69 0.83 -11.47
N ASN A 35 -4.78 0.64 -12.21
CA ASN A 35 -4.70 0.51 -13.66
C ASN A 35 -5.89 1.19 -14.32
N ARG A 36 -5.61 2.08 -15.27
CA ARG A 36 -6.66 2.79 -15.99
C ARG A 36 -7.32 1.90 -17.03
N TYR A 37 -6.56 0.92 -17.53
CA TYR A 37 -7.07 0.00 -18.54
C TYR A 37 -7.55 -1.30 -17.89
N LYS A 38 -7.99 -1.20 -16.64
CA LYS A 38 -8.49 -2.36 -15.91
C LYS A 38 -9.25 -1.94 -14.65
N ARG A 39 -10.52 -2.29 -14.58
CA ARG A 39 -11.35 -1.95 -13.44
C ARG A 39 -11.24 -0.46 -13.12
N PRO A 40 -11.91 0.37 -13.94
CA PRO A 40 -11.91 1.83 -13.76
C PRO A 40 -12.69 2.26 -12.53
N LYS A 41 -13.73 1.51 -12.19
CA LYS A 41 -14.55 1.81 -11.03
C LYS A 41 -13.89 1.32 -9.75
N GLU A 42 -13.36 0.11 -9.78
CA GLU A 42 -12.70 -0.48 -8.63
C GLU A 42 -11.56 0.40 -8.15
N ASN A 43 -10.87 1.03 -9.10
CA ASN A 43 -9.74 1.90 -8.79
C ASN A 43 -10.13 2.92 -7.72
N GLU A 44 -11.32 3.51 -7.88
CA GLU A 44 -11.81 4.51 -6.94
C GLU A 44 -12.32 3.84 -5.66
N LYS A 45 -13.03 2.73 -5.82
CA LYS A 45 -13.58 2.00 -4.69
C LYS A 45 -12.49 1.71 -3.65
N PHE A 46 -11.32 1.31 -4.13
CA PHE A 46 -10.20 1.01 -3.25
C PHE A 46 -9.71 2.26 -2.53
N ARG A 47 -9.42 3.31 -3.31
CA ARG A 47 -8.94 4.56 -2.74
C ARG A 47 -9.88 5.06 -1.66
N GLU A 48 -11.18 4.83 -1.84
CA GLU A 48 -12.18 5.26 -0.88
C GLU A 48 -11.96 4.59 0.47
N GLU A 49 -12.00 3.26 0.49
CA GLU A 49 -11.79 2.49 1.70
C GLU A 49 -10.40 2.73 2.28
N LEU A 50 -9.42 2.82 1.39
CA LEU A 50 -8.04 3.05 1.80
C LEU A 50 -7.90 4.36 2.56
N GLU A 51 -8.29 5.46 1.92
CA GLU A 51 -8.21 6.78 2.53
C GLU A 51 -8.87 6.77 3.91
N LYS A 52 -10.05 6.17 3.99
CA LYS A 52 -10.80 6.09 5.24
C LYS A 52 -10.05 5.25 6.26
N ALA A 53 -9.49 4.13 5.80
CA ALA A 53 -8.74 3.23 6.68
C ALA A 53 -7.68 3.99 7.47
N ILE A 54 -6.98 4.89 6.79
CA ILE A 54 -5.95 5.69 7.43
C ILE A 54 -6.51 6.54 8.56
N GLN A 55 -7.57 7.28 8.25
CA GLN A 55 -8.21 8.14 9.24
C GLN A 55 -8.57 7.35 10.49
N VAL A 56 -9.08 6.15 10.31
CA VAL A 56 -9.47 5.29 11.43
C VAL A 56 -8.31 5.12 12.40
N ILE A 57 -7.12 4.87 11.87
CA ILE A 57 -5.93 4.69 12.70
C ILE A 57 -5.65 5.95 13.52
N TRP A 58 -5.78 7.11 12.89
CA TRP A 58 -5.54 8.38 13.56
C TRP A 58 -6.28 8.45 14.89
N ASN A 59 -7.52 7.96 14.89
CA ASN A 59 -8.34 7.97 16.10
C ASN A 59 -7.82 6.96 17.12
N CYS A 60 -7.24 5.87 16.63
CA CYS A 60 -6.69 4.83 17.48
C CYS A 60 -5.67 5.41 18.45
N GLY A 61 -4.96 6.44 18.00
CA GLY A 61 -3.95 7.06 18.84
C GLY A 61 -2.54 6.70 18.41
N LEU A 62 -2.37 6.46 17.11
CA LEU A 62 -1.06 6.10 16.58
C LEU A 62 -0.85 6.71 15.19
N PRO A 63 0.40 7.07 14.89
CA PRO A 63 0.76 7.66 13.59
C PRO A 63 0.66 6.67 12.44
N SER A 64 -0.49 6.68 11.76
CA SER A 64 -0.72 5.78 10.64
C SER A 64 0.44 5.82 9.67
N PRO A 65 0.58 4.74 8.87
CA PRO A 65 1.66 4.63 7.89
C PRO A 65 1.48 5.59 6.72
N ARG A 66 2.29 5.41 5.68
CA ARG A 66 2.22 6.27 4.50
C ARG A 66 1.30 5.66 3.44
N CYS A 67 0.69 6.52 2.63
CA CYS A 67 -0.20 6.07 1.58
C CYS A 67 0.19 6.66 0.23
N VAL A 68 0.34 5.80 -0.78
CA VAL A 68 0.71 6.24 -2.12
C VAL A 68 0.10 5.35 -3.18
N ALA A 69 -0.06 5.89 -4.38
CA ALA A 69 -0.63 5.13 -5.49
C ALA A 69 0.35 5.04 -6.65
N VAL A 70 0.26 3.96 -7.41
CA VAL A 70 1.14 3.74 -8.56
C VAL A 70 0.34 3.41 -9.81
N ASP A 71 0.77 3.97 -10.95
CA ASP A 71 0.09 3.73 -12.21
C ASP A 71 0.66 2.49 -12.90
N ALA A 72 -0.20 1.53 -13.18
CA ALA A 72 0.23 0.29 -13.84
C ALA A 72 0.38 0.51 -15.35
N VAL A 73 -0.48 1.34 -15.92
CA VAL A 73 -0.45 1.62 -17.35
C VAL A 73 0.71 2.57 -17.69
N VAL A 74 1.01 3.48 -16.76
CA VAL A 74 2.09 4.43 -16.96
C VAL A 74 3.42 3.87 -16.46
N GLU A 75 3.43 3.40 -15.22
CA GLU A 75 4.63 2.84 -14.62
C GLU A 75 4.63 1.31 -14.73
N THR A 76 4.45 0.81 -15.95
CA THR A 76 4.42 -0.63 -16.19
C THR A 76 5.64 -1.31 -15.57
N ASP A 77 6.79 -0.64 -15.65
CA ASP A 77 8.03 -1.18 -15.12
C ASP A 77 7.86 -1.58 -13.66
N LEU A 78 7.32 -0.67 -12.85
CA LEU A 78 7.10 -0.92 -11.43
C LEU A 78 6.29 -2.20 -11.23
N VAL A 79 5.07 -2.22 -11.77
CA VAL A 79 4.20 -3.37 -11.65
C VAL A 79 4.90 -4.64 -12.12
N SER A 80 5.72 -4.50 -13.16
CA SER A 80 6.44 -5.64 -13.72
C SER A 80 7.33 -6.29 -12.65
N ALA A 81 7.89 -5.46 -11.78
CA ALA A 81 8.75 -5.96 -10.71
C ALA A 81 7.94 -6.51 -9.55
N LEU A 82 6.78 -5.91 -9.32
CA LEU A 82 5.91 -6.34 -8.23
C LEU A 82 5.27 -7.68 -8.55
N LYS A 83 5.18 -7.99 -9.84
CA LYS A 83 4.59 -9.25 -10.28
C LYS A 83 3.11 -9.32 -9.92
N VAL A 84 2.38 -8.25 -10.25
CA VAL A 84 0.95 -8.19 -9.96
C VAL A 84 0.13 -8.77 -11.11
N SER A 85 -1.12 -9.13 -10.82
CA SER A 85 -2.00 -9.70 -11.83
C SER A 85 -3.34 -8.98 -11.84
N VAL A 86 -3.84 -8.64 -10.65
CA VAL A 86 -5.11 -7.95 -10.52
C VAL A 86 -4.91 -6.52 -10.04
N PHE A 87 -5.91 -5.67 -10.28
CA PHE A 87 -5.85 -4.27 -9.87
C PHE A 87 -7.24 -3.73 -9.60
N PRO A 88 -7.32 -2.75 -8.67
CA PRO A 88 -6.16 -2.25 -7.95
C PRO A 88 -5.59 -3.28 -6.97
N GLU A 89 -4.50 -2.91 -6.29
CA GLU A 89 -3.86 -3.79 -5.33
C GLU A 89 -3.07 -3.01 -4.30
N ILE A 90 -3.22 -3.37 -3.03
CA ILE A 90 -2.52 -2.70 -1.96
C ILE A 90 -1.40 -3.56 -1.40
N ILE A 91 -0.18 -3.34 -1.89
CA ILE A 91 0.97 -4.10 -1.45
C ILE A 91 1.62 -3.46 -0.22
N PHE A 92 1.33 -4.01 0.95
CA PHE A 92 1.87 -3.49 2.20
C PHE A 92 3.37 -3.75 2.28
N THR A 93 4.15 -2.68 2.30
CA THR A 93 5.60 -2.78 2.38
C THR A 93 6.13 -2.17 3.68
N LYS A 94 7.30 -2.64 4.11
CA LYS A 94 7.91 -2.14 5.34
C LYS A 94 9.43 -2.26 5.27
N ALA A 95 10.12 -1.19 5.65
CA ALA A 95 11.57 -1.17 5.63
C ALA A 95 12.12 -1.63 4.29
N GLY A 96 11.39 -1.31 3.22
CA GLY A 96 11.81 -1.70 1.89
C GLY A 96 11.65 -3.18 1.64
N LYS A 97 10.64 -3.77 2.26
CA LYS A 97 10.38 -5.20 2.10
C LYS A 97 8.88 -5.48 2.08
N ILE A 98 8.45 -6.33 1.15
CA ILE A 98 7.05 -6.68 1.02
C ILE A 98 6.63 -7.68 2.11
N LEU A 99 5.51 -7.38 2.77
CA LEU A 99 4.99 -8.24 3.83
C LEU A 99 3.74 -8.98 3.36
N TYR A 100 2.83 -8.26 2.73
CA TYR A 100 1.59 -8.84 2.24
C TYR A 100 0.86 -7.88 1.30
N ARG A 101 0.16 -8.43 0.32
CA ARG A 101 -0.59 -7.62 -0.64
C ARG A 101 -2.07 -7.95 -0.58
N GLU A 102 -2.91 -6.92 -0.53
CA GLU A 102 -4.36 -7.10 -0.47
C GLU A 102 -4.94 -7.24 -1.88
N LYS A 103 -5.78 -8.26 -2.05
CA LYS A 103 -6.41 -8.51 -3.34
C LYS A 103 -7.92 -8.64 -3.19
N GLY A 104 -8.62 -7.52 -3.35
CA GLY A 104 -10.07 -7.54 -3.23
C GLY A 104 -10.60 -6.35 -2.45
N ILE A 105 -11.84 -5.98 -2.70
CA ILE A 105 -12.47 -4.86 -2.02
C ILE A 105 -12.57 -5.12 -0.52
N ARG A 106 -11.94 -4.25 0.27
CA ARG A 106 -11.96 -4.39 1.72
C ARG A 106 -12.43 -3.10 2.38
N THR A 107 -13.04 -3.23 3.56
CA THR A 107 -13.54 -2.08 4.30
C THR A 107 -12.39 -1.32 4.97
N ALA A 108 -12.61 -0.03 5.20
CA ALA A 108 -11.60 0.81 5.84
C ALA A 108 -11.10 0.18 7.14
N ASP A 109 -12.03 -0.41 7.89
CA ASP A 109 -11.69 -1.06 9.16
C ASP A 109 -10.90 -2.35 8.92
N GLU A 110 -11.48 -3.24 8.12
CA GLU A 110 -10.83 -4.52 7.81
C GLU A 110 -9.41 -4.29 7.32
N LEU A 111 -9.20 -3.21 6.59
CA LEU A 111 -7.88 -2.89 6.05
C LEU A 111 -6.97 -2.34 7.15
N SER A 112 -7.45 -1.34 7.88
CA SER A 112 -6.67 -0.74 8.95
C SER A 112 -6.04 -1.82 9.83
N LYS A 113 -6.81 -2.85 10.13
CA LYS A 113 -6.34 -3.95 10.97
C LYS A 113 -5.22 -4.72 10.27
N ILE A 114 -5.41 -5.00 8.99
CA ILE A 114 -4.41 -5.71 8.21
C ILE A 114 -3.05 -5.05 8.31
N MET A 115 -2.95 -3.84 7.76
CA MET A 115 -1.69 -3.09 7.80
C MET A 115 -1.19 -2.93 9.23
N ALA A 116 -2.10 -2.62 10.15
CA ALA A 116 -1.75 -2.45 11.55
C ALA A 116 -1.17 -3.72 12.13
N PHE A 117 -1.56 -4.87 11.57
CA PHE A 117 -1.08 -6.15 12.04
C PHE A 117 0.39 -6.35 11.67
N PHE A 118 0.78 -5.84 10.52
CA PHE A 118 2.16 -5.96 10.05
C PHE A 118 2.97 -4.72 10.44
N TYR A 119 2.33 -3.79 11.14
CA TYR A 119 3.00 -2.57 11.57
C TYR A 119 2.94 -2.43 13.09
N TYR A 120 1.76 -2.11 13.61
CA TYR A 120 1.58 -1.94 15.04
C TYR A 120 1.09 -3.24 15.69
N GLY A 121 1.34 -4.36 15.02
CA GLY A 121 0.92 -5.65 15.53
C GLY A 121 -0.50 -5.63 16.04
N ALA A 122 -1.40 -5.05 15.25
CA ALA A 122 -2.81 -4.97 15.63
C ALA A 122 -3.54 -6.26 15.27
N ALA A 123 -4.63 -6.54 15.99
CA ALA A 123 -5.42 -7.74 15.75
C ALA A 123 -5.85 -7.82 14.29
N LYS A 124 -5.45 -8.92 13.63
CA LYS A 124 -5.80 -9.13 12.23
C LYS A 124 -7.24 -9.61 12.09
N PRO A 125 -7.91 -9.16 11.02
CA PRO A 125 -9.30 -9.54 10.74
C PRO A 125 -9.44 -11.00 10.33
N PRO A 126 -10.68 -11.49 10.28
CA PRO A 126 -10.98 -12.88 9.90
C PRO A 126 -10.70 -13.14 8.43
N CYS A 127 -11.22 -12.27 7.57
CA CYS A 127 -11.03 -12.42 6.12
C CYS A 127 -9.55 -12.55 5.78
N LEU A 128 -8.71 -11.85 6.52
CA LEU A 128 -7.27 -11.89 6.29
C LEU A 128 -6.68 -13.20 6.79
N ASN A 129 -7.20 -13.70 7.90
CA ASN A 129 -6.73 -14.95 8.47
C ASN A 129 -6.73 -16.07 7.43
N GLY A 130 -7.67 -16.00 6.50
CA GLY A 130 -7.76 -17.01 5.46
C GLY A 130 -6.57 -16.98 4.53
N VAL A 131 -6.40 -15.86 3.82
CA VAL A 131 -5.29 -15.71 2.88
C VAL A 131 -3.96 -16.06 3.55
N VAL A 132 -2.92 -16.19 2.74
CA VAL A 132 -1.59 -16.52 3.25
C VAL A 132 -0.58 -15.44 2.85
N ASN A 133 -0.08 -14.71 3.86
CA ASN A 133 0.90 -13.66 3.62
C ASN A 133 2.31 -14.22 3.56
N SER A 134 3.16 -13.60 2.76
CA SER A 134 4.54 -14.05 2.61
C SER A 134 5.50 -12.86 2.60
N GLN A 135 6.72 -13.08 3.10
CA GLN A 135 7.73 -12.03 3.14
C GLN A 135 8.65 -12.11 1.92
N GLU A 136 8.91 -10.96 1.32
CA GLU A 136 9.78 -10.90 0.14
C GLU A 136 10.30 -9.48 -0.08
N GLN A 137 11.62 -9.36 -0.22
CA GLN A 137 12.23 -8.05 -0.44
C GLN A 137 11.57 -7.32 -1.60
N ILE A 138 11.66 -5.99 -1.58
CA ILE A 138 11.08 -5.18 -2.64
C ILE A 138 12.04 -5.00 -3.81
N PRO A 139 11.54 -5.27 -5.03
CA PRO A 139 12.34 -5.16 -6.25
C PRO A 139 12.67 -3.70 -6.59
N LEU A 140 13.96 -3.41 -6.71
CA LEU A 140 14.41 -2.06 -7.04
C LEU A 140 14.33 -1.80 -8.54
N VAL A 141 13.46 -0.87 -8.94
CA VAL A 141 13.30 -0.54 -10.35
C VAL A 141 14.45 0.31 -10.85
N ASP A 142 14.95 -0.01 -12.03
CA ASP A 142 16.06 0.71 -12.63
C ASP A 142 15.58 2.03 -13.25
N VAL A 143 15.88 3.14 -12.57
CA VAL A 143 15.48 4.45 -13.05
C VAL A 143 16.67 5.22 -13.63
N SER A 144 16.52 5.68 -14.87
CA SER A 144 17.59 6.42 -15.54
C SER A 144 17.13 7.83 -15.89
N VAL A 145 18.07 8.77 -15.89
CA VAL A 145 17.76 10.15 -16.22
C VAL A 145 17.19 10.28 -17.62
N ASN A 146 15.87 10.39 -17.72
CA ASN A 146 15.21 10.51 -19.02
C ASN A 146 15.15 11.98 -19.46
N HIS A 2 -0.09 15.34 22.69
CA HIS A 2 -0.26 13.92 22.47
C HIS A 2 0.85 13.36 21.60
N MET A 3 0.91 12.03 21.48
CA MET A 3 1.93 11.39 20.67
C MET A 3 1.49 11.30 19.21
N ASP A 4 0.20 11.04 19.00
CA ASP A 4 -0.34 10.93 17.65
C ASP A 4 -0.35 12.29 16.95
N ASN A 5 -0.83 12.31 15.72
CA ASN A 5 -0.89 13.55 14.94
C ASN A 5 -1.51 13.30 13.56
N TYR A 6 -1.44 14.31 12.70
CA TYR A 6 -1.99 14.20 11.36
C TYR A 6 -0.99 13.53 10.41
N ILE A 7 -1.50 12.96 9.34
CA ILE A 7 -0.66 12.30 8.35
C ILE A 7 -1.10 12.63 6.93
N ARG A 8 -0.14 12.96 6.07
CA ARG A 8 -0.43 13.29 4.68
C ARG A 8 -1.30 12.22 4.03
N PRO A 9 -2.33 12.66 3.30
CA PRO A 9 -3.26 11.75 2.62
C PRO A 9 -2.60 11.05 1.44
N ILE A 10 -3.35 10.15 0.80
CA ILE A 10 -2.85 9.40 -0.34
C ILE A 10 -2.22 10.34 -1.38
N LYS A 11 -0.93 10.14 -1.64
CA LYS A 11 -0.21 10.96 -2.61
C LYS A 11 0.24 10.13 -3.80
N ASP A 12 0.29 10.76 -4.97
CA ASP A 12 0.70 10.08 -6.19
C ASP A 12 2.19 9.73 -6.14
N LEU A 13 2.51 8.47 -6.42
CA LEU A 13 3.89 8.01 -6.40
C LEU A 13 4.32 7.50 -7.77
N THR A 14 5.58 7.69 -8.10
CA THR A 14 6.11 7.24 -9.39
C THR A 14 7.44 6.51 -9.21
N THR A 15 7.85 5.78 -10.25
CA THR A 15 9.11 5.05 -10.21
C THR A 15 10.27 5.95 -9.78
N ALA A 16 10.25 7.18 -10.27
CA ALA A 16 11.31 8.15 -9.94
C ALA A 16 11.43 8.32 -8.43
N GLU A 17 10.29 8.24 -7.74
CA GLU A 17 10.28 8.41 -6.29
C GLU A 17 9.87 7.09 -5.61
N TRP A 18 10.04 5.99 -6.32
CA TRP A 18 9.70 4.68 -5.79
C TRP A 18 10.82 4.13 -4.92
N GLU A 19 12.02 4.09 -5.48
CA GLU A 19 13.19 3.58 -4.75
C GLU A 19 13.29 4.21 -3.37
N GLU A 20 13.24 5.53 -3.32
CA GLU A 20 13.32 6.27 -2.06
C GLU A 20 12.07 6.02 -1.21
N ALA A 21 10.93 5.88 -1.88
CA ALA A 21 9.67 5.64 -1.19
C ALA A 21 9.78 4.47 -0.22
N VAL A 22 10.72 3.58 -0.49
CA VAL A 22 10.94 2.41 0.36
C VAL A 22 12.34 2.41 0.96
N PHE A 23 13.35 2.30 0.09
CA PHE A 23 14.73 2.29 0.53
C PHE A 23 15.02 3.47 1.45
N LYS A 24 14.79 4.68 0.95
CA LYS A 24 15.03 5.89 1.72
C LYS A 24 14.01 6.02 2.85
N ASP A 25 12.81 5.50 2.61
CA ASP A 25 11.74 5.56 3.61
C ASP A 25 11.49 4.18 4.21
N ILE A 26 12.22 3.87 5.27
CA ILE A 26 12.08 2.58 5.95
C ILE A 26 10.71 2.45 6.61
N SER A 27 10.14 3.60 7.00
CA SER A 27 8.84 3.61 7.66
C SER A 27 7.84 2.77 6.87
N PRO A 28 6.72 2.41 7.53
CA PRO A 28 5.66 1.60 6.92
C PRO A 28 4.89 2.37 5.85
N LEU A 29 4.69 1.74 4.70
CA LEU A 29 3.97 2.37 3.60
C LEU A 29 3.22 1.32 2.78
N MET A 30 2.04 1.70 2.28
CA MET A 30 1.23 0.80 1.47
C MET A 30 1.22 1.23 0.01
N VAL A 31 1.62 0.32 -0.88
CA VAL A 31 1.65 0.61 -2.30
C VAL A 31 0.38 0.13 -2.99
N LEU A 32 -0.40 1.08 -3.48
CA LEU A 32 -1.65 0.76 -4.17
C LEU A 32 -1.47 0.79 -5.68
N VAL A 33 -1.30 -0.39 -6.28
CA VAL A 33 -1.11 -0.50 -7.71
C VAL A 33 -2.46 -0.53 -8.44
N HIS A 34 -2.81 0.60 -9.05
CA HIS A 34 -4.07 0.72 -9.79
C HIS A 34 -3.82 0.65 -11.29
N ASN A 35 -4.90 0.47 -12.05
CA ASN A 35 -4.80 0.38 -13.50
C ASN A 35 -6.01 1.05 -14.16
N ARG A 36 -5.73 1.98 -15.09
CA ARG A 36 -6.78 2.70 -15.80
C ARG A 36 -7.46 1.80 -16.82
N TYR A 37 -6.71 0.82 -17.34
CA TYR A 37 -7.24 -0.11 -18.33
C TYR A 37 -7.71 -1.40 -17.67
N LYS A 38 -8.13 -1.30 -16.42
CA LYS A 38 -8.60 -2.46 -15.67
C LYS A 38 -9.35 -2.03 -14.41
N ARG A 39 -10.62 -2.40 -14.33
CA ARG A 39 -11.46 -2.06 -13.17
C ARG A 39 -11.35 -0.56 -12.86
N PRO A 40 -12.00 0.25 -13.71
CA PRO A 40 -11.99 1.72 -13.54
C PRO A 40 -12.81 2.16 -12.32
N LYS A 41 -13.87 1.42 -12.02
CA LYS A 41 -14.72 1.74 -10.87
C LYS A 41 -14.10 1.22 -9.58
N GLU A 42 -13.46 0.05 -9.65
CA GLU A 42 -12.84 -0.56 -8.48
C GLU A 42 -11.67 0.29 -7.99
N ASN A 43 -10.96 0.92 -8.93
CA ASN A 43 -9.82 1.76 -8.60
C ASN A 43 -10.19 2.77 -7.52
N GLU A 44 -11.33 3.43 -7.70
CA GLU A 44 -11.79 4.43 -6.74
C GLU A 44 -12.21 3.77 -5.43
N LYS A 45 -12.79 2.58 -5.52
CA LYS A 45 -13.24 1.84 -4.34
C LYS A 45 -12.08 1.67 -3.35
N PHE A 46 -11.00 1.05 -3.82
CA PHE A 46 -9.83 0.83 -2.97
C PHE A 46 -9.39 2.12 -2.29
N ARG A 47 -9.04 3.12 -3.10
CA ARG A 47 -8.61 4.40 -2.58
C ARG A 47 -9.59 4.95 -1.57
N GLU A 48 -10.88 4.89 -1.91
CA GLU A 48 -11.93 5.39 -1.02
C GLU A 48 -11.79 4.77 0.38
N GLU A 49 -11.76 3.45 0.44
CA GLU A 49 -11.63 2.75 1.71
C GLU A 49 -10.27 3.03 2.35
N LEU A 50 -9.24 3.14 1.51
CA LEU A 50 -7.89 3.40 1.99
C LEU A 50 -7.83 4.74 2.73
N GLU A 51 -8.39 5.78 2.12
CA GLU A 51 -8.40 7.10 2.72
C GLU A 51 -8.95 7.06 4.14
N LYS A 52 -10.12 6.46 4.30
CA LYS A 52 -10.75 6.35 5.60
C LYS A 52 -9.91 5.49 6.55
N ALA A 53 -9.34 4.42 6.01
CA ALA A 53 -8.50 3.53 6.81
C ALA A 53 -7.43 4.30 7.56
N ILE A 54 -6.79 5.25 6.87
CA ILE A 54 -5.74 6.06 7.46
C ILE A 54 -6.30 6.94 8.58
N GLN A 55 -7.51 7.45 8.37
CA GLN A 55 -8.16 8.32 9.35
C GLN A 55 -8.52 7.52 10.61
N VAL A 56 -9.05 6.32 10.41
CA VAL A 56 -9.43 5.47 11.53
C VAL A 56 -8.29 5.31 12.52
N ILE A 57 -7.09 5.11 11.99
CA ILE A 57 -5.91 4.94 12.84
C ILE A 57 -5.64 6.19 13.67
N TRP A 58 -5.79 7.35 13.03
CA TRP A 58 -5.56 8.62 13.72
C TRP A 58 -6.30 8.67 15.05
N ASN A 59 -7.53 8.18 15.05
CA ASN A 59 -8.35 8.17 16.26
C ASN A 59 -7.80 7.17 17.27
N CYS A 60 -7.21 6.09 16.77
CA CYS A 60 -6.64 5.06 17.64
C CYS A 60 -5.60 5.65 18.59
N GLY A 61 -4.90 6.67 18.11
CA GLY A 61 -3.88 7.31 18.94
C GLY A 61 -2.47 6.93 18.51
N LEU A 62 -2.29 6.70 17.22
CA LEU A 62 -0.98 6.33 16.69
C LEU A 62 -0.76 6.93 15.31
N PRO A 63 0.51 7.20 14.98
CA PRO A 63 0.89 7.77 13.68
C PRO A 63 0.68 6.79 12.53
N SER A 64 -0.47 6.89 11.87
CA SER A 64 -0.78 6.01 10.74
C SER A 64 0.36 5.99 9.74
N PRO A 65 0.42 4.92 8.94
CA PRO A 65 1.46 4.74 7.91
C PRO A 65 1.30 5.72 6.75
N ARG A 66 2.04 5.50 5.68
CA ARG A 66 1.99 6.36 4.51
C ARG A 66 1.14 5.74 3.41
N CYS A 67 0.52 6.58 2.60
CA CYS A 67 -0.34 6.12 1.51
C CYS A 67 0.17 6.63 0.17
N VAL A 68 0.37 5.71 -0.77
CA VAL A 68 0.85 6.07 -2.09
C VAL A 68 0.25 5.16 -3.16
N ALA A 69 -0.10 5.76 -4.30
CA ALA A 69 -0.70 5.02 -5.40
C ALA A 69 0.23 4.99 -6.61
N VAL A 70 0.18 3.91 -7.37
CA VAL A 70 1.01 3.76 -8.57
C VAL A 70 0.17 3.36 -9.77
N ASP A 71 0.54 3.89 -10.94
CA ASP A 71 -0.18 3.59 -12.17
C ASP A 71 0.46 2.40 -12.89
N ALA A 72 -0.35 1.39 -13.18
CA ALA A 72 0.13 0.20 -13.87
C ALA A 72 0.29 0.46 -15.37
N VAL A 73 -0.60 1.27 -15.92
CA VAL A 73 -0.57 1.59 -17.34
C VAL A 73 0.58 2.55 -17.66
N VAL A 74 0.87 3.44 -16.72
CA VAL A 74 1.94 4.41 -16.89
C VAL A 74 3.27 3.86 -16.39
N GLU A 75 3.29 3.37 -15.17
CA GLU A 75 4.50 2.81 -14.57
C GLU A 75 4.51 1.28 -14.70
N THR A 76 4.40 0.81 -15.94
CA THR A 76 4.41 -0.62 -16.20
C THR A 76 5.65 -1.29 -15.62
N ASP A 77 6.77 -0.59 -15.68
CA ASP A 77 8.04 -1.11 -15.17
C ASP A 77 7.88 -1.55 -13.72
N LEU A 78 7.38 -0.65 -12.88
CA LEU A 78 7.19 -0.95 -11.46
C LEU A 78 6.39 -2.22 -11.28
N VAL A 79 5.16 -2.23 -11.80
CA VAL A 79 4.29 -3.40 -11.70
C VAL A 79 5.00 -4.66 -12.17
N SER A 80 5.85 -4.50 -13.18
CA SER A 80 6.59 -5.63 -13.74
C SER A 80 7.46 -6.29 -12.67
N ALA A 81 8.17 -5.46 -11.91
CA ALA A 81 9.04 -5.96 -10.85
C ALA A 81 8.23 -6.55 -9.69
N LEU A 82 7.09 -5.93 -9.41
CA LEU A 82 6.22 -6.39 -8.34
C LEU A 82 5.55 -7.71 -8.70
N LYS A 83 5.45 -7.97 -10.00
CA LYS A 83 4.84 -9.21 -10.48
C LYS A 83 3.39 -9.31 -10.02
N VAL A 84 2.57 -8.35 -10.43
CA VAL A 84 1.16 -8.34 -10.06
C VAL A 84 0.30 -8.99 -11.13
N SER A 85 -0.91 -9.38 -10.76
CA SER A 85 -1.82 -10.03 -11.69
C SER A 85 -3.20 -9.36 -11.66
N VAL A 86 -3.64 -9.00 -10.47
CA VAL A 86 -4.94 -8.34 -10.30
C VAL A 86 -4.77 -6.88 -9.88
N PHE A 87 -5.79 -6.08 -10.13
CA PHE A 87 -5.76 -4.66 -9.78
C PHE A 87 -7.16 -4.15 -9.46
N PRO A 88 -7.24 -3.19 -8.53
CA PRO A 88 -6.06 -2.66 -7.85
C PRO A 88 -5.43 -3.67 -6.89
N GLU A 89 -4.37 -3.26 -6.22
CA GLU A 89 -3.67 -4.13 -5.27
C GLU A 89 -2.88 -3.32 -4.25
N ILE A 90 -3.05 -3.66 -2.98
CA ILE A 90 -2.36 -2.96 -1.91
C ILE A 90 -1.19 -3.79 -1.38
N ILE A 91 -0.01 -3.56 -1.94
CA ILE A 91 1.19 -4.29 -1.52
C ILE A 91 1.76 -3.70 -0.24
N PHE A 92 1.29 -4.20 0.90
CA PHE A 92 1.77 -3.73 2.19
C PHE A 92 3.25 -4.01 2.37
N THR A 93 4.06 -2.97 2.30
CA THR A 93 5.51 -3.10 2.44
C THR A 93 5.99 -2.51 3.77
N LYS A 94 7.16 -2.93 4.21
CA LYS A 94 7.74 -2.44 5.45
C LYS A 94 9.26 -2.51 5.42
N ALA A 95 9.90 -1.35 5.54
CA ALA A 95 11.36 -1.28 5.53
C ALA A 95 11.92 -1.73 4.19
N GLY A 96 11.26 -1.33 3.10
CA GLY A 96 11.71 -1.71 1.78
C GLY A 96 11.59 -3.19 1.52
N LYS A 97 10.59 -3.81 2.14
CA LYS A 97 10.36 -5.25 1.98
C LYS A 97 8.87 -5.56 1.95
N ILE A 98 8.48 -6.43 1.02
CA ILE A 98 7.08 -6.82 0.88
C ILE A 98 6.67 -7.81 1.97
N LEU A 99 5.47 -7.64 2.50
CA LEU A 99 4.97 -8.53 3.54
C LEU A 99 3.74 -9.30 3.06
N TYR A 100 2.72 -8.56 2.61
CA TYR A 100 1.49 -9.18 2.13
C TYR A 100 0.80 -8.27 1.11
N ARG A 101 0.12 -8.89 0.14
CA ARG A 101 -0.59 -8.15 -0.88
C ARG A 101 -2.08 -8.43 -0.83
N GLU A 102 -2.88 -7.36 -0.77
CA GLU A 102 -4.34 -7.50 -0.72
C GLU A 102 -4.92 -7.66 -2.11
N LYS A 103 -5.83 -8.61 -2.26
CA LYS A 103 -6.48 -8.87 -3.54
C LYS A 103 -7.99 -8.90 -3.40
N GLY A 104 -8.62 -7.75 -3.58
CA GLY A 104 -10.07 -7.67 -3.47
C GLY A 104 -10.52 -6.46 -2.67
N ILE A 105 -11.75 -6.03 -2.90
CA ILE A 105 -12.31 -4.87 -2.19
C ILE A 105 -12.37 -5.13 -0.69
N ARG A 106 -12.00 -4.12 0.09
CA ARG A 106 -12.01 -4.24 1.55
C ARG A 106 -12.47 -2.93 2.19
N THR A 107 -13.05 -3.03 3.39
CA THR A 107 -13.52 -1.86 4.11
C THR A 107 -12.37 -1.09 4.75
N ALA A 108 -12.58 0.19 4.98
CA ALA A 108 -11.56 1.04 5.59
C ALA A 108 -11.00 0.41 6.87
N ASP A 109 -11.91 0.03 7.77
CA ASP A 109 -11.51 -0.59 9.02
C ASP A 109 -10.75 -1.89 8.77
N GLU A 110 -11.32 -2.77 7.97
CA GLU A 110 -10.70 -4.05 7.66
C GLU A 110 -9.26 -3.85 7.20
N LEU A 111 -9.02 -2.75 6.50
CA LEU A 111 -7.67 -2.44 6.00
C LEU A 111 -6.78 -1.95 7.14
N SER A 112 -7.30 -1.05 7.95
CA SER A 112 -6.55 -0.50 9.08
C SER A 112 -5.96 -1.61 9.94
N LYS A 113 -6.76 -2.65 10.17
CA LYS A 113 -6.32 -3.79 10.97
C LYS A 113 -5.17 -4.53 10.29
N ILE A 114 -5.31 -4.76 9.00
CA ILE A 114 -4.29 -5.46 8.23
C ILE A 114 -2.93 -4.78 8.38
N MET A 115 -2.82 -3.56 7.84
CA MET A 115 -1.58 -2.81 7.92
C MET A 115 -1.10 -2.70 9.36
N ALA A 116 -2.02 -2.38 10.28
CA ALA A 116 -1.68 -2.25 11.69
C ALA A 116 -1.12 -3.56 12.24
N PHE A 117 -1.53 -4.67 11.66
CA PHE A 117 -1.07 -5.99 12.10
C PHE A 117 0.40 -6.19 11.73
N PHE A 118 0.80 -5.65 10.59
CA PHE A 118 2.18 -5.77 10.13
C PHE A 118 2.99 -4.54 10.52
N TYR A 119 2.35 -3.62 11.24
CA TYR A 119 3.02 -2.40 11.68
C TYR A 119 2.98 -2.27 13.20
N TYR A 120 1.80 -1.95 13.72
CA TYR A 120 1.62 -1.79 15.16
C TYR A 120 1.17 -3.10 15.80
N GLY A 121 1.45 -4.21 15.12
CA GLY A 121 1.06 -5.51 15.64
C GLY A 121 -0.38 -5.54 16.12
N ALA A 122 -1.23 -4.74 15.49
CA ALA A 122 -2.63 -4.68 15.85
C ALA A 122 -3.36 -5.97 15.48
N ALA A 123 -4.66 -6.00 15.71
CA ALA A 123 -5.46 -7.17 15.39
C ALA A 123 -5.55 -7.40 13.89
N LYS A 124 -5.98 -8.59 13.49
CA LYS A 124 -6.11 -8.92 12.08
C LYS A 124 -7.54 -9.37 11.75
N PRO A 125 -8.03 -8.95 10.58
CA PRO A 125 -9.38 -9.29 10.12
C PRO A 125 -9.52 -10.77 9.77
N PRO A 126 -10.77 -11.21 9.57
CA PRO A 126 -11.06 -12.61 9.23
C PRO A 126 -10.60 -12.98 7.82
N CYS A 127 -10.85 -12.09 6.87
CA CYS A 127 -10.47 -12.32 5.48
C CYS A 127 -8.99 -12.69 5.39
N LEU A 128 -8.18 -12.08 6.25
CA LEU A 128 -6.75 -12.34 6.27
C LEU A 128 -6.45 -13.71 6.88
N ASN A 129 -7.21 -14.07 7.91
CA ASN A 129 -7.03 -15.35 8.58
C ASN A 129 -7.00 -16.49 7.57
N GLY A 130 -7.76 -16.35 6.49
CA GLY A 130 -7.81 -17.38 5.47
C GLY A 130 -7.18 -16.93 4.17
N VAL A 131 -6.07 -16.21 4.28
CA VAL A 131 -5.36 -15.72 3.10
C VAL A 131 -3.93 -16.23 3.07
N VAL A 132 -3.29 -16.14 1.90
CA VAL A 132 -1.92 -16.60 1.74
C VAL A 132 -0.96 -15.41 1.66
N ASN A 133 -0.15 -15.26 2.70
CA ASN A 133 0.82 -14.17 2.75
C ASN A 133 2.24 -14.70 2.62
N SER A 134 3.16 -13.83 2.21
CA SER A 134 4.56 -14.21 2.04
C SER A 134 5.46 -12.98 2.03
N GLN A 135 6.61 -13.09 2.69
CA GLN A 135 7.56 -11.99 2.76
C GLN A 135 8.59 -12.10 1.63
N GLU A 136 8.93 -10.96 1.04
CA GLU A 136 9.90 -10.91 -0.05
C GLU A 136 10.42 -9.50 -0.26
N GLN A 137 11.73 -9.37 -0.40
CA GLN A 137 12.36 -8.07 -0.62
C GLN A 137 11.69 -7.33 -1.77
N ILE A 138 11.71 -6.00 -1.70
CA ILE A 138 11.11 -5.17 -2.74
C ILE A 138 12.08 -4.98 -3.91
N PRO A 139 11.59 -5.24 -5.13
CA PRO A 139 12.38 -5.09 -6.35
C PRO A 139 12.69 -3.63 -6.68
N LEU A 140 13.97 -3.29 -6.72
CA LEU A 140 14.39 -1.93 -7.02
C LEU A 140 14.34 -1.67 -8.52
N VAL A 141 13.46 -0.75 -8.92
CA VAL A 141 13.31 -0.40 -10.32
C VAL A 141 14.46 0.48 -10.80
N ASP A 142 15.22 -0.03 -11.78
CA ASP A 142 16.35 0.71 -12.31
C ASP A 142 15.88 1.92 -13.11
N VAL A 143 16.05 3.10 -12.52
CA VAL A 143 15.64 4.34 -13.16
C VAL A 143 16.85 5.23 -13.44
N SER A 144 16.99 5.64 -14.70
CA SER A 144 18.11 6.48 -15.10
C SER A 144 17.60 7.83 -15.63
N VAL A 145 18.28 8.90 -15.24
CA VAL A 145 17.89 10.24 -15.68
C VAL A 145 19.00 10.87 -16.53
N ASN A 146 18.64 11.24 -17.75
CA ASN A 146 19.59 11.87 -18.67
C ASN A 146 19.29 13.35 -18.85
N HIS A 2 9.34 11.53 18.80
CA HIS A 2 9.07 10.99 17.48
C HIS A 2 7.59 10.60 17.35
N MET A 3 6.70 11.56 17.58
CA MET A 3 5.28 11.32 17.49
C MET A 3 4.66 12.13 16.35
N ASP A 4 3.39 11.86 16.07
CA ASP A 4 2.68 12.57 15.00
C ASP A 4 1.17 12.36 15.12
N ASN A 5 0.41 13.31 14.59
CA ASN A 5 -1.05 13.23 14.65
C ASN A 5 -1.64 13.03 13.25
N TYR A 6 -1.57 14.07 12.43
CA TYR A 6 -2.10 14.02 11.07
C TYR A 6 -1.07 13.41 10.12
N ILE A 7 -1.55 12.85 9.02
CA ILE A 7 -0.67 12.24 8.02
C ILE A 7 -1.14 12.58 6.61
N ARG A 8 -0.18 12.94 5.76
CA ARG A 8 -0.48 13.28 4.37
C ARG A 8 -1.33 12.20 3.71
N PRO A 9 -2.37 12.62 2.99
CA PRO A 9 -3.28 11.71 2.29
C PRO A 9 -2.61 11.01 1.11
N ILE A 10 -3.34 10.10 0.47
CA ILE A 10 -2.82 9.37 -0.67
C ILE A 10 -2.21 10.32 -1.70
N LYS A 11 -0.94 10.11 -2.01
CA LYS A 11 -0.23 10.94 -2.99
C LYS A 11 0.19 10.11 -4.19
N ASP A 12 0.35 10.77 -5.33
CA ASP A 12 0.76 10.10 -6.56
C ASP A 12 2.26 9.83 -6.55
N LEU A 13 2.62 8.56 -6.40
CA LEU A 13 4.02 8.16 -6.38
C LEU A 13 4.50 7.74 -7.77
N THR A 14 5.77 8.00 -8.06
CA THR A 14 6.34 7.65 -9.35
C THR A 14 7.62 6.83 -9.19
N THR A 15 7.98 6.09 -10.23
CA THR A 15 9.17 5.26 -10.19
C THR A 15 10.39 6.06 -9.74
N ALA A 16 10.44 7.33 -10.14
CA ALA A 16 11.54 8.20 -9.77
C ALA A 16 11.66 8.34 -8.26
N GLU A 17 10.52 8.33 -7.58
CA GLU A 17 10.48 8.44 -6.12
C GLU A 17 10.09 7.13 -5.47
N TRP A 18 10.21 6.04 -6.23
CA TRP A 18 9.86 4.71 -5.73
C TRP A 18 10.94 4.18 -4.81
N GLU A 19 12.18 4.13 -5.31
CA GLU A 19 13.30 3.63 -4.53
C GLU A 19 13.36 4.32 -3.17
N GLU A 20 13.32 5.65 -3.18
CA GLU A 20 13.36 6.42 -1.94
C GLU A 20 12.11 6.19 -1.10
N ALA A 21 10.98 5.96 -1.78
CA ALA A 21 9.72 5.72 -1.10
C ALA A 21 9.81 4.51 -0.18
N VAL A 22 10.79 3.65 -0.44
CA VAL A 22 10.98 2.45 0.36
C VAL A 22 12.38 2.42 0.97
N PHE A 23 13.38 2.19 0.12
CA PHE A 23 14.77 2.14 0.58
C PHE A 23 15.06 3.26 1.57
N LYS A 24 14.68 4.48 1.20
CA LYS A 24 14.90 5.64 2.06
C LYS A 24 13.79 5.77 3.10
N ASP A 25 12.58 5.39 2.72
CA ASP A 25 11.43 5.45 3.61
C ASP A 25 11.16 4.10 4.25
N ILE A 26 11.94 3.76 5.27
CA ILE A 26 11.78 2.50 5.97
C ILE A 26 10.40 2.38 6.60
N SER A 27 9.81 3.52 6.94
CA SER A 27 8.49 3.55 7.55
C SER A 27 7.51 2.69 6.76
N PRO A 28 6.38 2.33 7.41
CA PRO A 28 5.35 1.50 6.78
C PRO A 28 4.60 2.23 5.68
N LEU A 29 4.64 1.68 4.47
CA LEU A 29 3.95 2.29 3.33
C LEU A 29 3.21 1.24 2.53
N MET A 30 2.05 1.62 2.00
CA MET A 30 1.23 0.72 1.20
C MET A 30 1.25 1.12 -0.27
N VAL A 31 1.53 0.16 -1.14
CA VAL A 31 1.58 0.41 -2.58
C VAL A 31 0.26 0.04 -3.25
N LEU A 32 -0.47 1.05 -3.71
CA LEU A 32 -1.75 0.82 -4.38
C LEU A 32 -1.57 0.76 -5.89
N VAL A 33 -1.37 -0.44 -6.41
CA VAL A 33 -1.19 -0.63 -7.85
C VAL A 33 -2.54 -0.68 -8.57
N HIS A 34 -2.88 0.42 -9.24
CA HIS A 34 -4.14 0.49 -9.97
C HIS A 34 -3.90 0.52 -11.47
N ASN A 35 -4.97 0.35 -12.25
CA ASN A 35 -4.86 0.38 -13.71
C ASN A 35 -6.09 1.05 -14.32
N ARG A 36 -5.83 2.05 -15.16
CA ARG A 36 -6.90 2.79 -15.82
C ARG A 36 -7.59 1.92 -16.87
N TYR A 37 -6.84 0.97 -17.43
CA TYR A 37 -7.38 0.07 -18.45
C TYR A 37 -7.84 -1.24 -17.82
N LYS A 38 -8.27 -1.18 -16.57
CA LYS A 38 -8.74 -2.36 -15.86
C LYS A 38 -9.49 -1.97 -14.59
N ARG A 39 -10.76 -2.37 -14.52
CA ARG A 39 -11.59 -2.06 -13.36
C ARG A 39 -11.50 -0.58 -13.01
N PRO A 40 -12.13 0.27 -13.83
CA PRO A 40 -12.14 1.72 -13.62
C PRO A 40 -12.96 2.13 -12.40
N LYS A 41 -14.03 1.38 -12.13
CA LYS A 41 -14.90 1.66 -10.99
C LYS A 41 -14.28 1.14 -9.70
N GLU A 42 -13.58 0.02 -9.79
CA GLU A 42 -12.94 -0.58 -8.62
C GLU A 42 -11.79 0.28 -8.12
N ASN A 43 -11.13 0.95 -9.06
CA ASN A 43 -10.00 1.82 -8.71
C ASN A 43 -10.42 2.88 -7.69
N GLU A 44 -11.50 3.59 -7.99
CA GLU A 44 -12.00 4.62 -7.09
C GLU A 44 -12.54 4.01 -5.80
N LYS A 45 -13.06 2.79 -5.90
CA LYS A 45 -13.61 2.10 -4.75
C LYS A 45 -12.50 1.75 -3.75
N PHE A 46 -11.33 1.40 -4.27
CA PHE A 46 -10.20 1.05 -3.43
C PHE A 46 -9.69 2.26 -2.65
N ARG A 47 -9.29 3.30 -3.37
CA ARG A 47 -8.79 4.52 -2.74
C ARG A 47 -9.77 5.03 -1.69
N GLU A 48 -11.06 4.87 -1.97
CA GLU A 48 -12.10 5.33 -1.04
C GLU A 48 -11.94 4.66 0.32
N GLU A 49 -11.82 3.33 0.32
CA GLU A 49 -11.66 2.59 1.55
C GLU A 49 -10.26 2.77 2.12
N LEU A 50 -9.27 2.86 1.24
CA LEU A 50 -7.88 3.04 1.65
C LEU A 50 -7.70 4.35 2.41
N GLU A 51 -8.26 5.43 1.86
CA GLU A 51 -8.16 6.74 2.49
C GLU A 51 -8.76 6.72 3.90
N LYS A 52 -9.96 6.17 4.01
CA LYS A 52 -10.64 6.09 5.30
C LYS A 52 -9.83 5.28 6.30
N ALA A 53 -9.25 4.18 5.83
CA ALA A 53 -8.45 3.32 6.69
C ALA A 53 -7.37 4.12 7.41
N ILE A 54 -6.75 5.06 6.69
CA ILE A 54 -5.70 5.90 7.26
C ILE A 54 -6.26 6.80 8.36
N GLN A 55 -7.47 7.32 8.13
CA GLN A 55 -8.11 8.19 9.11
C GLN A 55 -8.46 7.43 10.38
N VAL A 56 -9.00 6.23 10.22
CA VAL A 56 -9.37 5.40 11.36
C VAL A 56 -8.22 5.27 12.35
N ILE A 57 -7.01 5.04 11.82
CA ILE A 57 -5.83 4.89 12.65
C ILE A 57 -5.56 6.17 13.46
N TRP A 58 -5.72 7.32 12.81
CA TRP A 58 -5.50 8.60 13.47
C TRP A 58 -6.25 8.68 14.79
N ASN A 59 -7.49 8.16 14.80
CA ASN A 59 -8.31 8.17 16.00
C ASN A 59 -7.74 7.22 17.05
N CYS A 60 -7.15 6.12 16.58
CA CYS A 60 -6.57 5.13 17.49
C CYS A 60 -5.53 5.76 18.40
N GLY A 61 -4.83 6.77 17.88
CA GLY A 61 -3.80 7.44 18.66
C GLY A 61 -2.40 7.05 18.25
N LEU A 62 -2.22 6.77 16.97
CA LEU A 62 -0.91 6.37 16.45
C LEU A 62 -0.69 6.93 15.05
N PRO A 63 0.58 7.18 14.69
CA PRO A 63 0.96 7.71 13.39
C PRO A 63 0.74 6.70 12.26
N SER A 64 -0.41 6.80 11.60
CA SER A 64 -0.74 5.89 10.50
C SER A 64 0.40 5.83 9.49
N PRO A 65 0.41 4.75 8.69
CA PRO A 65 1.44 4.54 7.66
C PRO A 65 1.31 5.53 6.51
N ARG A 66 2.06 5.29 5.44
CA ARG A 66 2.03 6.15 4.27
C ARG A 66 1.12 5.58 3.19
N CYS A 67 0.58 6.46 2.36
CA CYS A 67 -0.33 6.04 1.29
C CYS A 67 0.15 6.56 -0.06
N VAL A 68 0.44 5.64 -0.97
CA VAL A 68 0.91 6.01 -2.31
C VAL A 68 0.26 5.14 -3.38
N ALA A 69 -0.09 5.76 -4.50
CA ALA A 69 -0.72 5.04 -5.60
C ALA A 69 0.13 5.13 -6.87
N VAL A 70 0.41 3.97 -7.45
CA VAL A 70 1.21 3.90 -8.67
C VAL A 70 0.39 3.39 -9.85
N ASP A 71 0.39 4.16 -10.94
CA ASP A 71 -0.35 3.79 -12.14
C ASP A 71 0.32 2.62 -12.86
N ALA A 72 -0.46 1.60 -13.18
CA ALA A 72 0.07 0.43 -13.88
C ALA A 72 0.23 0.71 -15.36
N VAL A 73 -0.70 1.47 -15.92
CA VAL A 73 -0.65 1.81 -17.35
C VAL A 73 0.50 2.74 -17.66
N VAL A 74 0.84 3.60 -16.69
CA VAL A 74 1.93 4.55 -16.85
C VAL A 74 3.24 4.00 -16.31
N GLU A 75 3.24 3.65 -15.02
CA GLU A 75 4.42 3.10 -14.38
C GLU A 75 4.50 1.60 -14.57
N THR A 76 4.55 1.16 -15.82
CA THR A 76 4.62 -0.26 -16.14
C THR A 76 5.87 -0.90 -15.52
N ASP A 77 6.96 -0.14 -15.49
CA ASP A 77 8.21 -0.63 -14.93
C ASP A 77 8.01 -1.16 -13.52
N LEU A 78 7.40 -0.33 -12.66
CA LEU A 78 7.15 -0.71 -11.28
C LEU A 78 6.38 -2.03 -11.20
N VAL A 79 5.18 -2.04 -11.76
CA VAL A 79 4.34 -3.24 -11.76
C VAL A 79 5.12 -4.44 -12.29
N SER A 80 5.99 -4.19 -13.26
CA SER A 80 6.79 -5.26 -13.86
C SER A 80 7.65 -5.95 -12.81
N ALA A 81 8.17 -5.15 -11.86
CA ALA A 81 9.00 -5.69 -10.79
C ALA A 81 8.16 -6.28 -9.67
N LEU A 82 7.02 -5.65 -9.40
CA LEU A 82 6.11 -6.11 -8.35
C LEU A 82 5.43 -7.42 -8.76
N LYS A 83 5.36 -7.67 -10.06
CA LYS A 83 4.74 -8.88 -10.58
C LYS A 83 3.28 -8.98 -10.14
N VAL A 84 2.49 -7.99 -10.55
CA VAL A 84 1.06 -7.96 -10.21
C VAL A 84 0.23 -8.65 -11.28
N SER A 85 -0.99 -9.03 -10.92
CA SER A 85 -1.89 -9.70 -11.86
C SER A 85 -3.26 -9.01 -11.88
N VAL A 86 -3.78 -8.71 -10.69
CA VAL A 86 -5.07 -8.06 -10.57
C VAL A 86 -4.92 -6.62 -10.10
N PHE A 87 -5.90 -5.78 -10.44
CA PHE A 87 -5.87 -4.38 -10.05
C PHE A 87 -7.28 -3.86 -9.80
N PRO A 88 -7.41 -2.92 -8.84
CA PRO A 88 -6.26 -2.42 -8.07
C PRO A 88 -5.71 -3.48 -7.11
N GLU A 89 -4.59 -3.15 -6.46
CA GLU A 89 -3.97 -4.06 -5.52
C GLU A 89 -3.16 -3.30 -4.47
N ILE A 90 -3.38 -3.66 -3.20
CA ILE A 90 -2.67 -3.01 -2.10
C ILE A 90 -1.54 -3.88 -1.58
N ILE A 91 -0.31 -3.54 -1.97
CA ILE A 91 0.86 -4.29 -1.54
C ILE A 91 1.50 -3.66 -0.31
N PHE A 92 1.18 -4.21 0.86
CA PHE A 92 1.71 -3.69 2.12
C PHE A 92 3.20 -3.99 2.22
N THR A 93 4.01 -2.94 2.32
CA THR A 93 5.45 -3.08 2.43
C THR A 93 5.97 -2.50 3.74
N LYS A 94 7.16 -2.93 4.15
CA LYS A 94 7.77 -2.45 5.38
C LYS A 94 9.29 -2.51 5.30
N ALA A 95 9.94 -1.43 5.70
CA ALA A 95 11.40 -1.36 5.68
C ALA A 95 11.95 -1.76 4.32
N GLY A 96 11.21 -1.41 3.27
CA GLY A 96 11.64 -1.73 1.92
C GLY A 96 11.52 -3.22 1.62
N LYS A 97 10.55 -3.87 2.24
CA LYS A 97 10.32 -5.30 2.03
C LYS A 97 8.83 -5.62 1.97
N ILE A 98 8.46 -6.47 1.01
CA ILE A 98 7.07 -6.85 0.84
C ILE A 98 6.66 -7.90 1.88
N LEU A 99 5.59 -7.61 2.61
CA LEU A 99 5.09 -8.53 3.64
C LEU A 99 3.88 -9.30 3.13
N TYR A 100 3.00 -8.61 2.41
CA TYR A 100 1.80 -9.24 1.87
C TYR A 100 0.98 -8.24 1.06
N ARG A 101 0.32 -8.74 0.01
CA ARG A 101 -0.49 -7.88 -0.84
C ARG A 101 -1.97 -8.29 -0.77
N GLU A 102 -2.82 -7.33 -0.43
CA GLU A 102 -4.25 -7.59 -0.32
C GLU A 102 -4.93 -7.49 -1.69
N LYS A 103 -5.74 -8.49 -2.02
CA LYS A 103 -6.46 -8.51 -3.28
C LYS A 103 -7.96 -8.64 -3.07
N GLY A 104 -8.65 -7.50 -3.09
CA GLY A 104 -10.09 -7.50 -2.91
C GLY A 104 -10.58 -6.28 -2.16
N ILE A 105 -11.82 -5.88 -2.43
CA ILE A 105 -12.41 -4.72 -1.79
C ILE A 105 -12.53 -4.93 -0.28
N ARG A 106 -11.76 -4.16 0.49
CA ARG A 106 -11.79 -4.27 1.94
C ARG A 106 -12.25 -2.96 2.57
N THR A 107 -12.80 -3.05 3.78
CA THR A 107 -13.27 -1.87 4.49
C THR A 107 -12.13 -1.14 5.18
N ALA A 108 -12.35 0.13 5.49
CA ALA A 108 -11.33 0.94 6.16
C ALA A 108 -10.79 0.24 7.40
N ASP A 109 -11.69 -0.18 8.28
CA ASP A 109 -11.30 -0.86 9.50
C ASP A 109 -10.54 -2.16 9.19
N GLU A 110 -11.19 -3.05 8.44
CA GLU A 110 -10.58 -4.32 8.07
C GLU A 110 -9.16 -4.11 7.55
N LEU A 111 -8.96 -3.01 6.83
CA LEU A 111 -7.64 -2.68 6.28
C LEU A 111 -6.69 -2.21 7.36
N SER A 112 -7.15 -1.26 8.18
CA SER A 112 -6.34 -0.72 9.26
C SER A 112 -5.72 -1.84 10.09
N LYS A 113 -6.53 -2.84 10.41
CA LYS A 113 -6.07 -3.97 11.20
C LYS A 113 -4.98 -4.74 10.47
N ILE A 114 -5.17 -4.93 9.17
CA ILE A 114 -4.20 -5.64 8.35
C ILE A 114 -2.82 -5.01 8.44
N MET A 115 -2.70 -3.78 7.93
CA MET A 115 -1.43 -3.07 7.96
C MET A 115 -0.92 -2.92 9.40
N ALA A 116 -1.85 -2.75 10.34
CA ALA A 116 -1.49 -2.61 11.75
C ALA A 116 -0.77 -3.84 12.26
N PHE A 117 -1.46 -4.98 12.23
CA PHE A 117 -0.88 -6.24 12.70
C PHE A 117 0.45 -6.51 12.01
N PHE A 118 0.66 -5.89 10.85
CA PHE A 118 1.88 -6.07 10.10
C PHE A 118 3.00 -5.19 10.67
N TYR A 119 2.62 -4.01 11.15
CA TYR A 119 3.59 -3.07 11.72
C TYR A 119 3.32 -2.85 13.20
N TYR A 120 2.26 -2.12 13.52
CA TYR A 120 1.90 -1.84 14.90
C TYR A 120 1.66 -3.13 15.67
N GLY A 121 0.58 -3.82 15.34
CA GLY A 121 0.26 -5.07 16.01
C GLY A 121 -1.18 -5.10 16.50
N ALA A 122 -2.11 -4.75 15.63
CA ALA A 122 -3.53 -4.74 15.97
C ALA A 122 -4.16 -6.11 15.74
N ALA A 123 -5.33 -6.32 16.31
CA ALA A 123 -6.05 -7.58 16.16
C ALA A 123 -6.23 -7.95 14.69
N LYS A 124 -5.67 -9.08 14.29
CA LYS A 124 -5.78 -9.54 12.91
C LYS A 124 -7.22 -9.85 12.54
N PRO A 125 -7.68 -9.29 11.43
CA PRO A 125 -9.05 -9.50 10.94
C PRO A 125 -9.27 -10.91 10.43
N PRO A 126 -10.55 -11.26 10.18
CA PRO A 126 -10.92 -12.59 9.67
C PRO A 126 -10.47 -12.82 8.24
N CYS A 127 -10.53 -11.77 7.43
CA CYS A 127 -10.13 -11.85 6.03
C CYS A 127 -8.70 -12.34 5.91
N LEU A 128 -7.85 -11.94 6.85
CA LEU A 128 -6.45 -12.34 6.84
C LEU A 128 -6.30 -13.78 7.29
N ASN A 129 -7.10 -14.19 8.28
CA ASN A 129 -7.05 -15.54 8.80
C ASN A 129 -7.14 -16.56 7.67
N GLY A 130 -7.90 -16.23 6.63
CA GLY A 130 -8.05 -17.13 5.51
C GLY A 130 -7.34 -16.61 4.26
N VAL A 131 -6.19 -15.97 4.45
CA VAL A 131 -5.43 -15.43 3.33
C VAL A 131 -4.03 -16.03 3.29
N VAL A 132 -3.34 -15.83 2.18
CA VAL A 132 -1.98 -16.34 2.01
C VAL A 132 -0.97 -15.20 1.92
N ASN A 133 -0.15 -15.06 2.97
CA ASN A 133 0.86 -14.02 3.00
C ASN A 133 2.26 -14.61 2.81
N SER A 134 3.20 -13.76 2.39
CA SER A 134 4.57 -14.20 2.16
C SER A 134 5.53 -13.01 2.18
N GLN A 135 6.73 -13.24 2.68
CA GLN A 135 7.74 -12.19 2.75
C GLN A 135 8.66 -12.22 1.53
N GLU A 136 8.94 -11.05 0.96
CA GLU A 136 9.81 -10.96 -0.21
C GLU A 136 10.36 -9.54 -0.35
N GLN A 137 11.67 -9.44 -0.48
CA GLN A 137 12.34 -8.15 -0.62
C GLN A 137 11.73 -7.35 -1.78
N ILE A 138 11.63 -6.05 -1.61
CA ILE A 138 11.08 -5.18 -2.64
C ILE A 138 12.06 -4.99 -3.79
N PRO A 139 11.56 -5.22 -5.03
CA PRO A 139 12.37 -5.07 -6.24
C PRO A 139 12.73 -3.62 -6.53
N LEU A 140 14.03 -3.33 -6.59
CA LEU A 140 14.50 -1.98 -6.87
C LEU A 140 14.46 -1.69 -8.36
N VAL A 141 13.63 -0.71 -8.74
CA VAL A 141 13.50 -0.32 -10.15
C VAL A 141 14.75 0.38 -10.64
N ASP A 142 15.49 -0.27 -11.53
CA ASP A 142 16.72 0.30 -12.07
C ASP A 142 16.40 1.49 -12.97
N VAL A 143 16.67 2.69 -12.47
CA VAL A 143 16.43 3.91 -13.23
C VAL A 143 17.72 4.61 -13.60
N SER A 144 17.96 4.77 -14.90
CA SER A 144 19.17 5.42 -15.37
C SER A 144 18.92 6.90 -15.67
N VAL A 145 19.78 7.76 -15.14
CA VAL A 145 19.66 9.20 -15.35
C VAL A 145 20.98 9.81 -15.77
N ASN A 146 21.07 10.19 -17.04
CA ASN A 146 22.29 10.80 -17.56
C ASN A 146 21.98 12.13 -18.26
N HIS A 2 -1.87 15.20 22.58
CA HIS A 2 -1.33 15.10 21.23
C HIS A 2 -0.49 13.84 21.08
N MET A 3 -1.10 12.78 20.55
CA MET A 3 -0.40 11.52 20.34
C MET A 3 -0.47 11.09 18.89
N ASP A 4 -1.62 11.29 18.27
CA ASP A 4 -1.81 10.93 16.87
C ASP A 4 -1.86 12.17 15.98
N ASN A 5 -0.74 12.47 15.34
CA ASN A 5 -0.65 13.63 14.46
C ASN A 5 -1.31 13.35 13.11
N TYR A 6 -1.21 14.30 12.20
CA TYR A 6 -1.79 14.16 10.87
C TYR A 6 -0.83 13.44 9.93
N ILE A 7 -1.38 12.82 8.89
CA ILE A 7 -0.57 12.11 7.91
C ILE A 7 -1.02 12.41 6.49
N ARG A 8 -0.07 12.71 5.61
CA ARG A 8 -0.38 13.03 4.23
C ARG A 8 -1.29 11.96 3.62
N PRO A 9 -2.32 12.40 2.89
CA PRO A 9 -3.27 11.50 2.24
C PRO A 9 -2.65 10.73 1.08
N ILE A 10 -3.43 9.84 0.49
CA ILE A 10 -2.96 9.03 -0.64
C ILE A 10 -2.35 9.92 -1.71
N LYS A 11 -1.03 9.82 -1.87
CA LYS A 11 -0.33 10.60 -2.88
C LYS A 11 0.09 9.73 -4.06
N ASP A 12 0.25 10.35 -5.22
CA ASP A 12 0.64 9.64 -6.43
C ASP A 12 2.16 9.39 -6.45
N LEU A 13 2.55 8.13 -6.39
CA LEU A 13 3.97 7.77 -6.39
C LEU A 13 4.41 7.32 -7.79
N THR A 14 5.65 7.62 -8.13
CA THR A 14 6.20 7.26 -9.43
C THR A 14 7.48 6.46 -9.28
N THR A 15 7.82 5.68 -10.31
CA THR A 15 9.02 4.86 -10.29
C THR A 15 10.25 5.69 -9.92
N ALA A 16 10.26 6.95 -10.36
CA ALA A 16 11.36 7.85 -10.06
C ALA A 16 11.57 8.00 -8.55
N GLU A 17 10.47 7.99 -7.81
CA GLU A 17 10.52 8.13 -6.36
C GLU A 17 10.14 6.82 -5.68
N TRP A 18 10.20 5.73 -6.43
CA TRP A 18 9.85 4.41 -5.90
C TRP A 18 10.98 3.88 -5.02
N GLU A 19 12.20 3.86 -5.55
CA GLU A 19 13.35 3.37 -4.82
C GLU A 19 13.43 4.01 -3.44
N GLU A 20 13.36 5.35 -3.40
CA GLU A 20 13.42 6.08 -2.14
C GLU A 20 12.16 5.85 -1.32
N ALA A 21 11.03 5.69 -1.99
CA ALA A 21 9.77 5.47 -1.32
C ALA A 21 9.86 4.30 -0.35
N VAL A 22 10.82 3.40 -0.59
CA VAL A 22 11.02 2.24 0.26
C VAL A 22 12.41 2.25 0.89
N PHE A 23 13.43 2.16 0.05
CA PHE A 23 14.81 2.16 0.53
C PHE A 23 15.07 3.35 1.45
N LYS A 24 14.85 4.55 0.93
CA LYS A 24 15.06 5.76 1.71
C LYS A 24 14.01 5.89 2.81
N ASP A 25 12.82 5.39 2.54
CA ASP A 25 11.72 5.44 3.51
C ASP A 25 11.50 4.07 4.15
N ILE A 26 12.22 3.80 5.23
CA ILE A 26 12.09 2.53 5.93
C ILE A 26 10.72 2.40 6.58
N SER A 27 10.13 3.53 6.94
CA SER A 27 8.82 3.55 7.58
C SER A 27 7.83 2.66 6.81
N PRO A 28 6.74 2.28 7.49
CA PRO A 28 5.70 1.43 6.89
C PRO A 28 4.90 2.16 5.82
N LEU A 29 4.84 1.57 4.64
CA LEU A 29 4.11 2.17 3.52
C LEU A 29 3.40 1.10 2.70
N MET A 30 2.25 1.45 2.14
CA MET A 30 1.48 0.52 1.33
C MET A 30 1.45 0.96 -0.14
N VAL A 31 1.79 0.04 -1.03
CA VAL A 31 1.82 0.33 -2.47
C VAL A 31 0.53 -0.12 -3.14
N LEU A 32 -0.41 0.81 -3.28
CA LEU A 32 -1.69 0.51 -3.91
C LEU A 32 -1.63 0.73 -5.42
N VAL A 33 -1.50 -0.35 -6.17
CA VAL A 33 -1.42 -0.26 -7.62
C VAL A 33 -2.81 -0.14 -8.24
N HIS A 34 -3.02 0.89 -9.04
CA HIS A 34 -4.30 1.12 -9.69
C HIS A 34 -4.12 1.40 -11.18
N ASN A 35 -5.06 0.94 -11.99
CA ASN A 35 -5.00 1.14 -13.43
C ASN A 35 -6.08 2.11 -13.89
N ARG A 36 -5.79 2.83 -14.98
CA ARG A 36 -6.75 3.79 -15.51
C ARG A 36 -7.66 3.14 -16.55
N TYR A 37 -7.16 2.09 -17.20
CA TYR A 37 -7.93 1.37 -18.21
C TYR A 37 -8.59 0.14 -17.62
N LYS A 38 -7.82 -0.63 -16.86
CA LYS A 38 -8.34 -1.84 -16.23
C LYS A 38 -9.18 -1.50 -15.01
N ARG A 39 -10.45 -1.90 -15.04
CA ARG A 39 -11.35 -1.64 -13.92
C ARG A 39 -11.27 -0.18 -13.49
N PRO A 40 -11.83 0.73 -14.30
CA PRO A 40 -11.83 2.16 -14.01
C PRO A 40 -12.73 2.52 -12.84
N LYS A 41 -13.65 1.61 -12.50
CA LYS A 41 -14.57 1.84 -11.41
C LYS A 41 -14.04 1.22 -10.12
N GLU A 42 -13.75 -0.08 -10.15
CA GLU A 42 -13.23 -0.78 -8.99
C GLU A 42 -12.05 -0.03 -8.38
N ASN A 43 -11.14 0.42 -9.23
CA ASN A 43 -9.96 1.15 -8.78
C ASN A 43 -10.35 2.31 -7.88
N GLU A 44 -11.50 2.92 -8.16
CA GLU A 44 -12.00 4.03 -7.38
C GLU A 44 -12.48 3.57 -6.00
N LYS A 45 -13.06 2.37 -5.97
CA LYS A 45 -13.56 1.81 -4.71
C LYS A 45 -12.42 1.60 -3.72
N PHE A 46 -11.32 1.03 -4.20
CA PHE A 46 -10.16 0.77 -3.35
C PHE A 46 -9.67 2.06 -2.70
N ARG A 47 -9.26 3.02 -3.53
CA ARG A 47 -8.76 4.30 -3.03
C ARG A 47 -9.73 4.90 -2.01
N GLU A 48 -11.03 4.69 -2.24
CA GLU A 48 -12.05 5.21 -1.36
C GLU A 48 -11.91 4.62 0.05
N GLU A 49 -11.90 3.29 0.12
CA GLU A 49 -11.78 2.61 1.39
C GLU A 49 -10.41 2.86 2.02
N LEU A 50 -9.36 2.68 1.23
CA LEU A 50 -8.00 2.89 1.70
C LEU A 50 -7.86 4.26 2.37
N GLU A 51 -8.54 5.26 1.81
CA GLU A 51 -8.49 6.61 2.36
C GLU A 51 -8.99 6.63 3.80
N LYS A 52 -10.20 6.13 4.00
CA LYS A 52 -10.81 6.08 5.33
C LYS A 52 -9.94 5.26 6.29
N ALA A 53 -9.35 4.19 5.78
CA ALA A 53 -8.50 3.32 6.59
C ALA A 53 -7.43 4.13 7.32
N ILE A 54 -6.85 5.10 6.61
CA ILE A 54 -5.81 5.94 7.20
C ILE A 54 -6.37 6.83 8.30
N GLN A 55 -7.55 7.40 8.04
CA GLN A 55 -8.20 8.27 9.02
C GLN A 55 -8.58 7.49 10.27
N VAL A 56 -9.13 6.29 10.09
CA VAL A 56 -9.53 5.45 11.20
C VAL A 56 -8.39 5.27 12.20
N ILE A 57 -7.19 5.02 11.68
CA ILE A 57 -6.02 4.83 12.53
C ILE A 57 -5.72 6.08 13.34
N TRP A 58 -5.85 7.24 12.70
CA TRP A 58 -5.59 8.52 13.36
C TRP A 58 -6.34 8.60 14.68
N ASN A 59 -7.58 8.12 14.70
CA ASN A 59 -8.40 8.14 15.90
C ASN A 59 -7.87 7.15 16.94
N CYS A 60 -7.30 6.05 16.45
CA CYS A 60 -6.75 5.02 17.34
C CYS A 60 -5.72 5.61 18.28
N GLY A 61 -5.01 6.63 17.81
CA GLY A 61 -3.99 7.27 18.64
C GLY A 61 -2.59 6.91 18.19
N LEU A 62 -2.43 6.65 16.91
CA LEU A 62 -1.12 6.30 16.36
C LEU A 62 -0.93 6.87 14.96
N PRO A 63 0.31 7.21 14.62
CA PRO A 63 0.66 7.78 13.31
C PRO A 63 0.52 6.76 12.18
N SER A 64 -0.61 6.78 11.50
CA SER A 64 -0.87 5.86 10.40
C SER A 64 0.34 5.79 9.46
N PRO A 65 0.44 4.69 8.71
CA PRO A 65 1.53 4.48 7.75
C PRO A 65 1.43 5.41 6.54
N ARG A 66 2.26 5.16 5.54
CA ARG A 66 2.27 5.97 4.33
C ARG A 66 1.40 5.34 3.24
N CYS A 67 0.58 6.15 2.59
CA CYS A 67 -0.29 5.67 1.53
C CYS A 67 0.06 6.31 0.19
N VAL A 68 0.41 5.48 -0.79
CA VAL A 68 0.77 5.96 -2.11
C VAL A 68 0.09 5.14 -3.20
N ALA A 69 -0.37 5.82 -4.25
CA ALA A 69 -1.03 5.16 -5.36
C ALA A 69 -0.23 5.30 -6.64
N VAL A 70 0.29 4.18 -7.14
CA VAL A 70 1.09 4.18 -8.37
C VAL A 70 0.25 3.72 -9.56
N ASP A 71 0.30 4.49 -10.64
CA ASP A 71 -0.45 4.16 -11.84
C ASP A 71 0.21 3.01 -12.59
N ALA A 72 -0.60 2.01 -12.94
CA ALA A 72 -0.09 0.84 -13.66
C ALA A 72 0.18 1.18 -15.12
N VAL A 73 -0.65 2.05 -15.70
CA VAL A 73 -0.50 2.44 -17.09
C VAL A 73 0.68 3.40 -17.26
N VAL A 74 0.94 4.20 -16.24
CA VAL A 74 2.04 5.15 -16.28
C VAL A 74 3.34 4.52 -15.78
N GLU A 75 3.31 4.02 -14.55
CA GLU A 75 4.49 3.38 -13.96
C GLU A 75 4.56 1.91 -14.35
N THR A 76 4.50 1.64 -15.65
CA THR A 76 4.56 0.27 -16.15
C THR A 76 5.81 -0.45 -15.66
N ASP A 77 6.90 0.30 -15.55
CA ASP A 77 8.17 -0.26 -15.09
C ASP A 77 8.04 -0.78 -13.66
N LEU A 78 7.46 0.03 -12.80
CA LEU A 78 7.27 -0.34 -11.40
C LEU A 78 6.47 -1.62 -11.27
N VAL A 79 5.24 -1.60 -11.81
CA VAL A 79 4.37 -2.76 -11.77
C VAL A 79 5.08 -4.01 -12.26
N SER A 80 5.95 -3.83 -13.25
CA SER A 80 6.70 -4.94 -13.82
C SER A 80 7.56 -5.61 -12.75
N ALA A 81 8.10 -4.81 -11.85
CA ALA A 81 8.95 -5.33 -10.77
C ALA A 81 8.11 -5.99 -9.68
N LEU A 82 6.96 -5.39 -9.40
CA LEU A 82 6.06 -5.92 -8.38
C LEU A 82 5.42 -7.23 -8.82
N LYS A 83 5.38 -7.44 -10.14
CA LYS A 83 4.79 -8.65 -10.70
C LYS A 83 3.32 -8.78 -10.31
N VAL A 84 2.53 -7.77 -10.67
CA VAL A 84 1.11 -7.77 -10.36
C VAL A 84 0.30 -8.50 -11.44
N SER A 85 -0.90 -8.93 -11.09
CA SER A 85 -1.76 -9.63 -12.03
C SER A 85 -3.17 -9.07 -12.00
N VAL A 86 -3.66 -8.76 -10.81
CA VAL A 86 -5.00 -8.20 -10.64
C VAL A 86 -4.95 -6.75 -10.15
N PHE A 87 -6.00 -6.00 -10.43
CA PHE A 87 -6.07 -4.61 -10.02
C PHE A 87 -7.51 -4.19 -9.72
N PRO A 88 -7.68 -3.30 -8.73
CA PRO A 88 -6.56 -2.74 -7.98
C PRO A 88 -5.90 -3.77 -7.07
N GLU A 89 -4.89 -3.34 -6.33
CA GLU A 89 -4.17 -4.22 -5.41
C GLU A 89 -3.30 -3.43 -4.44
N ILE A 90 -3.41 -3.75 -3.16
CA ILE A 90 -2.64 -3.06 -2.13
C ILE A 90 -1.49 -3.94 -1.64
N ILE A 91 -0.27 -3.57 -2.04
CA ILE A 91 0.91 -4.32 -1.62
C ILE A 91 1.53 -3.73 -0.36
N PHE A 92 1.22 -4.34 0.78
CA PHE A 92 1.75 -3.88 2.05
C PHE A 92 3.25 -4.14 2.16
N THR A 93 4.02 -3.06 2.28
CA THR A 93 5.48 -3.17 2.39
C THR A 93 5.98 -2.54 3.69
N LYS A 94 7.21 -2.87 4.05
CA LYS A 94 7.82 -2.34 5.27
C LYS A 94 9.33 -2.50 5.23
N ALA A 95 10.04 -1.43 5.60
CA ALA A 95 11.50 -1.45 5.61
C ALA A 95 12.06 -1.88 4.26
N GLY A 96 11.38 -1.47 3.19
CA GLY A 96 11.82 -1.83 1.85
C GLY A 96 11.68 -3.31 1.57
N LYS A 97 10.67 -3.93 2.18
CA LYS A 97 10.41 -5.35 1.99
C LYS A 97 8.92 -5.64 1.99
N ILE A 98 8.48 -6.50 1.06
CA ILE A 98 7.08 -6.87 0.97
C ILE A 98 6.71 -7.91 2.01
N LEU A 99 5.62 -7.67 2.72
CA LEU A 99 5.15 -8.58 3.76
C LEU A 99 3.94 -9.38 3.27
N TYR A 100 3.07 -8.71 2.53
CA TYR A 100 1.86 -9.35 2.01
C TYR A 100 1.06 -8.38 1.15
N ARG A 101 0.40 -8.91 0.12
CA ARG A 101 -0.40 -8.10 -0.77
C ARG A 101 -1.88 -8.52 -0.72
N GLU A 102 -2.76 -7.54 -0.58
CA GLU A 102 -4.20 -7.81 -0.52
C GLU A 102 -4.82 -7.75 -1.91
N LYS A 103 -5.69 -8.71 -2.21
CA LYS A 103 -6.35 -8.77 -3.50
C LYS A 103 -7.86 -8.90 -3.32
N GLY A 104 -8.55 -7.77 -3.29
CA GLY A 104 -9.99 -7.79 -3.14
C GLY A 104 -10.50 -6.57 -2.39
N ILE A 105 -11.77 -6.22 -2.63
CA ILE A 105 -12.37 -5.07 -1.96
C ILE A 105 -12.51 -5.31 -0.46
N ARG A 106 -11.86 -4.44 0.32
CA ARG A 106 -11.90 -4.55 1.77
C ARG A 106 -12.36 -3.23 2.41
N THR A 107 -12.94 -3.33 3.60
CA THR A 107 -13.43 -2.15 4.30
C THR A 107 -12.27 -1.36 4.93
N ALA A 108 -12.49 -0.07 5.14
CA ALA A 108 -11.47 0.79 5.72
C ALA A 108 -10.90 0.18 7.01
N ASP A 109 -11.79 -0.24 7.91
CA ASP A 109 -11.38 -0.83 9.17
C ASP A 109 -10.64 -2.14 8.92
N GLU A 110 -11.24 -3.03 8.15
CA GLU A 110 -10.64 -4.32 7.84
C GLU A 110 -9.20 -4.14 7.36
N LEU A 111 -8.95 -3.05 6.64
CA LEU A 111 -7.62 -2.78 6.12
C LEU A 111 -6.71 -2.23 7.22
N SER A 112 -7.22 -1.26 7.98
CA SER A 112 -6.45 -0.65 9.06
C SER A 112 -5.84 -1.72 9.95
N LYS A 113 -6.62 -2.76 10.25
CA LYS A 113 -6.16 -3.85 11.10
C LYS A 113 -5.04 -4.63 10.41
N ILE A 114 -5.24 -4.93 9.14
CA ILE A 114 -4.26 -5.67 8.36
C ILE A 114 -2.89 -5.00 8.42
N MET A 115 -2.80 -3.81 7.83
CA MET A 115 -1.54 -3.06 7.82
C MET A 115 -1.02 -2.87 9.23
N ALA A 116 -1.92 -2.66 10.18
CA ALA A 116 -1.55 -2.46 11.57
C ALA A 116 -0.81 -3.68 12.12
N PHE A 117 -1.49 -4.83 12.12
CA PHE A 117 -0.91 -6.07 12.62
C PHE A 117 0.44 -6.33 11.95
N PHE A 118 0.64 -5.76 10.77
CA PHE A 118 1.88 -5.94 10.03
C PHE A 118 2.97 -5.02 10.55
N TYR A 119 2.56 -3.83 11.00
CA TYR A 119 3.51 -2.85 11.53
C TYR A 119 3.34 -2.69 13.04
N TYR A 120 2.26 -2.01 13.42
CA TYR A 120 1.97 -1.78 14.84
C TYR A 120 1.75 -3.09 15.57
N GLY A 121 0.69 -3.79 15.21
CA GLY A 121 0.37 -5.06 15.85
C GLY A 121 -1.06 -5.13 16.34
N ALA A 122 -1.97 -4.51 15.60
CA ALA A 122 -3.38 -4.50 15.96
C ALA A 122 -4.00 -5.88 15.76
N ALA A 123 -5.13 -6.11 16.42
CA ALA A 123 -5.83 -7.38 16.31
C ALA A 123 -6.10 -7.75 14.86
N LYS A 124 -5.57 -8.89 14.43
CA LYS A 124 -5.73 -9.36 13.06
C LYS A 124 -7.20 -9.71 12.79
N PRO A 125 -7.74 -9.17 11.68
CA PRO A 125 -9.13 -9.42 11.29
C PRO A 125 -9.35 -10.85 10.82
N PRO A 126 -10.64 -11.22 10.66
CA PRO A 126 -11.01 -12.57 10.22
C PRO A 126 -10.66 -12.82 8.75
N CYS A 127 -11.04 -11.90 7.88
CA CYS A 127 -10.76 -12.01 6.46
C CYS A 127 -9.28 -12.25 6.22
N LEU A 128 -8.45 -11.73 7.12
CA LEU A 128 -7.00 -11.88 7.00
C LEU A 128 -6.52 -13.14 7.70
N ASN A 129 -7.22 -13.52 8.77
CA ASN A 129 -6.86 -14.71 9.53
C ASN A 129 -6.72 -15.91 8.61
N GLY A 130 -7.51 -15.96 7.55
CA GLY A 130 -7.46 -17.05 6.61
C GLY A 130 -6.90 -16.63 5.25
N VAL A 131 -5.77 -15.94 5.28
CA VAL A 131 -5.13 -15.48 4.05
C VAL A 131 -3.72 -16.02 3.93
N VAL A 132 -3.19 -16.00 2.71
CA VAL A 132 -1.84 -16.50 2.45
C VAL A 132 -0.84 -15.35 2.31
N ASN A 133 0.04 -15.21 3.31
CA ASN A 133 1.04 -14.15 3.29
C ASN A 133 2.44 -14.72 3.07
N SER A 134 3.35 -13.88 2.59
CA SER A 134 4.72 -14.30 2.33
C SER A 134 5.67 -13.12 2.43
N GLN A 135 6.87 -13.37 2.96
CA GLN A 135 7.87 -12.33 3.11
C GLN A 135 8.87 -12.36 1.95
N GLU A 136 9.04 -11.21 1.30
CA GLU A 136 9.96 -11.11 0.17
C GLU A 136 10.42 -9.67 -0.02
N GLN A 137 11.74 -9.49 -0.15
CA GLN A 137 12.32 -8.17 -0.34
C GLN A 137 11.66 -7.44 -1.51
N ILE A 138 11.80 -6.12 -1.54
CA ILE A 138 11.22 -5.32 -2.61
C ILE A 138 12.21 -5.12 -3.75
N PRO A 139 11.76 -5.41 -4.99
CA PRO A 139 12.59 -5.27 -6.18
C PRO A 139 12.89 -3.81 -6.51
N LEU A 140 14.17 -3.49 -6.64
CA LEU A 140 14.59 -2.13 -6.96
C LEU A 140 14.51 -1.87 -8.47
N VAL A 141 13.62 -0.96 -8.85
CA VAL A 141 13.43 -0.62 -10.25
C VAL A 141 14.63 0.16 -10.79
N ASP A 142 15.34 -0.43 -11.74
CA ASP A 142 16.50 0.22 -12.34
C ASP A 142 16.10 1.43 -13.16
N VAL A 143 16.43 2.61 -12.66
CA VAL A 143 16.10 3.86 -13.35
C VAL A 143 17.36 4.57 -13.84
N SER A 144 17.42 4.81 -15.15
CA SER A 144 18.56 5.47 -15.75
C SER A 144 18.17 6.83 -16.33
N VAL A 145 19.11 7.77 -16.32
CA VAL A 145 18.86 9.11 -16.85
C VAL A 145 18.80 9.10 -18.37
N ASN A 146 17.64 9.46 -18.92
CA ASN A 146 17.47 9.49 -20.36
C ASN A 146 17.56 10.92 -20.89
N HIS A 2 -0.09 13.63 23.13
CA HIS A 2 1.04 13.97 22.27
C HIS A 2 1.72 12.72 21.73
N MET A 3 0.91 11.81 21.18
CA MET A 3 1.43 10.56 20.64
C MET A 3 1.03 10.41 19.17
N ASP A 4 -0.18 10.85 18.85
CA ASP A 4 -0.68 10.76 17.48
C ASP A 4 -0.67 12.12 16.80
N ASN A 5 -1.03 12.15 15.53
CA ASN A 5 -1.06 13.39 14.77
C ASN A 5 -1.64 13.17 13.38
N TYR A 6 -1.52 14.19 12.52
CA TYR A 6 -2.04 14.09 11.15
C TYR A 6 -1.02 13.42 10.24
N ILE A 7 -1.51 12.86 9.14
CA ILE A 7 -0.64 12.19 8.18
C ILE A 7 -1.05 12.53 6.74
N ARG A 8 -0.07 12.84 5.91
CA ARG A 8 -0.32 13.17 4.52
C ARG A 8 -1.21 12.13 3.85
N PRO A 9 -2.22 12.60 3.10
CA PRO A 9 -3.16 11.72 2.40
C PRO A 9 -2.51 10.98 1.24
N ILE A 10 -3.27 10.10 0.60
CA ILE A 10 -2.78 9.33 -0.52
C ILE A 10 -2.11 10.24 -1.56
N LYS A 11 -0.80 10.10 -1.71
CA LYS A 11 -0.05 10.90 -2.68
C LYS A 11 0.37 10.06 -3.87
N ASP A 12 0.58 10.72 -5.01
CA ASP A 12 0.98 10.04 -6.24
C ASP A 12 2.46 9.69 -6.20
N LEU A 13 2.79 8.45 -6.52
CA LEU A 13 4.17 7.99 -6.52
C LEU A 13 4.59 7.54 -7.91
N THR A 14 5.88 7.61 -8.18
CA THR A 14 6.42 7.20 -9.48
C THR A 14 7.75 6.47 -9.33
N THR A 15 8.13 5.71 -10.36
CA THR A 15 9.37 4.97 -10.34
C THR A 15 10.55 5.86 -9.94
N ALA A 16 10.55 7.09 -10.46
CA ALA A 16 11.61 8.03 -10.16
C ALA A 16 11.78 8.20 -8.66
N GLU A 17 10.68 8.16 -7.93
CA GLU A 17 10.71 8.31 -6.48
C GLU A 17 10.23 7.04 -5.78
N TRP A 18 10.36 5.92 -6.47
CA TRP A 18 9.93 4.63 -5.93
C TRP A 18 11.02 4.03 -5.04
N GLU A 19 12.24 3.94 -5.58
CA GLU A 19 13.36 3.39 -4.84
C GLU A 19 13.47 4.03 -3.46
N GLU A 20 13.48 5.36 -3.42
CA GLU A 20 13.58 6.08 -2.16
C GLU A 20 12.30 5.92 -1.34
N ALA A 21 11.17 5.84 -2.03
CA ALA A 21 9.87 5.69 -1.38
C ALA A 21 9.90 4.51 -0.41
N VAL A 22 10.80 3.57 -0.64
CA VAL A 22 10.91 2.39 0.23
C VAL A 22 12.30 2.32 0.87
N PHE A 23 13.32 2.20 0.05
CA PHE A 23 14.69 2.12 0.53
C PHE A 23 15.00 3.28 1.48
N LYS A 24 14.87 4.50 0.98
CA LYS A 24 15.13 5.69 1.79
C LYS A 24 14.09 5.84 2.88
N ASP A 25 12.86 5.43 2.59
CA ASP A 25 11.77 5.50 3.56
C ASP A 25 11.46 4.14 4.16
N ILE A 26 12.29 3.72 5.11
CA ILE A 26 12.11 2.43 5.77
C ILE A 26 10.75 2.35 6.48
N SER A 27 10.22 3.52 6.85
CA SER A 27 8.94 3.59 7.53
C SER A 27 7.90 2.72 6.81
N PRO A 28 6.82 2.40 7.54
CA PRO A 28 5.72 1.57 6.99
C PRO A 28 4.92 2.30 5.93
N LEU A 29 5.00 1.81 4.69
CA LEU A 29 4.28 2.41 3.57
C LEU A 29 3.52 1.36 2.79
N MET A 30 2.27 1.68 2.43
CA MET A 30 1.43 0.76 1.68
C MET A 30 1.28 1.23 0.24
N VAL A 31 1.76 0.42 -0.70
CA VAL A 31 1.67 0.75 -2.12
C VAL A 31 0.33 0.32 -2.70
N LEU A 32 -0.25 1.19 -3.52
CA LEU A 32 -1.54 0.91 -4.15
C LEU A 32 -1.44 0.99 -5.66
N VAL A 33 -1.21 -0.16 -6.31
CA VAL A 33 -1.11 -0.21 -7.75
C VAL A 33 -2.47 -0.29 -8.42
N HIS A 34 -2.86 0.79 -9.10
CA HIS A 34 -4.15 0.84 -9.78
C HIS A 34 -3.96 0.96 -11.28
N ASN A 35 -5.00 0.58 -12.03
CA ASN A 35 -4.95 0.63 -13.49
C ASN A 35 -6.15 1.40 -14.05
N ARG A 36 -5.88 2.31 -14.98
CA ARG A 36 -6.94 3.10 -15.59
C ARG A 36 -7.75 2.26 -16.58
N TYR A 37 -7.09 1.30 -17.20
CA TYR A 37 -7.75 0.42 -18.16
C TYR A 37 -8.42 -0.75 -17.47
N LYS A 38 -7.70 -1.38 -16.54
CA LYS A 38 -8.23 -2.52 -15.81
C LYS A 38 -9.08 -2.05 -14.62
N ARG A 39 -10.35 -2.46 -14.62
CA ARG A 39 -11.26 -2.08 -13.55
C ARG A 39 -11.24 -0.58 -13.32
N PRO A 40 -11.94 0.16 -14.18
CA PRO A 40 -12.03 1.62 -14.10
C PRO A 40 -12.84 2.09 -12.89
N LYS A 41 -13.82 1.28 -12.50
CA LYS A 41 -14.67 1.60 -11.36
C LYS A 41 -14.06 1.10 -10.06
N GLU A 42 -13.75 -0.19 -10.03
CA GLU A 42 -13.16 -0.80 -8.84
C GLU A 42 -11.95 -0.01 -8.36
N ASN A 43 -11.25 0.62 -9.31
CA ASN A 43 -10.08 1.42 -8.97
C ASN A 43 -10.39 2.41 -7.87
N GLU A 44 -11.34 3.29 -8.12
CA GLU A 44 -11.73 4.30 -7.13
C GLU A 44 -12.25 3.64 -5.86
N LYS A 45 -12.85 2.47 -6.01
CA LYS A 45 -13.39 1.73 -4.87
C LYS A 45 -12.29 1.41 -3.86
N PHE A 46 -11.10 1.12 -4.37
CA PHE A 46 -9.96 0.80 -3.50
C PHE A 46 -9.50 2.02 -2.73
N ARG A 47 -9.07 3.06 -3.46
CA ARG A 47 -8.60 4.28 -2.85
C ARG A 47 -9.61 4.82 -1.85
N GLU A 48 -10.89 4.64 -2.16
CA GLU A 48 -11.96 5.11 -1.29
C GLU A 48 -11.79 4.56 0.12
N GLU A 49 -11.92 3.25 0.26
CA GLU A 49 -11.78 2.60 1.55
C GLU A 49 -10.40 2.86 2.15
N LEU A 50 -9.37 2.74 1.32
CA LEU A 50 -8.00 2.95 1.76
C LEU A 50 -7.86 4.30 2.48
N GLU A 51 -8.37 5.35 1.84
CA GLU A 51 -8.31 6.69 2.42
C GLU A 51 -8.90 6.71 3.82
N LYS A 52 -10.06 6.07 3.98
CA LYS A 52 -10.72 6.01 5.28
C LYS A 52 -9.90 5.20 6.28
N ALA A 53 -9.33 4.10 5.81
CA ALA A 53 -8.50 3.24 6.65
C ALA A 53 -7.44 4.05 7.39
N ILE A 54 -6.88 5.04 6.71
CA ILE A 54 -5.85 5.88 7.30
C ILE A 54 -6.43 6.77 8.40
N GLN A 55 -7.56 7.40 8.10
CA GLN A 55 -8.22 8.28 9.06
C GLN A 55 -8.61 7.51 10.32
N VAL A 56 -9.19 6.33 10.12
CA VAL A 56 -9.63 5.49 11.24
C VAL A 56 -8.49 5.28 12.23
N ILE A 57 -7.29 5.03 11.72
CA ILE A 57 -6.12 4.82 12.56
C ILE A 57 -5.81 6.06 13.39
N TRP A 58 -5.93 7.22 12.77
CA TRP A 58 -5.66 8.49 13.44
C TRP A 58 -6.40 8.56 14.77
N ASN A 59 -7.66 8.11 14.76
CA ASN A 59 -8.47 8.12 15.97
C ASN A 59 -7.97 7.11 16.99
N CYS A 60 -7.41 6.00 16.50
CA CYS A 60 -6.88 4.96 17.37
C CYS A 60 -5.85 5.53 18.33
N GLY A 61 -5.12 6.54 17.88
CA GLY A 61 -4.09 7.15 18.71
C GLY A 61 -2.70 6.77 18.29
N LEU A 62 -2.51 6.54 16.99
CA LEU A 62 -1.21 6.15 16.46
C LEU A 62 -0.99 6.75 15.08
N PRO A 63 0.29 7.06 14.77
CA PRO A 63 0.66 7.65 13.48
C PRO A 63 0.51 6.65 12.33
N SER A 64 -0.61 6.72 11.63
CA SER A 64 -0.88 5.82 10.52
C SER A 64 0.31 5.80 9.55
N PRO A 65 0.40 4.72 8.75
CA PRO A 65 1.48 4.55 7.78
C PRO A 65 1.35 5.52 6.60
N ARG A 66 2.17 5.31 5.57
CA ARG A 66 2.15 6.17 4.40
C ARG A 66 1.31 5.54 3.28
N CYS A 67 0.65 6.38 2.50
CA CYS A 67 -0.18 5.91 1.41
C CYS A 67 0.33 6.45 0.07
N VAL A 68 0.49 5.56 -0.89
CA VAL A 68 0.97 5.94 -2.22
C VAL A 68 0.34 5.07 -3.30
N ALA A 69 0.00 5.70 -4.42
CA ALA A 69 -0.62 4.99 -5.54
C ALA A 69 0.30 4.98 -6.75
N VAL A 70 0.28 3.88 -7.50
CA VAL A 70 1.11 3.73 -8.69
C VAL A 70 0.30 3.21 -9.87
N ASP A 71 0.12 4.07 -10.88
CA ASP A 71 -0.63 3.70 -12.07
C ASP A 71 0.15 2.71 -12.92
N ALA A 72 -0.51 1.66 -13.38
CA ALA A 72 0.12 0.64 -14.21
C ALA A 72 0.34 1.15 -15.63
N VAL A 73 -0.60 1.96 -16.11
CA VAL A 73 -0.51 2.51 -17.45
C VAL A 73 0.64 3.49 -17.57
N VAL A 74 0.93 4.19 -16.47
CA VAL A 74 2.01 5.16 -16.45
C VAL A 74 3.33 4.52 -16.02
N GLU A 75 3.32 3.92 -14.84
CA GLU A 75 4.52 3.26 -14.32
C GLU A 75 4.49 1.76 -14.62
N THR A 76 4.61 1.43 -15.90
CA THR A 76 4.59 0.04 -16.33
C THR A 76 5.83 -0.70 -15.83
N ASP A 77 7.00 -0.10 -16.02
CA ASP A 77 8.25 -0.70 -15.58
C ASP A 77 8.17 -1.10 -14.11
N LEU A 78 7.69 -0.18 -13.28
CA LEU A 78 7.58 -0.45 -11.85
C LEU A 78 6.73 -1.69 -11.59
N VAL A 79 5.47 -1.64 -12.01
CA VAL A 79 4.57 -2.77 -11.83
C VAL A 79 5.18 -4.06 -12.35
N SER A 80 5.95 -3.94 -13.42
CA SER A 80 6.60 -5.11 -14.03
C SER A 80 7.59 -5.74 -13.06
N ALA A 81 8.25 -4.90 -12.26
CA ALA A 81 9.23 -5.38 -11.30
C ALA A 81 8.55 -6.03 -10.10
N LEU A 82 7.41 -5.45 -9.69
CA LEU A 82 6.66 -5.98 -8.55
C LEU A 82 6.00 -7.31 -8.90
N LYS A 83 5.79 -7.54 -10.19
CA LYS A 83 5.18 -8.77 -10.66
C LYS A 83 3.73 -8.86 -10.21
N VAL A 84 3.00 -7.74 -10.33
CA VAL A 84 1.60 -7.70 -9.94
C VAL A 84 0.73 -8.47 -10.91
N SER A 85 -0.45 -8.90 -10.45
CA SER A 85 -1.37 -9.66 -11.28
C SER A 85 -2.78 -9.10 -11.18
N VAL A 86 -3.18 -8.70 -9.97
CA VAL A 86 -4.50 -8.14 -9.74
C VAL A 86 -4.44 -6.63 -9.65
N PHE A 87 -5.53 -5.98 -10.06
CA PHE A 87 -5.61 -4.52 -10.03
C PHE A 87 -7.05 -4.05 -9.81
N PRO A 88 -7.23 -3.14 -8.85
CA PRO A 88 -6.12 -2.60 -8.04
C PRO A 88 -5.54 -3.64 -7.09
N GLU A 89 -4.50 -3.25 -6.36
CA GLU A 89 -3.86 -4.15 -5.41
C GLU A 89 -3.00 -3.36 -4.42
N ILE A 90 -3.18 -3.66 -3.13
CA ILE A 90 -2.42 -2.99 -2.08
C ILE A 90 -1.23 -3.82 -1.64
N ILE A 91 -0.05 -3.46 -2.12
CA ILE A 91 1.17 -4.19 -1.77
C ILE A 91 1.76 -3.66 -0.46
N PHE A 92 1.28 -4.20 0.66
CA PHE A 92 1.77 -3.78 1.97
C PHE A 92 3.25 -4.10 2.12
N THR A 93 4.08 -3.05 2.12
CA THR A 93 5.52 -3.21 2.26
C THR A 93 6.03 -2.51 3.51
N LYS A 94 7.04 -3.09 4.15
CA LYS A 94 7.62 -2.52 5.36
C LYS A 94 9.14 -2.57 5.30
N ALA A 95 9.77 -1.42 5.46
CA ALA A 95 11.23 -1.34 5.44
C ALA A 95 11.78 -1.73 4.07
N GLY A 96 11.04 -1.39 3.02
CA GLY A 96 11.47 -1.71 1.67
C GLY A 96 11.36 -3.20 1.37
N LYS A 97 10.38 -3.86 1.98
CA LYS A 97 10.17 -5.28 1.77
C LYS A 97 8.68 -5.61 1.74
N ILE A 98 8.28 -6.44 0.79
CA ILE A 98 6.89 -6.85 0.66
C ILE A 98 6.48 -7.82 1.76
N LEU A 99 5.32 -7.58 2.36
CA LEU A 99 4.82 -8.44 3.42
C LEU A 99 3.66 -9.30 2.94
N TYR A 100 2.68 -8.65 2.32
CA TYR A 100 1.50 -9.35 1.82
C TYR A 100 0.71 -8.46 0.84
N ARG A 101 0.09 -9.09 -0.14
CA ARG A 101 -0.69 -8.36 -1.13
C ARG A 101 -2.18 -8.67 -0.98
N GLU A 102 -2.97 -7.62 -0.73
CA GLU A 102 -4.41 -7.78 -0.56
C GLU A 102 -5.11 -7.79 -1.92
N LYS A 103 -6.08 -8.69 -2.07
CA LYS A 103 -6.84 -8.79 -3.31
C LYS A 103 -8.33 -8.77 -3.05
N GLY A 104 -8.92 -7.58 -3.09
CA GLY A 104 -10.34 -7.45 -2.85
C GLY A 104 -10.68 -6.22 -2.02
N ILE A 105 -11.70 -5.48 -2.45
CA ILE A 105 -12.12 -4.27 -1.74
C ILE A 105 -12.49 -4.58 -0.30
N ARG A 106 -11.68 -4.07 0.63
CA ARG A 106 -11.91 -4.29 2.05
C ARG A 106 -12.37 -3.00 2.74
N THR A 107 -13.04 -3.15 3.87
CA THR A 107 -13.53 -1.99 4.61
C THR A 107 -12.38 -1.21 5.24
N ALA A 108 -12.61 0.08 5.48
CA ALA A 108 -11.59 0.93 6.07
C ALA A 108 -11.01 0.31 7.34
N ASP A 109 -11.88 -0.26 8.17
CA ASP A 109 -11.46 -0.90 9.41
C ASP A 109 -10.70 -2.19 9.12
N GLU A 110 -11.33 -3.07 8.33
CA GLU A 110 -10.71 -4.34 7.99
C GLU A 110 -9.28 -4.15 7.49
N LEU A 111 -9.04 -3.04 6.81
CA LEU A 111 -7.73 -2.73 6.27
C LEU A 111 -6.80 -2.21 7.37
N SER A 112 -7.31 -1.28 8.18
CA SER A 112 -6.54 -0.70 9.26
C SER A 112 -5.92 -1.79 10.14
N LYS A 113 -6.71 -2.83 10.41
CA LYS A 113 -6.24 -3.94 11.23
C LYS A 113 -5.13 -4.72 10.52
N ILE A 114 -5.36 -5.04 9.26
CA ILE A 114 -4.39 -5.78 8.46
C ILE A 114 -3.02 -5.12 8.54
N MET A 115 -2.90 -3.92 7.99
CA MET A 115 -1.64 -3.19 8.00
C MET A 115 -1.12 -3.02 9.42
N ALA A 116 -2.03 -2.85 10.37
CA ALA A 116 -1.66 -2.67 11.77
C ALA A 116 -0.92 -3.90 12.29
N PHE A 117 -1.60 -5.04 12.29
CA PHE A 117 -1.00 -6.29 12.77
C PHE A 117 0.33 -6.56 12.05
N PHE A 118 0.49 -5.96 10.88
CA PHE A 118 1.70 -6.14 10.10
C PHE A 118 2.83 -5.25 10.62
N TYR A 119 2.45 -4.07 11.11
CA TYR A 119 3.43 -3.13 11.64
C TYR A 119 3.22 -2.92 13.14
N TYR A 120 2.16 -2.19 13.49
CA TYR A 120 1.86 -1.92 14.89
C TYR A 120 1.65 -3.22 15.66
N GLY A 121 0.58 -3.93 15.33
CA GLY A 121 0.29 -5.18 16.01
C GLY A 121 -1.14 -5.25 16.51
N ALA A 122 -2.05 -4.67 15.75
CA ALA A 122 -3.47 -4.66 16.12
C ALA A 122 -4.10 -6.04 15.90
N ALA A 123 -5.24 -6.28 16.54
CA ALA A 123 -5.94 -7.54 16.42
C ALA A 123 -6.20 -7.89 14.95
N LYS A 124 -5.69 -9.03 14.52
CA LYS A 124 -5.87 -9.49 13.15
C LYS A 124 -7.33 -9.82 12.86
N PRO A 125 -7.86 -9.26 11.77
CA PRO A 125 -9.25 -9.49 11.35
C PRO A 125 -9.50 -10.91 10.88
N PRO A 126 -10.78 -11.27 10.70
CA PRO A 126 -11.17 -12.60 10.24
C PRO A 126 -10.80 -12.86 8.79
N CYS A 127 -11.15 -11.91 7.92
CA CYS A 127 -10.84 -12.04 6.50
C CYS A 127 -9.36 -12.30 6.28
N LEU A 128 -8.53 -11.70 7.11
CA LEU A 128 -7.08 -11.87 7.01
C LEU A 128 -6.63 -13.16 7.69
N ASN A 129 -7.34 -13.54 8.75
CA ASN A 129 -7.02 -14.76 9.48
C ASN A 129 -6.90 -15.95 8.54
N GLY A 130 -7.71 -15.95 7.49
CA GLY A 130 -7.69 -17.03 6.52
C GLY A 130 -7.13 -16.60 5.17
N VAL A 131 -6.00 -15.91 5.20
CA VAL A 131 -5.37 -15.44 3.97
C VAL A 131 -3.95 -15.98 3.84
N VAL A 132 -3.42 -15.92 2.62
CA VAL A 132 -2.06 -16.41 2.35
C VAL A 132 -1.10 -15.26 2.14
N ASN A 133 -0.20 -15.07 3.11
CA ASN A 133 0.79 -14.00 3.03
C ASN A 133 2.18 -14.57 2.85
N SER A 134 3.09 -13.74 2.33
CA SER A 134 4.47 -14.15 2.10
C SER A 134 5.40 -12.95 2.06
N GLN A 135 6.56 -13.09 2.69
CA GLN A 135 7.55 -12.01 2.72
C GLN A 135 8.51 -12.12 1.54
N GLU A 136 8.81 -10.98 0.93
CA GLU A 136 9.71 -10.93 -0.22
C GLU A 136 10.26 -9.52 -0.43
N GLN A 137 11.58 -9.42 -0.54
CA GLN A 137 12.22 -8.13 -0.75
C GLN A 137 11.58 -7.38 -1.91
N ILE A 138 11.61 -6.05 -1.83
CA ILE A 138 11.04 -5.21 -2.87
C ILE A 138 11.99 -5.05 -4.05
N PRO A 139 11.48 -5.30 -5.27
CA PRO A 139 12.27 -5.20 -6.49
C PRO A 139 12.64 -3.75 -6.83
N LEU A 140 13.92 -3.43 -6.79
CA LEU A 140 14.40 -2.09 -7.09
C LEU A 140 14.39 -1.83 -8.59
N VAL A 141 13.54 -0.90 -9.02
CA VAL A 141 13.43 -0.55 -10.43
C VAL A 141 14.64 0.26 -10.89
N ASP A 142 15.12 -0.02 -12.10
CA ASP A 142 16.27 0.69 -12.65
C ASP A 142 15.83 2.00 -13.31
N VAL A 143 16.09 3.11 -12.64
CA VAL A 143 15.72 4.42 -13.17
C VAL A 143 16.96 5.26 -13.44
N SER A 144 16.99 5.91 -14.61
CA SER A 144 18.11 6.75 -15.00
C SER A 144 17.66 8.19 -15.21
N VAL A 145 18.54 9.13 -14.89
CA VAL A 145 18.23 10.55 -15.06
C VAL A 145 18.37 10.98 -16.51
N ASN A 146 17.26 11.45 -17.08
CA ASN A 146 17.25 11.89 -18.48
C ASN A 146 17.35 13.41 -18.55
N HIS A 2 -0.27 6.86 22.75
CA HIS A 2 -0.28 7.99 23.67
C HIS A 2 -0.22 9.31 22.90
N MET A 3 0.55 9.32 21.81
CA MET A 3 0.69 10.52 20.99
C MET A 3 0.33 10.23 19.54
N ASP A 4 -0.49 11.10 18.95
CA ASP A 4 -0.91 10.94 17.57
C ASP A 4 -1.03 12.29 16.88
N ASN A 5 -1.05 12.28 15.55
CA ASN A 5 -1.16 13.50 14.77
C ASN A 5 -1.71 13.21 13.37
N TYR A 6 -1.77 14.24 12.54
CA TYR A 6 -2.28 14.10 11.18
C TYR A 6 -1.24 13.44 10.28
N ILE A 7 -1.71 12.85 9.18
CA ILE A 7 -0.82 12.19 8.24
C ILE A 7 -1.20 12.52 6.80
N ARG A 8 -0.20 12.83 5.99
CA ARG A 8 -0.42 13.16 4.58
C ARG A 8 -1.30 12.11 3.90
N PRO A 9 -2.31 12.57 3.14
CA PRO A 9 -3.23 11.69 2.44
C PRO A 9 -2.56 10.97 1.27
N ILE A 10 -3.31 10.08 0.61
CA ILE A 10 -2.79 9.33 -0.51
C ILE A 10 -2.11 10.25 -1.53
N LYS A 11 -0.80 10.08 -1.67
CA LYS A 11 -0.03 10.89 -2.61
C LYS A 11 0.36 10.08 -3.84
N ASP A 12 0.58 10.77 -4.96
CA ASP A 12 0.97 10.12 -6.20
C ASP A 12 2.46 9.78 -6.21
N LEU A 13 2.76 8.50 -6.38
CA LEU A 13 4.15 8.05 -6.41
C LEU A 13 4.56 7.64 -7.82
N THR A 14 5.85 7.80 -8.12
CA THR A 14 6.37 7.45 -9.43
C THR A 14 7.64 6.61 -9.32
N THR A 15 7.93 5.83 -10.36
CA THR A 15 9.10 4.97 -10.37
C THR A 15 10.35 5.75 -9.99
N ALA A 16 10.41 7.00 -10.41
CA ALA A 16 11.56 7.87 -10.12
C ALA A 16 11.76 8.01 -8.62
N GLU A 17 10.65 8.05 -7.88
CA GLU A 17 10.71 8.19 -6.43
C GLU A 17 10.27 6.90 -5.74
N TRP A 18 10.33 5.80 -6.47
CA TRP A 18 9.94 4.50 -5.93
C TRP A 18 11.05 3.92 -5.06
N GLU A 19 12.26 3.89 -5.59
CA GLU A 19 13.41 3.36 -4.86
C GLU A 19 13.50 3.98 -3.48
N GLU A 20 13.49 5.32 -3.42
CA GLU A 20 13.58 6.04 -2.15
C GLU A 20 12.30 5.85 -1.34
N ALA A 21 11.18 5.72 -2.03
CA ALA A 21 9.89 5.53 -1.36
C ALA A 21 9.94 4.34 -0.42
N VAL A 22 10.86 3.43 -0.66
CA VAL A 22 11.02 2.24 0.18
C VAL A 22 12.41 2.19 0.81
N PHE A 23 13.42 2.06 -0.03
CA PHE A 23 14.80 2.00 0.45
C PHE A 23 15.11 3.16 1.39
N LYS A 24 14.90 4.38 0.90
CA LYS A 24 15.15 5.57 1.70
C LYS A 24 14.09 5.75 2.78
N ASP A 25 12.89 5.25 2.50
CA ASP A 25 11.78 5.34 3.45
C ASP A 25 11.48 3.97 4.07
N ILE A 26 12.14 3.68 5.18
CA ILE A 26 11.95 2.42 5.88
C ILE A 26 10.58 2.36 6.55
N SER A 27 10.05 3.53 6.90
CA SER A 27 8.75 3.61 7.55
C SER A 27 7.72 2.77 6.81
N PRO A 28 6.61 2.46 7.49
CA PRO A 28 5.53 1.65 6.92
C PRO A 28 4.76 2.40 5.82
N LEU A 29 4.76 1.83 4.62
CA LEU A 29 4.07 2.43 3.49
C LEU A 29 3.34 1.38 2.66
N MET A 30 2.17 1.75 2.15
CA MET A 30 1.37 0.83 1.35
C MET A 30 1.42 1.21 -0.13
N VAL A 31 1.73 0.24 -0.98
CA VAL A 31 1.80 0.48 -2.42
C VAL A 31 0.55 0.00 -3.13
N LEU A 32 -0.41 0.91 -3.32
CA LEU A 32 -1.66 0.58 -3.99
C LEU A 32 -1.55 0.80 -5.49
N VAL A 33 -1.31 -0.28 -6.23
CA VAL A 33 -1.19 -0.20 -7.68
C VAL A 33 -2.56 -0.16 -8.35
N HIS A 34 -2.76 0.87 -9.17
CA HIS A 34 -4.04 1.03 -9.86
C HIS A 34 -3.82 1.09 -11.37
N ASN A 35 -4.79 0.59 -12.13
CA ASN A 35 -4.70 0.59 -13.59
C ASN A 35 -5.94 1.25 -14.20
N ARG A 36 -5.70 2.23 -15.07
CA ARG A 36 -6.79 2.94 -15.73
C ARG A 36 -7.42 2.08 -16.82
N TYR A 37 -6.62 1.17 -17.37
CA TYR A 37 -7.09 0.28 -18.44
C TYR A 37 -7.49 -1.07 -17.87
N LYS A 38 -7.94 -1.09 -16.62
CA LYS A 38 -8.35 -2.32 -15.96
C LYS A 38 -9.14 -2.03 -14.69
N ARG A 39 -10.38 -2.49 -14.65
CA ARG A 39 -11.24 -2.29 -13.49
C ARG A 39 -11.27 -0.81 -13.09
N PRO A 40 -12.01 0.00 -13.86
CA PRO A 40 -12.14 1.43 -13.61
C PRO A 40 -12.93 1.74 -12.35
N LYS A 41 -13.88 0.87 -12.02
CA LYS A 41 -14.71 1.04 -10.84
C LYS A 41 -13.96 0.58 -9.58
N GLU A 42 -13.36 -0.61 -9.67
CA GLU A 42 -12.61 -1.15 -8.53
C GLU A 42 -11.44 -0.25 -8.16
N ASN A 43 -10.85 0.38 -9.17
CA ASN A 43 -9.72 1.27 -8.94
C ASN A 43 -10.04 2.30 -7.85
N GLU A 44 -11.16 3.00 -8.02
CA GLU A 44 -11.57 4.00 -7.05
C GLU A 44 -12.08 3.35 -5.77
N LYS A 45 -12.78 2.22 -5.92
CA LYS A 45 -13.33 1.51 -4.78
C LYS A 45 -12.23 1.24 -3.73
N PHE A 46 -11.03 0.98 -4.21
CA PHE A 46 -9.90 0.72 -3.31
C PHE A 46 -9.42 2.00 -2.64
N ARG A 47 -9.03 2.97 -3.45
CA ARG A 47 -8.55 4.25 -2.93
C ARG A 47 -9.55 4.85 -1.94
N GLU A 48 -10.83 4.63 -2.21
CA GLU A 48 -11.89 5.15 -1.34
C GLU A 48 -11.77 4.57 0.06
N GLU A 49 -11.96 3.26 0.18
CA GLU A 49 -11.87 2.58 1.47
C GLU A 49 -10.50 2.80 2.11
N LEU A 50 -9.45 2.65 1.30
CA LEU A 50 -8.09 2.83 1.78
C LEU A 50 -7.93 4.16 2.51
N GLU A 51 -8.43 5.23 1.88
CA GLU A 51 -8.35 6.57 2.47
C GLU A 51 -8.93 6.57 3.89
N LYS A 52 -10.16 6.10 4.02
CA LYS A 52 -10.83 6.05 5.31
C LYS A 52 -10.02 5.22 6.31
N ALA A 53 -9.46 4.11 5.83
CA ALA A 53 -8.66 3.24 6.68
C ALA A 53 -7.59 4.03 7.44
N ILE A 54 -6.95 4.96 6.73
CA ILE A 54 -5.91 5.78 7.34
C ILE A 54 -6.48 6.69 8.43
N GLN A 55 -7.67 7.22 8.18
CA GLN A 55 -8.32 8.09 9.15
C GLN A 55 -8.68 7.33 10.43
N VAL A 56 -9.25 6.14 10.25
CA VAL A 56 -9.63 5.31 11.39
C VAL A 56 -8.47 5.16 12.38
N ILE A 57 -7.27 4.95 11.85
CA ILE A 57 -6.08 4.79 12.68
C ILE A 57 -5.80 6.06 13.49
N TRP A 58 -5.96 7.21 12.84
CA TRP A 58 -5.73 8.49 13.50
C TRP A 58 -6.47 8.56 14.84
N ASN A 59 -7.70 8.06 14.85
CA ASN A 59 -8.52 8.07 16.06
C ASN A 59 -7.96 7.08 17.09
N CYS A 60 -7.37 5.99 16.60
CA CYS A 60 -6.80 4.98 17.48
C CYS A 60 -5.77 5.59 18.43
N GLY A 61 -5.07 6.60 17.94
CA GLY A 61 -4.06 7.26 18.76
C GLY A 61 -2.65 6.89 18.35
N LEU A 62 -2.47 6.64 17.05
CA LEU A 62 -1.16 6.27 16.52
C LEU A 62 -0.94 6.87 15.14
N PRO A 63 0.32 7.17 14.81
CA PRO A 63 0.69 7.75 13.52
C PRO A 63 0.53 6.76 12.37
N SER A 64 -0.62 6.81 11.71
CA SER A 64 -0.90 5.91 10.59
C SER A 64 0.27 5.88 9.61
N PRO A 65 0.36 4.81 8.83
CA PRO A 65 1.42 4.63 7.82
C PRO A 65 1.28 5.60 6.65
N ARG A 66 2.09 5.39 5.62
CA ARG A 66 2.05 6.24 4.44
C ARG A 66 1.26 5.58 3.32
N CYS A 67 0.53 6.39 2.56
CA CYS A 67 -0.28 5.87 1.45
C CYS A 67 0.17 6.50 0.13
N VAL A 68 0.38 5.63 -0.87
CA VAL A 68 0.81 6.09 -2.18
C VAL A 68 0.19 5.24 -3.28
N ALA A 69 -0.21 5.89 -4.37
CA ALA A 69 -0.82 5.20 -5.50
C ALA A 69 0.03 5.33 -6.75
N VAL A 70 0.39 4.19 -7.34
CA VAL A 70 1.21 4.18 -8.54
C VAL A 70 0.42 3.68 -9.75
N ASP A 71 0.43 4.46 -10.82
CA ASP A 71 -0.29 4.09 -12.03
C ASP A 71 0.41 2.95 -12.76
N ALA A 72 -0.33 1.89 -13.03
CA ALA A 72 0.22 0.72 -13.72
C ALA A 72 0.36 0.99 -15.21
N VAL A 73 -0.57 1.75 -15.77
CA VAL A 73 -0.56 2.09 -17.18
C VAL A 73 0.60 3.03 -17.51
N VAL A 74 0.93 3.90 -16.56
CA VAL A 74 2.01 4.85 -16.75
C VAL A 74 3.34 4.29 -16.24
N GLU A 75 3.38 3.94 -14.96
CA GLU A 75 4.58 3.39 -14.35
C GLU A 75 4.67 1.88 -14.59
N THR A 76 4.68 1.49 -15.86
CA THR A 76 4.75 0.07 -16.23
C THR A 76 6.05 -0.55 -15.71
N ASP A 77 7.12 0.22 -15.71
CA ASP A 77 8.41 -0.26 -15.23
C ASP A 77 8.30 -0.78 -13.80
N LEU A 78 7.66 0.00 -12.94
CA LEU A 78 7.49 -0.37 -11.54
C LEU A 78 6.69 -1.66 -11.42
N VAL A 79 5.46 -1.64 -11.93
CA VAL A 79 4.58 -2.81 -11.88
C VAL A 79 5.30 -4.05 -12.41
N SER A 80 6.16 -3.85 -13.42
CA SER A 80 6.90 -4.95 -14.01
C SER A 80 7.80 -5.62 -12.99
N ALA A 81 8.37 -4.81 -12.09
CA ALA A 81 9.26 -5.33 -11.05
C ALA A 81 8.47 -6.07 -9.98
N LEU A 82 7.35 -5.49 -9.57
CA LEU A 82 6.50 -6.09 -8.55
C LEU A 82 5.79 -7.33 -9.09
N LYS A 83 5.64 -7.39 -10.40
CA LYS A 83 4.99 -8.53 -11.05
C LYS A 83 3.54 -8.68 -10.56
N VAL A 84 2.73 -7.65 -10.81
CA VAL A 84 1.34 -7.67 -10.39
C VAL A 84 0.47 -8.42 -11.40
N SER A 85 -0.70 -8.86 -10.95
CA SER A 85 -1.61 -9.60 -11.81
C SER A 85 -3.01 -8.98 -11.78
N VAL A 86 -3.55 -8.82 -10.58
CA VAL A 86 -4.87 -8.23 -10.40
C VAL A 86 -4.78 -6.78 -9.98
N PHE A 87 -5.82 -6.01 -10.29
CA PHE A 87 -5.85 -4.59 -9.94
C PHE A 87 -7.28 -4.14 -9.63
N PRO A 88 -7.41 -3.22 -8.66
CA PRO A 88 -6.28 -2.67 -7.93
C PRO A 88 -5.63 -3.69 -7.00
N GLU A 89 -4.61 -3.26 -6.27
CA GLU A 89 -3.90 -4.14 -5.35
C GLU A 89 -3.00 -3.34 -4.41
N ILE A 90 -3.11 -3.62 -3.11
CA ILE A 90 -2.31 -2.93 -2.11
C ILE A 90 -1.16 -3.80 -1.62
N ILE A 91 0.04 -3.51 -2.12
CA ILE A 91 1.23 -4.27 -1.73
C ILE A 91 1.86 -3.70 -0.47
N PHE A 92 1.37 -4.14 0.69
CA PHE A 92 1.89 -3.67 1.97
C PHE A 92 3.36 -4.06 2.13
N THR A 93 4.22 -3.06 2.18
CA THR A 93 5.65 -3.29 2.34
C THR A 93 6.21 -2.52 3.54
N LYS A 94 7.25 -3.07 4.15
CA LYS A 94 7.87 -2.44 5.31
C LYS A 94 9.39 -2.57 5.25
N ALA A 95 10.08 -1.44 5.37
CA ALA A 95 11.54 -1.42 5.33
C ALA A 95 12.05 -1.87 3.96
N GLY A 96 11.31 -1.52 2.92
CA GLY A 96 11.71 -1.89 1.57
C GLY A 96 11.55 -3.39 1.31
N LYS A 97 10.56 -3.99 1.96
CA LYS A 97 10.30 -5.42 1.79
C LYS A 97 8.80 -5.70 1.79
N ILE A 98 8.37 -6.56 0.86
CA ILE A 98 6.96 -6.92 0.76
C ILE A 98 6.55 -7.88 1.87
N LEU A 99 5.40 -7.64 2.47
CA LEU A 99 4.90 -8.48 3.55
C LEU A 99 3.69 -9.29 3.09
N TYR A 100 2.72 -8.61 2.49
CA TYR A 100 1.52 -9.27 2.00
C TYR A 100 0.73 -8.34 1.07
N ARG A 101 0.06 -8.94 0.09
CA ARG A 101 -0.73 -8.17 -0.87
C ARG A 101 -2.22 -8.45 -0.69
N GLU A 102 -3.00 -7.40 -0.50
CA GLU A 102 -4.45 -7.53 -0.32
C GLU A 102 -5.15 -7.62 -1.67
N LYS A 103 -6.08 -8.58 -1.79
CA LYS A 103 -6.83 -8.78 -3.01
C LYS A 103 -8.33 -8.81 -2.74
N GLY A 104 -8.96 -7.64 -2.81
CA GLY A 104 -10.39 -7.56 -2.56
C GLY A 104 -10.78 -6.34 -1.78
N ILE A 105 -11.78 -5.61 -2.26
CA ILE A 105 -12.25 -4.40 -1.60
C ILE A 105 -12.63 -4.68 -0.14
N ARG A 106 -11.89 -4.07 0.78
CA ARG A 106 -12.15 -4.26 2.20
C ARG A 106 -12.58 -2.95 2.84
N THR A 107 -13.21 -3.05 4.01
CA THR A 107 -13.69 -1.88 4.73
C THR A 107 -12.52 -1.11 5.36
N ALA A 108 -12.74 0.18 5.62
CA ALA A 108 -11.70 1.01 6.22
C ALA A 108 -11.13 0.37 7.46
N ASP A 109 -12.00 -0.17 8.30
CA ASP A 109 -11.57 -0.83 9.54
C ASP A 109 -10.81 -2.12 9.24
N GLU A 110 -11.46 -3.02 8.49
CA GLU A 110 -10.83 -4.29 8.13
C GLU A 110 -9.43 -4.07 7.58
N LEU A 111 -9.24 -2.97 6.85
CA LEU A 111 -7.95 -2.65 6.27
C LEU A 111 -6.97 -2.17 7.34
N SER A 112 -7.43 -1.26 8.18
CA SER A 112 -6.60 -0.71 9.25
C SER A 112 -5.97 -1.83 10.07
N LYS A 113 -6.80 -2.79 10.48
CA LYS A 113 -6.32 -3.92 11.27
C LYS A 113 -5.23 -4.68 10.54
N ILE A 114 -5.43 -4.88 9.23
CA ILE A 114 -4.46 -5.60 8.41
C ILE A 114 -3.08 -4.94 8.49
N MET A 115 -2.98 -3.73 7.97
CA MET A 115 -1.73 -2.99 7.98
C MET A 115 -1.21 -2.82 9.40
N ALA A 116 -2.12 -2.57 10.33
CA ALA A 116 -1.77 -2.39 11.73
C ALA A 116 -1.12 -3.65 12.30
N PHE A 117 -1.49 -4.80 11.77
CA PHE A 117 -0.95 -6.07 12.22
C PHE A 117 0.50 -6.24 11.75
N PHE A 118 0.80 -5.69 10.59
CA PHE A 118 2.14 -5.78 10.03
C PHE A 118 2.96 -4.54 10.39
N TYR A 119 2.36 -3.65 11.16
CA TYR A 119 3.04 -2.42 11.57
C TYR A 119 3.02 -2.27 13.09
N TYR A 120 1.85 -1.96 13.63
CA TYR A 120 1.68 -1.79 15.07
C TYR A 120 1.29 -3.10 15.73
N GLY A 121 1.57 -4.20 15.05
CA GLY A 121 1.23 -5.52 15.59
C GLY A 121 -0.17 -5.56 16.15
N ALA A 122 -1.08 -4.80 15.54
CA ALA A 122 -2.47 -4.76 15.98
C ALA A 122 -3.15 -6.11 15.78
N ALA A 123 -4.45 -6.17 16.06
CA ALA A 123 -5.21 -7.40 15.90
C ALA A 123 -5.39 -7.74 14.42
N LYS A 124 -5.83 -8.96 14.15
CA LYS A 124 -6.04 -9.42 12.79
C LYS A 124 -7.52 -9.75 12.54
N PRO A 125 -8.07 -9.19 11.45
CA PRO A 125 -9.48 -9.40 11.07
C PRO A 125 -9.73 -10.83 10.60
N PRO A 126 -11.02 -11.18 10.44
CA PRO A 126 -11.43 -12.51 9.99
C PRO A 126 -11.08 -12.75 8.53
N CYS A 127 -11.44 -11.80 7.67
CA CYS A 127 -11.17 -11.92 6.24
C CYS A 127 -9.69 -12.18 5.99
N LEU A 128 -8.83 -11.58 6.81
CA LEU A 128 -7.40 -11.76 6.68
C LEU A 128 -6.93 -13.05 7.34
N ASN A 129 -7.63 -13.44 8.41
CA ASN A 129 -7.29 -14.66 9.13
C ASN A 129 -7.18 -15.84 8.17
N GLY A 130 -8.01 -15.84 7.14
CA GLY A 130 -7.99 -16.91 6.16
C GLY A 130 -7.34 -16.51 4.85
N VAL A 131 -6.20 -15.83 4.95
CA VAL A 131 -5.48 -15.38 3.76
C VAL A 131 -4.07 -15.95 3.73
N VAL A 132 -3.44 -15.88 2.56
CA VAL A 132 -2.08 -16.38 2.39
C VAL A 132 -1.09 -15.24 2.21
N ASN A 133 -0.24 -15.03 3.20
CA ASN A 133 0.75 -13.96 3.16
C ASN A 133 2.15 -14.53 2.93
N SER A 134 3.05 -13.70 2.43
CA SER A 134 4.42 -14.13 2.16
C SER A 134 5.37 -12.92 2.14
N GLN A 135 6.53 -13.10 2.78
CA GLN A 135 7.52 -12.02 2.84
C GLN A 135 8.55 -12.18 1.72
N GLU A 136 8.90 -11.05 1.10
CA GLU A 136 9.87 -11.06 0.01
C GLU A 136 10.40 -9.65 -0.24
N GLN A 137 11.72 -9.55 -0.43
CA GLN A 137 12.35 -8.26 -0.68
C GLN A 137 11.64 -7.52 -1.82
N ILE A 138 11.85 -6.21 -1.86
CA ILE A 138 11.23 -5.39 -2.89
C ILE A 138 12.15 -5.22 -4.10
N PRO A 139 11.61 -5.46 -5.29
CA PRO A 139 12.38 -5.35 -6.55
C PRO A 139 12.71 -3.89 -6.88
N LEU A 140 14.00 -3.58 -6.88
CA LEU A 140 14.45 -2.23 -7.19
C LEU A 140 14.43 -1.98 -8.70
N VAL A 141 13.59 -1.05 -9.12
CA VAL A 141 13.48 -0.71 -10.54
C VAL A 141 14.62 0.18 -10.98
N ASP A 142 15.14 -0.07 -12.18
CA ASP A 142 16.24 0.72 -12.72
C ASP A 142 15.74 2.06 -13.26
N VAL A 143 16.09 3.13 -12.57
CA VAL A 143 15.68 4.47 -12.97
C VAL A 143 16.84 5.25 -13.58
N SER A 144 16.59 5.91 -14.70
CA SER A 144 17.62 6.68 -15.38
C SER A 144 17.24 8.16 -15.44
N VAL A 145 18.16 9.02 -15.00
CA VAL A 145 17.91 10.46 -15.00
C VAL A 145 18.18 11.06 -16.38
N ASN A 146 17.19 11.77 -16.90
CA ASN A 146 17.31 12.40 -18.21
C ASN A 146 18.48 13.36 -18.25
N HIS A 2 2.18 15.22 23.26
CA HIS A 2 1.43 14.68 22.13
C HIS A 2 2.21 13.55 21.45
N MET A 3 1.48 12.53 21.01
CA MET A 3 2.08 11.38 20.35
C MET A 3 1.64 11.30 18.88
N ASP A 4 0.36 10.99 18.69
CA ASP A 4 -0.20 10.88 17.34
C ASP A 4 -0.22 12.24 16.64
N ASN A 5 -0.68 12.24 15.40
CA ASN A 5 -0.75 13.48 14.62
C ASN A 5 -1.36 13.22 13.25
N TYR A 6 -1.28 14.21 12.37
CA TYR A 6 -1.83 14.10 11.03
C TYR A 6 -0.84 13.42 10.09
N ILE A 7 -1.36 12.84 9.01
CA ILE A 7 -0.51 12.16 8.04
C ILE A 7 -0.94 12.49 6.61
N ARG A 8 0.03 12.79 5.76
CA ARG A 8 -0.24 13.12 4.37
C ARG A 8 -1.14 12.07 3.73
N PRO A 9 -2.17 12.55 2.99
CA PRO A 9 -3.13 11.67 2.31
C PRO A 9 -2.49 10.92 1.14
N ILE A 10 -3.27 10.04 0.52
CA ILE A 10 -2.79 9.27 -0.62
C ILE A 10 -2.15 10.17 -1.67
N LYS A 11 -0.85 9.98 -1.89
CA LYS A 11 -0.11 10.78 -2.87
C LYS A 11 0.30 9.92 -4.05
N ASP A 12 0.49 10.56 -5.20
CA ASP A 12 0.90 9.86 -6.41
C ASP A 12 2.40 9.56 -6.39
N LEU A 13 2.75 8.28 -6.47
CA LEU A 13 4.15 7.87 -6.46
C LEU A 13 4.60 7.43 -7.84
N THR A 14 5.88 7.62 -8.14
CA THR A 14 6.43 7.24 -9.43
C THR A 14 7.75 6.48 -9.26
N THR A 15 8.12 5.73 -10.29
CA THR A 15 9.36 4.95 -10.26
C THR A 15 10.54 5.82 -9.85
N ALA A 16 10.56 7.05 -10.34
CA ALA A 16 11.64 7.99 -10.02
C ALA A 16 11.79 8.15 -8.51
N GLU A 17 10.66 8.12 -7.79
CA GLU A 17 10.68 8.26 -6.35
C GLU A 17 10.24 6.97 -5.66
N TRP A 18 10.37 5.86 -6.38
CA TRP A 18 9.99 4.56 -5.84
C TRP A 18 11.09 3.99 -4.96
N GLU A 19 12.31 3.94 -5.50
CA GLU A 19 13.45 3.41 -4.76
C GLU A 19 13.53 4.04 -3.37
N GLU A 20 13.51 5.37 -3.33
CA GLU A 20 13.60 6.10 -2.07
C GLU A 20 12.32 5.90 -1.25
N ALA A 21 11.19 5.79 -1.95
CA ALA A 21 9.91 5.59 -1.28
C ALA A 21 9.96 4.41 -0.31
N VAL A 22 10.91 3.50 -0.54
CA VAL A 22 11.06 2.33 0.31
C VAL A 22 12.44 2.30 0.96
N PHE A 23 13.47 2.25 0.13
CA PHE A 23 14.85 2.22 0.62
C PHE A 23 15.11 3.38 1.58
N LYS A 24 14.93 4.60 1.07
CA LYS A 24 15.14 5.80 1.87
C LYS A 24 14.07 5.93 2.96
N ASP A 25 12.87 5.47 2.65
CA ASP A 25 11.76 5.53 3.60
C ASP A 25 11.49 4.16 4.21
N ILE A 26 12.16 3.87 5.32
CA ILE A 26 12.00 2.59 6.01
C ILE A 26 10.61 2.50 6.65
N SER A 27 10.04 3.65 6.99
CA SER A 27 8.73 3.68 7.62
C SER A 27 7.74 2.79 6.86
N PRO A 28 6.64 2.44 7.54
CA PRO A 28 5.59 1.59 6.95
C PRO A 28 4.81 2.31 5.86
N LEU A 29 4.83 1.75 4.65
CA LEU A 29 4.13 2.33 3.52
C LEU A 29 3.40 1.26 2.72
N MET A 30 2.29 1.64 2.10
CA MET A 30 1.50 0.71 1.30
C MET A 30 1.52 1.12 -0.18
N VAL A 31 1.90 0.18 -1.05
CA VAL A 31 1.96 0.45 -2.48
C VAL A 31 0.66 0.02 -3.17
N LEU A 32 -0.27 0.95 -3.31
CA LEU A 32 -1.54 0.67 -3.95
C LEU A 32 -1.42 0.77 -5.47
N VAL A 33 -1.31 -0.38 -6.13
CA VAL A 33 -1.19 -0.42 -7.58
C VAL A 33 -2.57 -0.46 -8.24
N HIS A 34 -2.90 0.60 -8.98
CA HIS A 34 -4.18 0.68 -9.66
C HIS A 34 -3.99 0.78 -11.17
N ASN A 35 -5.08 0.68 -11.91
CA ASN A 35 -5.04 0.76 -13.37
C ASN A 35 -6.30 1.41 -13.93
N ARG A 36 -6.15 2.13 -15.03
CA ARG A 36 -7.28 2.80 -15.66
C ARG A 36 -8.03 1.86 -16.60
N TYR A 37 -7.30 0.92 -17.19
CA TYR A 37 -7.88 -0.04 -18.12
C TYR A 37 -8.50 -1.20 -17.36
N LYS A 38 -7.86 -1.60 -16.27
CA LYS A 38 -8.35 -2.70 -15.44
C LYS A 38 -9.18 -2.19 -14.27
N ARG A 39 -10.44 -2.62 -14.22
CA ARG A 39 -11.34 -2.20 -13.15
C ARG A 39 -11.35 -0.68 -13.01
N PRO A 40 -12.08 -0.01 -13.91
CA PRO A 40 -12.18 1.46 -13.91
C PRO A 40 -12.99 1.98 -12.73
N LYS A 41 -14.00 1.20 -12.31
CA LYS A 41 -14.85 1.58 -11.20
C LYS A 41 -14.21 1.16 -9.87
N GLU A 42 -13.87 -0.13 -9.76
CA GLU A 42 -13.26 -0.64 -8.54
C GLU A 42 -12.10 0.23 -8.10
N ASN A 43 -11.40 0.82 -9.07
CA ASN A 43 -10.26 1.67 -8.78
C ASN A 43 -10.61 2.73 -7.75
N GLU A 44 -11.86 3.21 -7.80
CA GLU A 44 -12.32 4.23 -6.87
C GLU A 44 -12.73 3.59 -5.54
N LYS A 45 -13.55 2.55 -5.61
CA LYS A 45 -14.01 1.86 -4.42
C LYS A 45 -12.83 1.49 -3.52
N PHE A 46 -11.71 1.13 -4.13
CA PHE A 46 -10.51 0.75 -3.39
C PHE A 46 -9.91 1.96 -2.68
N ARG A 47 -9.48 2.95 -3.46
CA ARG A 47 -8.88 4.15 -2.91
C ARG A 47 -9.78 4.77 -1.84
N GLU A 48 -11.09 4.66 -2.04
CA GLU A 48 -12.06 5.20 -1.08
C GLU A 48 -11.94 4.50 0.26
N GLU A 49 -11.97 3.17 0.23
CA GLU A 49 -11.88 2.37 1.45
C GLU A 49 -10.50 2.53 2.10
N LEU A 50 -9.47 2.64 1.27
CA LEU A 50 -8.10 2.79 1.75
C LEU A 50 -7.93 4.13 2.46
N GLU A 51 -8.39 5.20 1.83
CA GLU A 51 -8.28 6.53 2.40
C GLU A 51 -8.84 6.56 3.82
N LYS A 52 -10.09 6.14 3.97
CA LYS A 52 -10.75 6.12 5.27
C LYS A 52 -9.93 5.30 6.27
N ALA A 53 -9.32 4.22 5.80
CA ALA A 53 -8.51 3.36 6.64
C ALA A 53 -7.40 4.15 7.33
N ILE A 54 -6.80 5.08 6.60
CA ILE A 54 -5.73 5.90 7.14
C ILE A 54 -6.24 6.81 8.25
N GLN A 55 -7.47 7.32 8.08
CA GLN A 55 -8.07 8.20 9.06
C GLN A 55 -8.45 7.43 10.33
N VAL A 56 -8.97 6.22 10.14
CA VAL A 56 -9.36 5.39 11.26
C VAL A 56 -8.23 5.24 12.27
N ILE A 57 -7.03 5.00 11.75
CA ILE A 57 -5.85 4.84 12.60
C ILE A 57 -5.58 6.11 13.41
N TRP A 58 -5.72 7.26 12.77
CA TRP A 58 -5.50 8.54 13.43
C TRP A 58 -6.25 8.61 14.75
N ASN A 59 -7.48 8.11 14.75
CA ASN A 59 -8.31 8.12 15.95
C ASN A 59 -7.77 7.15 17.00
N CYS A 60 -7.18 6.05 16.53
CA CYS A 60 -6.62 5.05 17.41
C CYS A 60 -5.59 5.66 18.36
N GLY A 61 -4.89 6.68 17.88
CA GLY A 61 -3.88 7.35 18.69
C GLY A 61 -2.47 6.97 18.28
N LEU A 62 -2.27 6.71 17.00
CA LEU A 62 -0.97 6.33 16.48
C LEU A 62 -0.75 6.92 15.08
N PRO A 63 0.53 7.21 14.76
CA PRO A 63 0.90 7.76 13.45
C PRO A 63 0.74 6.76 12.32
N SER A 64 -0.40 6.81 11.64
CA SER A 64 -0.67 5.90 10.54
C SER A 64 0.50 5.86 9.56
N PRO A 65 0.59 4.77 8.79
CA PRO A 65 1.66 4.58 7.80
C PRO A 65 1.52 5.53 6.61
N ARG A 66 2.32 5.29 5.58
CA ARG A 66 2.28 6.12 4.38
C ARG A 66 1.43 5.47 3.30
N CYS A 67 0.68 6.29 2.56
CA CYS A 67 -0.17 5.79 1.50
C CYS A 67 0.20 6.42 0.16
N VAL A 68 0.54 5.57 -0.81
CA VAL A 68 0.93 6.05 -2.14
C VAL A 68 0.28 5.20 -3.23
N ALA A 69 -0.17 5.86 -4.30
CA ALA A 69 -0.80 5.16 -5.41
C ALA A 69 0.03 5.31 -6.69
N VAL A 70 0.24 4.19 -7.38
CA VAL A 70 1.01 4.19 -8.62
C VAL A 70 0.20 3.65 -9.78
N ASP A 71 0.14 4.41 -10.86
CA ASP A 71 -0.61 4.00 -12.04
C ASP A 71 0.11 2.89 -12.80
N ALA A 72 -0.59 1.78 -13.02
CA ALA A 72 -0.01 0.64 -13.72
C ALA A 72 0.12 0.92 -15.21
N VAL A 73 -0.83 1.69 -15.75
CA VAL A 73 -0.82 2.04 -17.17
C VAL A 73 0.38 2.92 -17.51
N VAL A 74 0.78 3.74 -16.56
CA VAL A 74 1.92 4.64 -16.75
C VAL A 74 3.21 4.01 -16.27
N GLU A 75 3.25 3.65 -14.99
CA GLU A 75 4.43 3.03 -14.41
C GLU A 75 4.49 1.54 -14.74
N THR A 76 4.81 1.24 -15.99
CA THR A 76 4.90 -0.15 -16.42
C THR A 76 6.13 -0.84 -15.84
N ASP A 77 7.21 -0.10 -15.69
CA ASP A 77 8.44 -0.63 -15.14
C ASP A 77 8.24 -1.07 -13.69
N LEU A 78 7.83 -0.12 -12.85
CA LEU A 78 7.60 -0.40 -11.44
C LEU A 78 6.69 -1.61 -11.26
N VAL A 79 5.52 -1.57 -11.89
CA VAL A 79 4.56 -2.66 -11.81
C VAL A 79 5.22 -3.99 -12.15
N SER A 80 5.90 -4.04 -13.28
CA SER A 80 6.57 -5.26 -13.72
C SER A 80 7.46 -5.82 -12.62
N ALA A 81 8.10 -4.91 -11.87
CA ALA A 81 8.98 -5.31 -10.78
C ALA A 81 8.19 -6.00 -9.66
N LEU A 82 7.04 -5.44 -9.33
CA LEU A 82 6.19 -5.99 -8.27
C LEU A 82 5.56 -7.31 -8.72
N LYS A 83 5.48 -7.50 -10.04
CA LYS A 83 4.89 -8.71 -10.59
C LYS A 83 3.43 -8.85 -10.17
N VAL A 84 2.73 -7.73 -10.10
CA VAL A 84 1.32 -7.73 -9.71
C VAL A 84 0.44 -8.24 -10.85
N SER A 85 -0.58 -9.02 -10.49
CA SER A 85 -1.50 -9.56 -11.48
C SER A 85 -2.91 -9.02 -11.28
N VAL A 86 -3.28 -8.80 -10.02
CA VAL A 86 -4.60 -8.28 -9.69
C VAL A 86 -4.57 -6.76 -9.53
N PHE A 87 -5.64 -6.11 -9.97
CA PHE A 87 -5.73 -4.66 -9.88
C PHE A 87 -7.17 -4.22 -9.58
N PRO A 88 -7.31 -3.30 -8.61
CA PRO A 88 -6.18 -2.74 -7.88
C PRO A 88 -5.52 -3.76 -6.95
N GLU A 89 -4.53 -3.31 -6.19
CA GLU A 89 -3.81 -4.18 -5.26
C GLU A 89 -3.01 -3.36 -4.26
N ILE A 90 -3.16 -3.70 -2.98
CA ILE A 90 -2.45 -3.00 -1.92
C ILE A 90 -1.28 -3.83 -1.40
N ILE A 91 -0.09 -3.56 -1.93
CA ILE A 91 1.12 -4.28 -1.51
C ILE A 91 1.69 -3.69 -0.24
N PHE A 92 1.30 -4.25 0.90
CA PHE A 92 1.79 -3.77 2.20
C PHE A 92 3.28 -4.01 2.34
N THR A 93 4.06 -2.94 2.26
CA THR A 93 5.51 -3.03 2.37
C THR A 93 6.01 -2.39 3.66
N LYS A 94 7.22 -2.77 4.07
CA LYS A 94 7.80 -2.23 5.30
C LYS A 94 9.32 -2.39 5.28
N ALA A 95 10.02 -1.30 5.55
CA ALA A 95 11.48 -1.31 5.57
C ALA A 95 12.04 -1.76 4.23
N GLY A 96 11.35 -1.39 3.15
CA GLY A 96 11.80 -1.76 1.82
C GLY A 96 11.64 -3.24 1.54
N LYS A 97 10.62 -3.85 2.14
CA LYS A 97 10.35 -5.26 1.96
C LYS A 97 8.85 -5.55 2.00
N ILE A 98 8.38 -6.38 1.07
CA ILE A 98 6.97 -6.73 1.01
C ILE A 98 6.59 -7.71 2.11
N LEU A 99 5.40 -7.54 2.66
CA LEU A 99 4.91 -8.41 3.72
C LEU A 99 3.70 -9.21 3.26
N TYR A 100 2.72 -8.52 2.68
CA TYR A 100 1.51 -9.16 2.19
C TYR A 100 0.78 -8.27 1.20
N ARG A 101 0.09 -8.90 0.25
CA ARG A 101 -0.66 -8.16 -0.77
C ARG A 101 -2.14 -8.49 -0.70
N GLU A 102 -2.96 -7.49 -0.42
CA GLU A 102 -4.39 -7.67 -0.32
C GLU A 102 -5.05 -7.59 -1.70
N LYS A 103 -5.91 -8.56 -2.00
CA LYS A 103 -6.60 -8.60 -3.29
C LYS A 103 -8.10 -8.76 -3.09
N GLY A 104 -8.81 -7.64 -3.02
CA GLY A 104 -10.25 -7.68 -2.83
C GLY A 104 -10.77 -6.49 -2.05
N ILE A 105 -11.98 -6.07 -2.36
CA ILE A 105 -12.59 -4.93 -1.68
C ILE A 105 -12.63 -5.15 -0.17
N ARG A 106 -12.08 -4.19 0.57
CA ARG A 106 -12.05 -4.29 2.02
C ARG A 106 -12.50 -2.97 2.67
N THR A 107 -13.06 -3.07 3.87
CA THR A 107 -13.54 -1.89 4.58
C THR A 107 -12.39 -1.13 5.22
N ALA A 108 -12.60 0.16 5.47
CA ALA A 108 -11.57 1.00 6.07
C ALA A 108 -11.05 0.37 7.36
N ASP A 109 -11.95 -0.07 8.22
CA ASP A 109 -11.57 -0.70 9.48
C ASP A 109 -10.82 -2.00 9.24
N GLU A 110 -11.43 -2.89 8.46
CA GLU A 110 -10.81 -4.18 8.16
C GLU A 110 -9.39 -3.99 7.64
N LEU A 111 -9.21 -3.00 6.77
CA LEU A 111 -7.89 -2.71 6.20
C LEU A 111 -6.93 -2.23 7.27
N SER A 112 -7.36 -1.25 8.05
CA SER A 112 -6.53 -0.69 9.12
C SER A 112 -5.93 -1.80 9.96
N LYS A 113 -6.75 -2.80 10.29
CA LYS A 113 -6.30 -3.92 11.11
C LYS A 113 -5.18 -4.69 10.40
N ILE A 114 -5.30 -4.81 9.08
CA ILE A 114 -4.30 -5.52 8.29
C ILE A 114 -2.93 -4.85 8.41
N MET A 115 -2.82 -3.64 7.86
CA MET A 115 -1.57 -2.90 7.90
C MET A 115 -1.07 -2.75 9.34
N ALA A 116 -1.99 -2.44 10.25
CA ALA A 116 -1.65 -2.27 11.66
C ALA A 116 -1.08 -3.55 12.24
N PHE A 117 -1.49 -4.68 11.69
CA PHE A 117 -1.02 -5.98 12.15
C PHE A 117 0.45 -6.20 11.78
N PHE A 118 0.84 -5.68 10.63
CA PHE A 118 2.22 -5.81 10.15
C PHE A 118 3.04 -4.59 10.53
N TYR A 119 2.41 -3.66 11.23
CA TYR A 119 3.08 -2.43 11.66
C TYR A 119 3.04 -2.29 13.17
N TYR A 120 1.85 -1.96 13.70
CA TYR A 120 1.69 -1.79 15.13
C TYR A 120 1.21 -3.08 15.79
N GLY A 121 1.49 -4.20 15.12
CA GLY A 121 1.09 -5.50 15.65
C GLY A 121 -0.36 -5.50 16.14
N ALA A 122 -1.23 -4.79 15.43
CA ALA A 122 -2.63 -4.72 15.80
C ALA A 122 -3.34 -6.03 15.51
N ALA A 123 -4.65 -6.06 15.75
CA ALA A 123 -5.45 -7.25 15.51
C ALA A 123 -5.57 -7.55 14.01
N LYS A 124 -5.87 -8.79 13.68
CA LYS A 124 -6.02 -9.20 12.29
C LYS A 124 -7.46 -9.59 11.98
N PRO A 125 -7.99 -9.07 10.86
CA PRO A 125 -9.36 -9.35 10.43
C PRO A 125 -9.55 -10.80 9.97
N PRO A 126 -10.81 -11.20 9.78
CA PRO A 126 -11.15 -12.56 9.35
C PRO A 126 -10.74 -12.83 7.90
N CYS A 127 -11.00 -11.86 7.03
CA CYS A 127 -10.65 -11.99 5.62
C CYS A 127 -9.19 -12.38 5.45
N LEU A 128 -8.34 -11.89 6.34
CA LEU A 128 -6.92 -12.19 6.30
C LEU A 128 -6.64 -13.60 6.82
N ASN A 129 -7.39 -14.00 7.84
CA ASN A 129 -7.22 -15.33 8.43
C ASN A 129 -7.25 -16.41 7.36
N GLY A 130 -8.04 -16.18 6.31
CA GLY A 130 -8.14 -17.14 5.23
C GLY A 130 -7.46 -16.66 3.96
N VAL A 131 -6.34 -15.98 4.11
CA VAL A 131 -5.59 -15.46 2.97
C VAL A 131 -4.17 -16.02 2.95
N VAL A 132 -3.49 -15.87 1.81
CA VAL A 132 -2.13 -16.35 1.66
C VAL A 132 -1.14 -15.20 1.65
N ASN A 133 -0.35 -15.10 2.71
CA ASN A 133 0.64 -14.04 2.83
C ASN A 133 2.06 -14.61 2.76
N SER A 134 3.02 -13.76 2.41
CA SER A 134 4.41 -14.17 2.31
C SER A 134 5.34 -12.96 2.31
N GLN A 135 6.52 -13.14 2.91
CA GLN A 135 7.50 -12.07 2.98
C GLN A 135 8.50 -12.15 1.83
N GLU A 136 8.77 -11.01 1.20
CA GLU A 136 9.70 -10.96 0.09
C GLU A 136 10.25 -9.55 -0.10
N GLN A 137 11.57 -9.44 -0.20
CA GLN A 137 12.22 -8.15 -0.39
C GLN A 137 11.61 -7.39 -1.55
N ILE A 138 11.76 -6.07 -1.54
CA ILE A 138 11.22 -5.22 -2.60
C ILE A 138 12.23 -5.04 -3.72
N PRO A 139 11.79 -5.31 -4.96
CA PRO A 139 12.64 -5.18 -6.15
C PRO A 139 12.97 -3.72 -6.48
N LEU A 140 14.24 -3.42 -6.62
CA LEU A 140 14.69 -2.07 -6.93
C LEU A 140 14.64 -1.81 -8.43
N VAL A 141 13.77 -0.90 -8.85
CA VAL A 141 13.62 -0.56 -10.26
C VAL A 141 14.82 0.25 -10.75
N ASP A 142 15.23 -0.01 -11.99
CA ASP A 142 16.36 0.70 -12.58
C ASP A 142 15.90 2.01 -13.22
N VAL A 143 16.22 3.12 -12.57
CA VAL A 143 15.84 4.44 -13.07
C VAL A 143 17.08 5.26 -13.42
N SER A 144 17.04 5.90 -14.58
CA SER A 144 18.16 6.73 -15.03
C SER A 144 17.76 8.19 -15.10
N VAL A 145 18.55 9.05 -14.44
CA VAL A 145 18.28 10.47 -14.42
C VAL A 145 19.49 11.27 -14.92
N ASN A 146 19.40 11.73 -16.17
CA ASN A 146 20.48 12.50 -16.77
C ASN A 146 19.98 13.87 -17.23
N HIS A 2 1.56 7.54 23.04
CA HIS A 2 2.67 7.96 22.20
C HIS A 2 2.39 9.31 21.55
N MET A 3 3.36 9.81 20.80
CA MET A 3 3.22 11.10 20.12
C MET A 3 2.57 10.92 18.75
N ASP A 4 1.26 11.13 18.69
CA ASP A 4 0.52 11.00 17.44
C ASP A 4 0.36 12.35 16.75
N ASN A 5 -0.17 12.32 15.53
CA ASN A 5 -0.37 13.55 14.77
C ASN A 5 -1.02 13.25 13.42
N TYR A 6 -1.06 14.25 12.55
CA TYR A 6 -1.65 14.09 11.22
C TYR A 6 -0.69 13.41 10.28
N ILE A 7 -1.22 12.81 9.21
CA ILE A 7 -0.41 12.12 8.22
C ILE A 7 -0.84 12.48 6.81
N ARG A 8 0.14 12.73 5.93
CA ARG A 8 -0.15 13.08 4.55
C ARG A 8 -1.11 12.08 3.92
N PRO A 9 -2.14 12.60 3.23
CA PRO A 9 -3.14 11.76 2.56
C PRO A 9 -2.58 11.01 1.37
N ILE A 10 -3.41 10.17 0.75
CA ILE A 10 -2.99 9.39 -0.40
C ILE A 10 -2.34 10.28 -1.47
N LYS A 11 -1.05 10.07 -1.69
CA LYS A 11 -0.31 10.85 -2.68
C LYS A 11 0.11 9.98 -3.84
N ASP A 12 0.31 10.61 -5.00
CA ASP A 12 0.72 9.89 -6.20
C ASP A 12 2.22 9.57 -6.16
N LEU A 13 2.56 8.32 -6.44
CA LEU A 13 3.96 7.89 -6.43
C LEU A 13 4.40 7.46 -7.83
N THR A 14 5.70 7.57 -8.10
CA THR A 14 6.24 7.19 -9.39
C THR A 14 7.60 6.50 -9.24
N THR A 15 8.03 5.79 -10.28
CA THR A 15 9.30 5.08 -10.25
C THR A 15 10.43 6.00 -9.82
N ALA A 16 10.41 7.24 -10.33
CA ALA A 16 11.44 8.21 -9.98
C ALA A 16 11.59 8.35 -8.48
N GLU A 17 10.47 8.29 -7.76
CA GLU A 17 10.47 8.40 -6.31
C GLU A 17 10.03 7.09 -5.66
N TRP A 18 10.20 5.99 -6.38
CA TRP A 18 9.81 4.68 -5.87
C TRP A 18 10.91 4.09 -4.98
N GLU A 19 12.13 4.05 -5.51
CA GLU A 19 13.26 3.50 -4.76
C GLU A 19 13.34 4.13 -3.37
N GLU A 20 13.33 5.45 -3.32
CA GLU A 20 13.39 6.17 -2.05
C GLU A 20 12.13 5.96 -1.24
N ALA A 21 11.00 5.86 -1.93
CA ALA A 21 9.71 5.66 -1.28
C ALA A 21 9.76 4.48 -0.30
N VAL A 22 10.69 3.56 -0.56
CA VAL A 22 10.86 2.39 0.29
C VAL A 22 12.24 2.35 0.93
N PHE A 23 13.27 2.24 0.09
CA PHE A 23 14.64 2.20 0.57
C PHE A 23 14.92 3.36 1.53
N LYS A 24 14.75 4.58 1.03
CA LYS A 24 14.98 5.77 1.83
C LYS A 24 13.93 5.90 2.94
N ASP A 25 12.72 5.45 2.64
CA ASP A 25 11.62 5.51 3.60
C ASP A 25 11.36 4.14 4.22
N ILE A 26 12.11 3.81 5.27
CA ILE A 26 11.95 2.52 5.94
C ILE A 26 10.57 2.39 6.55
N SER A 27 9.99 3.51 6.95
CA SER A 27 8.67 3.53 7.55
C SER A 27 7.68 2.70 6.72
N PRO A 28 6.57 2.31 7.34
CA PRO A 28 5.52 1.51 6.68
C PRO A 28 4.77 2.32 5.63
N LEU A 29 4.56 1.71 4.46
CA LEU A 29 3.86 2.37 3.37
C LEU A 29 3.09 1.36 2.53
N MET A 30 1.96 1.78 1.98
CA MET A 30 1.14 0.91 1.14
C MET A 30 1.20 1.33 -0.32
N VAL A 31 1.57 0.39 -1.18
CA VAL A 31 1.68 0.67 -2.61
C VAL A 31 0.41 0.25 -3.34
N LEU A 32 -0.52 1.18 -3.52
CA LEU A 32 -1.77 0.90 -4.20
C LEU A 32 -1.58 0.94 -5.72
N VAL A 33 -1.38 -0.24 -6.31
CA VAL A 33 -1.19 -0.34 -7.75
C VAL A 33 -2.52 -0.47 -8.47
N HIS A 34 -2.90 0.58 -9.20
CA HIS A 34 -4.16 0.58 -9.94
C HIS A 34 -3.90 0.51 -11.45
N ASN A 35 -4.97 0.40 -12.23
CA ASN A 35 -4.86 0.33 -13.67
C ASN A 35 -6.10 0.91 -14.34
N ARG A 36 -5.89 1.86 -15.26
CA ARG A 36 -6.99 2.50 -15.96
C ARG A 36 -7.62 1.54 -16.96
N TYR A 37 -6.82 0.60 -17.47
CA TYR A 37 -7.31 -0.38 -18.43
C TYR A 37 -7.72 -1.67 -17.74
N LYS A 38 -8.16 -1.54 -16.49
CA LYS A 38 -8.59 -2.70 -15.70
C LYS A 38 -9.36 -2.26 -14.47
N ARG A 39 -10.62 -2.67 -14.38
CA ARG A 39 -11.46 -2.32 -13.24
C ARG A 39 -11.38 -0.83 -12.94
N PRO A 40 -12.06 -0.03 -13.79
CA PRO A 40 -12.09 1.43 -13.64
C PRO A 40 -12.88 1.88 -12.42
N LYS A 41 -13.89 1.09 -12.05
CA LYS A 41 -14.72 1.40 -10.90
C LYS A 41 -14.02 1.02 -9.60
N GLU A 42 -13.64 -0.25 -9.49
CA GLU A 42 -12.95 -0.74 -8.30
C GLU A 42 -11.79 0.18 -7.92
N ASN A 43 -11.17 0.78 -8.93
CA ASN A 43 -10.04 1.67 -8.70
C ASN A 43 -10.38 2.72 -7.63
N GLU A 44 -11.62 3.21 -7.66
CA GLU A 44 -12.06 4.20 -6.70
C GLU A 44 -12.45 3.55 -5.38
N LYS A 45 -12.93 2.31 -5.46
CA LYS A 45 -13.34 1.58 -4.27
C LYS A 45 -12.16 1.35 -3.34
N PHE A 46 -10.99 1.13 -3.92
CA PHE A 46 -9.77 0.90 -3.14
C PHE A 46 -9.27 2.20 -2.52
N ARG A 47 -9.02 3.19 -3.35
CA ARG A 47 -8.53 4.49 -2.89
C ARG A 47 -9.49 5.08 -1.87
N GLU A 48 -10.78 4.87 -2.07
CA GLU A 48 -11.80 5.40 -1.16
C GLU A 48 -11.60 4.84 0.25
N GLU A 49 -11.78 3.53 0.39
CA GLU A 49 -11.63 2.88 1.68
C GLU A 49 -10.23 3.11 2.24
N LEU A 50 -9.23 3.07 1.37
CA LEU A 50 -7.84 3.28 1.77
C LEU A 50 -7.69 4.59 2.53
N GLU A 51 -8.32 5.64 2.02
CA GLU A 51 -8.25 6.96 2.65
C GLU A 51 -8.81 6.91 4.06
N LYS A 52 -10.00 6.35 4.22
CA LYS A 52 -10.64 6.24 5.52
C LYS A 52 -9.81 5.37 6.46
N ALA A 53 -9.25 4.29 5.91
CA ALA A 53 -8.44 3.37 6.70
C ALA A 53 -7.35 4.12 7.46
N ILE A 54 -6.68 5.04 6.78
CA ILE A 54 -5.62 5.83 7.40
C ILE A 54 -6.16 6.72 8.51
N GLN A 55 -7.37 7.24 8.31
CA GLN A 55 -8.00 8.10 9.31
C GLN A 55 -8.37 7.30 10.56
N VAL A 56 -8.89 6.09 10.35
CA VAL A 56 -9.28 5.24 11.47
C VAL A 56 -8.14 5.08 12.46
N ILE A 57 -6.94 4.85 11.94
CA ILE A 57 -5.76 4.67 12.78
C ILE A 57 -5.49 5.91 13.61
N TRP A 58 -5.64 7.07 12.99
CA TRP A 58 -5.41 8.34 13.68
C TRP A 58 -6.16 8.38 15.01
N ASN A 59 -7.38 7.89 15.01
CA ASN A 59 -8.20 7.87 16.21
C ASN A 59 -7.65 6.87 17.24
N CYS A 60 -7.06 5.80 16.73
CA CYS A 60 -6.48 4.77 17.60
C CYS A 60 -5.46 5.37 18.55
N GLY A 61 -4.75 6.39 18.07
CA GLY A 61 -3.74 7.04 18.89
C GLY A 61 -2.33 6.67 18.47
N LEU A 62 -2.14 6.45 17.17
CA LEU A 62 -0.83 6.09 16.64
C LEU A 62 -0.63 6.70 15.26
N PRO A 63 0.64 6.98 14.93
CA PRO A 63 1.01 7.57 13.64
C PRO A 63 0.84 6.59 12.48
N SER A 64 -0.31 6.67 11.82
CA SER A 64 -0.60 5.78 10.70
C SER A 64 0.55 5.77 9.69
N PRO A 65 0.63 4.69 8.91
CA PRO A 65 1.69 4.52 7.90
C PRO A 65 1.53 5.49 6.74
N ARG A 66 2.30 5.25 5.67
CA ARG A 66 2.25 6.11 4.49
C ARG A 66 1.33 5.50 3.43
N CYS A 67 0.61 6.36 2.71
CA CYS A 67 -0.30 5.91 1.67
C CYS A 67 0.08 6.51 0.32
N VAL A 68 0.34 5.64 -0.66
CA VAL A 68 0.72 6.08 -1.99
C VAL A 68 0.04 5.23 -3.06
N ALA A 69 -0.15 5.82 -4.24
CA ALA A 69 -0.79 5.11 -5.35
C ALA A 69 0.11 5.09 -6.57
N VAL A 70 0.01 4.02 -7.36
CA VAL A 70 0.82 3.89 -8.56
C VAL A 70 -0.02 3.40 -9.74
N ASP A 71 0.33 3.85 -10.93
CA ASP A 71 -0.39 3.46 -12.14
C ASP A 71 0.36 2.38 -12.90
N ALA A 72 -0.36 1.41 -13.44
CA ALA A 72 0.24 0.32 -14.20
C ALA A 72 0.39 0.70 -15.67
N VAL A 73 -0.64 1.33 -16.22
CA VAL A 73 -0.62 1.74 -17.62
C VAL A 73 0.53 2.69 -17.90
N VAL A 74 0.87 3.51 -16.91
CA VAL A 74 1.96 4.47 -17.03
C VAL A 74 3.29 3.86 -16.60
N GLU A 75 3.35 3.41 -15.35
CA GLU A 75 4.56 2.81 -14.82
C GLU A 75 4.58 1.31 -15.08
N THR A 76 4.77 0.93 -16.34
CA THR A 76 4.81 -0.48 -16.72
C THR A 76 6.04 -1.17 -16.14
N ASP A 77 7.15 -0.44 -16.09
CA ASP A 77 8.39 -0.99 -15.56
C ASP A 77 8.24 -1.34 -14.08
N LEU A 78 7.76 -0.38 -13.29
CA LEU A 78 7.57 -0.59 -11.86
C LEU A 78 6.74 -1.85 -11.60
N VAL A 79 5.52 -1.86 -12.13
CA VAL A 79 4.62 -3.00 -11.96
C VAL A 79 5.29 -4.29 -12.39
N SER A 80 6.11 -4.21 -13.43
CA SER A 80 6.81 -5.38 -13.95
C SER A 80 7.73 -5.97 -12.88
N ALA A 81 8.33 -5.10 -12.07
CA ALA A 81 9.24 -5.54 -11.02
C ALA A 81 8.47 -6.20 -9.89
N LEU A 82 7.36 -5.61 -9.50
CA LEU A 82 6.52 -6.14 -8.42
C LEU A 82 5.79 -7.39 -8.88
N LYS A 83 5.59 -7.51 -10.19
CA LYS A 83 4.90 -8.66 -10.75
C LYS A 83 3.48 -8.78 -10.20
N VAL A 84 2.67 -7.75 -10.45
CA VAL A 84 1.29 -7.73 -9.98
C VAL A 84 0.38 -8.49 -10.94
N SER A 85 -0.78 -8.91 -10.43
CA SER A 85 -1.74 -9.66 -11.23
C SER A 85 -3.14 -9.06 -11.10
N VAL A 86 -3.48 -8.65 -9.88
CA VAL A 86 -4.79 -8.07 -9.61
C VAL A 86 -4.69 -6.54 -9.49
N PHE A 87 -5.73 -5.86 -9.95
CA PHE A 87 -5.76 -4.40 -9.89
C PHE A 87 -7.19 -3.89 -9.63
N PRO A 88 -7.31 -2.95 -8.69
CA PRO A 88 -6.16 -2.42 -7.94
C PRO A 88 -5.58 -3.44 -6.97
N GLU A 89 -4.53 -3.04 -6.27
CA GLU A 89 -3.88 -3.93 -5.31
C GLU A 89 -3.06 -3.13 -4.30
N ILE A 90 -3.23 -3.45 -3.02
CA ILE A 90 -2.50 -2.76 -1.96
C ILE A 90 -1.34 -3.61 -1.45
N ILE A 91 -0.16 -3.41 -2.03
CA ILE A 91 1.03 -4.15 -1.63
C ILE A 91 1.59 -3.61 -0.31
N PHE A 92 1.19 -4.25 0.79
CA PHE A 92 1.66 -3.83 2.11
C PHE A 92 3.17 -4.04 2.24
N THR A 93 3.91 -2.93 2.14
CA THR A 93 5.36 -2.98 2.24
C THR A 93 5.84 -2.43 3.58
N LYS A 94 7.06 -2.79 3.97
CA LYS A 94 7.64 -2.34 5.22
C LYS A 94 9.16 -2.50 5.22
N ALA A 95 9.85 -1.42 5.56
CA ALA A 95 11.31 -1.45 5.60
C ALA A 95 11.90 -1.84 4.25
N GLY A 96 11.22 -1.43 3.18
CA GLY A 96 11.68 -1.75 1.84
C GLY A 96 11.52 -3.22 1.51
N LYS A 97 10.49 -3.84 2.07
CA LYS A 97 10.22 -5.25 1.83
C LYS A 97 8.72 -5.54 1.87
N ILE A 98 8.24 -6.33 0.92
CA ILE A 98 6.83 -6.68 0.86
C ILE A 98 6.44 -7.62 1.99
N LEU A 99 5.24 -7.42 2.54
CA LEU A 99 4.75 -8.25 3.63
C LEU A 99 3.55 -9.08 3.18
N TYR A 100 2.51 -8.40 2.73
CA TYR A 100 1.29 -9.08 2.28
C TYR A 100 0.66 -8.33 1.11
N ARG A 101 0.04 -9.09 0.20
CA ARG A 101 -0.61 -8.50 -0.96
C ARG A 101 -2.11 -8.71 -0.91
N GLU A 102 -2.86 -7.64 -0.70
CA GLU A 102 -4.32 -7.71 -0.62
C GLU A 102 -4.93 -7.67 -2.02
N LYS A 103 -5.74 -8.68 -2.33
CA LYS A 103 -6.39 -8.77 -3.63
C LYS A 103 -7.90 -8.80 -3.48
N GLY A 104 -8.54 -7.63 -3.51
CA GLY A 104 -9.97 -7.56 -3.37
C GLY A 104 -10.42 -6.34 -2.57
N ILE A 105 -11.68 -5.96 -2.75
CA ILE A 105 -12.23 -4.81 -2.04
C ILE A 105 -12.25 -5.04 -0.54
N ARG A 106 -11.79 -4.05 0.22
CA ARG A 106 -11.75 -4.15 1.67
C ARG A 106 -12.22 -2.85 2.32
N THR A 107 -12.77 -2.95 3.53
CA THR A 107 -13.26 -1.79 4.25
C THR A 107 -12.14 -1.12 5.03
N ALA A 108 -12.29 0.18 5.29
CA ALA A 108 -11.30 0.94 6.03
C ALA A 108 -10.93 0.23 7.33
N ASP A 109 -11.93 -0.21 8.07
CA ASP A 109 -11.72 -0.90 9.33
C ASP A 109 -10.88 -2.16 9.13
N GLU A 110 -11.29 -2.98 8.16
CA GLU A 110 -10.57 -4.23 7.87
C GLU A 110 -9.13 -3.94 7.46
N LEU A 111 -8.95 -2.98 6.56
CA LEU A 111 -7.62 -2.60 6.09
C LEU A 111 -6.72 -2.24 7.26
N SER A 112 -7.14 -1.26 8.05
CA SER A 112 -6.36 -0.82 9.20
C SER A 112 -5.89 -2.00 10.04
N LYS A 113 -6.83 -2.88 10.38
CA LYS A 113 -6.52 -4.06 11.18
C LYS A 113 -5.44 -4.89 10.51
N ILE A 114 -5.46 -4.94 9.18
CA ILE A 114 -4.47 -5.70 8.42
C ILE A 114 -3.10 -5.05 8.50
N MET A 115 -2.98 -3.87 7.89
CA MET A 115 -1.71 -3.13 7.90
C MET A 115 -1.17 -3.00 9.31
N ALA A 116 -2.02 -2.53 10.23
CA ALA A 116 -1.62 -2.35 11.62
C ALA A 116 -1.02 -3.63 12.18
N PHE A 117 -1.79 -4.71 12.13
CA PHE A 117 -1.33 -6.01 12.64
C PHE A 117 0.02 -6.38 12.03
N PHE A 118 0.33 -5.81 10.88
CA PHE A 118 1.58 -6.08 10.19
C PHE A 118 2.69 -5.15 10.68
N TYR A 119 2.30 -3.94 11.09
CA TYR A 119 3.25 -2.95 11.58
C TYR A 119 3.18 -2.84 13.10
N TYR A 120 2.13 -2.20 13.59
CA TYR A 120 1.95 -2.03 15.03
C TYR A 120 1.60 -3.35 15.71
N GLY A 121 0.49 -3.94 15.28
CA GLY A 121 0.07 -5.21 15.85
C GLY A 121 -1.39 -5.19 16.29
N ALA A 122 -2.21 -4.47 15.53
CA ALA A 122 -3.64 -4.36 15.85
C ALA A 122 -4.33 -5.71 15.71
N ALA A 123 -5.64 -5.72 15.88
CA ALA A 123 -6.42 -6.95 15.77
C ALA A 123 -6.33 -7.53 14.36
N LYS A 124 -6.55 -8.84 14.25
CA LYS A 124 -6.49 -9.52 12.96
C LYS A 124 -7.89 -9.88 12.47
N PRO A 125 -8.28 -9.30 11.32
CA PRO A 125 -9.60 -9.55 10.72
C PRO A 125 -9.72 -10.97 10.17
N PRO A 126 -10.97 -11.36 9.85
CA PRO A 126 -11.26 -12.69 9.30
C PRO A 126 -10.72 -12.86 7.89
N CYS A 127 -10.71 -11.78 7.13
CA CYS A 127 -10.22 -11.81 5.75
C CYS A 127 -8.71 -12.03 5.72
N LEU A 128 -8.01 -11.45 6.69
CA LEU A 128 -6.56 -11.58 6.77
C LEU A 128 -6.16 -12.97 7.25
N ASN A 129 -7.00 -13.57 8.07
CA ASN A 129 -6.75 -14.91 8.59
C ASN A 129 -6.80 -15.95 7.48
N GLY A 130 -7.67 -15.72 6.50
CA GLY A 130 -7.80 -16.65 5.39
C GLY A 130 -6.69 -16.48 4.37
N VAL A 131 -6.51 -15.27 3.89
CA VAL A 131 -5.48 -14.98 2.89
C VAL A 131 -4.13 -15.53 3.33
N VAL A 132 -3.19 -15.59 2.40
CA VAL A 132 -1.85 -16.09 2.69
C VAL A 132 -0.79 -15.04 2.37
N ASN A 133 -0.16 -14.52 3.41
CA ASN A 133 0.88 -13.51 3.25
C ASN A 133 2.26 -14.15 3.13
N SER A 134 3.20 -13.42 2.55
CA SER A 134 4.56 -13.93 2.36
C SER A 134 5.57 -12.78 2.35
N GLN A 135 6.75 -13.04 2.90
CA GLN A 135 7.80 -12.02 2.95
C GLN A 135 8.67 -12.07 1.70
N GLU A 136 8.94 -10.91 1.13
CA GLU A 136 9.76 -10.82 -0.08
C GLU A 136 10.30 -9.40 -0.26
N GLN A 137 11.61 -9.29 -0.42
CA GLN A 137 12.26 -7.99 -0.61
C GLN A 137 11.66 -7.26 -1.80
N ILE A 138 11.52 -5.95 -1.67
CA ILE A 138 10.96 -5.13 -2.74
C ILE A 138 11.97 -4.95 -3.88
N PRO A 139 11.52 -5.21 -5.11
CA PRO A 139 12.35 -5.10 -6.31
C PRO A 139 12.69 -3.65 -6.63
N LEU A 140 13.98 -3.32 -6.64
CA LEU A 140 14.43 -1.97 -6.94
C LEU A 140 14.41 -1.71 -8.44
N VAL A 141 13.55 -0.78 -8.87
CA VAL A 141 13.44 -0.43 -10.28
C VAL A 141 14.64 0.39 -10.74
N ASP A 142 15.12 0.11 -11.94
CA ASP A 142 16.25 0.83 -12.51
C ASP A 142 15.81 2.13 -13.17
N VAL A 143 16.05 3.25 -12.51
CA VAL A 143 15.68 4.56 -13.04
C VAL A 143 16.91 5.40 -13.34
N SER A 144 16.87 6.14 -14.44
CA SER A 144 17.98 6.99 -14.83
C SER A 144 17.54 8.45 -14.92
N VAL A 145 18.01 9.27 -13.99
CA VAL A 145 17.67 10.68 -13.95
C VAL A 145 18.66 11.51 -14.75
N ASN A 146 18.17 12.22 -15.75
CA ASN A 146 19.02 13.06 -16.60
C ASN A 146 18.62 14.53 -16.48
N HIS A 2 6.14 12.16 21.23
CA HIS A 2 4.77 12.46 20.86
C HIS A 2 3.93 11.19 20.81
N MET A 3 2.61 11.35 20.77
CA MET A 3 1.70 10.21 20.72
C MET A 3 1.19 9.98 19.30
N ASP A 4 0.28 10.84 18.86
CA ASP A 4 -0.30 10.74 17.52
C ASP A 4 -0.30 12.09 16.83
N ASN A 5 -0.76 12.11 15.58
CA ASN A 5 -0.81 13.35 14.80
C ASN A 5 -1.40 13.09 13.42
N TYR A 6 -1.42 14.13 12.59
CA TYR A 6 -1.96 14.02 11.23
C TYR A 6 -0.95 13.35 10.29
N ILE A 7 -1.44 12.80 9.20
CA ILE A 7 -0.58 12.14 8.22
C ILE A 7 -0.98 12.50 6.80
N ARG A 8 0.00 12.78 5.96
CA ARG A 8 -0.25 13.14 4.57
C ARG A 8 -1.19 12.13 3.91
N PRO A 9 -2.19 12.64 3.18
CA PRO A 9 -3.17 11.80 2.48
C PRO A 9 -2.56 11.06 1.30
N ILE A 10 -3.36 10.21 0.67
CA ILE A 10 -2.90 9.44 -0.49
C ILE A 10 -2.24 10.34 -1.52
N LYS A 11 -0.95 10.11 -1.77
CA LYS A 11 -0.20 10.90 -2.73
C LYS A 11 0.22 10.03 -3.92
N ASP A 12 0.44 10.68 -5.06
CA ASP A 12 0.85 9.98 -6.27
C ASP A 12 2.34 9.67 -6.24
N LEU A 13 2.69 8.40 -6.44
CA LEU A 13 4.08 7.99 -6.44
C LEU A 13 4.52 7.54 -7.83
N THR A 14 5.80 7.73 -8.13
CA THR A 14 6.35 7.35 -9.43
C THR A 14 7.64 6.57 -9.27
N THR A 15 8.02 5.84 -10.31
CA THR A 15 9.25 5.05 -10.29
C THR A 15 10.44 5.90 -9.84
N ALA A 16 10.49 7.13 -10.31
CA ALA A 16 11.58 8.05 -9.96
C ALA A 16 11.68 8.21 -8.44
N GLU A 17 10.54 8.18 -7.77
CA GLU A 17 10.49 8.33 -6.32
C GLU A 17 10.09 7.02 -5.64
N TRP A 18 10.27 5.92 -6.37
CA TRP A 18 9.92 4.59 -5.84
C TRP A 18 11.03 4.05 -4.96
N GLU A 19 12.25 4.01 -5.50
CA GLU A 19 13.40 3.51 -4.75
C GLU A 19 13.48 4.16 -3.37
N GLU A 20 13.43 5.48 -3.34
CA GLU A 20 13.50 6.22 -2.08
C GLU A 20 12.24 6.00 -1.25
N ALA A 21 11.11 5.84 -1.93
CA ALA A 21 9.83 5.62 -1.26
C ALA A 21 9.92 4.45 -0.29
N VAL A 22 10.89 3.56 -0.53
CA VAL A 22 11.08 2.40 0.33
C VAL A 22 12.47 2.39 0.94
N PHE A 23 13.49 2.28 0.09
CA PHE A 23 14.86 2.26 0.55
C PHE A 23 15.16 3.44 1.46
N LYS A 24 14.93 4.64 0.95
CA LYS A 24 15.16 5.87 1.72
C LYS A 24 14.13 6.01 2.82
N ASP A 25 12.92 5.51 2.57
CA ASP A 25 11.85 5.58 3.56
C ASP A 25 11.57 4.21 4.16
N ILE A 26 12.27 3.90 5.25
CA ILE A 26 12.10 2.63 5.93
C ILE A 26 10.72 2.52 6.57
N SER A 27 10.16 3.67 6.94
CA SER A 27 8.84 3.71 7.56
C SER A 27 7.84 2.85 6.79
N PRO A 28 6.73 2.50 7.46
CA PRO A 28 5.68 1.68 6.86
C PRO A 28 4.91 2.42 5.76
N LEU A 29 4.91 1.85 4.56
CA LEU A 29 4.23 2.46 3.43
C LEU A 29 3.52 1.41 2.59
N MET A 30 2.30 1.70 2.17
CA MET A 30 1.52 0.77 1.35
C MET A 30 1.50 1.22 -0.11
N VAL A 31 1.82 0.30 -1.01
CA VAL A 31 1.84 0.60 -2.44
C VAL A 31 0.55 0.15 -3.11
N LEU A 32 -0.34 1.10 -3.38
CA LEU A 32 -1.61 0.80 -4.03
C LEU A 32 -1.50 0.91 -5.54
N VAL A 33 -1.30 -0.22 -6.21
CA VAL A 33 -1.18 -0.24 -7.65
C VAL A 33 -2.54 -0.32 -8.33
N HIS A 34 -2.95 0.79 -8.94
CA HIS A 34 -4.25 0.85 -9.61
C HIS A 34 -4.07 0.74 -11.13
N ASN A 35 -5.18 0.72 -11.84
CA ASN A 35 -5.16 0.62 -13.30
C ASN A 35 -6.43 1.21 -13.91
N ARG A 36 -6.25 2.14 -14.84
CA ARG A 36 -7.38 2.78 -15.50
C ARG A 36 -8.09 1.81 -16.45
N TYR A 37 -7.32 0.90 -17.03
CA TYR A 37 -7.86 -0.09 -17.95
C TYR A 37 -8.49 -1.26 -17.20
N LYS A 38 -7.80 -1.71 -16.15
CA LYS A 38 -8.29 -2.83 -15.34
C LYS A 38 -9.12 -2.32 -14.16
N ARG A 39 -10.36 -2.77 -14.09
CA ARG A 39 -11.27 -2.36 -13.02
C ARG A 39 -11.30 -0.84 -12.89
N PRO A 40 -12.06 -0.19 -13.78
CA PRO A 40 -12.20 1.27 -13.78
C PRO A 40 -12.99 1.78 -12.59
N LYS A 41 -13.93 0.96 -12.11
CA LYS A 41 -14.76 1.33 -10.98
C LYS A 41 -14.06 0.98 -9.67
N GLU A 42 -13.74 -0.30 -9.49
CA GLU A 42 -13.07 -0.76 -8.28
C GLU A 42 -11.86 0.09 -7.97
N ASN A 43 -11.21 0.61 -9.02
CA ASN A 43 -10.04 1.46 -8.85
C ASN A 43 -10.30 2.57 -7.83
N GLU A 44 -11.42 3.25 -7.99
CA GLU A 44 -11.78 4.33 -7.08
C GLU A 44 -12.20 3.78 -5.72
N LYS A 45 -12.86 2.63 -5.73
CA LYS A 45 -13.32 2.01 -4.49
C LYS A 45 -12.15 1.79 -3.53
N PHE A 46 -11.14 1.06 -4.01
CA PHE A 46 -9.95 0.78 -3.20
C PHE A 46 -9.38 2.06 -2.61
N ARG A 47 -9.10 3.03 -3.47
CA ARG A 47 -8.54 4.31 -3.03
C ARG A 47 -9.46 4.98 -2.02
N GLU A 48 -10.77 4.83 -2.21
CA GLU A 48 -11.75 5.42 -1.32
C GLU A 48 -11.66 4.81 0.08
N GLU A 49 -11.76 3.48 0.13
CA GLU A 49 -11.70 2.76 1.40
C GLU A 49 -10.35 2.97 2.07
N LEU A 50 -9.29 3.00 1.27
CA LEU A 50 -7.94 3.19 1.79
C LEU A 50 -7.83 4.51 2.54
N GLU A 51 -8.33 5.58 1.93
CA GLU A 51 -8.28 6.90 2.54
C GLU A 51 -8.88 6.87 3.94
N LYS A 52 -10.03 6.23 4.08
CA LYS A 52 -10.71 6.11 5.36
C LYS A 52 -9.90 5.26 6.33
N ALA A 53 -9.33 4.17 5.83
CA ALA A 53 -8.53 3.27 6.65
C ALA A 53 -7.46 4.04 7.42
N ILE A 54 -6.80 4.96 6.73
CA ILE A 54 -5.75 5.77 7.35
C ILE A 54 -6.31 6.65 8.46
N GLN A 55 -7.48 7.22 8.21
CA GLN A 55 -8.13 8.09 9.19
C GLN A 55 -8.50 7.31 10.45
N VAL A 56 -9.06 6.12 10.25
CA VAL A 56 -9.45 5.28 11.37
C VAL A 56 -8.31 5.11 12.37
N ILE A 57 -7.11 4.89 11.84
CA ILE A 57 -5.93 4.71 12.69
C ILE A 57 -5.66 5.97 13.52
N TRP A 58 -5.80 7.13 12.88
CA TRP A 58 -5.57 8.39 13.56
C TRP A 58 -6.31 8.45 14.89
N ASN A 59 -7.55 7.96 14.89
CA ASN A 59 -8.37 7.95 16.09
C ASN A 59 -7.84 6.95 17.11
N CYS A 60 -7.25 5.87 16.62
CA CYS A 60 -6.69 4.84 17.49
C CYS A 60 -5.66 5.42 18.45
N GLY A 61 -4.95 6.45 17.99
CA GLY A 61 -3.94 7.09 18.81
C GLY A 61 -2.53 6.72 18.39
N LEU A 62 -2.34 6.48 17.10
CA LEU A 62 -1.03 6.12 16.58
C LEU A 62 -0.81 6.72 15.19
N PRO A 63 0.46 7.03 14.87
CA PRO A 63 0.83 7.61 13.58
C PRO A 63 0.67 6.62 12.43
N SER A 64 -0.47 6.69 11.76
CA SER A 64 -0.75 5.80 10.63
C SER A 64 0.42 5.78 9.65
N PRO A 65 0.50 4.70 8.86
CA PRO A 65 1.57 4.53 7.87
C PRO A 65 1.43 5.51 6.70
N ARG A 66 2.22 5.28 5.66
CA ARG A 66 2.19 6.14 4.48
C ARG A 66 1.28 5.55 3.41
N CYS A 67 0.64 6.43 2.64
CA CYS A 67 -0.26 5.99 1.57
C CYS A 67 0.14 6.60 0.24
N VAL A 68 0.51 5.74 -0.71
CA VAL A 68 0.92 6.19 -2.04
C VAL A 68 0.32 5.31 -3.12
N ALA A 69 -0.09 5.94 -4.23
CA ALA A 69 -0.67 5.20 -5.35
C ALA A 69 0.27 5.18 -6.54
N VAL A 70 0.20 4.10 -7.32
CA VAL A 70 1.04 3.96 -8.50
C VAL A 70 0.26 3.40 -9.67
N ASP A 71 0.08 4.22 -10.71
CA ASP A 71 -0.65 3.80 -11.90
C ASP A 71 0.07 2.68 -12.62
N ALA A 72 -0.65 1.59 -12.89
CA ALA A 72 -0.07 0.44 -13.58
C ALA A 72 -0.02 0.67 -15.08
N VAL A 73 -1.01 1.37 -15.60
CA VAL A 73 -1.09 1.66 -17.02
C VAL A 73 0.07 2.54 -17.47
N VAL A 74 0.51 3.43 -16.58
CA VAL A 74 1.61 4.33 -16.88
C VAL A 74 2.95 3.75 -16.41
N GLU A 75 3.03 3.46 -15.12
CA GLU A 75 4.25 2.90 -14.55
C GLU A 75 4.28 1.38 -14.71
N THR A 76 4.50 0.92 -15.94
CA THR A 76 4.54 -0.50 -16.22
C THR A 76 5.81 -1.14 -15.66
N ASP A 77 6.90 -0.39 -15.70
CA ASP A 77 8.19 -0.88 -15.19
C ASP A 77 8.06 -1.33 -13.74
N LEU A 78 7.48 -0.46 -12.91
CA LEU A 78 7.30 -0.76 -11.49
C LEU A 78 6.48 -2.03 -11.30
N VAL A 79 5.23 -1.99 -11.77
CA VAL A 79 4.34 -3.14 -11.66
C VAL A 79 5.01 -4.40 -12.17
N SER A 80 5.84 -4.26 -13.20
CA SER A 80 6.54 -5.40 -13.79
C SER A 80 7.45 -6.07 -12.76
N ALA A 81 8.21 -5.25 -12.05
CA ALA A 81 9.13 -5.76 -11.03
C ALA A 81 8.36 -6.37 -9.86
N LEU A 82 7.21 -5.78 -9.54
CA LEU A 82 6.39 -6.26 -8.44
C LEU A 82 5.69 -7.56 -8.81
N LYS A 83 5.52 -7.79 -10.12
CA LYS A 83 4.88 -9.00 -10.60
C LYS A 83 3.45 -9.11 -10.07
N VAL A 84 2.64 -8.09 -10.33
CA VAL A 84 1.26 -8.08 -9.88
C VAL A 84 0.35 -8.77 -10.88
N SER A 85 -0.83 -9.18 -10.41
CA SER A 85 -1.79 -9.87 -11.27
C SER A 85 -3.18 -9.23 -11.15
N VAL A 86 -3.54 -8.85 -9.92
CA VAL A 86 -4.83 -8.23 -9.67
C VAL A 86 -4.69 -6.73 -9.51
N PHE A 87 -5.76 -6.00 -9.87
CA PHE A 87 -5.75 -4.55 -9.77
C PHE A 87 -7.16 -4.02 -9.48
N PRO A 88 -7.25 -3.06 -8.56
CA PRO A 88 -6.08 -2.53 -7.85
C PRO A 88 -5.48 -3.53 -6.88
N GLU A 89 -4.45 -3.11 -6.15
CA GLU A 89 -3.79 -3.99 -5.19
C GLU A 89 -2.92 -3.18 -4.23
N ILE A 90 -3.08 -3.44 -2.94
CA ILE A 90 -2.31 -2.73 -1.92
C ILE A 90 -1.15 -3.58 -1.42
N ILE A 91 0.02 -3.40 -2.04
CA ILE A 91 1.20 -4.14 -1.66
C ILE A 91 1.81 -3.60 -0.37
N PHE A 92 1.36 -4.15 0.76
CA PHE A 92 1.85 -3.71 2.07
C PHE A 92 3.35 -3.98 2.19
N THR A 93 4.14 -2.90 2.20
CA THR A 93 5.59 -3.02 2.31
C THR A 93 6.09 -2.36 3.60
N LYS A 94 7.26 -2.80 4.06
CA LYS A 94 7.85 -2.26 5.28
C LYS A 94 9.37 -2.38 5.24
N ALA A 95 10.05 -1.29 5.57
CA ALA A 95 11.51 -1.28 5.59
C ALA A 95 12.07 -1.72 4.24
N GLY A 96 11.36 -1.39 3.17
CA GLY A 96 11.81 -1.76 1.84
C GLY A 96 11.66 -3.25 1.58
N LYS A 97 10.66 -3.86 2.19
CA LYS A 97 10.41 -5.29 2.02
C LYS A 97 8.91 -5.58 1.98
N ILE A 98 8.51 -6.44 1.05
CA ILE A 98 7.10 -6.81 0.91
C ILE A 98 6.69 -7.81 1.97
N LEU A 99 5.50 -7.64 2.51
CA LEU A 99 4.98 -8.53 3.54
C LEU A 99 3.72 -9.25 3.07
N TYR A 100 2.78 -8.47 2.52
CA TYR A 100 1.53 -9.03 2.02
C TYR A 100 0.84 -8.06 1.08
N ARG A 101 0.11 -8.60 0.10
CA ARG A 101 -0.60 -7.78 -0.87
C ARG A 101 -2.10 -7.95 -0.73
N GLU A 102 -2.83 -6.85 -0.80
CA GLU A 102 -4.29 -6.88 -0.68
C GLU A 102 -4.94 -7.21 -2.03
N LYS A 103 -5.69 -8.31 -2.05
CA LYS A 103 -6.37 -8.73 -3.27
C LYS A 103 -7.87 -8.87 -3.04
N GLY A 104 -8.61 -7.81 -3.35
CA GLY A 104 -10.06 -7.83 -3.17
C GLY A 104 -10.57 -6.61 -2.45
N ILE A 105 -11.79 -6.20 -2.77
CA ILE A 105 -12.39 -5.03 -2.14
C ILE A 105 -12.55 -5.22 -0.64
N ARG A 106 -11.78 -4.45 0.13
CA ARG A 106 -11.83 -4.54 1.58
C ARG A 106 -12.31 -3.23 2.19
N THR A 107 -12.90 -3.32 3.37
CA THR A 107 -13.42 -2.13 4.07
C THR A 107 -12.29 -1.33 4.69
N ALA A 108 -12.54 -0.04 4.90
CA ALA A 108 -11.54 0.84 5.49
C ALA A 108 -11.01 0.26 6.80
N ASP A 109 -11.91 -0.27 7.62
CA ASP A 109 -11.52 -0.86 8.89
C ASP A 109 -10.74 -2.15 8.68
N GLU A 110 -11.33 -3.08 7.95
CA GLU A 110 -10.68 -4.36 7.67
C GLU A 110 -9.25 -4.16 7.17
N LEU A 111 -9.05 -3.07 6.43
CA LEU A 111 -7.73 -2.75 5.89
C LEU A 111 -6.82 -2.18 6.97
N SER A 112 -7.38 -1.30 7.80
CA SER A 112 -6.62 -0.68 8.87
C SER A 112 -6.00 -1.73 9.78
N LYS A 113 -6.75 -2.79 10.05
CA LYS A 113 -6.27 -3.87 10.91
C LYS A 113 -5.13 -4.62 10.25
N ILE A 114 -5.30 -4.92 8.96
CA ILE A 114 -4.28 -5.65 8.21
C ILE A 114 -2.92 -4.96 8.32
N MET A 115 -2.82 -3.77 7.76
CA MET A 115 -1.59 -3.00 7.79
C MET A 115 -1.10 -2.82 9.23
N ALA A 116 -2.04 -2.58 10.13
CA ALA A 116 -1.71 -2.39 11.54
C ALA A 116 -1.11 -3.66 12.14
N PHE A 117 -1.49 -4.80 11.59
CA PHE A 117 -1.00 -6.09 12.08
C PHE A 117 0.46 -6.29 11.67
N PHE A 118 0.84 -5.73 10.54
CA PHE A 118 2.21 -5.85 10.04
C PHE A 118 3.05 -4.65 10.49
N TYR A 119 2.41 -3.68 11.13
CA TYR A 119 3.10 -2.49 11.60
C TYR A 119 3.02 -2.38 13.12
N TYR A 120 1.84 -2.08 13.63
CA TYR A 120 1.63 -1.94 15.07
C TYR A 120 1.16 -3.26 15.68
N GLY A 121 1.43 -4.36 14.98
CA GLY A 121 1.03 -5.67 15.46
C GLY A 121 -0.40 -5.68 15.96
N ALA A 122 -1.26 -4.88 15.34
CA ALA A 122 -2.66 -4.81 15.73
C ALA A 122 -3.36 -6.15 15.53
N ALA A 123 -4.66 -6.18 15.78
CA ALA A 123 -5.45 -7.40 15.63
C ALA A 123 -5.55 -7.80 14.17
N LYS A 124 -6.03 -9.02 13.92
CA LYS A 124 -6.18 -9.52 12.56
C LYS A 124 -7.64 -9.75 12.22
N PRO A 125 -8.10 -9.14 11.12
CA PRO A 125 -9.49 -9.26 10.66
C PRO A 125 -9.81 -10.66 10.14
N PRO A 126 -11.10 -10.92 9.89
CA PRO A 126 -11.55 -12.21 9.37
C PRO A 126 -11.12 -12.46 7.94
N CYS A 127 -11.37 -11.47 7.07
CA CYS A 127 -11.01 -11.58 5.67
C CYS A 127 -9.53 -11.92 5.51
N LEU A 128 -8.71 -11.41 6.42
CA LEU A 128 -7.27 -11.65 6.39
C LEU A 128 -6.92 -12.96 7.10
N ASN A 129 -7.71 -13.29 8.13
CA ASN A 129 -7.49 -14.52 8.89
C ASN A 129 -7.35 -15.72 7.96
N GLY A 130 -8.09 -15.69 6.85
CA GLY A 130 -8.03 -16.78 5.90
C GLY A 130 -7.39 -16.38 4.59
N VAL A 131 -6.25 -15.70 4.67
CA VAL A 131 -5.54 -15.26 3.48
C VAL A 131 -4.12 -15.82 3.44
N VAL A 132 -3.51 -15.80 2.26
CA VAL A 132 -2.16 -16.31 2.09
C VAL A 132 -1.16 -15.17 1.91
N ASN A 133 -0.31 -14.97 2.91
CA ASN A 133 0.69 -13.91 2.87
C ASN A 133 2.08 -14.49 2.65
N SER A 134 2.99 -13.66 2.16
CA SER A 134 4.37 -14.09 1.90
C SER A 134 5.32 -12.91 1.98
N GLN A 135 6.48 -13.14 2.61
CA GLN A 135 7.49 -12.10 2.75
C GLN A 135 8.52 -12.19 1.63
N GLU A 136 8.91 -11.03 1.10
CA GLU A 136 9.90 -10.97 0.03
C GLU A 136 10.41 -9.56 -0.17
N GLN A 137 11.73 -9.41 -0.28
CA GLN A 137 12.34 -8.10 -0.47
C GLN A 137 11.70 -7.36 -1.64
N ILE A 138 11.83 -6.04 -1.64
CA ILE A 138 11.27 -5.22 -2.70
C ILE A 138 12.25 -5.04 -3.85
N PRO A 139 11.77 -5.31 -5.08
CA PRO A 139 12.59 -5.18 -6.30
C PRO A 139 12.92 -3.73 -6.63
N LEU A 140 14.21 -3.41 -6.66
CA LEU A 140 14.65 -2.06 -6.97
C LEU A 140 14.67 -1.83 -8.47
N VAL A 141 13.81 -0.92 -8.94
CA VAL A 141 13.73 -0.60 -10.37
C VAL A 141 14.81 0.41 -10.76
N ASP A 142 15.40 0.21 -11.93
CA ASP A 142 16.44 1.10 -12.43
C ASP A 142 15.85 2.44 -12.83
N VAL A 143 16.21 3.49 -12.09
CA VAL A 143 15.72 4.83 -12.38
C VAL A 143 16.80 5.68 -13.07
N SER A 144 16.39 6.42 -14.10
CA SER A 144 17.31 7.26 -14.85
C SER A 144 16.89 8.73 -14.77
N VAL A 145 17.80 9.57 -14.30
CA VAL A 145 17.52 11.00 -14.18
C VAL A 145 18.64 11.83 -14.80
N ASN A 146 18.33 12.48 -15.91
CA ASN A 146 19.30 13.31 -16.61
C ASN A 146 19.54 14.62 -15.86
N HIS A 2 3.11 6.40 20.21
CA HIS A 2 2.62 7.47 19.35
C HIS A 2 3.69 8.53 19.13
N MET A 3 3.65 9.18 17.97
CA MET A 3 4.61 10.23 17.64
C MET A 3 3.92 11.48 17.16
N ASP A 4 3.27 11.38 15.99
CA ASP A 4 2.56 12.51 15.41
C ASP A 4 1.05 12.30 15.49
N ASN A 5 0.29 13.26 14.97
CA ASN A 5 -1.16 13.18 14.98
C ASN A 5 -1.71 13.06 13.56
N TYR A 6 -1.47 14.07 12.75
CA TYR A 6 -1.95 14.07 11.37
C TYR A 6 -0.92 13.42 10.44
N ILE A 7 -1.41 12.88 9.33
CA ILE A 7 -0.54 12.22 8.36
C ILE A 7 -0.94 12.58 6.94
N ARG A 8 0.06 12.86 6.10
CA ARG A 8 -0.19 13.22 4.70
C ARG A 8 -1.10 12.20 4.03
N PRO A 9 -2.09 12.69 3.28
CA PRO A 9 -3.05 11.84 2.58
C PRO A 9 -2.41 11.09 1.41
N ILE A 10 -3.20 10.24 0.76
CA ILE A 10 -2.70 9.46 -0.38
C ILE A 10 -2.01 10.36 -1.39
N LYS A 11 -0.74 10.09 -1.65
CA LYS A 11 0.04 10.88 -2.60
C LYS A 11 0.40 10.04 -3.82
N ASP A 12 0.63 10.71 -4.95
CA ASP A 12 0.98 10.03 -6.18
C ASP A 12 2.47 9.70 -6.22
N LEU A 13 2.78 8.41 -6.37
CA LEU A 13 4.17 7.96 -6.41
C LEU A 13 4.56 7.53 -7.82
N THR A 14 5.85 7.61 -8.12
CA THR A 14 6.36 7.24 -9.43
C THR A 14 7.68 6.50 -9.32
N THR A 15 8.02 5.74 -10.37
CA THR A 15 9.26 4.98 -10.38
C THR A 15 10.46 5.86 -10.03
N ALA A 16 10.40 7.11 -10.47
CA ALA A 16 11.48 8.06 -10.20
C ALA A 16 11.70 8.22 -8.70
N GLU A 17 10.62 8.18 -7.94
CA GLU A 17 10.68 8.33 -6.49
C GLU A 17 10.24 7.04 -5.79
N TRP A 18 10.35 5.92 -6.49
CA TRP A 18 9.96 4.63 -5.94
C TRP A 18 11.01 4.10 -4.98
N GLU A 19 12.25 4.03 -5.46
CA GLU A 19 13.35 3.54 -4.64
C GLU A 19 13.36 4.21 -3.28
N GLU A 20 13.35 5.54 -3.27
CA GLU A 20 13.35 6.30 -2.03
C GLU A 20 12.07 6.05 -1.23
N ALA A 21 10.96 5.89 -1.94
CA ALA A 21 9.67 5.64 -1.30
C ALA A 21 9.76 4.48 -0.31
N VAL A 22 10.73 3.60 -0.54
CA VAL A 22 10.92 2.44 0.33
C VAL A 22 12.31 2.45 0.95
N PHE A 23 13.34 2.32 0.11
CA PHE A 23 14.72 2.32 0.59
C PHE A 23 14.98 3.50 1.51
N LYS A 24 14.75 4.71 0.99
CA LYS A 24 14.97 5.92 1.77
C LYS A 24 13.92 6.06 2.87
N ASP A 25 12.73 5.54 2.61
CA ASP A 25 11.64 5.60 3.57
C ASP A 25 11.38 4.23 4.20
N ILE A 26 12.10 3.94 5.27
CA ILE A 26 11.96 2.66 5.96
C ILE A 26 10.59 2.55 6.61
N SER A 27 10.01 3.68 6.97
CA SER A 27 8.69 3.71 7.61
C SER A 27 7.71 2.83 6.86
N PRO A 28 6.61 2.47 7.53
CA PRO A 28 5.56 1.63 6.93
C PRO A 28 4.77 2.36 5.84
N LEU A 29 4.80 1.81 4.64
CA LEU A 29 4.09 2.41 3.51
C LEU A 29 3.37 1.34 2.69
N MET A 30 2.18 1.69 2.19
CA MET A 30 1.39 0.76 1.39
C MET A 30 1.34 1.21 -0.06
N VAL A 31 1.85 0.37 -0.96
CA VAL A 31 1.85 0.68 -2.39
C VAL A 31 0.58 0.19 -3.06
N LEU A 32 -0.27 1.14 -3.46
CA LEU A 32 -1.53 0.80 -4.12
C LEU A 32 -1.38 0.87 -5.64
N VAL A 33 -1.17 -0.29 -6.25
CA VAL A 33 -1.01 -0.36 -7.71
C VAL A 33 -2.36 -0.46 -8.40
N HIS A 34 -2.83 0.67 -8.96
CA HIS A 34 -4.11 0.71 -9.65
C HIS A 34 -3.91 0.71 -11.16
N ASN A 35 -5.01 0.60 -11.90
CA ASN A 35 -4.95 0.60 -13.36
C ASN A 35 -6.22 1.19 -13.95
N ARG A 36 -6.06 2.07 -14.95
CA ARG A 36 -7.19 2.70 -15.60
C ARG A 36 -7.84 1.75 -16.59
N TYR A 37 -7.06 0.83 -17.14
CA TYR A 37 -7.57 -0.13 -18.11
C TYR A 37 -7.95 -1.44 -17.42
N LYS A 38 -8.40 -1.33 -16.17
CA LYS A 38 -8.80 -2.51 -15.42
C LYS A 38 -9.59 -2.11 -14.17
N ARG A 39 -10.83 -2.58 -14.09
CA ARG A 39 -11.69 -2.26 -12.95
C ARG A 39 -11.74 -0.75 -12.70
N PRO A 40 -12.48 -0.03 -13.56
CA PRO A 40 -12.62 1.42 -13.46
C PRO A 40 -13.45 1.84 -12.24
N LYS A 41 -14.46 1.03 -11.91
CA LYS A 41 -15.32 1.32 -10.77
C LYS A 41 -14.66 0.88 -9.47
N GLU A 42 -14.03 -0.29 -9.50
CA GLU A 42 -13.37 -0.84 -8.31
C GLU A 42 -12.18 0.05 -7.92
N ASN A 43 -11.52 0.62 -8.92
CA ASN A 43 -10.36 1.47 -8.68
C ASN A 43 -10.69 2.55 -7.65
N GLU A 44 -11.79 3.27 -7.87
CA GLU A 44 -12.21 4.32 -6.96
C GLU A 44 -12.59 3.74 -5.60
N LYS A 45 -13.37 2.67 -5.62
CA LYS A 45 -13.81 2.02 -4.39
C LYS A 45 -12.62 1.72 -3.48
N PHE A 46 -11.51 1.33 -4.08
CA PHE A 46 -10.30 1.02 -3.33
C PHE A 46 -9.80 2.25 -2.57
N ARG A 47 -9.39 3.27 -3.30
CA ARG A 47 -8.88 4.50 -2.70
C ARG A 47 -9.87 5.04 -1.67
N GLU A 48 -11.16 4.86 -1.94
CA GLU A 48 -12.20 5.34 -1.03
C GLU A 48 -12.04 4.72 0.35
N GLU A 49 -11.98 3.39 0.39
CA GLU A 49 -11.83 2.67 1.65
C GLU A 49 -10.43 2.88 2.23
N LEU A 50 -9.44 2.94 1.34
CA LEU A 50 -8.06 3.13 1.78
C LEU A 50 -7.88 4.46 2.51
N GLU A 51 -8.36 5.54 1.91
CA GLU A 51 -8.27 6.86 2.51
C GLU A 51 -8.83 6.85 3.94
N LYS A 52 -10.03 6.31 4.10
CA LYS A 52 -10.67 6.23 5.39
C LYS A 52 -9.85 5.37 6.36
N ALA A 53 -9.26 4.31 5.84
CA ALA A 53 -8.43 3.42 6.65
C ALA A 53 -7.36 4.19 7.41
N ILE A 54 -6.76 5.16 6.74
CA ILE A 54 -5.72 5.98 7.34
C ILE A 54 -6.28 6.84 8.46
N GLN A 55 -7.47 7.41 8.23
CA GLN A 55 -8.11 8.25 9.22
C GLN A 55 -8.52 7.45 10.45
N VAL A 56 -9.02 6.24 10.23
CA VAL A 56 -9.44 5.37 11.32
C VAL A 56 -8.31 5.17 12.33
N ILE A 57 -7.11 4.96 11.84
CA ILE A 57 -5.94 4.76 12.70
C ILE A 57 -5.67 6.00 13.53
N TRP A 58 -5.79 7.17 12.91
CA TRP A 58 -5.56 8.43 13.61
C TRP A 58 -6.32 8.48 14.93
N ASN A 59 -7.55 8.00 14.91
CA ASN A 59 -8.39 7.98 16.10
C ASN A 59 -7.86 6.98 17.12
N CYS A 60 -7.28 5.89 16.63
CA CYS A 60 -6.74 4.85 17.49
C CYS A 60 -5.71 5.44 18.46
N GLY A 61 -4.99 6.46 18.01
CA GLY A 61 -3.99 7.09 18.85
C GLY A 61 -2.58 6.72 18.44
N LEU A 62 -2.39 6.49 17.14
CA LEU A 62 -1.08 6.12 16.62
C LEU A 62 -0.86 6.73 15.23
N PRO A 63 0.41 7.02 14.91
CA PRO A 63 0.79 7.60 13.62
C PRO A 63 0.63 6.61 12.47
N SER A 64 -0.52 6.70 11.78
CA SER A 64 -0.80 5.80 10.66
C SER A 64 0.37 5.79 9.68
N PRO A 65 0.45 4.72 8.88
CA PRO A 65 1.51 4.56 7.88
C PRO A 65 1.37 5.53 6.72
N ARG A 66 2.14 5.30 5.66
CA ARG A 66 2.10 6.16 4.48
C ARG A 66 1.17 5.59 3.42
N CYS A 67 0.56 6.46 2.63
CA CYS A 67 -0.35 6.03 1.58
C CYS A 67 0.08 6.59 0.22
N VAL A 68 0.40 5.68 -0.70
CA VAL A 68 0.83 6.08 -2.03
C VAL A 68 0.15 5.23 -3.11
N ALA A 69 0.09 5.76 -4.32
CA ALA A 69 -0.53 5.06 -5.44
C ALA A 69 0.41 5.01 -6.64
N VAL A 70 0.36 3.90 -7.38
CA VAL A 70 1.19 3.72 -8.56
C VAL A 70 0.39 3.19 -9.73
N ASP A 71 0.22 4.01 -10.76
CA ASP A 71 -0.53 3.61 -11.95
C ASP A 71 0.21 2.53 -12.72
N ALA A 72 -0.50 1.44 -13.02
CA ALA A 72 0.09 0.32 -13.76
C ALA A 72 0.12 0.62 -15.25
N VAL A 73 -0.93 1.25 -15.76
CA VAL A 73 -1.02 1.58 -17.18
C VAL A 73 0.13 2.49 -17.59
N VAL A 74 0.57 3.34 -16.67
CA VAL A 74 1.65 4.27 -16.94
C VAL A 74 3.00 3.70 -16.48
N GLU A 75 3.09 3.39 -15.19
CA GLU A 75 4.32 2.84 -14.63
C GLU A 75 4.35 1.32 -14.77
N THR A 76 4.50 0.84 -16.01
CA THR A 76 4.54 -0.59 -16.28
C THR A 76 5.82 -1.22 -15.73
N ASP A 77 6.92 -0.46 -15.76
CA ASP A 77 8.20 -0.95 -15.26
C ASP A 77 8.07 -1.39 -13.81
N LEU A 78 7.61 -0.50 -12.96
CA LEU A 78 7.45 -0.81 -11.54
C LEU A 78 6.65 -2.09 -11.34
N VAL A 79 5.43 -2.11 -11.89
CA VAL A 79 4.57 -3.28 -11.77
C VAL A 79 5.27 -4.53 -12.29
N SER A 80 6.10 -4.36 -13.31
CA SER A 80 6.83 -5.48 -13.90
C SER A 80 7.74 -6.14 -12.87
N ALA A 81 8.32 -5.31 -12.00
CA ALA A 81 9.21 -5.81 -10.96
C ALA A 81 8.43 -6.39 -9.79
N LEU A 82 7.30 -5.78 -9.48
CA LEU A 82 6.44 -6.23 -8.39
C LEU A 82 5.77 -7.56 -8.73
N LYS A 83 5.65 -7.83 -10.02
CA LYS A 83 5.02 -9.07 -10.49
C LYS A 83 3.59 -9.17 -9.99
N VAL A 84 2.83 -8.10 -10.17
CA VAL A 84 1.43 -8.07 -9.74
C VAL A 84 0.54 -8.81 -10.73
N SER A 85 -0.65 -9.20 -10.27
CA SER A 85 -1.59 -9.92 -11.11
C SER A 85 -2.98 -9.30 -11.03
N VAL A 86 -3.37 -8.90 -9.82
CA VAL A 86 -4.67 -8.29 -9.59
C VAL A 86 -4.56 -6.77 -9.47
N PHE A 87 -5.56 -6.06 -9.98
CA PHE A 87 -5.57 -4.61 -9.93
C PHE A 87 -6.98 -4.09 -9.66
N PRO A 88 -7.08 -3.11 -8.74
CA PRO A 88 -5.93 -2.58 -8.02
C PRO A 88 -5.34 -3.59 -7.04
N GLU A 89 -4.29 -3.18 -6.33
CA GLU A 89 -3.63 -4.05 -5.36
C GLU A 89 -2.87 -3.23 -4.32
N ILE A 90 -3.08 -3.55 -3.05
CA ILE A 90 -2.42 -2.84 -1.97
C ILE A 90 -1.24 -3.67 -1.42
N ILE A 91 -0.05 -3.41 -1.97
CA ILE A 91 1.14 -4.12 -1.53
C ILE A 91 1.68 -3.54 -0.23
N PHE A 92 1.37 -4.20 0.88
CA PHE A 92 1.82 -3.75 2.20
C PHE A 92 3.32 -3.99 2.36
N THR A 93 4.10 -2.92 2.19
CA THR A 93 5.55 -3.01 2.31
C THR A 93 6.03 -2.37 3.62
N LYS A 94 7.20 -2.81 4.09
CA LYS A 94 7.76 -2.27 5.31
C LYS A 94 9.28 -2.44 5.33
N ALA A 95 10.00 -1.35 5.53
CA ALA A 95 11.46 -1.39 5.58
C ALA A 95 12.04 -1.83 4.24
N GLY A 96 11.38 -1.43 3.16
CA GLY A 96 11.84 -1.80 1.83
C GLY A 96 11.68 -3.27 1.54
N LYS A 97 10.63 -3.88 2.12
CA LYS A 97 10.37 -5.29 1.93
C LYS A 97 8.87 -5.57 1.96
N ILE A 98 8.40 -6.40 1.03
CA ILE A 98 6.98 -6.74 0.96
C ILE A 98 6.61 -7.75 2.04
N LEU A 99 5.42 -7.56 2.63
CA LEU A 99 4.94 -8.43 3.68
C LEU A 99 3.67 -9.15 3.24
N TYR A 100 2.64 -8.38 2.93
CA TYR A 100 1.36 -8.94 2.49
C TYR A 100 0.80 -8.16 1.31
N ARG A 101 0.07 -8.87 0.44
CA ARG A 101 -0.51 -8.26 -0.74
C ARG A 101 -2.01 -8.55 -0.82
N GLU A 102 -2.82 -7.53 -0.57
CA GLU A 102 -4.27 -7.67 -0.60
C GLU A 102 -4.79 -7.54 -2.03
N LYS A 103 -5.62 -8.51 -2.44
CA LYS A 103 -6.19 -8.49 -3.78
C LYS A 103 -7.71 -8.62 -3.73
N GLY A 104 -8.39 -7.48 -3.69
CA GLY A 104 -9.84 -7.48 -3.65
C GLY A 104 -10.39 -6.32 -2.85
N ILE A 105 -11.64 -5.96 -3.11
CA ILE A 105 -12.28 -4.85 -2.41
C ILE A 105 -12.32 -5.10 -0.91
N ARG A 106 -11.81 -4.14 -0.14
CA ARG A 106 -11.78 -4.26 1.31
C ARG A 106 -12.27 -2.97 1.97
N THR A 107 -12.79 -3.09 3.18
CA THR A 107 -13.29 -1.94 3.92
C THR A 107 -12.15 -1.19 4.59
N ALA A 108 -12.39 0.09 4.88
CA ALA A 108 -11.38 0.92 5.53
C ALA A 108 -10.82 0.25 6.78
N ASP A 109 -11.72 -0.17 7.66
CA ASP A 109 -11.31 -0.83 8.89
C ASP A 109 -10.54 -2.12 8.59
N GLU A 110 -11.15 -2.99 7.81
CA GLU A 110 -10.53 -4.27 7.44
C GLU A 110 -9.09 -4.05 6.98
N LEU A 111 -8.86 -2.93 6.30
CA LEU A 111 -7.53 -2.59 5.80
C LEU A 111 -6.64 -2.05 6.92
N SER A 112 -7.22 -1.20 7.75
CA SER A 112 -6.48 -0.60 8.87
C SER A 112 -5.88 -1.68 9.77
N LYS A 113 -6.65 -2.73 10.01
CA LYS A 113 -6.20 -3.83 10.84
C LYS A 113 -5.05 -4.59 10.19
N ILE A 114 -5.21 -4.91 8.92
CA ILE A 114 -4.19 -5.62 8.17
C ILE A 114 -2.83 -4.94 8.31
N MET A 115 -2.72 -3.75 7.76
CA MET A 115 -1.48 -2.98 7.82
C MET A 115 -1.00 -2.84 9.27
N ALA A 116 -1.94 -2.56 10.17
CA ALA A 116 -1.62 -2.40 11.58
C ALA A 116 -1.03 -3.68 12.16
N PHE A 117 -1.39 -4.81 11.57
CA PHE A 117 -0.90 -6.11 12.03
C PHE A 117 0.57 -6.28 11.68
N PHE A 118 0.98 -5.74 10.54
CA PHE A 118 2.36 -5.84 10.09
C PHE A 118 3.15 -4.61 10.51
N TYR A 119 2.48 -3.69 11.21
CA TYR A 119 3.12 -2.46 11.67
C TYR A 119 3.04 -2.34 13.19
N TYR A 120 1.85 -2.08 13.70
CA TYR A 120 1.63 -1.94 15.13
C TYR A 120 1.18 -3.26 15.75
N GLY A 121 1.48 -4.36 15.07
CA GLY A 121 1.08 -5.67 15.55
C GLY A 121 -0.35 -5.71 16.03
N ALA A 122 -1.22 -4.95 15.36
CA ALA A 122 -2.63 -4.90 15.72
C ALA A 122 -3.28 -6.27 15.55
N ALA A 123 -4.59 -6.32 15.77
CA ALA A 123 -5.34 -7.56 15.64
C ALA A 123 -5.70 -7.84 14.19
N LYS A 124 -5.40 -9.04 13.72
CA LYS A 124 -5.69 -9.43 12.34
C LYS A 124 -7.16 -9.78 12.18
N PRO A 125 -7.80 -9.20 11.16
CA PRO A 125 -9.22 -9.42 10.86
C PRO A 125 -9.48 -10.83 10.35
N PRO A 126 -10.76 -11.21 10.25
CA PRO A 126 -11.17 -12.54 9.78
C PRO A 126 -10.92 -12.71 8.28
N CYS A 127 -11.14 -11.64 7.52
CA CYS A 127 -10.93 -11.68 6.07
C CYS A 127 -9.46 -11.97 5.74
N LEU A 128 -8.57 -11.43 6.56
CA LEU A 128 -7.14 -11.63 6.36
C LEU A 128 -6.72 -13.05 6.71
N ASN A 129 -7.42 -13.64 7.68
CA ASN A 129 -7.13 -15.01 8.10
C ASN A 129 -7.33 -15.99 6.95
N GLY A 130 -8.32 -15.72 6.11
CA GLY A 130 -8.59 -16.60 4.98
C GLY A 130 -7.48 -16.59 3.96
N VAL A 131 -6.89 -15.41 3.74
CA VAL A 131 -5.81 -15.27 2.78
C VAL A 131 -4.46 -15.65 3.39
N VAL A 132 -3.44 -15.74 2.54
CA VAL A 132 -2.11 -16.09 3.01
C VAL A 132 -1.07 -15.07 2.54
N ASN A 133 -0.44 -14.40 3.50
CA ASN A 133 0.57 -13.40 3.19
C ASN A 133 1.92 -14.05 2.93
N SER A 134 2.80 -13.34 2.22
CA SER A 134 4.12 -13.85 1.90
C SER A 134 5.15 -12.73 1.94
N GLN A 135 6.27 -13.00 2.62
CA GLN A 135 7.34 -12.01 2.74
C GLN A 135 8.30 -12.11 1.56
N GLU A 136 8.73 -10.96 1.05
CA GLU A 136 9.65 -10.92 -0.07
C GLU A 136 10.23 -9.52 -0.26
N GLN A 137 11.55 -9.45 -0.35
CA GLN A 137 12.23 -8.16 -0.51
C GLN A 137 11.64 -7.38 -1.68
N ILE A 138 11.71 -6.06 -1.60
CA ILE A 138 11.18 -5.20 -2.66
C ILE A 138 12.18 -5.03 -3.79
N PRO A 139 11.74 -5.31 -5.03
CA PRO A 139 12.59 -5.20 -6.21
C PRO A 139 12.91 -3.74 -6.56
N LEU A 140 14.21 -3.44 -6.61
CA LEU A 140 14.66 -2.08 -6.93
C LEU A 140 14.72 -1.88 -8.43
N VAL A 141 13.88 -0.98 -8.93
CA VAL A 141 13.84 -0.68 -10.35
C VAL A 141 14.91 0.34 -10.73
N ASP A 142 15.52 0.14 -11.89
CA ASP A 142 16.56 1.04 -12.37
C ASP A 142 15.97 2.37 -12.84
N VAL A 143 16.28 3.44 -12.12
CA VAL A 143 15.76 4.76 -12.47
C VAL A 143 16.84 5.60 -13.15
N SER A 144 16.46 6.29 -14.22
CA SER A 144 17.39 7.13 -14.96
C SER A 144 16.92 8.58 -14.97
N VAL A 145 17.84 9.50 -14.72
CA VAL A 145 17.52 10.92 -14.71
C VAL A 145 17.11 11.40 -16.10
N ASN A 146 15.93 12.01 -16.17
CA ASN A 146 15.41 12.51 -17.45
C ASN A 146 16.37 13.54 -18.04
N HIS A 2 7.15 13.66 21.32
CA HIS A 2 7.33 13.84 19.89
C HIS A 2 6.41 12.93 19.09
N MET A 3 5.14 12.89 19.49
CA MET A 3 4.16 12.05 18.82
C MET A 3 3.37 12.86 17.79
N ASP A 4 3.13 12.26 16.63
CA ASP A 4 2.39 12.93 15.57
C ASP A 4 0.90 12.61 15.66
N ASN A 5 0.09 13.30 14.85
CA ASN A 5 -1.35 13.08 14.84
C ASN A 5 -1.86 12.94 13.42
N TYR A 6 -1.66 13.98 12.61
CA TYR A 6 -2.11 13.96 11.22
C TYR A 6 -1.07 13.31 10.32
N ILE A 7 -1.53 12.77 9.19
CA ILE A 7 -0.63 12.11 8.24
C ILE A 7 -1.00 12.48 6.81
N ARG A 8 0.02 12.73 6.00
CA ARG A 8 -0.19 13.09 4.59
C ARG A 8 -1.12 12.08 3.91
N PRO A 9 -2.09 12.59 3.15
CA PRO A 9 -3.06 11.77 2.42
C PRO A 9 -2.43 11.00 1.27
N ILE A 10 -3.22 10.18 0.60
CA ILE A 10 -2.74 9.39 -0.53
C ILE A 10 -1.97 10.27 -1.51
N LYS A 11 -0.66 10.03 -1.63
CA LYS A 11 0.18 10.79 -2.54
C LYS A 11 0.58 9.95 -3.74
N ASP A 12 0.36 10.48 -4.94
CA ASP A 12 0.71 9.77 -6.16
C ASP A 12 2.21 9.54 -6.26
N LEU A 13 2.63 8.29 -6.06
CA LEU A 13 4.04 7.94 -6.12
C LEU A 13 4.44 7.53 -7.53
N THR A 14 5.71 7.77 -7.87
CA THR A 14 6.22 7.43 -9.20
C THR A 14 7.55 6.68 -9.10
N THR A 15 7.91 5.97 -10.16
CA THR A 15 9.15 5.21 -10.19
C THR A 15 10.33 6.07 -9.77
N ALA A 16 10.33 7.32 -10.21
CA ALA A 16 11.40 8.25 -9.89
C ALA A 16 11.56 8.40 -8.38
N GLU A 17 10.44 8.34 -7.66
CA GLU A 17 10.46 8.46 -6.21
C GLU A 17 10.05 7.15 -5.55
N TRP A 18 10.21 6.06 -6.28
CA TRP A 18 9.87 4.74 -5.76
C TRP A 18 10.98 4.18 -4.87
N GLU A 19 12.17 4.07 -5.45
CA GLU A 19 13.33 3.55 -4.70
C GLU A 19 13.47 4.27 -3.36
N GLU A 20 13.45 5.60 -3.41
CA GLU A 20 13.58 6.40 -2.18
C GLU A 20 12.38 6.20 -1.27
N ALA A 21 11.21 5.98 -1.88
CA ALA A 21 9.99 5.78 -1.11
C ALA A 21 10.10 4.55 -0.21
N VAL A 22 11.06 3.68 -0.51
CA VAL A 22 11.28 2.48 0.28
C VAL A 22 12.69 2.42 0.83
N PHE A 23 13.66 2.21 -0.06
CA PHE A 23 15.06 2.13 0.34
C PHE A 23 15.41 3.26 1.32
N LYS A 24 15.00 4.47 0.98
CA LYS A 24 15.26 5.63 1.83
C LYS A 24 14.18 5.79 2.89
N ASP A 25 12.96 5.43 2.52
CA ASP A 25 11.83 5.54 3.45
C ASP A 25 11.51 4.19 4.07
N ILE A 26 12.28 3.80 5.08
CA ILE A 26 12.09 2.53 5.77
C ILE A 26 10.72 2.46 6.41
N SER A 27 10.17 3.63 6.76
CA SER A 27 8.86 3.71 7.39
C SER A 27 7.85 2.84 6.65
N PRO A 28 6.73 2.52 7.33
CA PRO A 28 5.67 1.70 6.75
C PRO A 28 4.90 2.43 5.65
N LEU A 29 4.84 1.81 4.48
CA LEU A 29 4.14 2.40 3.34
C LEU A 29 3.43 1.33 2.52
N MET A 30 2.23 1.66 2.04
CA MET A 30 1.45 0.74 1.24
C MET A 30 1.44 1.15 -0.22
N VAL A 31 1.77 0.21 -1.11
CA VAL A 31 1.80 0.49 -2.54
C VAL A 31 0.45 0.16 -3.18
N LEU A 32 -0.35 1.19 -3.40
CA LEU A 32 -1.66 1.02 -4.01
C LEU A 32 -1.55 0.99 -5.54
N VAL A 33 -1.37 -0.20 -6.09
CA VAL A 33 -1.25 -0.36 -7.53
C VAL A 33 -2.62 -0.37 -8.20
N HIS A 34 -3.00 0.77 -8.77
CA HIS A 34 -4.29 0.89 -9.44
C HIS A 34 -4.12 0.87 -10.96
N ASN A 35 -5.20 0.59 -11.67
CA ASN A 35 -5.17 0.55 -13.13
C ASN A 35 -6.41 1.22 -13.72
N ARG A 36 -6.18 2.17 -14.62
CA ARG A 36 -7.28 2.88 -15.26
C ARG A 36 -7.98 1.99 -16.28
N TYR A 37 -7.22 1.11 -16.92
CA TYR A 37 -7.77 0.20 -17.92
C TYR A 37 -8.41 -1.01 -17.27
N LYS A 38 -7.81 -1.47 -16.17
CA LYS A 38 -8.33 -2.62 -15.45
C LYS A 38 -9.17 -2.18 -14.25
N ARG A 39 -10.42 -2.66 -14.20
CA ARG A 39 -11.32 -2.32 -13.11
C ARG A 39 -11.41 -0.81 -12.94
N PRO A 40 -12.23 -0.17 -13.79
CA PRO A 40 -12.42 1.28 -13.76
C PRO A 40 -13.21 1.73 -12.52
N LYS A 41 -14.13 0.89 -12.08
CA LYS A 41 -14.94 1.19 -10.91
C LYS A 41 -14.24 0.77 -9.63
N GLU A 42 -13.74 -0.47 -9.59
CA GLU A 42 -13.04 -0.98 -8.43
C GLU A 42 -11.90 -0.06 -8.02
N ASN A 43 -11.30 0.60 -9.01
CA ASN A 43 -10.19 1.52 -8.75
C ASN A 43 -10.61 2.62 -7.79
N GLU A 44 -11.59 3.42 -8.20
CA GLU A 44 -12.09 4.51 -7.38
C GLU A 44 -12.59 3.99 -6.04
N LYS A 45 -13.03 2.74 -6.01
CA LYS A 45 -13.54 2.12 -4.80
C LYS A 45 -12.40 1.81 -3.83
N PHE A 46 -11.25 1.43 -4.39
CA PHE A 46 -10.08 1.10 -3.57
C PHE A 46 -9.56 2.33 -2.85
N ARG A 47 -9.22 3.36 -3.62
CA ARG A 47 -8.71 4.61 -3.05
C ARG A 47 -9.62 5.12 -1.94
N GLU A 48 -10.93 4.94 -2.14
CA GLU A 48 -11.91 5.40 -1.16
C GLU A 48 -11.75 4.63 0.16
N GLU A 49 -11.81 3.31 0.09
CA GLU A 49 -11.67 2.48 1.27
C GLU A 49 -10.29 2.66 1.91
N LEU A 50 -9.28 2.85 1.08
CA LEU A 50 -7.92 3.05 1.55
C LEU A 50 -7.78 4.37 2.31
N GLU A 51 -8.29 5.44 1.71
CA GLU A 51 -8.23 6.76 2.32
C GLU A 51 -8.81 6.73 3.73
N LYS A 52 -10.02 6.21 3.86
CA LYS A 52 -10.70 6.11 5.15
C LYS A 52 -9.88 5.27 6.13
N ALA A 53 -9.29 4.19 5.62
CA ALA A 53 -8.48 3.30 6.45
C ALA A 53 -7.43 4.09 7.22
N ILE A 54 -6.80 5.05 6.55
CA ILE A 54 -5.78 5.88 7.19
C ILE A 54 -6.37 6.73 8.31
N GLN A 55 -7.54 7.30 8.05
CA GLN A 55 -8.21 8.13 9.04
C GLN A 55 -8.59 7.33 10.28
N VAL A 56 -9.06 6.10 10.06
CA VAL A 56 -9.46 5.23 11.15
C VAL A 56 -8.32 5.06 12.17
N ILE A 57 -7.11 4.84 11.66
CA ILE A 57 -5.95 4.67 12.52
C ILE A 57 -5.68 5.92 13.35
N TRP A 58 -5.84 7.08 12.72
CA TRP A 58 -5.62 8.35 13.40
C TRP A 58 -6.38 8.40 14.72
N ASN A 59 -7.62 7.89 14.71
CA ASN A 59 -8.44 7.88 15.91
C ASN A 59 -7.90 6.89 16.94
N CYS A 60 -7.29 5.81 16.45
CA CYS A 60 -6.73 4.79 17.32
C CYS A 60 -5.71 5.39 18.29
N GLY A 61 -5.01 6.43 17.83
CA GLY A 61 -4.01 7.08 18.66
C GLY A 61 -2.60 6.73 18.25
N LEU A 62 -2.40 6.49 16.96
CA LEU A 62 -1.08 6.15 16.44
C LEU A 62 -0.86 6.74 15.05
N PRO A 63 0.40 7.06 14.73
CA PRO A 63 0.76 7.64 13.44
C PRO A 63 0.62 6.64 12.29
N SER A 64 -0.53 6.69 11.62
CA SER A 64 -0.80 5.79 10.50
C SER A 64 0.37 5.77 9.53
N PRO A 65 0.47 4.69 8.75
CA PRO A 65 1.54 4.52 7.76
C PRO A 65 1.40 5.47 6.58
N ARG A 66 2.21 5.25 5.55
CA ARG A 66 2.16 6.09 4.36
C ARG A 66 1.26 5.47 3.29
N CYS A 67 0.55 6.32 2.57
CA CYS A 67 -0.35 5.87 1.51
C CYS A 67 0.02 6.49 0.17
N VAL A 68 0.33 5.64 -0.80
CA VAL A 68 0.70 6.10 -2.13
C VAL A 68 0.06 5.24 -3.21
N ALA A 69 -0.38 5.89 -4.29
CA ALA A 69 -1.01 5.18 -5.40
C ALA A 69 -0.15 5.25 -6.65
N VAL A 70 0.19 4.08 -7.19
CA VAL A 70 1.02 4.00 -8.40
C VAL A 70 0.20 3.54 -9.60
N ASP A 71 0.42 4.18 -10.74
CA ASP A 71 -0.29 3.84 -11.97
C ASP A 71 0.25 2.54 -12.56
N ALA A 72 -0.64 1.57 -12.76
CA ALA A 72 -0.24 0.29 -13.32
C ALA A 72 -0.10 0.38 -14.84
N VAL A 73 -0.40 1.56 -15.39
CA VAL A 73 -0.30 1.78 -16.83
C VAL A 73 0.84 2.75 -17.15
N VAL A 74 0.97 3.78 -16.33
CA VAL A 74 2.01 4.79 -16.54
C VAL A 74 3.34 4.32 -15.96
N GLU A 75 3.28 3.65 -14.81
CA GLU A 75 4.48 3.14 -14.15
C GLU A 75 4.62 1.64 -14.35
N THR A 76 4.47 1.19 -15.59
CA THR A 76 4.57 -0.23 -15.91
C THR A 76 5.86 -0.82 -15.34
N ASP A 77 6.93 -0.03 -15.36
CA ASP A 77 8.22 -0.48 -14.85
C ASP A 77 8.10 -0.97 -13.41
N LEU A 78 7.25 -0.30 -12.63
CA LEU A 78 7.04 -0.66 -11.24
C LEU A 78 6.30 -2.00 -11.12
N VAL A 79 5.08 -2.03 -11.64
CA VAL A 79 4.26 -3.24 -11.60
C VAL A 79 5.04 -4.43 -12.15
N SER A 80 5.84 -4.19 -13.18
CA SER A 80 6.63 -5.25 -13.80
C SER A 80 7.56 -5.90 -12.78
N ALA A 81 8.22 -5.07 -11.99
CA ALA A 81 9.14 -5.57 -10.97
C ALA A 81 8.38 -6.21 -9.81
N LEU A 82 7.23 -5.65 -9.48
CA LEU A 82 6.41 -6.17 -8.38
C LEU A 82 5.78 -7.50 -8.78
N LYS A 83 5.63 -7.73 -10.08
CA LYS A 83 5.04 -8.96 -10.59
C LYS A 83 3.62 -9.14 -10.05
N VAL A 84 2.76 -8.16 -10.32
CA VAL A 84 1.37 -8.21 -9.87
C VAL A 84 0.47 -8.81 -10.95
N SER A 85 -0.71 -9.28 -10.54
CA SER A 85 -1.66 -9.87 -11.47
C SER A 85 -3.04 -9.25 -11.29
N VAL A 86 -3.41 -8.99 -10.04
CA VAL A 86 -4.72 -8.39 -9.74
C VAL A 86 -4.60 -6.88 -9.60
N PHE A 87 -5.64 -6.18 -10.04
CA PHE A 87 -5.67 -4.72 -9.97
C PHE A 87 -7.09 -4.21 -9.73
N PRO A 88 -7.23 -3.25 -8.82
CA PRO A 88 -6.09 -2.69 -8.07
C PRO A 88 -5.51 -3.69 -7.08
N GLU A 89 -4.43 -3.29 -6.41
CA GLU A 89 -3.78 -4.15 -5.43
C GLU A 89 -3.01 -3.32 -4.40
N ILE A 90 -3.22 -3.63 -3.13
CA ILE A 90 -2.54 -2.91 -2.05
C ILE A 90 -1.41 -3.74 -1.46
N ILE A 91 -0.20 -3.55 -1.99
CA ILE A 91 0.96 -4.28 -1.52
C ILE A 91 1.52 -3.66 -0.24
N PHE A 92 1.29 -4.32 0.89
CA PHE A 92 1.76 -3.83 2.18
C PHE A 92 3.27 -4.06 2.32
N THR A 93 4.04 -2.99 2.20
CA THR A 93 5.50 -3.07 2.32
C THR A 93 5.99 -2.42 3.60
N LYS A 94 7.17 -2.81 4.05
CA LYS A 94 7.75 -2.26 5.27
C LYS A 94 9.26 -2.48 5.30
N ALA A 95 10.00 -1.40 5.56
CA ALA A 95 11.45 -1.46 5.62
C ALA A 95 12.04 -1.89 4.27
N GLY A 96 11.37 -1.48 3.19
CA GLY A 96 11.85 -1.84 1.86
C GLY A 96 11.65 -3.31 1.56
N LYS A 97 10.61 -3.90 2.12
CA LYS A 97 10.33 -5.31 1.90
C LYS A 97 8.82 -5.58 1.97
N ILE A 98 8.32 -6.38 1.04
CA ILE A 98 6.91 -6.72 1.00
C ILE A 98 6.56 -7.74 2.06
N LEU A 99 5.37 -7.61 2.65
CA LEU A 99 4.92 -8.53 3.68
C LEU A 99 3.67 -9.28 3.23
N TYR A 100 2.68 -8.54 2.76
CA TYR A 100 1.43 -9.13 2.29
C TYR A 100 0.80 -8.29 1.19
N ARG A 101 0.12 -8.95 0.26
CA ARG A 101 -0.53 -8.26 -0.84
C ARG A 101 -2.04 -8.48 -0.81
N GLU A 102 -2.80 -7.41 -0.64
CA GLU A 102 -4.25 -7.49 -0.58
C GLU A 102 -4.84 -7.47 -1.99
N LYS A 103 -5.72 -8.43 -2.27
CA LYS A 103 -6.36 -8.53 -3.58
C LYS A 103 -7.87 -8.63 -3.44
N GLY A 104 -8.54 -7.48 -3.47
CA GLY A 104 -9.99 -7.47 -3.34
C GLY A 104 -10.50 -6.28 -2.55
N ILE A 105 -11.73 -5.87 -2.81
CA ILE A 105 -12.32 -4.73 -2.11
C ILE A 105 -12.40 -4.99 -0.61
N ARG A 106 -11.72 -4.15 0.16
CA ARG A 106 -11.71 -4.30 1.61
C ARG A 106 -12.17 -3.00 2.28
N THR A 107 -12.74 -3.12 3.47
CA THR A 107 -13.23 -1.97 4.22
C THR A 107 -12.08 -1.23 4.90
N ALA A 108 -12.30 0.05 5.18
CA ALA A 108 -11.28 0.86 5.83
C ALA A 108 -10.74 0.18 7.08
N ASP A 109 -11.65 -0.26 7.94
CA ASP A 109 -11.26 -0.93 9.18
C ASP A 109 -10.51 -2.23 8.89
N GLU A 110 -11.13 -3.09 8.10
CA GLU A 110 -10.52 -4.37 7.74
C GLU A 110 -9.10 -4.17 7.24
N LEU A 111 -8.88 -3.08 6.51
CA LEU A 111 -7.56 -2.77 5.96
C LEU A 111 -6.63 -2.27 7.06
N SER A 112 -7.09 -1.28 7.82
CA SER A 112 -6.29 -0.71 8.91
C SER A 112 -5.72 -1.81 9.79
N LYS A 113 -6.56 -2.76 10.15
CA LYS A 113 -6.13 -3.88 11.00
C LYS A 113 -5.03 -4.69 10.32
N ILE A 114 -5.18 -4.89 9.02
CA ILE A 114 -4.19 -5.65 8.25
C ILE A 114 -2.82 -4.99 8.32
N MET A 115 -2.71 -3.81 7.73
CA MET A 115 -1.44 -3.07 7.74
C MET A 115 -0.93 -2.87 9.16
N ALA A 116 -1.85 -2.66 10.10
CA ALA A 116 -1.49 -2.46 11.49
C ALA A 116 -0.84 -3.70 12.08
N PHE A 117 -1.55 -4.82 12.02
CA PHE A 117 -1.04 -6.08 12.54
C PHE A 117 0.33 -6.39 11.96
N PHE A 118 0.62 -5.82 10.81
CA PHE A 118 1.90 -6.04 10.14
C PHE A 118 2.96 -5.07 10.65
N TYR A 119 2.52 -3.87 11.02
CA TYR A 119 3.43 -2.84 11.53
C TYR A 119 3.30 -2.71 13.05
N TYR A 120 2.21 -2.10 13.49
CA TYR A 120 1.97 -1.90 14.91
C TYR A 120 1.68 -3.23 15.60
N GLY A 121 0.58 -3.87 15.22
CA GLY A 121 0.22 -5.14 15.81
C GLY A 121 -1.23 -5.16 16.28
N ALA A 122 -2.12 -4.61 15.48
CA ALA A 122 -3.54 -4.57 15.82
C ALA A 122 -4.19 -5.93 15.61
N ALA A 123 -5.39 -6.10 16.18
CA ALA A 123 -6.11 -7.35 16.06
C ALA A 123 -6.29 -7.74 14.60
N LYS A 124 -5.84 -8.95 14.25
CA LYS A 124 -5.95 -9.44 12.89
C LYS A 124 -7.40 -9.72 12.52
N PRO A 125 -7.86 -9.15 11.40
CA PRO A 125 -9.23 -9.33 10.92
C PRO A 125 -9.49 -10.74 10.41
N PRO A 126 -10.77 -11.07 10.18
CA PRO A 126 -11.17 -12.39 9.68
C PRO A 126 -10.75 -12.62 8.24
N CYS A 127 -10.77 -11.55 7.45
CA CYS A 127 -10.40 -11.64 6.04
C CYS A 127 -8.90 -11.92 5.89
N LEU A 128 -8.11 -11.36 6.79
CA LEU A 128 -6.67 -11.56 6.75
C LEU A 128 -6.28 -12.89 7.39
N ASN A 129 -7.04 -13.29 8.41
CA ASN A 129 -6.77 -14.55 9.10
C ASN A 129 -6.83 -15.72 8.13
N GLY A 130 -7.72 -15.64 7.15
CA GLY A 130 -7.85 -16.69 6.17
C GLY A 130 -7.36 -16.29 4.80
N VAL A 131 -6.22 -15.61 4.77
CA VAL A 131 -5.63 -15.15 3.51
C VAL A 131 -4.22 -15.71 3.32
N VAL A 132 -3.73 -15.67 2.09
CA VAL A 132 -2.40 -16.18 1.78
C VAL A 132 -1.40 -15.04 1.67
N ASN A 133 -0.48 -14.96 2.64
CA ASN A 133 0.53 -13.91 2.65
C ASN A 133 1.92 -14.51 2.48
N SER A 134 2.86 -13.68 2.04
CA SER A 134 4.23 -14.12 1.81
C SER A 134 5.20 -12.95 1.87
N GLN A 135 6.40 -13.19 2.40
CA GLN A 135 7.41 -12.16 2.52
C GLN A 135 8.38 -12.20 1.33
N GLU A 136 8.64 -11.04 0.75
CA GLU A 136 9.55 -10.95 -0.39
C GLU A 136 10.14 -9.54 -0.50
N GLN A 137 11.47 -9.48 -0.63
CA GLN A 137 12.15 -8.20 -0.74
C GLN A 137 11.55 -7.36 -1.88
N ILE A 138 11.57 -6.04 -1.70
CA ILE A 138 11.04 -5.13 -2.69
C ILE A 138 12.01 -4.95 -3.86
N PRO A 139 11.50 -5.16 -5.09
CA PRO A 139 12.30 -5.03 -6.30
C PRO A 139 12.68 -3.58 -6.60
N LEU A 140 13.96 -3.34 -6.84
CA LEU A 140 14.46 -2.00 -7.13
C LEU A 140 14.37 -1.70 -8.63
N VAL A 141 13.56 -0.71 -8.98
CA VAL A 141 13.40 -0.33 -10.37
C VAL A 141 14.59 0.48 -10.86
N ASP A 142 15.33 -0.09 -11.81
CA ASP A 142 16.51 0.57 -12.37
C ASP A 142 16.10 1.77 -13.22
N VAL A 143 16.47 2.97 -12.77
CA VAL A 143 16.14 4.19 -13.49
C VAL A 143 17.38 4.81 -14.13
N SER A 144 17.43 4.80 -15.46
CA SER A 144 18.56 5.35 -16.18
C SER A 144 18.33 6.82 -16.52
N VAL A 145 19.37 7.63 -16.36
CA VAL A 145 19.28 9.05 -16.65
C VAL A 145 19.71 9.36 -18.08
N ASN A 146 18.82 9.99 -18.83
CA ASN A 146 19.11 10.34 -20.23
C ASN A 146 19.08 11.85 -20.42
N HIS A 2 -2.30 7.55 24.30
CA HIS A 2 -1.30 7.69 23.24
C HIS A 2 -1.53 8.99 22.46
N MET A 3 -0.52 9.41 21.72
CA MET A 3 -0.60 10.63 20.93
C MET A 3 -0.35 10.34 19.45
N ASP A 4 -0.93 11.16 18.59
CA ASP A 4 -0.77 11.00 17.15
C ASP A 4 -1.11 12.29 16.40
N ASN A 5 -0.33 12.60 15.39
CA ASN A 5 -0.56 13.81 14.60
C ASN A 5 -1.17 13.48 13.24
N TYR A 6 -1.22 14.46 12.35
CA TYR A 6 -1.79 14.28 11.03
C TYR A 6 -0.79 13.57 10.11
N ILE A 7 -1.29 12.96 9.05
CA ILE A 7 -0.45 12.25 8.09
C ILE A 7 -0.84 12.60 6.66
N ARG A 8 0.16 12.84 5.82
CA ARG A 8 -0.07 13.19 4.43
C ARG A 8 -1.03 12.19 3.77
N PRO A 9 -2.03 12.72 3.06
CA PRO A 9 -3.03 11.90 2.37
C PRO A 9 -2.44 11.14 1.18
N ILE A 10 -3.26 10.31 0.55
CA ILE A 10 -2.82 9.52 -0.60
C ILE A 10 -2.13 10.41 -1.64
N LYS A 11 -0.84 10.20 -1.82
CA LYS A 11 -0.06 10.97 -2.77
C LYS A 11 0.33 10.12 -3.98
N ASP A 12 0.56 10.77 -5.11
CA ASP A 12 0.93 10.08 -6.34
C ASP A 12 2.42 9.73 -6.34
N LEU A 13 2.72 8.44 -6.45
CA LEU A 13 4.10 7.98 -6.45
C LEU A 13 4.50 7.47 -7.83
N THR A 14 5.76 7.65 -8.19
CA THR A 14 6.27 7.21 -9.48
C THR A 14 7.57 6.44 -9.32
N THR A 15 7.91 5.64 -10.33
CA THR A 15 9.14 4.85 -10.32
C THR A 15 10.34 5.71 -9.97
N ALA A 16 10.35 6.93 -10.49
CA ALA A 16 11.46 7.85 -10.25
C ALA A 16 11.70 8.03 -8.75
N GLU A 17 10.62 8.08 -7.99
CA GLU A 17 10.72 8.25 -6.54
C GLU A 17 10.24 7.00 -5.81
N TRP A 18 10.28 5.86 -6.51
CA TRP A 18 9.86 4.59 -5.94
C TRP A 18 10.91 4.05 -4.99
N GLU A 19 12.15 3.93 -5.48
CA GLU A 19 13.25 3.42 -4.67
C GLU A 19 13.28 4.10 -3.31
N GLU A 20 13.28 5.44 -3.32
CA GLU A 20 13.31 6.21 -2.08
C GLU A 20 12.05 5.96 -1.25
N ALA A 21 10.93 5.76 -1.93
CA ALA A 21 9.67 5.50 -1.25
C ALA A 21 9.79 4.35 -0.28
N VAL A 22 10.76 3.48 -0.51
CA VAL A 22 10.98 2.32 0.35
C VAL A 22 12.39 2.33 0.93
N PHE A 23 13.39 2.24 0.06
CA PHE A 23 14.79 2.25 0.48
C PHE A 23 15.07 3.42 1.39
N LYS A 24 14.81 4.62 0.90
CA LYS A 24 15.04 5.84 1.68
C LYS A 24 14.01 5.97 2.80
N ASP A 25 12.80 5.48 2.55
CA ASP A 25 11.74 5.54 3.54
C ASP A 25 11.49 4.17 4.16
N ILE A 26 12.22 3.86 5.23
CA ILE A 26 12.08 2.58 5.91
C ILE A 26 10.71 2.46 6.57
N SER A 27 10.12 3.59 6.93
CA SER A 27 8.81 3.61 7.58
C SER A 27 7.82 2.75 6.79
N PRO A 28 6.72 2.37 7.45
CA PRO A 28 5.67 1.55 6.84
C PRO A 28 4.88 2.30 5.77
N LEU A 29 5.00 1.86 4.52
CA LEU A 29 4.29 2.49 3.41
C LEU A 29 3.51 1.47 2.62
N MET A 30 2.28 1.82 2.25
CA MET A 30 1.43 0.93 1.47
C MET A 30 1.40 1.35 0.00
N VAL A 31 1.77 0.43 -0.88
CA VAL A 31 1.78 0.71 -2.31
C VAL A 31 0.50 0.23 -2.97
N LEU A 32 -0.33 1.17 -3.40
CA LEU A 32 -1.59 0.85 -4.06
C LEU A 32 -1.44 0.87 -5.58
N VAL A 33 -1.32 -0.30 -6.17
CA VAL A 33 -1.18 -0.42 -7.62
C VAL A 33 -2.54 -0.44 -8.32
N HIS A 34 -2.93 0.70 -8.88
CA HIS A 34 -4.21 0.81 -9.57
C HIS A 34 -4.01 0.79 -11.08
N ASN A 35 -5.11 0.81 -11.82
CA ASN A 35 -5.05 0.79 -13.27
C ASN A 35 -6.25 1.54 -13.88
N ARG A 36 -5.98 2.35 -14.89
CA ARG A 36 -7.02 3.13 -15.55
C ARG A 36 -7.82 2.26 -16.51
N TYR A 37 -7.16 1.27 -17.10
CA TYR A 37 -7.81 0.37 -18.04
C TYR A 37 -8.46 -0.80 -17.31
N LYS A 38 -7.73 -1.39 -16.37
CA LYS A 38 -8.24 -2.52 -15.59
C LYS A 38 -9.11 -2.03 -14.44
N ARG A 39 -10.37 -2.45 -14.44
CA ARG A 39 -11.30 -2.05 -13.38
C ARG A 39 -11.30 -0.53 -13.19
N PRO A 40 -11.97 0.18 -14.09
CA PRO A 40 -12.06 1.65 -14.04
C PRO A 40 -12.91 2.13 -12.86
N LYS A 41 -13.90 1.34 -12.50
CA LYS A 41 -14.78 1.69 -11.38
C LYS A 41 -14.18 1.26 -10.06
N GLU A 42 -13.79 0.00 -9.96
CA GLU A 42 -13.19 -0.54 -8.74
C GLU A 42 -12.04 0.36 -8.27
N ASN A 43 -11.34 0.96 -9.21
CA ASN A 43 -10.22 1.82 -8.90
C ASN A 43 -10.62 2.88 -7.86
N GLU A 44 -11.82 3.41 -8.01
CA GLU A 44 -12.33 4.42 -7.09
C GLU A 44 -12.74 3.79 -5.76
N LYS A 45 -13.29 2.58 -5.82
CA LYS A 45 -13.73 1.87 -4.63
C LYS A 45 -12.54 1.56 -3.72
N PHE A 46 -11.40 1.24 -4.32
CA PHE A 46 -10.20 0.93 -3.56
C PHE A 46 -9.71 2.14 -2.79
N ARG A 47 -9.32 3.18 -3.53
CA ARG A 47 -8.83 4.41 -2.92
C ARG A 47 -9.80 4.92 -1.86
N GLU A 48 -11.09 4.74 -2.11
CA GLU A 48 -12.12 5.19 -1.18
C GLU A 48 -11.97 4.48 0.16
N GLU A 49 -11.93 3.14 0.12
CA GLU A 49 -11.80 2.35 1.34
C GLU A 49 -10.41 2.54 1.97
N LEU A 50 -9.40 2.69 1.12
CA LEU A 50 -8.04 2.90 1.59
C LEU A 50 -7.90 4.20 2.35
N GLU A 51 -8.37 5.29 1.74
CA GLU A 51 -8.30 6.60 2.36
C GLU A 51 -8.90 6.58 3.76
N LYS A 52 -10.08 5.99 3.89
CA LYS A 52 -10.75 5.89 5.18
C LYS A 52 -9.90 5.12 6.19
N ALA A 53 -9.25 4.06 5.71
CA ALA A 53 -8.40 3.24 6.57
C ALA A 53 -7.39 4.10 7.31
N ILE A 54 -6.68 4.93 6.57
CA ILE A 54 -5.66 5.81 7.15
C ILE A 54 -6.26 6.67 8.27
N GLN A 55 -7.39 7.31 7.97
CA GLN A 55 -8.07 8.15 8.95
C GLN A 55 -8.46 7.36 10.19
N VAL A 56 -9.01 6.16 9.97
CA VAL A 56 -9.42 5.31 11.07
C VAL A 56 -8.30 5.11 12.08
N ILE A 57 -7.09 4.89 11.56
CA ILE A 57 -5.92 4.69 12.42
C ILE A 57 -5.65 5.93 13.27
N TRP A 58 -5.78 7.10 12.66
CA TRP A 58 -5.55 8.36 13.37
C TRP A 58 -6.32 8.39 14.69
N ASN A 59 -7.55 7.89 14.66
CA ASN A 59 -8.39 7.87 15.85
C ASN A 59 -7.86 6.86 16.87
N CYS A 60 -7.28 5.78 16.37
CA CYS A 60 -6.73 4.75 17.24
C CYS A 60 -5.71 5.33 18.21
N GLY A 61 -5.01 6.37 17.77
CA GLY A 61 -4.01 7.00 18.61
C GLY A 61 -2.59 6.66 18.19
N LEU A 62 -2.41 6.44 16.89
CA LEU A 62 -1.09 6.11 16.35
C LEU A 62 -0.90 6.71 14.97
N PRO A 63 0.35 7.07 14.65
CA PRO A 63 0.70 7.66 13.35
C PRO A 63 0.59 6.67 12.21
N SER A 64 -0.54 6.70 11.50
CA SER A 64 -0.77 5.80 10.38
C SER A 64 0.42 5.81 9.42
N PRO A 65 0.55 4.72 8.64
CA PRO A 65 1.64 4.58 7.66
C PRO A 65 1.48 5.52 6.49
N ARG A 66 2.31 5.32 5.46
CA ARG A 66 2.26 6.17 4.27
C ARG A 66 1.30 5.60 3.23
N CYS A 67 0.67 6.47 2.47
CA CYS A 67 -0.28 6.05 1.45
C CYS A 67 0.10 6.62 0.08
N VAL A 68 0.38 5.74 -0.87
CA VAL A 68 0.76 6.17 -2.22
C VAL A 68 0.10 5.29 -3.27
N ALA A 69 -0.35 5.91 -4.36
CA ALA A 69 -1.00 5.19 -5.44
C ALA A 69 -0.16 5.24 -6.71
N VAL A 70 0.24 4.07 -7.20
CA VAL A 70 1.05 3.98 -8.41
C VAL A 70 0.21 3.54 -9.60
N ASP A 71 0.36 4.23 -10.72
CA ASP A 71 -0.39 3.90 -11.93
C ASP A 71 0.24 2.71 -12.64
N ALA A 72 -0.59 1.70 -12.93
CA ALA A 72 -0.11 0.50 -13.61
C ALA A 72 0.06 0.75 -15.11
N VAL A 73 -0.79 1.59 -15.66
CA VAL A 73 -0.73 1.92 -17.08
C VAL A 73 0.41 2.88 -17.38
N VAL A 74 0.69 3.77 -16.43
CA VAL A 74 1.76 4.75 -16.59
C VAL A 74 3.09 4.20 -16.07
N GLU A 75 3.11 3.83 -14.79
CA GLU A 75 4.31 3.29 -14.17
C GLU A 75 4.40 1.78 -14.39
N THR A 76 4.32 1.36 -15.65
CA THR A 76 4.39 -0.04 -15.99
C THR A 76 5.67 -0.67 -15.46
N ASP A 77 6.76 0.08 -15.50
CA ASP A 77 8.05 -0.39 -15.02
C ASP A 77 7.94 -0.90 -13.60
N LEU A 78 7.25 -0.15 -12.75
CA LEU A 78 7.07 -0.52 -11.35
C LEU A 78 6.35 -1.86 -11.23
N VAL A 79 5.13 -1.91 -11.76
CA VAL A 79 4.33 -3.12 -11.71
C VAL A 79 5.12 -4.32 -12.22
N SER A 80 5.97 -4.08 -13.21
CA SER A 80 6.78 -5.14 -13.80
C SER A 80 7.65 -5.80 -12.74
N ALA A 81 8.23 -4.98 -11.86
CA ALA A 81 9.08 -5.49 -10.80
C ALA A 81 8.27 -6.21 -9.73
N LEU A 82 7.09 -5.67 -9.41
CA LEU A 82 6.23 -6.26 -8.41
C LEU A 82 5.60 -7.55 -8.93
N LYS A 83 5.52 -7.67 -10.25
CA LYS A 83 4.93 -8.86 -10.87
C LYS A 83 3.49 -9.06 -10.43
N VAL A 84 2.73 -7.96 -10.42
CA VAL A 84 1.33 -8.02 -10.03
C VAL A 84 0.46 -8.57 -11.16
N SER A 85 -0.73 -9.04 -10.81
CA SER A 85 -1.66 -9.59 -11.78
C SER A 85 -3.05 -8.97 -11.64
N VAL A 86 -3.45 -8.73 -10.40
CA VAL A 86 -4.76 -8.13 -10.13
C VAL A 86 -4.64 -6.63 -9.90
N PHE A 87 -5.62 -5.89 -10.40
CA PHE A 87 -5.62 -4.43 -10.27
C PHE A 87 -7.05 -3.91 -10.10
N PRO A 88 -7.24 -2.99 -9.14
CA PRO A 88 -6.15 -2.50 -8.30
C PRO A 88 -5.66 -3.56 -7.31
N GLU A 89 -4.71 -3.18 -6.47
CA GLU A 89 -4.15 -4.10 -5.49
C GLU A 89 -3.21 -3.36 -4.53
N ILE A 90 -3.40 -3.59 -3.23
CA ILE A 90 -2.57 -2.96 -2.22
C ILE A 90 -1.42 -3.88 -1.79
N ILE A 91 -0.22 -3.32 -1.74
CA ILE A 91 0.96 -4.09 -1.35
C ILE A 91 1.57 -3.54 -0.07
N PHE A 92 1.33 -4.22 1.04
CA PHE A 92 1.85 -3.79 2.33
C PHE A 92 3.37 -4.03 2.41
N THR A 93 4.13 -2.94 2.35
CA THR A 93 5.58 -3.03 2.40
C THR A 93 6.13 -2.36 3.66
N LYS A 94 7.28 -2.83 4.12
CA LYS A 94 7.90 -2.27 5.32
C LYS A 94 9.41 -2.48 5.29
N ALA A 95 10.16 -1.44 5.65
CA ALA A 95 11.61 -1.51 5.67
C ALA A 95 12.16 -1.97 4.32
N GLY A 96 11.53 -1.50 3.25
CA GLY A 96 11.97 -1.88 1.91
C GLY A 96 11.79 -3.35 1.64
N LYS A 97 10.77 -3.96 2.25
CA LYS A 97 10.49 -5.37 2.07
C LYS A 97 8.99 -5.63 2.07
N ILE A 98 8.55 -6.51 1.16
CA ILE A 98 7.14 -6.85 1.07
C ILE A 98 6.75 -7.88 2.11
N LEU A 99 5.62 -7.66 2.76
CA LEU A 99 5.13 -8.58 3.79
C LEU A 99 3.87 -9.30 3.33
N TYR A 100 2.95 -8.54 2.75
CA TYR A 100 1.69 -9.11 2.26
C TYR A 100 0.97 -8.13 1.34
N ARG A 101 0.25 -8.66 0.37
CA ARG A 101 -0.49 -7.84 -0.58
C ARG A 101 -1.97 -8.22 -0.61
N GLU A 102 -2.83 -7.23 -0.36
CA GLU A 102 -4.27 -7.47 -0.35
C GLU A 102 -4.84 -7.40 -1.76
N LYS A 103 -5.68 -8.38 -2.10
CA LYS A 103 -6.30 -8.43 -3.42
C LYS A 103 -7.81 -8.59 -3.31
N GLY A 104 -8.52 -7.46 -3.32
CA GLY A 104 -9.97 -7.50 -3.22
C GLY A 104 -10.52 -6.32 -2.45
N ILE A 105 -11.76 -5.94 -2.75
CA ILE A 105 -12.40 -4.82 -2.07
C ILE A 105 -12.48 -5.06 -0.57
N ARG A 106 -11.76 -4.25 0.19
CA ARG A 106 -11.74 -4.36 1.64
C ARG A 106 -12.22 -3.08 2.31
N THR A 107 -12.73 -3.20 3.52
CA THR A 107 -13.24 -2.04 4.26
C THR A 107 -12.09 -1.23 4.86
N ALA A 108 -12.41 -0.06 5.38
CA ALA A 108 -11.41 0.81 5.98
C ALA A 108 -10.79 0.16 7.22
N ASP A 109 -11.64 -0.37 8.09
CA ASP A 109 -11.17 -1.03 9.31
C ASP A 109 -10.45 -2.34 8.98
N GLU A 110 -11.06 -3.14 8.13
CA GLU A 110 -10.49 -4.42 7.74
C GLU A 110 -9.04 -4.25 7.29
N LEU A 111 -8.77 -3.16 6.58
CA LEU A 111 -7.43 -2.87 6.09
C LEU A 111 -6.54 -2.32 7.20
N SER A 112 -7.09 -1.38 7.96
CA SER A 112 -6.35 -0.76 9.07
C SER A 112 -5.77 -1.83 9.99
N LYS A 113 -6.51 -2.91 10.17
CA LYS A 113 -6.07 -4.01 11.03
C LYS A 113 -4.96 -4.81 10.36
N ILE A 114 -5.12 -5.06 9.06
CA ILE A 114 -4.14 -5.82 8.30
C ILE A 114 -2.77 -5.16 8.37
N MET A 115 -2.67 -3.97 7.77
CA MET A 115 -1.41 -3.23 7.75
C MET A 115 -0.86 -3.07 9.17
N ALA A 116 -1.76 -2.90 10.13
CA ALA A 116 -1.36 -2.74 11.53
C ALA A 116 -0.69 -4.00 12.05
N PHE A 117 -1.41 -5.12 11.99
CA PHE A 117 -0.88 -6.39 12.47
C PHE A 117 0.52 -6.65 11.89
N PHE A 118 0.80 -6.05 10.75
CA PHE A 118 2.09 -6.22 10.09
C PHE A 118 3.10 -5.20 10.61
N TYR A 119 2.60 -4.01 10.95
CA TYR A 119 3.46 -2.95 11.46
C TYR A 119 3.30 -2.79 12.97
N TYR A 120 2.19 -2.18 13.37
CA TYR A 120 1.91 -1.96 14.78
C TYR A 120 1.64 -3.28 15.50
N GLY A 121 0.54 -3.93 15.14
CA GLY A 121 0.19 -5.21 15.75
C GLY A 121 -1.25 -5.24 16.21
N ALA A 122 -2.14 -4.63 15.44
CA ALA A 122 -3.56 -4.60 15.77
C ALA A 122 -4.14 -6.01 15.76
N ALA A 123 -5.46 -6.09 15.94
CA ALA A 123 -6.15 -7.38 15.96
C ALA A 123 -6.38 -7.89 14.54
N LYS A 124 -5.82 -9.06 14.24
CA LYS A 124 -5.97 -9.66 12.92
C LYS A 124 -7.44 -9.87 12.58
N PRO A 125 -7.89 -9.27 11.48
CA PRO A 125 -9.27 -9.37 11.02
C PRO A 125 -9.61 -10.77 10.49
N PRO A 126 -10.90 -11.02 10.24
CA PRO A 126 -11.38 -12.31 9.73
C PRO A 126 -10.94 -12.56 8.29
N CYS A 127 -11.18 -11.59 7.43
CA CYS A 127 -10.82 -11.70 6.03
C CYS A 127 -9.34 -12.06 5.87
N LEU A 128 -8.52 -11.56 6.79
CA LEU A 128 -7.09 -11.82 6.76
C LEU A 128 -6.74 -13.09 7.55
N ASN A 129 -7.56 -13.39 8.56
CA ASN A 129 -7.34 -14.57 9.38
C ASN A 129 -7.16 -15.81 8.51
N GLY A 130 -7.89 -15.85 7.39
CA GLY A 130 -7.81 -16.99 6.50
C GLY A 130 -7.18 -16.63 5.16
N VAL A 131 -6.06 -15.93 5.20
CA VAL A 131 -5.37 -15.51 3.98
C VAL A 131 -3.94 -16.06 3.95
N VAL A 132 -3.35 -16.09 2.76
CA VAL A 132 -1.99 -16.58 2.59
C VAL A 132 -1.02 -15.43 2.35
N ASN A 133 -0.17 -15.17 3.35
CA ASN A 133 0.81 -14.09 3.25
C ASN A 133 2.22 -14.66 3.05
N SER A 134 3.11 -13.83 2.52
CA SER A 134 4.49 -14.24 2.27
C SER A 134 5.43 -13.04 2.29
N GLN A 135 6.61 -13.24 2.85
CA GLN A 135 7.61 -12.18 2.95
C GLN A 135 8.59 -12.26 1.79
N GLU A 136 8.87 -11.11 1.18
CA GLU A 136 9.80 -11.05 0.05
C GLU A 136 10.33 -9.63 -0.15
N GLN A 137 11.64 -9.51 -0.27
CA GLN A 137 12.28 -8.21 -0.47
C GLN A 137 11.62 -7.44 -1.61
N ILE A 138 11.74 -6.12 -1.58
CA ILE A 138 11.15 -5.28 -2.63
C ILE A 138 12.13 -5.09 -3.78
N PRO A 139 11.64 -5.34 -5.01
CA PRO A 139 12.44 -5.20 -6.22
C PRO A 139 12.77 -3.75 -6.54
N LEU A 140 14.05 -3.45 -6.71
CA LEU A 140 14.49 -2.10 -7.02
C LEU A 140 14.45 -1.84 -8.52
N VAL A 141 13.57 -0.92 -8.93
CA VAL A 141 13.44 -0.59 -10.35
C VAL A 141 14.55 0.36 -10.79
N ASP A 142 15.13 0.08 -11.95
CA ASP A 142 16.20 0.90 -12.48
C ASP A 142 15.67 2.25 -12.95
N VAL A 143 16.09 3.30 -12.26
CA VAL A 143 15.66 4.66 -12.59
C VAL A 143 16.79 5.46 -13.24
N SER A 144 16.47 6.17 -14.32
CA SER A 144 17.46 6.97 -15.02
C SER A 144 17.06 8.44 -15.04
N VAL A 145 18.01 9.31 -14.76
CA VAL A 145 17.75 10.76 -14.74
C VAL A 145 18.59 11.47 -15.80
N ASN A 146 17.92 12.20 -16.68
CA ASN A 146 18.61 12.93 -17.75
C ASN A 146 18.56 14.43 -17.47
N HIS A 2 2.70 13.92 22.36
CA HIS A 2 2.44 13.62 20.96
C HIS A 2 3.45 14.34 20.05
N MET A 3 3.53 13.90 18.80
CA MET A 3 4.44 14.50 17.83
C MET A 3 3.68 15.02 16.61
N ASP A 4 2.65 14.29 16.21
CA ASP A 4 1.84 14.68 15.06
C ASP A 4 0.47 14.02 15.11
N ASN A 5 -0.57 14.85 15.12
CA ASN A 5 -1.94 14.34 15.18
C ASN A 5 -2.56 14.32 13.78
N TYR A 6 -1.76 13.97 12.80
CA TYR A 6 -2.23 13.91 11.41
C TYR A 6 -1.19 13.27 10.50
N ILE A 7 -1.63 12.74 9.37
CA ILE A 7 -0.73 12.11 8.41
C ILE A 7 -1.10 12.48 6.98
N ARG A 8 -0.09 12.79 6.18
CA ARG A 8 -0.30 13.16 4.79
C ARG A 8 -1.18 12.13 4.08
N PRO A 9 -2.17 12.62 3.31
CA PRO A 9 -3.10 11.76 2.58
C PRO A 9 -2.42 11.06 1.41
N ILE A 10 -3.17 10.20 0.72
CA ILE A 10 -2.64 9.46 -0.42
C ILE A 10 -1.94 10.38 -1.40
N LYS A 11 -0.70 10.06 -1.74
CA LYS A 11 0.08 10.86 -2.67
C LYS A 11 0.43 10.07 -3.92
N ASP A 12 0.61 10.76 -5.04
CA ASP A 12 0.94 10.11 -6.30
C ASP A 12 2.44 9.84 -6.38
N LEU A 13 2.81 8.56 -6.28
CA LEU A 13 4.22 8.17 -6.35
C LEU A 13 4.60 7.79 -7.76
N THR A 14 5.88 7.98 -8.10
CA THR A 14 6.38 7.67 -9.43
C THR A 14 7.62 6.78 -9.34
N THR A 15 7.82 5.96 -10.36
CA THR A 15 8.98 5.07 -10.42
C THR A 15 10.27 5.84 -10.15
N ALA A 16 10.33 7.07 -10.62
CA ALA A 16 11.51 7.91 -10.43
C ALA A 16 11.87 8.04 -8.95
N GLU A 17 10.85 8.08 -8.11
CA GLU A 17 11.06 8.20 -6.67
C GLU A 17 10.61 6.93 -5.95
N TRP A 18 10.48 5.84 -6.70
CA TRP A 18 10.06 4.57 -6.13
C TRP A 18 11.14 4.01 -5.20
N GLU A 19 12.36 3.92 -5.71
CA GLU A 19 13.47 3.41 -4.91
C GLU A 19 13.54 4.09 -3.56
N GLU A 20 13.53 5.41 -3.57
CA GLU A 20 13.60 6.19 -2.34
C GLU A 20 12.32 6.01 -1.51
N ALA A 21 11.20 5.84 -2.20
CA ALA A 21 9.91 5.65 -1.53
C ALA A 21 9.96 4.44 -0.59
N VAL A 22 10.92 3.56 -0.83
CA VAL A 22 11.06 2.36 0.00
C VAL A 22 12.45 2.29 0.63
N PHE A 23 13.46 2.04 -0.20
CA PHE A 23 14.84 1.95 0.26
C PHE A 23 15.15 3.08 1.24
N LYS A 24 14.86 4.32 0.82
CA LYS A 24 15.11 5.48 1.66
C LYS A 24 14.00 5.65 2.70
N ASP A 25 12.79 5.27 2.33
CA ASP A 25 11.65 5.38 3.24
C ASP A 25 11.36 4.05 3.91
N ILE A 26 12.09 3.77 4.99
CA ILE A 26 11.92 2.53 5.74
C ILE A 26 10.55 2.48 6.40
N SER A 27 10.02 3.65 6.73
CA SER A 27 8.71 3.74 7.38
C SER A 27 7.68 2.88 6.65
N PRO A 28 6.56 2.58 7.34
CA PRO A 28 5.48 1.77 6.77
C PRO A 28 4.73 2.49 5.65
N LEU A 29 4.87 1.99 4.43
CA LEU A 29 4.21 2.59 3.28
C LEU A 29 3.48 1.53 2.47
N MET A 30 2.19 1.77 2.18
CA MET A 30 1.40 0.84 1.41
C MET A 30 1.27 1.30 -0.04
N VAL A 31 1.82 0.50 -0.96
CA VAL A 31 1.77 0.83 -2.38
C VAL A 31 0.46 0.36 -3.01
N LEU A 32 -0.23 1.29 -3.68
CA LEU A 32 -1.50 0.97 -4.33
C LEU A 32 -1.33 0.91 -5.84
N VAL A 33 -1.13 -0.29 -6.37
CA VAL A 33 -0.95 -0.48 -7.80
C VAL A 33 -2.31 -0.60 -8.50
N HIS A 34 -2.69 0.44 -9.24
CA HIS A 34 -3.95 0.44 -9.96
C HIS A 34 -3.71 0.43 -11.47
N ASN A 35 -4.80 0.23 -12.22
CA ASN A 35 -4.70 0.19 -13.67
C ASN A 35 -5.95 0.79 -14.31
N ARG A 36 -5.76 1.76 -15.20
CA ARG A 36 -6.86 2.41 -15.89
C ARG A 36 -7.56 1.45 -16.85
N TYR A 37 -6.79 0.50 -17.37
CA TYR A 37 -7.33 -0.48 -18.31
C TYR A 37 -7.73 -1.77 -17.58
N LYS A 38 -8.15 -1.63 -16.33
CA LYS A 38 -8.56 -2.77 -15.53
C LYS A 38 -9.32 -2.33 -14.29
N ARG A 39 -10.57 -2.76 -14.17
CA ARG A 39 -11.41 -2.40 -13.03
C ARG A 39 -11.39 -0.90 -12.80
N PRO A 40 -12.11 -0.15 -13.66
CA PRO A 40 -12.20 1.31 -13.56
C PRO A 40 -13.00 1.77 -12.35
N LYS A 41 -13.98 0.97 -11.96
CA LYS A 41 -14.82 1.30 -10.81
C LYS A 41 -14.12 0.91 -9.50
N GLU A 42 -13.38 -0.20 -9.54
CA GLU A 42 -12.66 -0.67 -8.36
C GLU A 42 -11.52 0.28 -8.00
N ASN A 43 -10.90 0.86 -9.03
CA ASN A 43 -9.80 1.79 -8.82
C ASN A 43 -10.16 2.86 -7.81
N GLU A 44 -11.35 3.44 -7.96
CA GLU A 44 -11.82 4.48 -7.05
C GLU A 44 -12.21 3.89 -5.70
N LYS A 45 -12.97 2.81 -5.74
CA LYS A 45 -13.42 2.15 -4.51
C LYS A 45 -12.23 1.84 -3.61
N PHE A 46 -11.26 1.10 -4.14
CA PHE A 46 -10.07 0.73 -3.38
C PHE A 46 -9.44 1.96 -2.73
N ARG A 47 -9.35 3.05 -3.50
CA ARG A 47 -8.76 4.29 -3.01
C ARG A 47 -9.62 4.90 -1.91
N GLU A 48 -10.94 4.76 -2.05
CA GLU A 48 -11.87 5.30 -1.07
C GLU A 48 -11.69 4.62 0.29
N GLU A 49 -11.89 3.31 0.33
CA GLU A 49 -11.75 2.55 1.56
C GLU A 49 -10.38 2.78 2.18
N LEU A 50 -9.36 2.94 1.34
CA LEU A 50 -8.00 3.17 1.82
C LEU A 50 -7.91 4.49 2.58
N GLU A 51 -8.37 5.56 1.97
CA GLU A 51 -8.35 6.88 2.60
C GLU A 51 -8.98 6.83 3.99
N LYS A 52 -10.14 6.21 4.08
CA LYS A 52 -10.85 6.09 5.35
C LYS A 52 -10.03 5.27 6.35
N ALA A 53 -9.49 4.15 5.88
CA ALA A 53 -8.68 3.27 6.72
C ALA A 53 -7.58 4.06 7.43
N ILE A 54 -6.98 4.99 6.72
CA ILE A 54 -5.91 5.81 7.28
C ILE A 54 -6.43 6.72 8.40
N GLN A 55 -7.63 7.24 8.20
CA GLN A 55 -8.26 8.12 9.20
C GLN A 55 -8.61 7.35 10.46
N VAL A 56 -9.16 6.15 10.28
CA VAL A 56 -9.54 5.31 11.41
C VAL A 56 -8.39 5.14 12.39
N ILE A 57 -7.19 4.91 11.86
CA ILE A 57 -6.00 4.74 12.68
C ILE A 57 -5.72 5.99 13.50
N TRP A 58 -5.86 7.14 12.88
CA TRP A 58 -5.63 8.41 13.55
C TRP A 58 -6.36 8.47 14.89
N ASN A 59 -7.59 7.97 14.90
CA ASN A 59 -8.40 7.97 16.12
C ASN A 59 -7.82 7.00 17.14
N CYS A 60 -7.24 5.91 16.67
CA CYS A 60 -6.65 4.90 17.54
C CYS A 60 -5.59 5.52 18.45
N GLY A 61 -4.89 6.53 17.94
CA GLY A 61 -3.87 7.20 18.71
C GLY A 61 -2.46 6.81 18.27
N LEU A 62 -2.30 6.56 16.98
CA LEU A 62 -1.01 6.17 16.43
C LEU A 62 -0.81 6.74 15.03
N PRO A 63 0.44 7.00 14.66
CA PRO A 63 0.79 7.55 13.35
C PRO A 63 0.56 6.55 12.22
N SER A 64 -0.59 6.64 11.57
CA SER A 64 -0.92 5.74 10.48
C SER A 64 0.20 5.68 9.44
N PRO A 65 0.24 4.59 8.69
CA PRO A 65 1.27 4.39 7.65
C PRO A 65 1.08 5.33 6.46
N ARG A 66 2.09 5.39 5.60
CA ARG A 66 2.04 6.25 4.42
C ARG A 66 1.22 5.60 3.31
N CYS A 67 0.61 6.42 2.47
CA CYS A 67 -0.20 5.93 1.36
C CYS A 67 0.27 6.52 0.04
N VAL A 68 0.48 5.65 -0.94
CA VAL A 68 0.94 6.08 -2.26
C VAL A 68 0.30 5.25 -3.36
N ALA A 69 -0.08 5.89 -4.46
CA ALA A 69 -0.70 5.21 -5.59
C ALA A 69 0.20 5.25 -6.82
N VAL A 70 0.24 4.14 -7.55
CA VAL A 70 1.07 4.06 -8.75
C VAL A 70 0.30 3.39 -9.89
N ASP A 71 0.14 4.12 -10.99
CA ASP A 71 -0.57 3.60 -12.15
C ASP A 71 0.28 2.56 -12.89
N ALA A 72 -0.35 1.46 -13.27
CA ALA A 72 0.34 0.39 -13.98
C ALA A 72 0.56 0.76 -15.45
N VAL A 73 -0.42 1.43 -16.03
CA VAL A 73 -0.33 1.84 -17.44
C VAL A 73 0.71 2.94 -17.61
N VAL A 74 0.86 3.77 -16.60
CA VAL A 74 1.83 4.87 -16.64
C VAL A 74 3.19 4.42 -16.12
N GLU A 75 3.21 3.90 -14.90
CA GLU A 75 4.45 3.44 -14.29
C GLU A 75 4.64 1.94 -14.51
N THR A 76 4.58 1.52 -15.77
CA THR A 76 4.74 0.12 -16.12
C THR A 76 6.05 -0.45 -15.55
N ASP A 77 7.09 0.38 -15.51
CA ASP A 77 8.38 -0.03 -15.00
C ASP A 77 8.24 -0.55 -13.56
N LEU A 78 7.48 0.16 -12.75
CA LEU A 78 7.27 -0.23 -11.36
C LEU A 78 6.56 -1.58 -11.27
N VAL A 79 5.33 -1.63 -11.78
CA VAL A 79 4.54 -2.85 -11.76
C VAL A 79 5.33 -4.01 -12.35
N SER A 80 6.17 -3.72 -13.34
CA SER A 80 6.98 -4.74 -13.99
C SER A 80 7.92 -5.40 -13.00
N ALA A 81 8.42 -4.62 -12.04
CA ALA A 81 9.32 -5.13 -11.03
C ALA A 81 8.57 -5.93 -9.96
N LEU A 82 7.44 -5.39 -9.52
CA LEU A 82 6.63 -6.05 -8.50
C LEU A 82 5.96 -7.29 -9.07
N LYS A 83 5.78 -7.33 -10.39
CA LYS A 83 5.16 -8.46 -11.06
C LYS A 83 3.74 -8.67 -10.54
N VAL A 84 2.97 -7.59 -10.48
CA VAL A 84 1.59 -7.65 -10.01
C VAL A 84 0.67 -8.23 -11.08
N SER A 85 -0.49 -8.71 -10.65
CA SER A 85 -1.46 -9.30 -11.58
C SER A 85 -2.85 -8.72 -11.35
N VAL A 86 -3.19 -8.53 -10.08
CA VAL A 86 -4.50 -7.98 -9.72
C VAL A 86 -4.42 -6.46 -9.53
N PHE A 87 -5.46 -5.77 -9.97
CA PHE A 87 -5.51 -4.32 -9.84
C PHE A 87 -6.95 -3.83 -9.64
N PRO A 88 -7.14 -2.91 -8.70
CA PRO A 88 -6.03 -2.36 -7.89
C PRO A 88 -5.47 -3.39 -6.92
N GLU A 89 -4.48 -2.97 -6.14
CA GLU A 89 -3.85 -3.85 -5.17
C GLU A 89 -2.98 -3.06 -4.19
N ILE A 90 -3.16 -3.32 -2.90
CA ILE A 90 -2.40 -2.63 -1.88
C ILE A 90 -1.25 -3.50 -1.36
N ILE A 91 -0.08 -3.36 -1.96
CA ILE A 91 1.08 -4.14 -1.55
C ILE A 91 1.70 -3.58 -0.27
N PHE A 92 1.26 -4.10 0.86
CA PHE A 92 1.76 -3.67 2.16
C PHE A 92 3.26 -3.93 2.27
N THR A 93 4.06 -2.86 2.18
CA THR A 93 5.50 -2.97 2.27
C THR A 93 6.03 -2.32 3.54
N LYS A 94 7.05 -2.91 4.13
CA LYS A 94 7.65 -2.37 5.35
C LYS A 94 9.17 -2.48 5.31
N ALA A 95 9.85 -1.36 5.48
CA ALA A 95 11.30 -1.33 5.46
C ALA A 95 11.85 -1.78 4.11
N GLY A 96 11.15 -1.40 3.04
CA GLY A 96 11.58 -1.77 1.71
C GLY A 96 11.42 -3.24 1.44
N LYS A 97 10.42 -3.86 2.06
CA LYS A 97 10.16 -5.28 1.88
C LYS A 97 8.67 -5.57 1.83
N ILE A 98 8.26 -6.42 0.89
CA ILE A 98 6.86 -6.78 0.74
C ILE A 98 6.40 -7.71 1.86
N LEU A 99 5.21 -7.44 2.39
CA LEU A 99 4.66 -8.25 3.47
C LEU A 99 3.42 -9.02 3.01
N TYR A 100 2.56 -8.33 2.27
CA TYR A 100 1.34 -8.95 1.75
C TYR A 100 0.64 -8.04 0.76
N ARG A 101 -0.08 -8.63 -0.19
CA ARG A 101 -0.79 -7.86 -1.20
C ARG A 101 -2.30 -7.97 -0.99
N GLU A 102 -2.99 -6.83 -1.03
CA GLU A 102 -4.43 -6.79 -0.85
C GLU A 102 -5.15 -7.09 -2.16
N LYS A 103 -5.96 -8.14 -2.15
CA LYS A 103 -6.72 -8.54 -3.34
C LYS A 103 -8.19 -8.70 -3.02
N GLY A 104 -8.95 -7.63 -3.19
CA GLY A 104 -10.38 -7.67 -2.91
C GLY A 104 -10.86 -6.47 -2.13
N ILE A 105 -12.02 -5.95 -2.52
CA ILE A 105 -12.59 -4.78 -1.84
C ILE A 105 -12.74 -5.03 -0.34
N ARG A 106 -12.01 -4.26 0.45
CA ARG A 106 -12.06 -4.39 1.91
C ARG A 106 -12.50 -3.08 2.56
N THR A 107 -13.11 -3.19 3.74
CA THR A 107 -13.57 -2.02 4.47
C THR A 107 -12.41 -1.28 5.11
N ALA A 108 -12.61 0.01 5.39
CA ALA A 108 -11.58 0.83 6.01
C ALA A 108 -11.05 0.16 7.28
N ASP A 109 -11.97 -0.30 8.13
CA ASP A 109 -11.59 -0.96 9.38
C ASP A 109 -10.85 -2.25 9.11
N GLU A 110 -11.47 -3.14 8.33
CA GLU A 110 -10.87 -4.42 8.00
C GLU A 110 -9.43 -4.24 7.51
N LEU A 111 -9.19 -3.15 6.78
CA LEU A 111 -7.86 -2.86 6.26
C LEU A 111 -6.93 -2.37 7.37
N SER A 112 -7.39 -1.38 8.12
CA SER A 112 -6.60 -0.81 9.21
C SER A 112 -5.98 -1.92 10.05
N LYS A 113 -6.79 -2.92 10.38
CA LYS A 113 -6.33 -4.04 11.18
C LYS A 113 -5.24 -4.83 10.46
N ILE A 114 -5.44 -5.05 9.15
CA ILE A 114 -4.47 -5.77 8.35
C ILE A 114 -3.09 -5.13 8.42
N MET A 115 -2.97 -3.92 7.88
CA MET A 115 -1.72 -3.19 7.88
C MET A 115 -1.18 -3.04 9.31
N ALA A 116 -2.09 -2.86 10.26
CA ALA A 116 -1.71 -2.71 11.66
C ALA A 116 -0.97 -3.93 12.16
N PHE A 117 -1.64 -5.07 12.15
CA PHE A 117 -1.04 -6.32 12.61
C PHE A 117 0.30 -6.58 11.90
N PHE A 118 0.45 -5.98 10.73
CA PHE A 118 1.67 -6.14 9.94
C PHE A 118 2.80 -5.26 10.49
N TYR A 119 2.42 -4.09 11.00
CA TYR A 119 3.39 -3.16 11.56
C TYR A 119 3.19 -2.98 13.06
N TYR A 120 2.14 -2.28 13.44
CA TYR A 120 1.84 -2.04 14.84
C TYR A 120 1.62 -3.36 15.59
N GLY A 121 0.56 -4.07 15.22
CA GLY A 121 0.26 -5.34 15.86
C GLY A 121 -1.17 -5.42 16.34
N ALA A 122 -2.09 -4.79 15.61
CA ALA A 122 -3.50 -4.80 15.97
C ALA A 122 -4.12 -6.17 15.74
N ALA A 123 -5.26 -6.41 16.37
CA ALA A 123 -5.96 -7.68 16.23
C ALA A 123 -6.21 -8.01 14.77
N LYS A 124 -5.71 -9.16 14.33
CA LYS A 124 -5.88 -9.60 12.95
C LYS A 124 -7.34 -9.94 12.66
N PRO A 125 -7.88 -9.36 11.59
CA PRO A 125 -9.27 -9.59 11.18
C PRO A 125 -9.50 -11.01 10.65
N PRO A 126 -10.77 -11.39 10.49
CA PRO A 126 -11.15 -12.72 9.99
C PRO A 126 -10.80 -12.90 8.51
N CYS A 127 -11.13 -11.91 7.71
CA CYS A 127 -10.87 -11.95 6.28
C CYS A 127 -9.38 -12.20 6.01
N LEU A 128 -8.54 -11.62 6.86
CA LEU A 128 -7.09 -11.77 6.71
C LEU A 128 -6.64 -13.13 7.23
N ASN A 129 -7.29 -13.61 8.29
CA ASN A 129 -6.94 -14.90 8.88
C ASN A 129 -6.94 -16.00 7.82
N GLY A 130 -7.83 -15.87 6.83
CA GLY A 130 -7.92 -16.86 5.78
C GLY A 130 -6.74 -16.80 4.83
N VAL A 131 -6.59 -15.66 4.15
CA VAL A 131 -5.49 -15.48 3.21
C VAL A 131 -4.16 -15.83 3.83
N VAL A 132 -3.14 -16.01 3.00
CA VAL A 132 -1.80 -16.35 3.49
C VAL A 132 -0.78 -15.33 3.01
N ASN A 133 -0.25 -14.55 3.94
CA ASN A 133 0.74 -13.53 3.60
C ASN A 133 2.14 -14.16 3.50
N SER A 134 3.03 -13.47 2.78
CA SER A 134 4.39 -13.95 2.60
C SER A 134 5.38 -12.79 2.55
N GLN A 135 6.59 -13.04 3.01
CA GLN A 135 7.64 -12.01 3.03
C GLN A 135 8.52 -12.12 1.79
N GLU A 136 8.82 -10.98 1.17
CA GLU A 136 9.65 -10.95 -0.02
C GLU A 136 10.22 -9.55 -0.25
N GLN A 137 11.54 -9.47 -0.39
CA GLN A 137 12.20 -8.19 -0.63
C GLN A 137 11.56 -7.45 -1.78
N ILE A 138 11.63 -6.12 -1.75
CA ILE A 138 11.06 -5.29 -2.80
C ILE A 138 12.03 -5.16 -3.98
N PRO A 139 11.52 -5.41 -5.19
CA PRO A 139 12.32 -5.33 -6.42
C PRO A 139 12.68 -3.88 -6.78
N LEU A 140 13.98 -3.60 -6.80
CA LEU A 140 14.46 -2.26 -7.13
C LEU A 140 14.32 -1.97 -8.62
N VAL A 141 13.58 -0.93 -8.96
CA VAL A 141 13.38 -0.55 -10.34
C VAL A 141 14.62 0.11 -10.93
N ASP A 142 15.14 -0.46 -12.01
CA ASP A 142 16.32 0.08 -12.67
C ASP A 142 15.99 1.34 -13.46
N VAL A 143 16.41 2.49 -12.95
CA VAL A 143 16.15 3.76 -13.61
C VAL A 143 17.46 4.42 -14.04
N SER A 144 17.54 4.75 -15.33
CA SER A 144 18.74 5.39 -15.88
C SER A 144 18.48 6.86 -16.17
N VAL A 145 19.37 7.72 -15.69
CA VAL A 145 19.24 9.15 -15.90
C VAL A 145 19.76 9.55 -17.28
N ASN A 146 18.90 10.19 -18.07
CA ASN A 146 19.28 10.63 -19.41
C ASN A 146 19.45 12.14 -19.46
N HIS A 2 0.29 7.77 24.29
CA HIS A 2 1.23 8.09 23.23
C HIS A 2 0.82 9.38 22.52
N MET A 3 1.78 10.01 21.85
CA MET A 3 1.52 11.24 21.12
C MET A 3 1.06 10.95 19.69
N ASP A 4 0.00 11.63 19.25
CA ASP A 4 -0.52 11.44 17.91
C ASP A 4 -0.46 12.74 17.11
N ASN A 5 -0.89 12.67 15.86
CA ASN A 5 -0.89 13.84 14.98
C ASN A 5 -1.51 13.51 13.63
N TYR A 6 -1.43 14.46 12.70
CA TYR A 6 -1.98 14.28 11.36
C TYR A 6 -0.98 13.56 10.47
N ILE A 7 -1.50 12.92 9.42
CA ILE A 7 -0.65 12.19 8.48
C ILE A 7 -1.06 12.49 7.04
N ARG A 8 -0.07 12.78 6.20
CA ARG A 8 -0.32 13.07 4.80
C ARG A 8 -1.21 12.00 4.17
N PRO A 9 -2.22 12.44 3.40
CA PRO A 9 -3.16 11.54 2.72
C PRO A 9 -2.51 10.79 1.57
N ILE A 10 -3.26 9.89 0.96
CA ILE A 10 -2.75 9.09 -0.15
C ILE A 10 -2.11 9.98 -1.21
N LYS A 11 -0.79 9.90 -1.33
CA LYS A 11 -0.05 10.68 -2.30
C LYS A 11 0.32 9.85 -3.52
N ASP A 12 0.50 10.51 -4.66
CA ASP A 12 0.86 9.82 -5.89
C ASP A 12 2.36 9.52 -5.94
N LEU A 13 2.70 8.27 -6.20
CA LEU A 13 4.09 7.85 -6.26
C LEU A 13 4.47 7.45 -7.68
N THR A 14 5.76 7.55 -8.00
CA THR A 14 6.25 7.20 -9.32
C THR A 14 7.59 6.48 -9.23
N THR A 15 7.94 5.75 -10.29
CA THR A 15 9.19 5.01 -10.34
C THR A 15 10.37 5.91 -9.98
N ALA A 16 10.32 7.15 -10.45
CA ALA A 16 11.39 8.11 -10.17
C ALA A 16 11.63 8.25 -8.67
N GLU A 17 10.56 8.19 -7.90
CA GLU A 17 10.65 8.31 -6.44
C GLU A 17 10.21 7.02 -5.76
N TRP A 18 10.31 5.91 -6.49
CA TRP A 18 9.92 4.61 -5.95
C TRP A 18 11.02 4.02 -5.07
N GLU A 19 12.23 3.95 -5.62
CA GLU A 19 13.37 3.41 -4.88
C GLU A 19 13.47 4.05 -3.50
N GLU A 20 13.46 5.38 -3.46
CA GLU A 20 13.56 6.11 -2.21
C GLU A 20 12.31 5.91 -1.37
N ALA A 21 11.16 5.79 -2.05
CA ALA A 21 9.89 5.60 -1.36
C ALA A 21 9.97 4.42 -0.39
N VAL A 22 10.90 3.51 -0.64
CA VAL A 22 11.07 2.34 0.21
C VAL A 22 12.47 2.30 0.81
N PHE A 23 13.47 2.16 -0.05
CA PHE A 23 14.87 2.11 0.39
C PHE A 23 15.19 3.28 1.31
N LYS A 24 14.99 4.50 0.80
CA LYS A 24 15.26 5.71 1.58
C LYS A 24 14.24 5.87 2.71
N ASP A 25 13.02 5.41 2.46
CA ASP A 25 11.95 5.50 3.46
C ASP A 25 11.65 4.14 4.05
N ILE A 26 12.39 3.78 5.11
CA ILE A 26 12.19 2.50 5.77
C ILE A 26 10.82 2.42 6.44
N SER A 27 10.29 3.58 6.81
CA SER A 27 8.99 3.65 7.47
C SER A 27 7.96 2.81 6.71
N PRO A 28 6.86 2.47 7.41
CA PRO A 28 5.78 1.66 6.83
C PRO A 28 5.00 2.42 5.76
N LEU A 29 4.88 1.83 4.58
CA LEU A 29 4.15 2.44 3.48
C LEU A 29 3.45 1.39 2.63
N MET A 30 2.21 1.69 2.24
CA MET A 30 1.42 0.77 1.42
C MET A 30 1.44 1.20 -0.05
N VAL A 31 1.84 0.28 -0.92
CA VAL A 31 1.89 0.56 -2.34
C VAL A 31 0.62 0.10 -3.05
N LEU A 32 -0.25 1.05 -3.38
CA LEU A 32 -1.50 0.74 -4.05
C LEU A 32 -1.34 0.82 -5.57
N VAL A 33 -1.19 -0.34 -6.20
CA VAL A 33 -1.03 -0.40 -7.65
C VAL A 33 -2.38 -0.42 -8.35
N HIS A 34 -2.77 0.73 -8.90
CA HIS A 34 -4.04 0.85 -9.60
C HIS A 34 -3.82 0.86 -11.12
N ASN A 35 -4.85 0.45 -11.86
CA ASN A 35 -4.78 0.40 -13.31
C ASN A 35 -6.00 1.07 -13.94
N ARG A 36 -5.76 1.90 -14.95
CA ARG A 36 -6.84 2.60 -15.63
C ARG A 36 -7.47 1.71 -16.70
N TYR A 37 -6.70 0.78 -17.23
CA TYR A 37 -7.18 -0.13 -18.26
C TYR A 37 -7.62 -1.46 -17.65
N LYS A 38 -8.09 -1.40 -16.40
CA LYS A 38 -8.54 -2.59 -15.70
C LYS A 38 -9.33 -2.22 -14.46
N ARG A 39 -10.60 -2.63 -14.41
CA ARG A 39 -11.46 -2.34 -13.27
C ARG A 39 -11.44 -0.86 -12.95
N PRO A 40 -12.11 -0.06 -13.78
CA PRO A 40 -12.19 1.40 -13.60
C PRO A 40 -13.04 1.79 -12.40
N LYS A 41 -14.05 0.98 -12.11
CA LYS A 41 -14.94 1.24 -10.98
C LYS A 41 -14.29 0.80 -9.67
N GLU A 42 -13.60 -0.34 -9.71
CA GLU A 42 -12.94 -0.87 -8.53
C GLU A 42 -11.78 0.01 -8.11
N ASN A 43 -11.10 0.60 -9.10
CA ASN A 43 -9.96 1.48 -8.83
C ASN A 43 -10.32 2.54 -7.80
N GLU A 44 -11.49 3.15 -7.97
CA GLU A 44 -11.96 4.19 -7.06
C GLU A 44 -12.43 3.58 -5.74
N LYS A 45 -13.14 2.46 -5.84
CA LYS A 45 -13.65 1.78 -4.65
C LYS A 45 -12.53 1.46 -3.67
N PHE A 46 -11.36 1.09 -4.21
CA PHE A 46 -10.21 0.75 -3.39
C PHE A 46 -9.70 1.98 -2.65
N ARG A 47 -9.30 3.00 -3.40
CA ARG A 47 -8.79 4.23 -2.81
C ARG A 47 -9.76 4.79 -1.77
N GLU A 48 -11.05 4.67 -2.06
CA GLU A 48 -12.09 5.14 -1.14
C GLU A 48 -11.96 4.48 0.23
N GLU A 49 -11.87 3.14 0.22
CA GLU A 49 -11.75 2.38 1.46
C GLU A 49 -10.36 2.58 2.08
N LEU A 50 -9.35 2.69 1.23
CA LEU A 50 -7.99 2.87 1.69
C LEU A 50 -7.84 4.18 2.46
N GLU A 51 -8.20 5.28 1.83
CA GLU A 51 -8.11 6.59 2.46
C GLU A 51 -8.76 6.59 3.83
N LYS A 52 -10.03 6.18 3.88
CA LYS A 52 -10.77 6.11 5.14
C LYS A 52 -10.04 5.26 6.16
N ALA A 53 -9.43 4.18 5.69
CA ALA A 53 -8.69 3.28 6.56
C ALA A 53 -7.64 4.03 7.38
N ILE A 54 -6.94 4.95 6.72
CA ILE A 54 -5.92 5.75 7.39
C ILE A 54 -6.52 6.58 8.52
N GLN A 55 -7.56 7.33 8.20
CA GLN A 55 -8.22 8.17 9.18
C GLN A 55 -8.60 7.37 10.42
N VAL A 56 -9.19 6.20 10.22
CA VAL A 56 -9.60 5.34 11.31
C VAL A 56 -8.45 5.13 12.29
N ILE A 57 -7.26 4.89 11.77
CA ILE A 57 -6.08 4.68 12.61
C ILE A 57 -5.80 5.88 13.49
N TRP A 58 -5.94 7.07 12.92
CA TRP A 58 -5.71 8.31 13.67
C TRP A 58 -6.52 8.32 14.95
N ASN A 59 -7.73 7.78 14.91
CA ASN A 59 -8.59 7.72 16.08
C ASN A 59 -8.04 6.75 17.12
N CYS A 60 -7.43 5.67 16.65
CA CYS A 60 -6.86 4.66 17.53
C CYS A 60 -5.81 5.28 18.46
N GLY A 61 -5.17 6.34 17.99
CA GLY A 61 -4.16 7.00 18.78
C GLY A 61 -2.75 6.71 18.29
N LEU A 62 -2.61 6.48 16.99
CA LEU A 62 -1.31 6.18 16.40
C LEU A 62 -1.20 6.76 15.00
N PRO A 63 0.01 7.22 14.65
CA PRO A 63 0.29 7.81 13.33
C PRO A 63 0.23 6.78 12.21
N SER A 64 -0.85 6.83 11.43
CA SER A 64 -1.02 5.89 10.32
C SER A 64 0.21 5.87 9.43
N PRO A 65 0.34 4.80 8.63
CA PRO A 65 1.47 4.64 7.71
C PRO A 65 1.42 5.63 6.54
N ARG A 66 2.31 5.42 5.58
CA ARG A 66 2.38 6.30 4.41
C ARG A 66 1.79 5.62 3.18
N CYS A 67 0.56 5.99 2.83
CA CYS A 67 -0.10 5.41 1.68
C CYS A 67 0.37 6.06 0.37
N VAL A 68 0.53 5.26 -0.66
CA VAL A 68 0.99 5.76 -1.96
C VAL A 68 0.34 4.99 -3.10
N ALA A 69 -0.04 5.71 -4.15
CA ALA A 69 -0.68 5.09 -5.31
C ALA A 69 0.24 5.15 -6.53
N VAL A 70 0.41 4.00 -7.20
CA VAL A 70 1.26 3.93 -8.38
C VAL A 70 0.46 3.49 -9.60
N ASP A 71 0.57 4.26 -10.67
CA ASP A 71 -0.14 3.95 -11.91
C ASP A 71 0.49 2.75 -12.62
N ALA A 72 -0.33 1.72 -12.87
CA ALA A 72 0.15 0.52 -13.54
C ALA A 72 0.30 0.75 -15.04
N VAL A 73 -0.59 1.55 -15.61
CA VAL A 73 -0.55 1.86 -17.03
C VAL A 73 0.56 2.86 -17.36
N VAL A 74 0.82 3.77 -16.41
CA VAL A 74 1.85 4.78 -16.60
C VAL A 74 3.20 4.28 -16.11
N GLU A 75 3.26 3.87 -14.85
CA GLU A 75 4.49 3.36 -14.27
C GLU A 75 4.64 1.86 -14.49
N THR A 76 4.47 1.44 -15.75
CA THR A 76 4.57 0.04 -16.10
C THR A 76 5.88 -0.57 -15.58
N ASP A 77 6.94 0.23 -15.59
CA ASP A 77 8.24 -0.22 -15.11
C ASP A 77 8.14 -0.75 -13.68
N LEU A 78 7.43 -0.01 -12.84
CA LEU A 78 7.26 -0.39 -11.45
C LEU A 78 6.57 -1.74 -11.34
N VAL A 79 5.34 -1.81 -11.81
CA VAL A 79 4.57 -3.05 -11.77
C VAL A 79 5.35 -4.21 -12.38
N SER A 80 6.15 -3.91 -13.40
CA SER A 80 6.94 -4.93 -14.07
C SER A 80 7.91 -5.59 -13.09
N ALA A 81 8.39 -4.81 -12.13
CA ALA A 81 9.33 -5.32 -11.13
C ALA A 81 8.59 -6.06 -10.02
N LEU A 82 7.44 -5.52 -9.61
CA LEU A 82 6.64 -6.13 -8.55
C LEU A 82 5.99 -7.42 -9.05
N LYS A 83 5.84 -7.53 -10.36
CA LYS A 83 5.23 -8.73 -10.96
C LYS A 83 3.81 -8.92 -10.47
N VAL A 84 2.97 -7.89 -10.66
CA VAL A 84 1.58 -7.95 -10.25
C VAL A 84 0.69 -8.49 -11.37
N SER A 85 -0.50 -8.96 -10.99
CA SER A 85 -1.44 -9.50 -11.96
C SER A 85 -2.84 -8.93 -11.74
N VAL A 86 -3.22 -8.78 -10.47
CA VAL A 86 -4.53 -8.25 -10.13
C VAL A 86 -4.44 -6.76 -9.78
N PHE A 87 -5.46 -6.01 -10.17
CA PHE A 87 -5.50 -4.57 -9.92
C PHE A 87 -6.93 -4.11 -9.67
N PRO A 88 -7.09 -3.17 -8.72
CA PRO A 88 -5.97 -2.61 -7.97
C PRO A 88 -5.38 -3.63 -7.00
N GLU A 89 -4.40 -3.19 -6.22
CA GLU A 89 -3.74 -4.06 -5.24
C GLU A 89 -2.92 -3.24 -4.25
N ILE A 90 -3.09 -3.53 -2.97
CA ILE A 90 -2.36 -2.83 -1.91
C ILE A 90 -1.20 -3.66 -1.40
N ILE A 91 -0.02 -3.46 -1.98
CA ILE A 91 1.17 -4.20 -1.58
C ILE A 91 1.75 -3.64 -0.29
N PHE A 92 1.30 -4.18 0.84
CA PHE A 92 1.76 -3.74 2.15
C PHE A 92 3.27 -3.98 2.30
N THR A 93 4.05 -2.91 2.12
CA THR A 93 5.50 -3.01 2.24
C THR A 93 5.98 -2.37 3.53
N LYS A 94 7.18 -2.78 3.97
CA LYS A 94 7.76 -2.24 5.19
C LYS A 94 9.27 -2.45 5.21
N ALA A 95 10.01 -1.37 5.39
CA ALA A 95 11.47 -1.43 5.43
C ALA A 95 12.04 -1.89 4.09
N GLY A 96 11.38 -1.49 3.01
CA GLY A 96 11.83 -1.86 1.68
C GLY A 96 11.62 -3.35 1.40
N LYS A 97 10.58 -3.92 1.99
CA LYS A 97 10.27 -5.33 1.80
C LYS A 97 8.77 -5.58 1.86
N ILE A 98 8.28 -6.41 0.94
CA ILE A 98 6.86 -6.73 0.89
C ILE A 98 6.49 -7.74 1.97
N LEU A 99 5.32 -7.54 2.57
CA LEU A 99 4.84 -8.45 3.62
C LEU A 99 3.58 -9.17 3.19
N TYR A 100 2.64 -8.41 2.62
CA TYR A 100 1.37 -8.98 2.16
C TYR A 100 0.74 -8.09 1.10
N ARG A 101 0.04 -8.72 0.15
CA ARG A 101 -0.63 -7.99 -0.92
C ARG A 101 -2.14 -8.12 -0.82
N GLU A 102 -2.83 -6.99 -0.90
CA GLU A 102 -4.28 -6.97 -0.80
C GLU A 102 -4.91 -7.27 -2.17
N LYS A 103 -5.76 -8.29 -2.20
CA LYS A 103 -6.43 -8.68 -3.44
C LYS A 103 -7.94 -8.78 -3.23
N GLY A 104 -8.64 -7.68 -3.49
CA GLY A 104 -10.09 -7.66 -3.32
C GLY A 104 -10.55 -6.47 -2.52
N ILE A 105 -11.84 -6.14 -2.65
CA ILE A 105 -12.42 -5.02 -1.92
C ILE A 105 -12.45 -5.29 -0.41
N ARG A 106 -12.01 -4.31 0.37
CA ARG A 106 -11.98 -4.44 1.82
C ARG A 106 -12.45 -3.15 2.49
N THR A 107 -12.98 -3.27 3.70
CA THR A 107 -13.47 -2.12 4.45
C THR A 107 -12.31 -1.32 5.01
N ALA A 108 -12.53 -0.01 5.18
CA ALA A 108 -11.50 0.87 5.72
C ALA A 108 -10.94 0.32 7.03
N ASP A 109 -11.80 -0.28 7.84
CA ASP A 109 -11.39 -0.84 9.12
C ASP A 109 -10.62 -2.15 8.90
N GLU A 110 -11.22 -3.06 8.15
CA GLU A 110 -10.59 -4.35 7.88
C GLU A 110 -9.15 -4.16 7.39
N LEU A 111 -8.92 -3.09 6.64
CA LEU A 111 -7.60 -2.80 6.11
C LEU A 111 -6.70 -2.23 7.19
N SER A 112 -7.21 -1.25 7.93
CA SER A 112 -6.46 -0.61 9.00
C SER A 112 -5.86 -1.65 9.94
N LYS A 113 -6.63 -2.68 10.25
CA LYS A 113 -6.17 -3.75 11.13
C LYS A 113 -5.07 -4.56 10.47
N ILE A 114 -5.28 -4.94 9.22
CA ILE A 114 -4.30 -5.72 8.48
C ILE A 114 -2.94 -5.05 8.49
N MET A 115 -2.85 -3.89 7.84
CA MET A 115 -1.61 -3.13 7.77
C MET A 115 -1.05 -2.89 9.18
N ALA A 116 -1.94 -2.69 10.14
CA ALA A 116 -1.53 -2.46 11.52
C ALA A 116 -0.80 -3.67 12.09
N PHE A 117 -1.49 -4.81 12.11
CA PHE A 117 -0.91 -6.05 12.63
C PHE A 117 0.43 -6.35 11.97
N PHE A 118 0.62 -5.78 10.78
CA PHE A 118 1.86 -5.99 10.03
C PHE A 118 2.96 -5.03 10.51
N TYR A 119 2.54 -3.84 10.94
CA TYR A 119 3.47 -2.83 11.42
C TYR A 119 3.32 -2.62 12.92
N TYR A 120 2.26 -1.95 13.31
CA TYR A 120 1.99 -1.67 14.71
C TYR A 120 1.76 -2.96 15.49
N GLY A 121 0.67 -3.65 15.18
CA GLY A 121 0.36 -4.90 15.85
C GLY A 121 -1.07 -4.94 16.37
N ALA A 122 -1.98 -4.33 15.63
CA ALA A 122 -3.38 -4.30 16.02
C ALA A 122 -4.00 -5.70 15.98
N ALA A 123 -5.29 -5.78 16.24
CA ALA A 123 -6.00 -7.05 16.23
C ALA A 123 -6.16 -7.58 14.81
N LYS A 124 -5.71 -8.80 14.59
CA LYS A 124 -5.80 -9.43 13.27
C LYS A 124 -7.25 -9.72 12.91
N PRO A 125 -7.73 -9.07 11.84
CA PRO A 125 -9.11 -9.24 11.36
C PRO A 125 -9.35 -10.63 10.77
N PRO A 126 -10.63 -10.96 10.51
CA PRO A 126 -11.01 -12.25 9.93
C PRO A 126 -10.59 -12.38 8.47
N CYS A 127 -10.87 -11.35 7.67
CA CYS A 127 -10.50 -11.35 6.27
C CYS A 127 -9.04 -11.71 6.07
N LEU A 128 -8.22 -11.38 7.07
CA LEU A 128 -6.79 -11.67 7.02
C LEU A 128 -6.51 -13.09 7.49
N ASN A 129 -7.27 -13.55 8.47
CA ASN A 129 -7.09 -14.90 9.00
C ASN A 129 -7.22 -15.95 7.91
N GLY A 130 -8.08 -15.66 6.92
CA GLY A 130 -8.29 -16.59 5.83
C GLY A 130 -7.71 -16.08 4.52
N VAL A 131 -6.54 -15.44 4.60
CA VAL A 131 -5.88 -14.91 3.42
C VAL A 131 -4.49 -15.51 3.24
N VAL A 132 -3.94 -15.36 2.04
CA VAL A 132 -2.62 -15.89 1.74
C VAL A 132 -1.57 -14.78 1.74
N ASN A 133 -0.69 -14.80 2.74
CA ASN A 133 0.35 -13.79 2.85
C ASN A 133 1.73 -14.41 2.63
N SER A 134 2.70 -13.57 2.27
CA SER A 134 4.05 -14.04 2.01
C SER A 134 5.04 -12.88 2.05
N GLN A 135 6.22 -13.14 2.61
CA GLN A 135 7.25 -12.10 2.70
C GLN A 135 8.21 -12.19 1.52
N GLU A 136 8.59 -11.02 0.99
CA GLU A 136 9.51 -10.97 -0.15
C GLU A 136 10.04 -9.56 -0.34
N GLN A 137 11.36 -9.45 -0.44
CA GLN A 137 12.01 -8.15 -0.62
C GLN A 137 11.37 -7.38 -1.78
N ILE A 138 11.54 -6.07 -1.79
CA ILE A 138 10.99 -5.22 -2.84
C ILE A 138 11.97 -5.07 -3.99
N PRO A 139 11.49 -5.32 -5.22
CA PRO A 139 12.30 -5.21 -6.43
C PRO A 139 12.65 -3.77 -6.77
N LEU A 140 13.95 -3.47 -6.79
CA LEU A 140 14.42 -2.13 -7.10
C LEU A 140 14.35 -1.86 -8.60
N VAL A 141 13.50 -0.92 -8.99
CA VAL A 141 13.34 -0.56 -10.39
C VAL A 141 14.56 0.21 -10.90
N ASP A 142 15.04 -0.16 -12.08
CA ASP A 142 16.19 0.49 -12.68
C ASP A 142 15.77 1.73 -13.45
N VAL A 143 16.05 2.90 -12.89
CA VAL A 143 15.70 4.17 -13.52
C VAL A 143 16.67 4.50 -14.65
N SER A 144 16.16 4.46 -15.89
CA SER A 144 16.97 4.75 -17.06
C SER A 144 16.66 6.14 -17.60
N VAL A 145 17.66 6.77 -18.21
CA VAL A 145 17.49 8.10 -18.78
C VAL A 145 17.52 8.05 -20.30
N ASN A 146 16.35 7.91 -20.92
CA ASN A 146 16.24 7.86 -22.36
C ASN A 146 16.70 9.17 -23.00
N HIS A 2 5.92 11.97 21.43
CA HIS A 2 6.94 11.25 20.68
C HIS A 2 6.44 10.93 19.27
N MET A 3 5.16 10.62 19.16
CA MET A 3 4.56 10.30 17.86
C MET A 3 3.68 11.44 17.36
N ASP A 4 3.57 11.56 16.04
CA ASP A 4 2.76 12.61 15.44
C ASP A 4 1.28 12.30 15.57
N ASN A 5 0.44 13.16 15.01
CA ASN A 5 -1.01 12.97 15.07
C ASN A 5 -1.59 12.85 13.66
N TYR A 6 -1.45 13.91 12.87
CA TYR A 6 -1.96 13.93 11.51
C TYR A 6 -0.96 13.31 10.54
N ILE A 7 -1.46 12.77 9.43
CA ILE A 7 -0.60 12.16 8.43
C ILE A 7 -1.07 12.52 7.02
N ARG A 8 -0.11 12.88 6.17
CA ARG A 8 -0.42 13.25 4.79
C ARG A 8 -1.28 12.19 4.12
N PRO A 9 -2.31 12.64 3.40
CA PRO A 9 -3.23 11.75 2.70
C PRO A 9 -2.58 11.06 1.50
N ILE A 10 -3.33 10.19 0.84
CA ILE A 10 -2.81 9.48 -0.32
C ILE A 10 -2.17 10.43 -1.32
N LYS A 11 -0.91 10.17 -1.65
CA LYS A 11 -0.18 11.00 -2.60
C LYS A 11 0.27 10.18 -3.81
N ASP A 12 0.36 10.84 -4.95
CA ASP A 12 0.78 10.18 -6.18
C ASP A 12 2.26 9.82 -6.12
N LEU A 13 2.59 8.60 -6.56
CA LEU A 13 3.98 8.14 -6.56
C LEU A 13 4.42 7.75 -7.96
N THR A 14 5.72 7.87 -8.22
CA THR A 14 6.28 7.53 -9.53
C THR A 14 7.58 6.75 -9.38
N THR A 15 7.93 6.01 -10.42
CA THR A 15 9.16 5.22 -10.42
C THR A 15 10.35 6.05 -10.00
N ALA A 16 10.35 7.32 -10.41
CA ALA A 16 11.44 8.23 -10.09
C ALA A 16 11.61 8.35 -8.57
N GLU A 17 10.50 8.32 -7.85
CA GLU A 17 10.53 8.43 -6.40
C GLU A 17 10.08 7.13 -5.74
N TRP A 18 10.21 6.03 -6.48
CA TRP A 18 9.81 4.71 -5.96
C TRP A 18 10.90 4.15 -5.06
N GLU A 19 12.13 4.12 -5.57
CA GLU A 19 13.26 3.59 -4.80
C GLU A 19 13.30 4.20 -3.40
N GLU A 20 13.26 5.53 -3.34
CA GLU A 20 13.31 6.24 -2.07
C GLU A 20 12.01 6.02 -1.28
N ALA A 21 10.90 5.91 -2.01
CA ALA A 21 9.60 5.70 -1.39
C ALA A 21 9.65 4.51 -0.43
N VAL A 22 10.59 3.60 -0.66
CA VAL A 22 10.74 2.42 0.18
C VAL A 22 12.10 2.38 0.85
N PHE A 23 13.15 2.29 0.04
CA PHE A 23 14.52 2.23 0.55
C PHE A 23 14.77 3.39 1.51
N LYS A 24 14.60 4.61 1.02
CA LYS A 24 14.81 5.81 1.83
C LYS A 24 13.74 5.92 2.92
N ASP A 25 12.54 5.46 2.61
CA ASP A 25 11.44 5.50 3.56
C ASP A 25 11.21 4.14 4.19
N ILE A 26 12.00 3.83 5.22
CA ILE A 26 11.89 2.56 5.92
C ILE A 26 10.52 2.41 6.56
N SER A 27 9.93 3.53 6.95
CA SER A 27 8.61 3.52 7.58
C SER A 27 7.62 2.67 6.78
N PRO A 28 6.52 2.27 7.43
CA PRO A 28 5.49 1.45 6.80
C PRO A 28 4.71 2.21 5.73
N LEU A 29 4.82 1.76 4.49
CA LEU A 29 4.13 2.41 3.38
C LEU A 29 3.40 1.38 2.52
N MET A 30 2.18 1.71 2.10
CA MET A 30 1.38 0.83 1.28
C MET A 30 1.35 1.29 -0.17
N VAL A 31 1.64 0.36 -1.09
CA VAL A 31 1.66 0.69 -2.51
C VAL A 31 0.34 0.29 -3.17
N LEU A 32 -0.47 1.29 -3.50
CA LEU A 32 -1.76 1.05 -4.14
C LEU A 32 -1.62 1.07 -5.67
N VAL A 33 -1.34 -0.09 -6.25
CA VAL A 33 -1.19 -0.21 -7.69
C VAL A 33 -2.55 -0.18 -8.39
N HIS A 34 -2.84 0.95 -9.03
CA HIS A 34 -4.11 1.11 -9.75
C HIS A 34 -3.88 1.08 -11.26
N ASN A 35 -4.92 0.67 -11.99
CA ASN A 35 -4.84 0.60 -13.45
C ASN A 35 -6.00 1.33 -14.10
N ARG A 36 -5.68 2.27 -14.98
CA ARG A 36 -6.70 3.05 -15.67
C ARG A 36 -7.39 2.22 -16.75
N TYR A 37 -6.70 1.19 -17.22
CA TYR A 37 -7.23 0.31 -18.25
C TYR A 37 -7.62 -1.04 -17.67
N LYS A 38 -8.08 -1.04 -16.43
CA LYS A 38 -8.49 -2.27 -15.76
C LYS A 38 -9.29 -1.97 -14.50
N ARG A 39 -10.54 -2.44 -14.47
CA ARG A 39 -11.41 -2.22 -13.33
C ARG A 39 -11.37 -0.76 -12.89
N PRO A 40 -11.96 0.13 -13.71
CA PRO A 40 -11.99 1.57 -13.42
C PRO A 40 -12.91 1.90 -12.26
N LYS A 41 -13.88 1.02 -11.99
CA LYS A 41 -14.81 1.22 -10.91
C LYS A 41 -14.26 0.68 -9.59
N GLU A 42 -13.54 -0.44 -9.67
CA GLU A 42 -12.96 -1.06 -8.49
C GLU A 42 -11.83 -0.18 -7.94
N ASN A 43 -11.09 0.46 -8.83
CA ASN A 43 -9.97 1.32 -8.43
C ASN A 43 -10.46 2.43 -7.51
N GLU A 44 -11.40 3.23 -8.00
CA GLU A 44 -11.95 4.33 -7.20
C GLU A 44 -12.50 3.83 -5.88
N LYS A 45 -13.03 2.61 -5.87
CA LYS A 45 -13.59 2.02 -4.67
C LYS A 45 -12.48 1.62 -3.70
N PHE A 46 -11.34 1.19 -4.25
CA PHE A 46 -10.21 0.78 -3.44
C PHE A 46 -9.55 1.98 -2.77
N ARG A 47 -9.45 3.08 -3.51
CA ARG A 47 -8.84 4.30 -2.99
C ARG A 47 -9.66 4.88 -1.85
N GLU A 48 -10.97 4.94 -2.05
CA GLU A 48 -11.87 5.48 -1.03
C GLU A 48 -11.63 4.80 0.32
N GLU A 49 -11.95 3.51 0.38
CA GLU A 49 -11.77 2.75 1.61
C GLU A 49 -10.35 2.92 2.16
N LEU A 50 -9.40 3.12 1.26
CA LEU A 50 -8.01 3.30 1.66
C LEU A 50 -7.82 4.58 2.46
N GLU A 51 -8.29 5.69 1.91
CA GLU A 51 -8.18 6.99 2.59
C GLU A 51 -8.73 6.89 4.01
N LYS A 52 -9.97 6.46 4.14
CA LYS A 52 -10.61 6.32 5.44
C LYS A 52 -9.78 5.45 6.37
N ALA A 53 -9.24 4.36 5.82
CA ALA A 53 -8.43 3.44 6.59
C ALA A 53 -7.34 4.18 7.37
N ILE A 54 -6.70 5.13 6.69
CA ILE A 54 -5.63 5.91 7.32
C ILE A 54 -6.18 6.78 8.46
N GLN A 55 -7.40 7.26 8.28
CA GLN A 55 -8.05 8.10 9.28
C GLN A 55 -8.39 7.29 10.54
N VAL A 56 -8.94 6.10 10.32
CA VAL A 56 -9.32 5.23 11.43
C VAL A 56 -8.17 5.06 12.42
N ILE A 57 -6.97 4.81 11.87
CA ILE A 57 -5.78 4.63 12.70
C ILE A 57 -5.54 5.85 13.60
N TRP A 58 -5.68 7.03 13.01
CA TRP A 58 -5.47 8.27 13.76
C TRP A 58 -6.27 8.27 15.05
N ASN A 59 -7.48 7.71 14.99
CA ASN A 59 -8.35 7.64 16.17
C ASN A 59 -7.78 6.68 17.21
N CYS A 60 -7.14 5.63 16.74
CA CYS A 60 -6.55 4.63 17.63
C CYS A 60 -5.52 5.27 18.56
N GLY A 61 -4.82 6.29 18.05
CA GLY A 61 -3.82 6.97 18.84
C GLY A 61 -2.41 6.61 18.42
N LEU A 62 -2.22 6.36 17.13
CA LEU A 62 -0.91 6.00 16.60
C LEU A 62 -0.68 6.63 15.23
N PRO A 63 0.59 6.91 14.91
CA PRO A 63 0.96 7.51 13.63
C PRO A 63 0.79 6.55 12.46
N SER A 64 -0.35 6.65 11.79
CA SER A 64 -0.65 5.78 10.65
C SER A 64 0.51 5.78 9.65
N PRO A 65 0.58 4.72 8.84
CA PRO A 65 1.63 4.56 7.83
C PRO A 65 1.48 5.55 6.68
N ARG A 66 2.26 5.35 5.63
CA ARG A 66 2.20 6.22 4.46
C ARG A 66 1.35 5.61 3.35
N CYS A 67 0.61 6.45 2.64
CA CYS A 67 -0.25 5.99 1.56
C CYS A 67 0.17 6.61 0.23
N VAL A 68 0.36 5.77 -0.78
CA VAL A 68 0.76 6.23 -2.10
C VAL A 68 0.06 5.43 -3.20
N ALA A 69 0.11 5.96 -4.42
CA ALA A 69 -0.51 5.29 -5.55
C ALA A 69 0.37 5.39 -6.80
N VAL A 70 0.41 4.30 -7.57
CA VAL A 70 1.22 4.26 -8.78
C VAL A 70 0.38 3.84 -9.98
N ASP A 71 0.69 4.40 -11.14
CA ASP A 71 -0.03 4.08 -12.37
C ASP A 71 0.51 2.79 -12.99
N ALA A 72 -0.35 1.78 -13.06
CA ALA A 72 0.03 0.49 -13.63
C ALA A 72 0.13 0.58 -15.15
N VAL A 73 -0.68 1.44 -15.74
CA VAL A 73 -0.69 1.61 -17.19
C VAL A 73 0.50 2.44 -17.65
N VAL A 74 0.91 3.40 -16.81
CA VAL A 74 2.03 4.26 -17.13
C VAL A 74 3.34 3.66 -16.64
N GLU A 75 3.43 3.42 -15.33
CA GLU A 75 4.63 2.85 -14.74
C GLU A 75 4.65 1.33 -14.91
N THR A 76 4.72 0.88 -16.16
CA THR A 76 4.75 -0.54 -16.45
C THR A 76 5.96 -1.22 -15.83
N ASP A 77 7.07 -0.50 -15.78
CA ASP A 77 8.31 -1.02 -15.20
C ASP A 77 8.08 -1.49 -13.76
N LEU A 78 7.43 -0.64 -12.97
CA LEU A 78 7.14 -0.96 -11.58
C LEU A 78 6.33 -2.24 -11.46
N VAL A 79 5.12 -2.22 -12.01
CA VAL A 79 4.25 -3.38 -11.99
C VAL A 79 4.96 -4.62 -12.49
N SER A 80 5.85 -4.44 -13.46
CA SER A 80 6.60 -5.55 -14.03
C SER A 80 7.50 -6.19 -12.98
N ALA A 81 8.14 -5.36 -12.17
CA ALA A 81 9.03 -5.84 -11.12
C ALA A 81 8.25 -6.40 -9.94
N LEU A 82 7.10 -5.79 -9.66
CA LEU A 82 6.24 -6.22 -8.56
C LEU A 82 5.61 -7.57 -8.87
N LYS A 83 5.49 -7.88 -10.15
CA LYS A 83 4.89 -9.14 -10.59
C LYS A 83 3.45 -9.25 -10.11
N VAL A 84 2.63 -8.26 -10.46
CA VAL A 84 1.23 -8.25 -10.07
C VAL A 84 0.36 -8.92 -11.13
N SER A 85 -0.85 -9.33 -10.73
CA SER A 85 -1.78 -10.00 -11.63
C SER A 85 -3.16 -9.35 -11.55
N VAL A 86 -3.56 -8.99 -10.34
CA VAL A 86 -4.87 -8.36 -10.13
C VAL A 86 -4.72 -6.87 -9.84
N PHE A 87 -5.78 -6.11 -10.10
CA PHE A 87 -5.77 -4.68 -9.86
C PHE A 87 -7.17 -4.17 -9.53
N PRO A 88 -7.25 -3.19 -8.61
CA PRO A 88 -6.06 -2.64 -7.95
C PRO A 88 -5.41 -3.64 -6.99
N GLU A 89 -4.37 -3.18 -6.29
CA GLU A 89 -3.67 -4.02 -5.35
C GLU A 89 -2.83 -3.19 -4.38
N ILE A 90 -2.96 -3.47 -3.09
CA ILE A 90 -2.22 -2.74 -2.07
C ILE A 90 -1.06 -3.58 -1.53
N ILE A 91 0.11 -3.41 -2.13
CA ILE A 91 1.29 -4.14 -1.71
C ILE A 91 1.85 -3.60 -0.41
N PHE A 92 1.37 -4.13 0.71
CA PHE A 92 1.82 -3.69 2.03
C PHE A 92 3.31 -3.95 2.21
N THR A 93 4.11 -2.89 2.06
CA THR A 93 5.55 -3.01 2.20
C THR A 93 6.03 -2.39 3.52
N LYS A 94 7.17 -2.86 4.00
CA LYS A 94 7.74 -2.35 5.25
C LYS A 94 9.25 -2.52 5.27
N ALA A 95 9.96 -1.43 5.54
CA ALA A 95 11.41 -1.45 5.60
C ALA A 95 12.01 -1.89 4.26
N GLY A 96 11.34 -1.50 3.17
CA GLY A 96 11.82 -1.86 1.85
C GLY A 96 11.65 -3.34 1.55
N LYS A 97 10.60 -3.94 2.13
CA LYS A 97 10.32 -5.36 1.91
C LYS A 97 8.82 -5.62 1.87
N ILE A 98 8.40 -6.44 0.92
CA ILE A 98 7.00 -6.77 0.77
C ILE A 98 6.55 -7.78 1.82
N LEU A 99 5.40 -7.52 2.43
CA LEU A 99 4.85 -8.41 3.46
C LEU A 99 3.63 -9.15 2.95
N TYR A 100 2.61 -8.40 2.55
CA TYR A 100 1.38 -8.99 2.05
C TYR A 100 0.71 -8.07 1.03
N ARG A 101 0.02 -8.66 0.06
CA ARG A 101 -0.66 -7.89 -0.98
C ARG A 101 -2.18 -8.01 -0.83
N GLU A 102 -2.86 -6.89 -0.93
CA GLU A 102 -4.32 -6.86 -0.81
C GLU A 102 -4.98 -7.21 -2.14
N LYS A 103 -5.73 -8.31 -2.15
CA LYS A 103 -6.43 -8.75 -3.36
C LYS A 103 -7.93 -8.90 -3.10
N GLY A 104 -8.67 -7.84 -3.36
CA GLY A 104 -10.11 -7.87 -3.16
C GLY A 104 -10.63 -6.61 -2.50
N ILE A 105 -11.81 -6.17 -2.93
CA ILE A 105 -12.42 -4.96 -2.38
C ILE A 105 -12.56 -5.07 -0.86
N ARG A 106 -11.78 -4.26 -0.14
CA ARG A 106 -11.83 -4.26 1.31
C ARG A 106 -12.34 -2.93 1.84
N THR A 107 -12.39 -2.80 3.16
CA THR A 107 -12.86 -1.58 3.80
C THR A 107 -11.75 -0.92 4.61
N ALA A 108 -11.99 0.31 5.06
CA ALA A 108 -11.01 1.04 5.85
C ALA A 108 -10.65 0.29 7.13
N ASP A 109 -11.67 -0.28 7.77
CA ASP A 109 -11.46 -1.04 9.00
C ASP A 109 -10.73 -2.34 8.73
N GLU A 110 -11.26 -3.14 7.80
CA GLU A 110 -10.65 -4.41 7.45
C GLU A 110 -9.17 -4.23 7.12
N LEU A 111 -8.85 -3.12 6.47
CA LEU A 111 -7.47 -2.83 6.09
C LEU A 111 -6.69 -2.27 7.28
N SER A 112 -7.26 -1.27 7.94
CA SER A 112 -6.62 -0.65 9.09
C SER A 112 -6.06 -1.70 10.04
N LYS A 113 -6.75 -2.83 10.13
CA LYS A 113 -6.33 -3.93 11.00
C LYS A 113 -5.23 -4.74 10.35
N ILE A 114 -5.35 -4.98 9.05
CA ILE A 114 -4.36 -5.74 8.31
C ILE A 114 -3.00 -5.07 8.36
N MET A 115 -2.88 -3.90 7.75
CA MET A 115 -1.63 -3.16 7.74
C MET A 115 -1.09 -2.99 9.14
N ALA A 116 -1.97 -2.69 10.09
CA ALA A 116 -1.58 -2.50 11.47
C ALA A 116 -0.93 -3.76 12.05
N PHE A 117 -1.65 -4.88 11.95
CA PHE A 117 -1.15 -6.15 12.45
C PHE A 117 0.20 -6.48 11.83
N PHE A 118 0.50 -5.87 10.68
CA PHE A 118 1.77 -6.10 9.99
C PHE A 118 2.85 -5.15 10.51
N TYR A 119 2.43 -3.99 11.00
CA TYR A 119 3.37 -3.01 11.52
C TYR A 119 3.24 -2.89 13.04
N TYR A 120 2.17 -2.26 13.48
CA TYR A 120 1.93 -2.07 14.91
C TYR A 120 1.61 -3.40 15.59
N GLY A 121 0.48 -4.00 15.22
CA GLY A 121 0.08 -5.26 15.80
C GLY A 121 -1.34 -5.25 16.32
N ALA A 122 -2.26 -4.71 15.52
CA ALA A 122 -3.66 -4.65 15.90
C ALA A 122 -4.33 -6.01 15.82
N ALA A 123 -5.63 -6.05 16.08
CA ALA A 123 -6.38 -7.30 16.04
C ALA A 123 -6.58 -7.77 14.61
N LYS A 124 -6.04 -8.95 14.30
CA LYS A 124 -6.16 -9.51 12.95
C LYS A 124 -7.62 -9.77 12.60
N PRO A 125 -8.08 -9.19 11.48
CA PRO A 125 -9.45 -9.35 11.01
C PRO A 125 -9.73 -10.76 10.50
N PRO A 126 -11.02 -11.05 10.25
CA PRO A 126 -11.45 -12.36 9.76
C PRO A 126 -11.00 -12.61 8.32
N CYS A 127 -11.22 -11.63 7.46
CA CYS A 127 -10.85 -11.75 6.05
C CYS A 127 -9.36 -12.09 5.91
N LEU A 128 -8.56 -11.52 6.81
CA LEU A 128 -7.11 -11.76 6.79
C LEU A 128 -6.76 -13.08 7.47
N ASN A 129 -7.56 -13.45 8.46
CA ASN A 129 -7.33 -14.68 9.20
C ASN A 129 -7.16 -15.86 8.25
N GLY A 130 -7.99 -15.91 7.21
CA GLY A 130 -7.91 -16.98 6.23
C GLY A 130 -7.04 -16.62 5.04
N VAL A 131 -6.03 -15.79 5.29
CA VAL A 131 -5.12 -15.37 4.23
C VAL A 131 -3.69 -15.73 4.55
N VAL A 132 -2.92 -16.13 3.53
CA VAL A 132 -1.53 -16.51 3.72
C VAL A 132 -0.59 -15.47 3.10
N ASN A 133 0.12 -14.74 3.95
CA ASN A 133 1.05 -13.73 3.49
C ASN A 133 2.44 -14.32 3.24
N SER A 134 3.23 -13.63 2.43
CA SER A 134 4.57 -14.10 2.11
C SER A 134 5.57 -12.94 2.09
N GLN A 135 6.74 -13.15 2.68
CA GLN A 135 7.77 -12.12 2.73
C GLN A 135 8.65 -12.17 1.49
N GLU A 136 8.98 -11.00 0.96
CA GLU A 136 9.83 -10.91 -0.23
C GLU A 136 10.35 -9.49 -0.41
N GLN A 137 11.67 -9.37 -0.56
CA GLN A 137 12.30 -8.07 -0.74
C GLN A 137 11.65 -7.31 -1.91
N ILE A 138 11.67 -5.99 -1.82
CA ILE A 138 11.10 -5.15 -2.85
C ILE A 138 12.06 -4.97 -4.03
N PRO A 139 11.56 -5.22 -5.25
CA PRO A 139 12.36 -5.09 -6.47
C PRO A 139 12.70 -3.63 -6.79
N LEU A 140 13.98 -3.32 -6.78
CA LEU A 140 14.45 -1.96 -7.07
C LEU A 140 14.50 -1.72 -8.58
N VAL A 141 13.67 -0.81 -9.05
CA VAL A 141 13.62 -0.48 -10.47
C VAL A 141 14.75 0.48 -10.85
N ASP A 142 15.44 0.17 -11.95
CA ASP A 142 16.54 1.00 -12.41
C ASP A 142 16.02 2.32 -13.00
N VAL A 143 16.29 3.41 -12.29
CA VAL A 143 15.84 4.73 -12.74
C VAL A 143 17.00 5.53 -13.32
N SER A 144 16.82 6.01 -14.55
CA SER A 144 17.85 6.80 -15.22
C SER A 144 17.37 8.23 -15.48
N VAL A 145 18.32 9.16 -15.48
CA VAL A 145 17.99 10.56 -15.72
C VAL A 145 17.68 10.81 -17.19
N ASN A 146 16.51 11.37 -17.46
CA ASN A 146 16.09 11.67 -18.83
C ASN A 146 16.94 12.79 -19.41
N HIS A 2 -2.31 15.30 23.43
CA HIS A 2 -2.05 14.78 22.09
C HIS A 2 -1.27 13.48 22.16
N MET A 3 -1.49 12.61 21.18
CA MET A 3 -0.81 11.32 21.13
C MET A 3 -0.34 11.01 19.71
N ASP A 4 -1.22 11.24 18.74
CA ASP A 4 -0.90 10.98 17.34
C ASP A 4 -1.15 12.22 16.49
N ASN A 5 -0.12 12.66 15.79
CA ASN A 5 -0.23 13.84 14.93
C ASN A 5 -0.91 13.50 13.62
N TYR A 6 -0.88 14.43 12.67
CA TYR A 6 -1.50 14.23 11.37
C TYR A 6 -0.57 13.46 10.44
N ILE A 7 -1.14 12.89 9.37
CA ILE A 7 -0.37 12.14 8.41
C ILE A 7 -0.76 12.50 6.98
N ARG A 8 0.24 12.73 6.14
CA ARG A 8 0.00 13.09 4.74
C ARG A 8 -0.95 12.09 4.09
N PRO A 9 -1.98 12.62 3.40
CA PRO A 9 -2.98 11.80 2.71
C PRO A 9 -2.39 11.08 1.49
N ILE A 10 -3.21 10.25 0.85
CA ILE A 10 -2.79 9.52 -0.33
C ILE A 10 -2.15 10.45 -1.36
N LYS A 11 -0.85 10.26 -1.58
CA LYS A 11 -0.12 11.07 -2.55
C LYS A 11 0.27 10.26 -3.77
N ASP A 12 0.47 10.93 -4.90
CA ASP A 12 0.86 10.26 -6.14
C ASP A 12 2.34 9.93 -6.13
N LEU A 13 2.65 8.65 -6.35
CA LEU A 13 4.04 8.19 -6.37
C LEU A 13 4.45 7.76 -7.77
N THR A 14 5.72 7.96 -8.10
CA THR A 14 6.23 7.58 -9.41
C THR A 14 7.48 6.71 -9.28
N THR A 15 7.71 5.86 -10.28
CA THR A 15 8.88 4.98 -10.27
C THR A 15 10.16 5.76 -10.01
N ALA A 16 10.23 6.98 -10.53
CA ALA A 16 11.41 7.82 -10.36
C ALA A 16 11.74 7.98 -8.87
N GLU A 17 10.71 8.03 -8.04
CA GLU A 17 10.89 8.18 -6.60
C GLU A 17 10.44 6.93 -5.86
N TRP A 18 10.30 5.83 -6.59
CA TRP A 18 9.89 4.57 -6.00
C TRP A 18 10.98 3.99 -5.11
N GLU A 19 12.20 3.91 -5.64
CA GLU A 19 13.33 3.38 -4.90
C GLU A 19 13.41 4.02 -3.51
N GLU A 20 13.39 5.34 -3.47
CA GLU A 20 13.46 6.08 -2.22
C GLU A 20 12.19 5.87 -1.39
N ALA A 21 11.07 5.72 -2.07
CA ALA A 21 9.79 5.51 -1.40
C ALA A 21 9.86 4.34 -0.43
N VAL A 22 10.81 3.44 -0.66
CA VAL A 22 10.98 2.28 0.19
C VAL A 22 12.38 2.26 0.81
N PHE A 23 13.40 2.16 -0.04
CA PHE A 23 14.78 2.14 0.44
C PHE A 23 15.06 3.30 1.38
N LYS A 24 14.85 4.52 0.88
CA LYS A 24 15.07 5.72 1.69
C LYS A 24 14.02 5.85 2.78
N ASP A 25 12.80 5.40 2.48
CA ASP A 25 11.71 5.46 3.44
C ASP A 25 11.48 4.10 4.11
N ILE A 26 12.23 3.85 5.17
CA ILE A 26 12.11 2.59 5.90
C ILE A 26 10.75 2.46 6.54
N SER A 27 10.15 3.59 6.91
CA SER A 27 8.84 3.60 7.55
C SER A 27 7.85 2.76 6.75
N PRO A 28 6.74 2.36 7.40
CA PRO A 28 5.70 1.55 6.78
C PRO A 28 4.91 2.32 5.72
N LEU A 29 4.84 1.77 4.52
CA LEU A 29 4.11 2.41 3.42
C LEU A 29 3.31 1.39 2.63
N MET A 30 2.18 1.82 2.08
CA MET A 30 1.32 0.94 1.30
C MET A 30 1.33 1.36 -0.18
N VAL A 31 1.66 0.40 -1.04
CA VAL A 31 1.70 0.66 -2.48
C VAL A 31 0.42 0.21 -3.16
N LEU A 32 -0.38 1.17 -3.62
CA LEU A 32 -1.63 0.86 -4.30
C LEU A 32 -1.45 0.81 -5.80
N VAL A 33 -1.24 -0.38 -6.33
CA VAL A 33 -1.05 -0.56 -7.77
C VAL A 33 -2.39 -0.60 -8.50
N HIS A 34 -2.77 0.52 -9.11
CA HIS A 34 -4.02 0.61 -9.85
C HIS A 34 -3.78 0.55 -11.36
N ASN A 35 -4.84 0.37 -12.11
CA ASN A 35 -4.75 0.31 -13.57
C ASN A 35 -5.98 0.93 -14.23
N ARG A 36 -5.74 1.87 -15.13
CA ARG A 36 -6.82 2.54 -15.84
C ARG A 36 -7.46 1.62 -16.87
N TYR A 37 -6.66 0.69 -17.39
CA TYR A 37 -7.14 -0.26 -18.39
C TYR A 37 -7.58 -1.56 -17.74
N LYS A 38 -8.03 -1.48 -16.49
CA LYS A 38 -8.48 -2.65 -15.75
C LYS A 38 -9.25 -2.24 -14.51
N ARG A 39 -10.51 -2.65 -14.44
CA ARG A 39 -11.36 -2.33 -13.29
C ARG A 39 -11.31 -0.83 -12.99
N PRO A 40 -12.01 -0.04 -13.83
CA PRO A 40 -12.06 1.42 -13.67
C PRO A 40 -12.88 1.83 -12.45
N LYS A 41 -13.87 1.03 -12.10
CA LYS A 41 -14.72 1.31 -10.95
C LYS A 41 -14.02 0.95 -9.65
N GLU A 42 -13.55 -0.29 -9.56
CA GLU A 42 -12.84 -0.77 -8.37
C GLU A 42 -11.73 0.19 -7.98
N ASN A 43 -11.11 0.82 -8.97
CA ASN A 43 -10.03 1.76 -8.73
C ASN A 43 -10.41 2.77 -7.66
N GLU A 44 -11.58 3.38 -7.82
CA GLU A 44 -12.05 4.38 -6.86
C GLU A 44 -12.46 3.71 -5.55
N LYS A 45 -13.20 2.62 -5.66
CA LYS A 45 -13.66 1.88 -4.47
C LYS A 45 -12.48 1.57 -3.55
N PHE A 46 -11.33 1.27 -4.14
CA PHE A 46 -10.13 0.95 -3.37
C PHE A 46 -9.67 2.16 -2.56
N ARG A 47 -9.25 3.21 -3.27
CA ARG A 47 -8.78 4.42 -2.61
C ARG A 47 -9.80 4.92 -1.60
N GLU A 48 -11.08 4.75 -1.92
CA GLU A 48 -12.15 5.19 -1.02
C GLU A 48 -12.00 4.56 0.35
N GLU A 49 -11.84 3.24 0.38
CA GLU A 49 -11.69 2.52 1.64
C GLU A 49 -10.31 2.76 2.25
N LEU A 50 -9.29 2.76 1.41
CA LEU A 50 -7.92 2.99 1.86
C LEU A 50 -7.80 4.33 2.59
N GLU A 51 -8.35 5.38 1.98
CA GLU A 51 -8.30 6.70 2.57
C GLU A 51 -8.88 6.69 3.98
N LYS A 52 -10.09 6.17 4.11
CA LYS A 52 -10.77 6.09 5.40
C LYS A 52 -9.94 5.30 6.40
N ALA A 53 -9.36 4.19 5.95
CA ALA A 53 -8.55 3.34 6.79
C ALA A 53 -7.47 4.15 7.50
N ILE A 54 -6.83 5.05 6.76
CA ILE A 54 -5.79 5.90 7.32
C ILE A 54 -6.32 6.78 8.43
N GLN A 55 -7.52 7.32 8.23
CA GLN A 55 -8.15 8.18 9.23
C GLN A 55 -8.59 7.38 10.44
N VAL A 56 -9.05 6.15 10.20
CA VAL A 56 -9.51 5.28 11.27
C VAL A 56 -8.41 5.06 12.31
N ILE A 57 -7.20 4.79 11.83
CA ILE A 57 -6.07 4.55 12.71
C ILE A 57 -5.79 5.77 13.59
N TRP A 58 -5.94 6.96 13.00
CA TRP A 58 -5.70 8.20 13.73
C TRP A 58 -6.51 8.25 15.02
N ASN A 59 -7.79 7.90 14.92
CA ASN A 59 -8.67 7.90 16.08
C ASN A 59 -8.26 6.82 17.07
N CYS A 60 -7.66 5.75 16.56
CA CYS A 60 -7.22 4.65 17.40
C CYS A 60 -6.20 5.12 18.43
N GLY A 61 -5.62 6.30 18.18
CA GLY A 61 -4.63 6.84 19.10
C GLY A 61 -3.23 6.75 18.56
N LEU A 62 -3.05 5.95 17.51
CA LEU A 62 -1.73 5.78 16.90
C LEU A 62 -1.72 6.34 15.48
N PRO A 63 -0.53 6.74 15.02
CA PRO A 63 -0.35 7.30 13.68
C PRO A 63 -0.53 6.27 12.58
N SER A 64 -0.61 6.73 11.33
CA SER A 64 -0.80 5.84 10.20
C SER A 64 0.42 5.87 9.28
N PRO A 65 0.63 4.77 8.55
CA PRO A 65 1.77 4.63 7.63
C PRO A 65 1.62 5.53 6.41
N ARG A 66 2.50 5.32 5.43
CA ARG A 66 2.47 6.13 4.20
C ARG A 66 1.52 5.52 3.18
N CYS A 67 0.76 6.37 2.50
CA CYS A 67 -0.19 5.92 1.49
C CYS A 67 0.11 6.55 0.14
N VAL A 68 0.42 5.72 -0.85
CA VAL A 68 0.73 6.20 -2.19
C VAL A 68 0.04 5.34 -3.25
N ALA A 69 -0.21 5.94 -4.40
CA ALA A 69 -0.87 5.24 -5.50
C ALA A 69 -0.02 5.30 -6.78
N VAL A 70 0.36 4.13 -7.28
CA VAL A 70 1.17 4.04 -8.48
C VAL A 70 0.33 3.60 -9.68
N ASP A 71 0.61 4.16 -10.85
CA ASP A 71 -0.11 3.81 -12.07
C ASP A 71 0.54 2.62 -12.76
N ALA A 72 -0.28 1.60 -13.04
CA ALA A 72 0.22 0.39 -13.70
C ALA A 72 0.37 0.62 -15.20
N VAL A 73 -0.54 1.41 -15.77
CA VAL A 73 -0.52 1.70 -17.20
C VAL A 73 0.61 2.68 -17.54
N VAL A 74 0.91 3.57 -16.60
CA VAL A 74 1.96 4.57 -16.80
C VAL A 74 3.30 4.04 -16.30
N GLU A 75 3.33 3.61 -15.04
CA GLU A 75 4.55 3.10 -14.43
C GLU A 75 4.63 1.58 -14.58
N THR A 76 4.47 1.11 -15.82
CA THR A 76 4.53 -0.33 -16.10
C THR A 76 5.80 -0.95 -15.54
N ASP A 77 6.89 -0.20 -15.58
CA ASP A 77 8.17 -0.68 -15.07
C ASP A 77 8.04 -1.15 -13.62
N LEU A 78 7.36 -0.35 -12.81
CA LEU A 78 7.16 -0.68 -11.40
C LEU A 78 6.41 -2.00 -11.26
N VAL A 79 5.18 -2.03 -11.76
CA VAL A 79 4.35 -3.23 -11.69
C VAL A 79 5.10 -4.45 -12.21
N SER A 80 5.93 -4.23 -13.23
CA SER A 80 6.71 -5.31 -13.82
C SER A 80 7.64 -5.95 -12.79
N ALA A 81 8.16 -5.12 -11.88
CA ALA A 81 9.05 -5.60 -10.83
C ALA A 81 8.28 -6.30 -9.72
N LEU A 82 7.15 -5.72 -9.35
CA LEU A 82 6.32 -6.28 -8.29
C LEU A 82 5.65 -7.57 -8.76
N LYS A 83 5.50 -7.72 -10.07
CA LYS A 83 4.87 -8.90 -10.64
C LYS A 83 3.40 -8.99 -10.25
N VAL A 84 2.73 -7.85 -10.20
CA VAL A 84 1.32 -7.81 -9.84
C VAL A 84 0.44 -8.41 -10.93
N SER A 85 -0.74 -8.86 -10.56
CA SER A 85 -1.68 -9.46 -11.49
C SER A 85 -3.06 -8.83 -11.38
N VAL A 86 -3.46 -8.54 -10.15
CA VAL A 86 -4.76 -7.92 -9.90
C VAL A 86 -4.65 -6.41 -9.76
N PHE A 87 -5.61 -5.70 -10.31
CA PHE A 87 -5.62 -4.24 -10.24
C PHE A 87 -7.04 -3.71 -10.09
N PRO A 88 -7.23 -2.79 -9.13
CA PRO A 88 -6.14 -2.32 -8.26
C PRO A 88 -5.67 -3.39 -7.29
N GLU A 89 -4.67 -3.06 -6.49
CA GLU A 89 -4.12 -4.00 -5.50
C GLU A 89 -3.15 -3.29 -4.57
N ILE A 90 -3.32 -3.51 -3.27
CA ILE A 90 -2.46 -2.92 -2.27
C ILE A 90 -1.30 -3.84 -1.90
N ILE A 91 -0.13 -3.25 -1.68
CA ILE A 91 1.05 -4.03 -1.31
C ILE A 91 1.72 -3.47 -0.06
N PHE A 92 1.36 -4.02 1.09
CA PHE A 92 1.91 -3.58 2.36
C PHE A 92 3.41 -3.83 2.41
N THR A 93 4.19 -2.75 2.44
CA THR A 93 5.64 -2.85 2.48
C THR A 93 6.19 -2.33 3.81
N LYS A 94 7.42 -2.71 4.12
CA LYS A 94 8.06 -2.27 5.36
C LYS A 94 9.57 -2.46 5.28
N ALA A 95 10.31 -1.41 5.65
CA ALA A 95 11.77 -1.46 5.63
C ALA A 95 12.27 -1.94 4.27
N GLY A 96 11.57 -1.57 3.20
CA GLY A 96 11.96 -1.97 1.87
C GLY A 96 11.73 -3.45 1.62
N LYS A 97 10.70 -4.00 2.26
CA LYS A 97 10.37 -5.41 2.09
C LYS A 97 8.87 -5.62 2.06
N ILE A 98 8.40 -6.45 1.14
CA ILE A 98 6.98 -6.74 0.99
C ILE A 98 6.51 -7.71 2.06
N LEU A 99 5.45 -7.33 2.78
CA LEU A 99 4.89 -8.17 3.84
C LEU A 99 3.68 -8.95 3.34
N TYR A 100 2.82 -8.27 2.59
CA TYR A 100 1.62 -8.90 2.04
C TYR A 100 0.89 -7.94 1.11
N ARG A 101 0.24 -8.51 0.09
CA ARG A 101 -0.50 -7.71 -0.88
C ARG A 101 -1.99 -8.08 -0.87
N GLU A 102 -2.84 -7.10 -0.61
CA GLU A 102 -4.28 -7.33 -0.58
C GLU A 102 -4.88 -7.23 -1.97
N LYS A 103 -5.66 -8.23 -2.35
CA LYS A 103 -6.30 -8.26 -3.66
C LYS A 103 -7.81 -8.44 -3.53
N GLY A 104 -8.54 -7.33 -3.45
CA GLY A 104 -9.98 -7.40 -3.33
C GLY A 104 -10.55 -6.25 -2.51
N ILE A 105 -11.76 -5.82 -2.85
CA ILE A 105 -12.40 -4.73 -2.15
C ILE A 105 -12.49 -5.00 -0.65
N ARG A 106 -11.82 -4.18 0.15
CA ARG A 106 -11.83 -4.34 1.60
C ARG A 106 -12.35 -3.08 2.28
N THR A 107 -12.81 -3.24 3.51
CA THR A 107 -13.36 -2.12 4.28
C THR A 107 -12.23 -1.29 4.90
N ALA A 108 -12.52 -0.03 5.18
CA ALA A 108 -11.54 0.86 5.78
C ALA A 108 -10.95 0.27 7.05
N ASP A 109 -11.77 -0.47 7.79
CA ASP A 109 -11.34 -1.10 9.03
C ASP A 109 -10.58 -2.38 8.75
N GLU A 110 -11.20 -3.28 7.97
CA GLU A 110 -10.58 -4.55 7.63
C GLU A 110 -9.14 -4.35 7.16
N LEU A 111 -8.91 -3.25 6.44
CA LEU A 111 -7.58 -2.94 5.92
C LEU A 111 -6.70 -2.34 7.02
N SER A 112 -7.29 -1.43 7.80
CA SER A 112 -6.56 -0.77 8.88
C SER A 112 -5.94 -1.80 9.81
N LYS A 113 -6.69 -2.84 10.14
CA LYS A 113 -6.22 -3.89 11.03
C LYS A 113 -5.08 -4.67 10.39
N ILE A 114 -5.27 -5.07 9.14
CA ILE A 114 -4.25 -5.83 8.41
C ILE A 114 -2.90 -5.12 8.49
N MET A 115 -2.82 -3.96 7.86
CA MET A 115 -1.58 -3.19 7.86
C MET A 115 -1.08 -2.94 9.27
N ALA A 116 -2.01 -2.62 10.17
CA ALA A 116 -1.66 -2.37 11.57
C ALA A 116 -1.02 -3.60 12.21
N PHE A 117 -1.39 -4.77 11.71
CA PHE A 117 -0.86 -6.03 12.23
C PHE A 117 0.60 -6.21 11.83
N PHE A 118 0.95 -5.73 10.64
CA PHE A 118 2.30 -5.84 10.12
C PHE A 118 3.11 -4.59 10.45
N TYR A 119 2.48 -3.66 11.16
CA TYR A 119 3.14 -2.40 11.54
C TYR A 119 3.09 -2.20 13.05
N TYR A 120 1.90 -1.90 13.55
CA TYR A 120 1.73 -1.66 14.98
C TYR A 120 1.30 -2.95 15.69
N GLY A 121 1.58 -4.08 15.05
CA GLY A 121 1.24 -5.37 15.63
C GLY A 121 -0.20 -5.40 16.16
N ALA A 122 -1.08 -4.67 15.48
CA ALA A 122 -2.48 -4.61 15.89
C ALA A 122 -3.14 -5.98 15.77
N ALA A 123 -4.45 -6.02 16.03
CA ALA A 123 -5.20 -7.27 15.94
C ALA A 123 -5.28 -7.77 14.51
N LYS A 124 -5.75 -9.01 14.34
CA LYS A 124 -5.89 -9.60 13.02
C LYS A 124 -7.35 -9.89 12.70
N PRO A 125 -7.85 -9.24 11.63
CA PRO A 125 -9.24 -9.41 11.19
C PRO A 125 -9.51 -10.80 10.62
N PRO A 126 -10.79 -11.11 10.38
CA PRO A 126 -11.21 -12.40 9.84
C PRO A 126 -10.81 -12.55 8.37
N CYS A 127 -10.92 -11.47 7.61
CA CYS A 127 -10.58 -11.49 6.20
C CYS A 127 -9.13 -11.93 6.00
N LEU A 128 -8.26 -11.55 6.93
CA LEU A 128 -6.85 -11.91 6.85
C LEU A 128 -6.65 -13.40 7.13
N ASN A 129 -7.38 -13.91 8.12
CA ASN A 129 -7.29 -15.32 8.49
C ASN A 129 -7.43 -16.21 7.26
N GLY A 130 -8.27 -15.79 6.32
CA GLY A 130 -8.48 -16.56 5.10
C GLY A 130 -7.30 -16.51 4.17
N VAL A 131 -6.93 -15.29 3.75
CA VAL A 131 -5.80 -15.11 2.84
C VAL A 131 -4.51 -15.59 3.47
N VAL A 132 -3.45 -15.64 2.67
CA VAL A 132 -2.15 -16.09 3.15
C VAL A 132 -1.05 -15.08 2.80
N ASN A 133 -0.52 -14.41 3.82
CA ASN A 133 0.52 -13.42 3.62
C ASN A 133 1.88 -14.10 3.44
N SER A 134 2.81 -13.37 2.81
CA SER A 134 4.15 -13.90 2.57
C SER A 134 5.17 -12.77 2.49
N GLN A 135 6.38 -13.05 2.98
CA GLN A 135 7.45 -12.07 2.97
C GLN A 135 8.29 -12.17 1.69
N GLU A 136 8.71 -11.02 1.18
CA GLU A 136 9.51 -10.99 -0.03
C GLU A 136 10.14 -9.61 -0.24
N GLN A 137 11.46 -9.58 -0.40
CA GLN A 137 12.18 -8.33 -0.61
C GLN A 137 11.54 -7.51 -1.74
N ILE A 138 11.67 -6.20 -1.65
CA ILE A 138 11.11 -5.31 -2.66
C ILE A 138 12.09 -5.11 -3.82
N PRO A 139 11.62 -5.36 -5.04
CA PRO A 139 12.43 -5.22 -6.25
C PRO A 139 12.74 -3.76 -6.56
N LEU A 140 14.03 -3.47 -6.75
CA LEU A 140 14.47 -2.11 -7.05
C LEU A 140 14.34 -1.83 -8.56
N VAL A 141 13.46 -0.90 -8.91
CA VAL A 141 13.26 -0.53 -10.31
C VAL A 141 14.42 0.30 -10.83
N ASP A 142 14.75 0.11 -12.10
CA ASP A 142 15.84 0.84 -12.74
C ASP A 142 15.34 2.15 -13.33
N VAL A 143 16.20 3.16 -13.32
CA VAL A 143 15.84 4.47 -13.86
C VAL A 143 16.73 4.83 -15.05
N SER A 144 16.14 4.83 -16.24
CA SER A 144 16.87 5.16 -17.46
C SER A 144 16.26 6.37 -18.15
N VAL A 145 17.11 7.13 -18.85
CA VAL A 145 16.67 8.32 -19.56
C VAL A 145 16.95 8.21 -21.05
N ASN A 146 15.90 8.15 -21.85
CA ASN A 146 16.04 8.04 -23.30
C ASN A 146 16.61 9.33 -23.88
N HIS A 2 3.55 7.66 23.07
CA HIS A 2 2.12 7.64 23.36
C HIS A 2 1.46 8.94 22.91
N MET A 3 1.16 9.02 21.61
CA MET A 3 0.53 10.21 21.05
C MET A 3 0.16 9.97 19.58
N ASP A 4 -0.67 10.86 19.04
CA ASP A 4 -1.10 10.76 17.65
C ASP A 4 -1.07 12.12 16.97
N ASN A 5 -1.46 12.14 15.70
CA ASN A 5 -1.48 13.38 14.93
C ASN A 5 -1.99 13.15 13.52
N TYR A 6 -1.86 14.16 12.66
CA TYR A 6 -2.31 14.06 11.28
C TYR A 6 -1.24 13.40 10.40
N ILE A 7 -1.67 12.84 9.28
CA ILE A 7 -0.75 12.18 8.36
C ILE A 7 -1.09 12.53 6.92
N ARG A 8 -0.05 12.79 6.13
CA ARG A 8 -0.23 13.15 4.72
C ARG A 8 -1.13 12.13 4.02
N PRO A 9 -2.09 12.63 3.23
CA PRO A 9 -3.03 11.79 2.49
C PRO A 9 -2.36 11.03 1.35
N ILE A 10 -3.13 10.21 0.66
CA ILE A 10 -2.61 9.42 -0.45
C ILE A 10 -1.84 10.31 -1.43
N LYS A 11 -0.55 10.02 -1.58
CA LYS A 11 0.29 10.78 -2.49
C LYS A 11 0.68 9.95 -3.71
N ASP A 12 0.46 10.52 -4.89
CA ASP A 12 0.78 9.83 -6.13
C ASP A 12 2.28 9.58 -6.25
N LEU A 13 2.68 8.32 -6.08
CA LEU A 13 4.09 7.95 -6.17
C LEU A 13 4.47 7.55 -7.59
N THR A 14 5.73 7.76 -7.94
CA THR A 14 6.22 7.42 -9.27
C THR A 14 7.52 6.63 -9.20
N THR A 15 7.82 5.89 -10.26
CA THR A 15 9.03 5.08 -10.31
C THR A 15 10.26 5.92 -9.98
N ALA A 16 10.24 7.18 -10.39
CA ALA A 16 11.34 8.10 -10.14
C ALA A 16 11.62 8.22 -8.65
N GLU A 17 10.55 8.19 -7.85
CA GLU A 17 10.68 8.31 -6.40
C GLU A 17 10.28 7.01 -5.72
N TRP A 18 10.31 5.91 -6.46
CA TRP A 18 9.95 4.60 -5.93
C TRP A 18 11.06 4.07 -5.02
N GLU A 19 12.27 3.99 -5.56
CA GLU A 19 13.41 3.49 -4.79
C GLU A 19 13.49 4.18 -3.44
N GLU A 20 13.47 5.51 -3.45
CA GLU A 20 13.55 6.30 -2.23
C GLU A 20 12.31 6.10 -1.37
N ALA A 21 11.17 5.88 -2.02
CA ALA A 21 9.91 5.67 -1.32
C ALA A 21 9.99 4.47 -0.40
N VAL A 22 10.96 3.60 -0.66
CA VAL A 22 11.15 2.39 0.15
C VAL A 22 12.56 2.34 0.74
N PHE A 23 13.54 2.10 -0.11
CA PHE A 23 14.93 2.03 0.33
C PHE A 23 15.26 3.16 1.30
N LYS A 24 14.89 4.38 0.92
CA LYS A 24 15.14 5.54 1.75
C LYS A 24 14.05 5.70 2.80
N ASP A 25 12.83 5.33 2.45
CA ASP A 25 11.70 5.42 3.35
C ASP A 25 11.41 4.08 4.02
N ILE A 26 12.15 3.78 5.08
CA ILE A 26 11.98 2.53 5.80
C ILE A 26 10.62 2.46 6.48
N SER A 27 10.07 3.63 6.81
CA SER A 27 8.77 3.72 7.46
C SER A 27 7.75 2.84 6.73
N PRO A 28 6.64 2.53 7.43
CA PRO A 28 5.56 1.70 6.87
C PRO A 28 4.79 2.43 5.78
N LEU A 29 4.78 1.84 4.59
CA LEU A 29 4.07 2.42 3.45
C LEU A 29 3.37 1.35 2.63
N MET A 30 2.19 1.67 2.13
CA MET A 30 1.41 0.73 1.31
C MET A 30 1.39 1.16 -0.14
N VAL A 31 1.71 0.23 -1.03
CA VAL A 31 1.74 0.52 -2.47
C VAL A 31 0.44 0.04 -3.14
N LEU A 32 -0.42 0.99 -3.47
CA LEU A 32 -1.69 0.67 -4.12
C LEU A 32 -1.56 0.73 -5.64
N VAL A 33 -1.27 -0.43 -6.25
CA VAL A 33 -1.12 -0.50 -7.69
C VAL A 33 -2.48 -0.49 -8.39
N HIS A 34 -2.86 0.67 -8.92
CA HIS A 34 -4.13 0.81 -9.61
C HIS A 34 -3.93 0.84 -11.13
N ASN A 35 -5.02 0.90 -11.87
CA ASN A 35 -4.97 0.93 -13.33
C ASN A 35 -6.13 1.75 -13.89
N ARG A 36 -5.84 2.54 -14.92
CA ARG A 36 -6.86 3.37 -15.56
C ARG A 36 -7.70 2.55 -16.52
N TYR A 37 -7.09 1.53 -17.12
CA TYR A 37 -7.79 0.67 -18.06
C TYR A 37 -8.45 -0.51 -17.35
N LYS A 38 -7.70 -1.14 -16.45
CA LYS A 38 -8.21 -2.27 -15.69
C LYS A 38 -9.06 -1.80 -14.52
N ARG A 39 -10.32 -2.22 -14.51
CA ARG A 39 -11.25 -1.84 -13.44
C ARG A 39 -11.23 -0.33 -13.22
N PRO A 40 -11.92 0.40 -14.11
CA PRO A 40 -12.00 1.86 -14.04
C PRO A 40 -12.84 2.34 -12.86
N LYS A 41 -13.86 1.55 -12.51
CA LYS A 41 -14.73 1.89 -11.39
C LYS A 41 -14.14 1.41 -10.06
N GLU A 42 -13.77 0.14 -10.02
CA GLU A 42 -13.18 -0.44 -8.81
C GLU A 42 -12.02 0.42 -8.30
N ASN A 43 -11.30 1.04 -9.23
CA ASN A 43 -10.17 1.89 -8.88
C ASN A 43 -10.56 2.90 -7.82
N GLU A 44 -11.79 3.40 -7.89
CA GLU A 44 -12.29 4.37 -6.93
C GLU A 44 -12.72 3.69 -5.63
N LYS A 45 -13.30 2.50 -5.76
CA LYS A 45 -13.77 1.74 -4.61
C LYS A 45 -12.60 1.40 -3.69
N PHE A 46 -11.52 0.86 -4.26
CA PHE A 46 -10.35 0.49 -3.49
C PHE A 46 -9.72 1.71 -2.82
N ARG A 47 -9.31 2.68 -3.63
CA ARG A 47 -8.70 3.90 -3.12
C ARG A 47 -9.56 4.53 -2.04
N GLU A 48 -10.87 4.59 -2.29
CA GLU A 48 -11.81 5.18 -1.34
C GLU A 48 -11.63 4.55 0.04
N GLU A 49 -11.81 3.24 0.12
CA GLU A 49 -11.67 2.51 1.37
C GLU A 49 -10.31 2.78 2.01
N LEU A 50 -9.28 2.77 1.18
CA LEU A 50 -7.92 3.01 1.66
C LEU A 50 -7.81 4.34 2.38
N GLU A 51 -8.35 5.39 1.76
CA GLU A 51 -8.32 6.72 2.36
C GLU A 51 -8.91 6.71 3.76
N LYS A 52 -10.09 6.12 3.89
CA LYS A 52 -10.77 6.02 5.18
C LYS A 52 -9.96 5.19 6.17
N ALA A 53 -9.40 4.09 5.69
CA ALA A 53 -8.59 3.21 6.52
C ALA A 53 -7.53 4.00 7.28
N ILE A 54 -6.91 4.96 6.60
CA ILE A 54 -5.87 5.78 7.21
C ILE A 54 -6.45 6.66 8.31
N GLN A 55 -7.63 7.22 8.06
CA GLN A 55 -8.29 8.08 9.03
C GLN A 55 -8.68 7.30 10.29
N VAL A 56 -9.22 6.10 10.09
CA VAL A 56 -9.62 5.25 11.20
C VAL A 56 -8.49 5.09 12.21
N ILE A 57 -7.28 4.87 11.70
CA ILE A 57 -6.11 4.69 12.56
C ILE A 57 -5.84 5.95 13.38
N TRP A 58 -5.99 7.12 12.74
CA TRP A 58 -5.76 8.39 13.41
C TRP A 58 -6.52 8.45 14.73
N ASN A 59 -7.75 7.95 14.72
CA ASN A 59 -8.58 7.95 15.93
C ASN A 59 -8.05 6.97 16.96
N CYS A 60 -7.46 5.87 16.48
CA CYS A 60 -6.91 4.85 17.36
C CYS A 60 -5.89 5.46 18.32
N GLY A 61 -5.19 6.49 17.86
CA GLY A 61 -4.19 7.14 18.69
C GLY A 61 -2.77 6.79 18.28
N LEU A 62 -2.58 6.56 16.99
CA LEU A 62 -1.27 6.21 16.46
C LEU A 62 -1.05 6.80 15.08
N PRO A 63 0.21 7.14 14.77
CA PRO A 63 0.57 7.72 13.47
C PRO A 63 0.46 6.72 12.33
N SER A 64 -0.69 6.72 11.66
CA SER A 64 -0.93 5.81 10.55
C SER A 64 0.25 5.81 9.58
N PRO A 65 0.37 4.73 8.80
CA PRO A 65 1.46 4.58 7.81
C PRO A 65 1.30 5.54 6.64
N ARG A 66 2.11 5.35 5.61
CA ARG A 66 2.07 6.20 4.43
C ARG A 66 1.21 5.56 3.34
N CYS A 67 0.51 6.40 2.58
CA CYS A 67 -0.35 5.92 1.50
C CYS A 67 0.07 6.51 0.16
N VAL A 68 0.34 5.64 -0.80
CA VAL A 68 0.75 6.07 -2.13
C VAL A 68 0.09 5.22 -3.22
N ALA A 69 -0.32 5.87 -4.30
CA ALA A 69 -0.96 5.18 -5.41
C ALA A 69 -0.10 5.26 -6.67
N VAL A 70 0.22 4.10 -7.23
CA VAL A 70 1.03 4.03 -8.44
C VAL A 70 0.20 3.58 -9.63
N ASP A 71 0.36 4.27 -10.75
CA ASP A 71 -0.38 3.94 -11.97
C ASP A 71 0.26 2.75 -12.69
N ALA A 72 -0.56 1.75 -13.00
CA ALA A 72 -0.07 0.55 -13.68
C ALA A 72 0.15 0.82 -15.17
N VAL A 73 -0.71 1.66 -15.74
CA VAL A 73 -0.61 2.00 -17.16
C VAL A 73 0.58 2.89 -17.43
N VAL A 74 0.91 3.75 -16.47
CA VAL A 74 2.04 4.66 -16.60
C VAL A 74 3.31 4.04 -16.05
N GLU A 75 3.28 3.67 -14.78
CA GLU A 75 4.44 3.05 -14.14
C GLU A 75 4.46 1.54 -14.36
N THR A 76 4.36 1.15 -15.63
CA THR A 76 4.37 -0.27 -15.97
C THR A 76 5.63 -0.96 -15.46
N ASP A 77 6.76 -0.27 -15.56
CA ASP A 77 8.03 -0.81 -15.10
C ASP A 77 7.93 -1.28 -13.66
N LEU A 78 7.31 -0.46 -12.81
CA LEU A 78 7.14 -0.80 -11.40
C LEU A 78 6.35 -2.09 -11.23
N VAL A 79 5.12 -2.09 -11.74
CA VAL A 79 4.26 -3.27 -11.65
C VAL A 79 4.98 -4.51 -12.15
N SER A 80 5.81 -4.35 -13.17
CA SER A 80 6.56 -5.46 -13.74
C SER A 80 7.45 -6.13 -12.69
N ALA A 81 8.13 -5.31 -11.89
CA ALA A 81 9.00 -5.81 -10.84
C ALA A 81 8.19 -6.39 -9.69
N LEU A 82 7.06 -5.77 -9.38
CA LEU A 82 6.20 -6.22 -8.30
C LEU A 82 5.50 -7.53 -8.67
N LYS A 83 5.37 -7.77 -9.97
CA LYS A 83 4.73 -8.99 -10.46
C LYS A 83 3.29 -9.08 -9.96
N VAL A 84 2.52 -8.02 -10.18
CA VAL A 84 1.13 -7.99 -9.75
C VAL A 84 0.22 -8.61 -10.80
N SER A 85 -0.98 -9.00 -10.38
CA SER A 85 -1.95 -9.63 -11.27
C SER A 85 -3.31 -8.95 -11.15
N VAL A 86 -3.69 -8.61 -9.92
CA VAL A 86 -4.97 -7.96 -9.67
C VAL A 86 -4.82 -6.45 -9.59
N PHE A 87 -5.82 -5.73 -10.08
CA PHE A 87 -5.80 -4.28 -10.07
C PHE A 87 -7.20 -3.72 -9.88
N PRO A 88 -7.34 -2.78 -8.93
CA PRO A 88 -6.23 -2.32 -8.09
C PRO A 88 -5.75 -3.39 -7.12
N GLU A 89 -4.69 -3.08 -6.38
CA GLU A 89 -4.14 -4.02 -5.42
C GLU A 89 -3.16 -3.32 -4.48
N ILE A 90 -3.33 -3.56 -3.18
CA ILE A 90 -2.47 -2.94 -2.17
C ILE A 90 -1.33 -3.88 -1.79
N ILE A 91 -0.12 -3.32 -1.69
CA ILE A 91 1.05 -4.11 -1.34
C ILE A 91 1.72 -3.56 -0.07
N PHE A 92 1.32 -4.10 1.07
CA PHE A 92 1.88 -3.66 2.34
C PHE A 92 3.38 -3.92 2.41
N THR A 93 4.17 -2.85 2.41
CA THR A 93 5.62 -2.97 2.47
C THR A 93 6.17 -2.33 3.74
N LYS A 94 7.38 -2.74 4.11
CA LYS A 94 8.03 -2.21 5.30
C LYS A 94 9.54 -2.33 5.20
N ALA A 95 10.23 -1.24 5.55
CA ALA A 95 11.69 -1.22 5.50
C ALA A 95 12.20 -1.67 4.13
N GLY A 96 11.43 -1.36 3.09
CA GLY A 96 11.82 -1.74 1.74
C GLY A 96 11.67 -3.23 1.50
N LYS A 97 10.69 -3.84 2.16
CA LYS A 97 10.44 -5.27 2.00
C LYS A 97 8.95 -5.56 2.04
N ILE A 98 8.50 -6.43 1.14
CA ILE A 98 7.09 -6.80 1.08
C ILE A 98 6.74 -7.83 2.14
N LEU A 99 5.64 -7.60 2.85
CA LEU A 99 5.19 -8.51 3.89
C LEU A 99 3.89 -9.20 3.49
N TYR A 100 2.98 -8.44 2.90
CA TYR A 100 1.69 -8.99 2.47
C TYR A 100 0.98 -8.02 1.54
N ARG A 101 0.18 -8.57 0.63
CA ARG A 101 -0.55 -7.76 -0.33
C ARG A 101 -2.04 -8.11 -0.31
N GLU A 102 -2.88 -7.07 -0.29
CA GLU A 102 -4.33 -7.27 -0.26
C GLU A 102 -4.87 -7.49 -1.67
N LYS A 103 -5.68 -8.54 -1.82
CA LYS A 103 -6.27 -8.86 -3.11
C LYS A 103 -7.80 -8.97 -3.00
N GLY A 104 -8.48 -7.86 -3.26
CA GLY A 104 -9.93 -7.86 -3.18
C GLY A 104 -10.47 -6.65 -2.45
N ILE A 105 -11.72 -6.29 -2.74
CA ILE A 105 -12.34 -5.14 -2.11
C ILE A 105 -12.43 -5.33 -0.59
N ARG A 106 -11.67 -4.52 0.14
CA ARG A 106 -11.65 -4.60 1.59
C ARG A 106 -12.15 -3.30 2.21
N THR A 107 -12.73 -3.39 3.40
CA THR A 107 -13.25 -2.22 4.10
C THR A 107 -12.13 -1.44 4.77
N ALA A 108 -12.37 -0.15 5.00
CA ALA A 108 -11.38 0.70 5.63
C ALA A 108 -10.87 0.08 6.93
N ASP A 109 -11.80 -0.41 7.75
CA ASP A 109 -11.45 -1.03 9.02
C ASP A 109 -10.65 -2.31 8.80
N GLU A 110 -11.25 -3.25 8.06
CA GLU A 110 -10.59 -4.52 7.77
C GLU A 110 -9.16 -4.30 7.27
N LEU A 111 -8.96 -3.21 6.54
CA LEU A 111 -7.64 -2.88 6.02
C LEU A 111 -6.73 -2.32 7.10
N SER A 112 -7.26 -1.37 7.87
CA SER A 112 -6.50 -0.75 8.94
C SER A 112 -5.85 -1.80 9.83
N LYS A 113 -6.63 -2.83 10.19
CA LYS A 113 -6.13 -3.90 11.04
C LYS A 113 -4.99 -4.66 10.35
N ILE A 114 -5.19 -4.97 9.08
CA ILE A 114 -4.18 -5.69 8.30
C ILE A 114 -2.82 -5.01 8.41
N MET A 115 -2.72 -3.81 7.85
CA MET A 115 -1.48 -3.04 7.88
C MET A 115 -1.01 -2.84 9.32
N ALA A 116 -1.95 -2.60 10.22
CA ALA A 116 -1.63 -2.38 11.63
C ALA A 116 -1.00 -3.62 12.24
N PHE A 117 -1.34 -4.79 11.70
CA PHE A 117 -0.81 -6.05 12.20
C PHE A 117 0.66 -6.21 11.81
N PHE A 118 1.01 -5.70 10.64
CA PHE A 118 2.38 -5.78 10.14
C PHE A 118 3.17 -4.53 10.51
N TYR A 119 2.52 -3.61 11.21
CA TYR A 119 3.16 -2.36 11.62
C TYR A 119 3.10 -2.20 13.14
N TYR A 120 1.91 -1.91 13.66
CA TYR A 120 1.72 -1.73 15.08
C TYR A 120 1.28 -3.03 15.75
N GLY A 121 1.57 -4.15 15.09
CA GLY A 121 1.20 -5.44 15.64
C GLY A 121 -0.22 -5.47 16.17
N ALA A 122 -1.10 -4.70 15.52
CA ALA A 122 -2.49 -4.64 15.94
C ALA A 122 -3.18 -6.00 15.78
N ALA A 123 -4.48 -6.03 16.04
CA ALA A 123 -5.25 -7.26 15.91
C ALA A 123 -5.29 -7.76 14.47
N LYS A 124 -5.81 -8.96 14.28
CA LYS A 124 -5.91 -9.54 12.94
C LYS A 124 -7.36 -9.81 12.57
N PRO A 125 -7.80 -9.22 11.45
CA PRO A 125 -9.18 -9.38 10.95
C PRO A 125 -9.44 -10.79 10.43
N PRO A 126 -10.72 -11.10 10.18
CA PRO A 126 -11.14 -12.40 9.68
C PRO A 126 -10.71 -12.63 8.24
N CYS A 127 -10.98 -11.66 7.38
CA CYS A 127 -10.61 -11.76 5.97
C CYS A 127 -9.15 -12.14 5.82
N LEU A 128 -8.31 -11.62 6.71
CA LEU A 128 -6.88 -11.92 6.67
C LEU A 128 -6.58 -13.30 7.24
N ASN A 129 -7.32 -13.69 8.28
CA ASN A 129 -7.14 -14.99 8.92
C ASN A 129 -7.19 -16.10 7.88
N GLY A 130 -7.96 -15.88 6.81
CA GLY A 130 -8.07 -16.89 5.76
C GLY A 130 -7.42 -16.44 4.47
N VAL A 131 -6.29 -15.76 4.57
CA VAL A 131 -5.57 -15.28 3.40
C VAL A 131 -4.15 -15.83 3.35
N VAL A 132 -3.54 -15.75 2.18
CA VAL A 132 -2.18 -16.25 2.00
C VAL A 132 -1.16 -15.10 2.02
N ASN A 133 -0.36 -15.04 3.07
CA ASN A 133 0.65 -14.00 3.19
C ASN A 133 2.05 -14.57 3.05
N SER A 134 2.98 -13.73 2.61
CA SER A 134 4.36 -14.16 2.42
C SER A 134 5.30 -12.95 2.37
N GLN A 135 6.54 -13.16 2.81
CA GLN A 135 7.53 -12.08 2.81
C GLN A 135 8.43 -12.18 1.58
N GLU A 136 8.84 -11.01 1.07
CA GLU A 136 9.69 -10.95 -0.11
C GLU A 136 10.29 -9.56 -0.28
N GLN A 137 11.60 -9.50 -0.49
CA GLN A 137 12.28 -8.23 -0.68
C GLN A 137 11.66 -7.43 -1.81
N ILE A 138 11.64 -6.11 -1.67
CA ILE A 138 11.08 -5.24 -2.69
C ILE A 138 12.04 -5.07 -3.86
N PRO A 139 11.53 -5.29 -5.08
CA PRO A 139 12.32 -5.15 -6.31
C PRO A 139 12.69 -3.71 -6.62
N LEU A 140 13.97 -3.47 -6.87
CA LEU A 140 14.46 -2.13 -7.18
C LEU A 140 14.36 -1.85 -8.67
N VAL A 141 13.65 -0.77 -9.01
CA VAL A 141 13.49 -0.38 -10.41
C VAL A 141 14.71 0.36 -10.92
N ASP A 142 15.48 -0.30 -11.78
CA ASP A 142 16.68 0.32 -12.34
C ASP A 142 16.32 1.45 -13.29
N VAL A 143 16.52 2.68 -12.84
CA VAL A 143 16.22 3.85 -13.65
C VAL A 143 17.44 4.32 -14.42
N SER A 144 17.35 4.29 -15.75
CA SER A 144 18.46 4.70 -16.61
C SER A 144 18.30 6.16 -17.02
N VAL A 145 19.37 6.93 -16.87
CA VAL A 145 19.36 8.35 -17.23
C VAL A 145 20.57 8.70 -18.09
N ASN A 146 20.31 9.11 -19.32
CA ASN A 146 21.38 9.49 -20.24
C ASN A 146 21.44 11.01 -20.41
N HIS A 2 -2.64 8.47 24.17
CA HIS A 2 -2.00 8.10 22.91
C HIS A 2 -2.07 9.25 21.91
N MET A 3 -0.91 9.78 21.53
CA MET A 3 -0.85 10.88 20.58
C MET A 3 -1.00 10.37 19.15
N ASP A 4 -1.49 11.23 18.27
CA ASP A 4 -1.67 10.87 16.87
C ASP A 4 -1.71 12.11 15.98
N ASN A 5 -0.59 12.42 15.36
CA ASN A 5 -0.50 13.59 14.48
C ASN A 5 -1.15 13.31 13.13
N TYR A 6 -1.02 14.26 12.21
CA TYR A 6 -1.60 14.12 10.88
C TYR A 6 -0.64 13.37 9.95
N ILE A 7 -1.20 12.79 8.89
CA ILE A 7 -0.41 12.05 7.92
C ILE A 7 -0.84 12.37 6.50
N ARG A 8 0.14 12.56 5.62
CA ARG A 8 -0.14 12.88 4.22
C ARG A 8 -1.13 11.87 3.62
N PRO A 9 -2.14 12.39 2.92
CA PRO A 9 -3.17 11.55 2.28
C PRO A 9 -2.62 10.75 1.10
N ILE A 10 -3.46 9.92 0.52
CA ILE A 10 -3.06 9.09 -0.62
C ILE A 10 -2.41 9.94 -1.70
N LYS A 11 -1.10 9.77 -1.88
CA LYS A 11 -0.36 10.52 -2.88
C LYS A 11 0.03 9.62 -4.05
N ASP A 12 0.23 10.23 -5.22
CA ASP A 12 0.61 9.47 -6.41
C ASP A 12 2.12 9.26 -6.46
N LEU A 13 2.54 8.02 -6.22
CA LEU A 13 3.96 7.68 -6.23
C LEU A 13 4.43 7.33 -7.65
N THR A 14 5.71 7.52 -7.91
CA THR A 14 6.28 7.22 -9.22
C THR A 14 7.62 6.52 -9.08
N THR A 15 8.03 5.82 -10.15
CA THR A 15 9.29 5.09 -10.15
C THR A 15 10.44 6.00 -9.73
N ALA A 16 10.42 7.23 -10.23
CA ALA A 16 11.47 8.20 -9.91
C ALA A 16 11.67 8.31 -8.40
N GLU A 17 10.57 8.22 -7.66
CA GLU A 17 10.62 8.32 -6.20
C GLU A 17 10.19 7.00 -5.56
N TRP A 18 10.32 5.92 -6.31
CA TRP A 18 9.94 4.59 -5.82
C TRP A 18 11.04 4.02 -4.93
N GLU A 19 12.26 3.98 -5.45
CA GLU A 19 13.41 3.45 -4.71
C GLU A 19 13.47 4.07 -3.32
N GLU A 20 13.44 5.40 -3.26
CA GLU A 20 13.51 6.10 -1.98
C GLU A 20 12.23 5.88 -1.18
N ALA A 21 11.11 5.78 -1.86
CA ALA A 21 9.82 5.56 -1.21
C ALA A 21 9.89 4.37 -0.25
N VAL A 22 10.82 3.46 -0.51
CA VAL A 22 10.99 2.29 0.33
C VAL A 22 12.37 2.26 0.97
N PHE A 23 13.41 2.16 0.14
CA PHE A 23 14.78 2.13 0.62
C PHE A 23 15.05 3.28 1.58
N LYS A 24 14.87 4.50 1.09
CA LYS A 24 15.09 5.70 1.89
C LYS A 24 14.03 5.81 3.00
N ASP A 25 12.83 5.35 2.70
CA ASP A 25 11.73 5.39 3.66
C ASP A 25 11.46 4.00 4.25
N ILE A 26 12.17 3.67 5.32
CA ILE A 26 12.01 2.38 5.97
C ILE A 26 10.63 2.26 6.61
N SER A 27 10.06 3.39 7.01
CA SER A 27 8.75 3.42 7.64
C SER A 27 7.75 2.59 6.83
N PRO A 28 6.65 2.20 7.48
CA PRO A 28 5.58 1.41 6.86
C PRO A 28 4.81 2.19 5.80
N LEU A 29 4.72 1.63 4.61
CA LEU A 29 4.01 2.28 3.50
C LEU A 29 3.26 1.25 2.66
N MET A 30 2.07 1.64 2.19
CA MET A 30 1.26 0.74 1.37
C MET A 30 1.25 1.22 -0.08
N VAL A 31 1.70 0.35 -0.99
CA VAL A 31 1.75 0.67 -2.41
C VAL A 31 0.52 0.14 -3.13
N LEU A 32 -0.45 1.02 -3.38
CA LEU A 32 -1.67 0.63 -4.08
C LEU A 32 -1.53 0.80 -5.58
N VAL A 33 -1.36 -0.31 -6.28
CA VAL A 33 -1.22 -0.28 -7.73
C VAL A 33 -2.57 -0.30 -8.43
N HIS A 34 -2.94 0.82 -9.04
CA HIS A 34 -4.22 0.93 -9.74
C HIS A 34 -4.01 0.94 -11.25
N ASN A 35 -5.11 0.97 -12.00
CA ASN A 35 -5.05 0.98 -13.45
C ASN A 35 -6.33 1.56 -14.05
N ARG A 36 -6.18 2.34 -15.12
CA ARG A 36 -7.31 2.96 -15.78
C ARG A 36 -8.01 1.97 -16.72
N TYR A 37 -7.22 1.06 -17.29
CA TYR A 37 -7.76 0.06 -18.20
C TYR A 37 -8.39 -1.10 -17.43
N LYS A 38 -7.77 -1.48 -16.33
CA LYS A 38 -8.26 -2.58 -15.50
C LYS A 38 -9.12 -2.05 -14.36
N ARG A 39 -10.38 -2.47 -14.33
CA ARG A 39 -11.30 -2.04 -13.29
C ARG A 39 -11.30 -0.52 -13.15
N PRO A 40 -12.01 0.16 -14.06
CA PRO A 40 -12.11 1.63 -14.06
C PRO A 40 -12.92 2.15 -12.89
N LYS A 41 -13.90 1.38 -12.45
CA LYS A 41 -14.75 1.76 -11.33
C LYS A 41 -14.12 1.33 -10.00
N GLU A 42 -13.83 0.04 -9.89
CA GLU A 42 -13.23 -0.50 -8.67
C GLU A 42 -12.01 0.33 -8.25
N ASN A 43 -11.34 0.92 -9.22
CA ASN A 43 -10.16 1.73 -8.95
C ASN A 43 -10.45 2.75 -7.86
N GLU A 44 -11.56 3.47 -8.00
CA GLU A 44 -11.95 4.48 -7.02
C GLU A 44 -12.44 3.82 -5.72
N LYS A 45 -13.03 2.65 -5.86
CA LYS A 45 -13.54 1.91 -4.70
C LYS A 45 -12.41 1.60 -3.72
N PHE A 46 -11.30 1.10 -4.24
CA PHE A 46 -10.14 0.76 -3.40
C PHE A 46 -9.60 2.01 -2.71
N ARG A 47 -9.17 2.98 -3.50
CA ARG A 47 -8.62 4.22 -2.96
C ARG A 47 -9.56 4.83 -1.92
N GLU A 48 -10.87 4.71 -2.18
CA GLU A 48 -11.87 5.25 -1.28
C GLU A 48 -11.77 4.62 0.10
N GLU A 49 -11.69 3.28 0.13
CA GLU A 49 -11.59 2.56 1.39
C GLU A 49 -10.26 2.85 2.07
N LEU A 50 -9.17 2.73 1.32
CA LEU A 50 -7.83 2.99 1.86
C LEU A 50 -7.78 4.35 2.54
N GLU A 51 -8.30 5.37 1.87
CA GLU A 51 -8.30 6.72 2.40
C GLU A 51 -8.87 6.74 3.82
N LYS A 52 -10.03 6.10 3.99
CA LYS A 52 -10.68 6.06 5.29
C LYS A 52 -9.86 5.23 6.29
N ALA A 53 -9.21 4.18 5.78
CA ALA A 53 -8.39 3.33 6.63
C ALA A 53 -7.32 4.14 7.35
N ILE A 54 -6.78 5.13 6.67
CA ILE A 54 -5.74 5.98 7.24
C ILE A 54 -6.30 6.87 8.34
N GLN A 55 -7.47 7.46 8.08
CA GLN A 55 -8.12 8.34 9.04
C GLN A 55 -8.52 7.56 10.29
N VAL A 56 -9.11 6.39 10.09
CA VAL A 56 -9.55 5.55 11.20
C VAL A 56 -8.41 5.32 12.20
N ILE A 57 -7.22 5.07 11.69
CA ILE A 57 -6.05 4.85 12.53
C ILE A 57 -5.73 6.09 13.36
N TRP A 58 -5.83 7.25 12.74
CA TRP A 58 -5.55 8.51 13.42
C TRP A 58 -6.31 8.60 14.74
N ASN A 59 -7.56 8.13 14.74
CA ASN A 59 -8.38 8.16 15.93
C ASN A 59 -7.89 7.14 16.96
N CYS A 60 -7.34 6.03 16.47
CA CYS A 60 -6.83 4.98 17.34
C CYS A 60 -5.79 5.54 18.30
N GLY A 61 -5.06 6.56 17.86
CA GLY A 61 -4.04 7.16 18.69
C GLY A 61 -2.63 6.79 18.25
N LEU A 62 -2.46 6.54 16.96
CA LEU A 62 -1.16 6.17 16.42
C LEU A 62 -0.95 6.76 15.02
N PRO A 63 0.30 7.09 14.70
CA PRO A 63 0.66 7.67 13.40
C PRO A 63 0.53 6.67 12.26
N SER A 64 -0.58 6.73 11.54
CA SER A 64 -0.82 5.82 10.43
C SER A 64 0.39 5.76 9.51
N PRO A 65 0.48 4.68 8.72
CA PRO A 65 1.58 4.47 7.78
C PRO A 65 1.54 5.44 6.60
N ARG A 66 2.39 5.22 5.62
CA ARG A 66 2.45 6.07 4.44
C ARG A 66 1.66 5.47 3.29
N CYS A 67 0.54 6.11 2.93
CA CYS A 67 -0.30 5.63 1.85
C CYS A 67 0.14 6.21 0.51
N VAL A 68 0.43 5.32 -0.44
CA VAL A 68 0.87 5.74 -1.76
C VAL A 68 0.26 4.87 -2.85
N ALA A 69 -0.14 5.49 -3.95
CA ALA A 69 -0.73 4.77 -5.07
C ALA A 69 0.12 4.90 -6.33
N VAL A 70 0.10 3.87 -7.16
CA VAL A 70 0.87 3.87 -8.40
C VAL A 70 -0.01 3.51 -9.60
N ASP A 71 0.34 4.04 -10.76
CA ASP A 71 -0.42 3.78 -11.97
C ASP A 71 0.30 2.76 -12.85
N ALA A 72 -0.42 1.72 -13.26
CA ALA A 72 0.15 0.68 -14.10
C ALA A 72 0.26 1.13 -15.55
N VAL A 73 -0.73 1.90 -16.00
CA VAL A 73 -0.75 2.41 -17.36
C VAL A 73 0.43 3.35 -17.62
N VAL A 74 0.83 4.07 -16.58
CA VAL A 74 1.95 5.01 -16.69
C VAL A 74 3.26 4.35 -16.27
N GLU A 75 3.30 3.85 -15.04
CA GLU A 75 4.49 3.20 -14.51
C GLU A 75 4.47 1.71 -14.83
N THR A 76 4.65 1.37 -16.10
CA THR A 76 4.65 -0.02 -16.53
C THR A 76 5.89 -0.75 -16.02
N ASP A 77 7.02 -0.06 -16.03
CA ASP A 77 8.28 -0.66 -15.56
C ASP A 77 8.17 -1.06 -14.10
N LEU A 78 7.69 -0.14 -13.26
CA LEU A 78 7.54 -0.40 -11.83
C LEU A 78 6.72 -1.66 -11.59
N VAL A 79 5.49 -1.65 -12.08
CA VAL A 79 4.60 -2.80 -11.92
C VAL A 79 5.27 -4.09 -12.38
N SER A 80 6.08 -3.98 -13.44
CA SER A 80 6.79 -5.14 -13.98
C SER A 80 7.73 -5.74 -12.94
N ALA A 81 8.34 -4.87 -12.13
CA ALA A 81 9.27 -5.31 -11.10
C ALA A 81 8.52 -5.98 -9.95
N LEU A 82 7.41 -5.38 -9.53
CA LEU A 82 6.61 -5.92 -8.45
C LEU A 82 5.90 -7.20 -8.88
N LYS A 83 5.70 -7.36 -10.18
CA LYS A 83 5.04 -8.54 -10.72
C LYS A 83 3.62 -8.67 -10.19
N VAL A 84 2.78 -7.69 -10.51
CA VAL A 84 1.39 -7.70 -10.06
C VAL A 84 0.49 -8.44 -11.04
N SER A 85 -0.67 -8.87 -10.56
CA SER A 85 -1.62 -9.59 -11.40
C SER A 85 -3.02 -9.01 -11.26
N VAL A 86 -3.39 -8.66 -10.03
CA VAL A 86 -4.70 -8.08 -9.77
C VAL A 86 -4.62 -6.56 -9.64
N PHE A 87 -5.70 -5.88 -10.04
CA PHE A 87 -5.74 -4.43 -9.97
C PHE A 87 -7.18 -3.94 -9.72
N PRO A 88 -7.32 -3.02 -8.75
CA PRO A 88 -6.20 -2.50 -7.98
C PRO A 88 -5.62 -3.55 -7.03
N GLU A 89 -4.58 -3.16 -6.29
CA GLU A 89 -3.93 -4.06 -5.34
C GLU A 89 -3.05 -3.29 -4.38
N ILE A 90 -3.20 -3.57 -3.09
CA ILE A 90 -2.41 -2.91 -2.06
C ILE A 90 -1.23 -3.78 -1.63
N ILE A 91 -0.02 -3.35 -1.98
CA ILE A 91 1.18 -4.09 -1.63
C ILE A 91 1.74 -3.61 -0.29
N PHE A 92 1.31 -4.25 0.79
CA PHE A 92 1.77 -3.89 2.13
C PHE A 92 3.28 -4.10 2.25
N THR A 93 4.03 -3.01 2.15
CA THR A 93 5.48 -3.07 2.24
C THR A 93 5.96 -2.50 3.57
N LYS A 94 7.18 -2.85 3.95
CA LYS A 94 7.76 -2.38 5.20
C LYS A 94 9.28 -2.57 5.21
N ALA A 95 10.00 -1.49 5.46
CA ALA A 95 11.46 -1.53 5.50
C ALA A 95 12.02 -1.97 4.16
N GLY A 96 11.36 -1.58 3.08
CA GLY A 96 11.80 -1.96 1.75
C GLY A 96 11.61 -3.43 1.46
N LYS A 97 10.56 -4.01 2.04
CA LYS A 97 10.26 -5.42 1.84
C LYS A 97 8.75 -5.66 1.83
N ILE A 98 8.29 -6.48 0.90
CA ILE A 98 6.87 -6.79 0.79
C ILE A 98 6.43 -7.74 1.89
N LEU A 99 5.21 -7.53 2.40
CA LEU A 99 4.67 -8.37 3.46
C LEU A 99 3.46 -9.16 2.97
N TYR A 100 2.51 -8.45 2.37
CA TYR A 100 1.30 -9.08 1.85
C TYR A 100 0.59 -8.16 0.87
N ARG A 101 -0.14 -8.76 -0.07
CA ARG A 101 -0.87 -7.99 -1.07
C ARG A 101 -2.38 -8.14 -0.87
N GLU A 102 -3.09 -7.01 -0.90
CA GLU A 102 -4.53 -7.01 -0.71
C GLU A 102 -5.24 -7.31 -2.03
N LYS A 103 -5.97 -8.42 -2.06
CA LYS A 103 -6.71 -8.83 -3.26
C LYS A 103 -8.20 -8.91 -2.98
N GLY A 104 -8.91 -7.81 -3.22
CA GLY A 104 -10.34 -7.78 -2.98
C GLY A 104 -10.79 -6.51 -2.28
N ILE A 105 -12.05 -6.14 -2.48
CA ILE A 105 -12.60 -4.94 -1.85
C ILE A 105 -12.79 -5.14 -0.35
N ARG A 106 -12.01 -4.41 0.43
CA ARG A 106 -12.08 -4.50 1.89
C ARG A 106 -12.51 -3.17 2.50
N THR A 107 -13.09 -3.23 3.69
CA THR A 107 -13.55 -2.02 4.38
C THR A 107 -12.37 -1.27 4.99
N ALA A 108 -12.57 0.02 5.23
CA ALA A 108 -11.52 0.85 5.82
C ALA A 108 -10.96 0.22 7.08
N ASP A 109 -11.85 -0.13 8.01
CA ASP A 109 -11.44 -0.74 9.27
C ASP A 109 -10.71 -2.06 9.01
N GLU A 110 -11.33 -2.94 8.24
CA GLU A 110 -10.73 -4.23 7.94
C GLU A 110 -9.30 -4.07 7.44
N LEU A 111 -9.05 -2.98 6.72
CA LEU A 111 -7.72 -2.69 6.20
C LEU A 111 -6.80 -2.18 7.30
N SER A 112 -7.30 -1.24 8.09
CA SER A 112 -6.51 -0.67 9.18
C SER A 112 -5.90 -1.76 10.05
N LYS A 113 -6.68 -2.81 10.30
CA LYS A 113 -6.21 -3.92 11.11
C LYS A 113 -5.09 -4.68 10.41
N ILE A 114 -5.30 -5.01 9.14
CA ILE A 114 -4.31 -5.73 8.36
C ILE A 114 -2.95 -5.05 8.43
N MET A 115 -2.86 -3.84 7.87
CA MET A 115 -1.61 -3.10 7.89
C MET A 115 -1.09 -2.93 9.31
N ALA A 116 -2.00 -2.77 10.26
CA ALA A 116 -1.62 -2.61 11.67
C ALA A 116 -0.88 -3.83 12.17
N PHE A 117 -1.54 -4.98 12.16
CA PHE A 117 -0.94 -6.22 12.62
C PHE A 117 0.38 -6.49 11.90
N PHE A 118 0.54 -5.88 10.73
CA PHE A 118 1.76 -6.04 9.95
C PHE A 118 2.87 -5.12 10.45
N TYR A 119 2.47 -3.98 10.98
CA TYR A 119 3.44 -3.01 11.50
C TYR A 119 3.27 -2.83 13.00
N TYR A 120 2.21 -2.14 13.40
CA TYR A 120 1.93 -1.89 14.81
C TYR A 120 1.72 -3.20 15.55
N GLY A 121 0.64 -3.90 15.21
CA GLY A 121 0.34 -5.17 15.87
C GLY A 121 -1.09 -5.24 16.37
N ALA A 122 -2.00 -4.63 15.61
CA ALA A 122 -3.41 -4.62 15.99
C ALA A 122 -4.05 -5.99 15.76
N ALA A 123 -5.24 -6.19 16.33
CA ALA A 123 -5.94 -7.46 16.19
C ALA A 123 -6.11 -7.83 14.72
N LYS A 124 -5.71 -9.06 14.38
CA LYS A 124 -5.83 -9.53 13.00
C LYS A 124 -7.28 -9.88 12.67
N PRO A 125 -7.79 -9.28 11.58
CA PRO A 125 -9.16 -9.52 11.12
C PRO A 125 -9.36 -10.92 10.56
N PRO A 126 -10.62 -11.30 10.32
CA PRO A 126 -10.97 -12.61 9.78
C PRO A 126 -10.54 -12.78 8.33
N CYS A 127 -10.89 -11.79 7.51
CA CYS A 127 -10.53 -11.83 6.09
C CYS A 127 -9.05 -12.11 5.90
N LEU A 128 -8.23 -11.60 6.81
CA LEU A 128 -6.78 -11.80 6.74
C LEU A 128 -6.40 -13.16 7.32
N ASN A 129 -7.06 -13.55 8.40
CA ASN A 129 -6.79 -14.82 9.04
C ASN A 129 -6.82 -15.97 8.02
N GLY A 130 -7.65 -15.82 7.00
CA GLY A 130 -7.75 -16.84 5.96
C GLY A 130 -6.57 -16.81 5.00
N VAL A 131 -6.44 -15.71 4.27
CA VAL A 131 -5.35 -15.57 3.31
C VAL A 131 -4.00 -15.87 3.95
N VAL A 132 -2.98 -16.05 3.12
CA VAL A 132 -1.64 -16.35 3.61
C VAL A 132 -0.63 -15.33 3.10
N ASN A 133 -0.04 -14.57 4.03
CA ASN A 133 0.94 -13.55 3.68
C ASN A 133 2.30 -14.19 3.40
N SER A 134 3.13 -13.48 2.65
CA SER A 134 4.46 -13.97 2.30
C SER A 134 5.48 -12.84 2.31
N GLN A 135 6.67 -13.13 2.84
CA GLN A 135 7.73 -12.13 2.92
C GLN A 135 8.63 -12.20 1.67
N GLU A 136 8.99 -11.03 1.15
CA GLU A 136 9.83 -10.95 -0.03
C GLU A 136 10.36 -9.54 -0.22
N GLN A 137 11.68 -9.41 -0.35
CA GLN A 137 12.32 -8.11 -0.54
C GLN A 137 11.71 -7.38 -1.72
N ILE A 138 11.69 -6.05 -1.65
CA ILE A 138 11.14 -5.23 -2.73
C ILE A 138 12.15 -5.04 -3.85
N PRO A 139 11.71 -5.32 -5.09
CA PRO A 139 12.56 -5.17 -6.28
C PRO A 139 12.88 -3.71 -6.60
N LEU A 140 14.16 -3.39 -6.66
CA LEU A 140 14.60 -2.03 -6.96
C LEU A 140 14.52 -1.75 -8.46
N VAL A 141 13.68 -0.81 -8.84
CA VAL A 141 13.52 -0.45 -10.25
C VAL A 141 14.71 0.35 -10.74
N ASP A 142 15.20 0.01 -11.93
CA ASP A 142 16.35 0.69 -12.52
C ASP A 142 15.91 1.95 -13.26
N VAL A 143 16.16 3.10 -12.66
CA VAL A 143 15.78 4.38 -13.26
C VAL A 143 16.74 4.75 -14.39
N SER A 144 16.20 4.87 -15.59
CA SER A 144 17.00 5.23 -16.76
C SER A 144 16.50 6.52 -17.39
N VAL A 145 17.45 7.35 -17.83
CA VAL A 145 17.10 8.63 -18.46
C VAL A 145 17.80 8.78 -19.79
N ASN A 146 17.01 8.90 -20.85
CA ASN A 146 17.56 9.05 -22.20
C ASN A 146 17.31 10.46 -22.73
#